data_9NVI
#
_entry.id   9NVI
#
_cell.length_a   1.00
_cell.length_b   1.00
_cell.length_c   1.00
_cell.angle_alpha   90.00
_cell.angle_beta   90.00
_cell.angle_gamma   90.00
#
_symmetry.space_group_name_H-M   'P 1'
#
_entity_poly.entity_id   1
_entity_poly.type   'polypeptide(L)'
_entity_poly.pdbx_seq_one_letter_code
;TGIQISGKGFMPISIIEGDQHIKVIAWLPGVNKEDIILNAVGDTLEIRAKRSPLMITESERIIYSEIPEEEEIYRTIKLP
ATVKEENASAKFENGVLSVILPKAESSIKKGINIE
;
_entity_poly.pdbx_strand_id   C,D,E,G,I,K,L,M,N,O,P,Q,R,S,T,V,X,Y,Z,a,b,c,d,e,f,g,h,i,j,k,J,W
#
# COMPACT_ATOMS: atom_id res chain seq x y z
N ILE A 3 -34.92 -1.48 -30.82
CA ILE A 3 -36.25 -1.78 -30.31
C ILE A 3 -36.37 -1.24 -28.90
N GLN A 4 -37.61 -1.19 -28.41
CA GLN A 4 -37.89 -0.70 -27.07
C GLN A 4 -39.06 -1.48 -26.49
N ILE A 5 -38.86 -2.06 -25.32
CA ILE A 5 -39.88 -2.84 -24.62
C ILE A 5 -40.44 -1.99 -23.50
N SER A 6 -41.76 -2.08 -23.30
CA SER A 6 -42.42 -1.31 -22.25
C SER A 6 -43.69 -2.04 -21.84
N GLY A 7 -44.01 -1.99 -20.56
CA GLY A 7 -45.18 -2.64 -20.03
C GLY A 7 -45.15 -2.73 -18.51
N LYS A 8 -45.58 -3.86 -17.97
CA LYS A 8 -45.57 -4.04 -16.52
C LYS A 8 -45.70 -5.52 -16.22
N GLY A 9 -45.11 -5.92 -15.09
CA GLY A 9 -45.15 -7.30 -14.67
C GLY A 9 -44.00 -8.11 -15.20
N PHE A 10 -44.10 -9.42 -14.97
CA PHE A 10 -43.10 -10.38 -15.40
C PHE A 10 -43.63 -11.10 -16.64
N MET A 11 -42.90 -10.98 -17.74
CA MET A 11 -43.34 -11.58 -18.99
C MET A 11 -42.17 -11.65 -19.97
N PRO A 12 -41.28 -12.62 -19.84
CA PRO A 12 -40.16 -12.72 -20.79
C PRO A 12 -40.65 -12.90 -22.21
N ILE A 13 -39.95 -12.27 -23.14
CA ILE A 13 -40.29 -12.31 -24.57
C ILE A 13 -39.01 -12.51 -25.37
N SER A 14 -39.12 -13.27 -26.45
CA SER A 14 -38.02 -13.55 -27.35
C SER A 14 -38.45 -13.15 -28.76
N ILE A 15 -37.65 -12.30 -29.40
CA ILE A 15 -37.92 -11.81 -30.75
C ILE A 15 -37.04 -12.57 -31.72
N ILE A 16 -37.67 -13.36 -32.58
CA ILE A 16 -36.96 -14.15 -33.59
C ILE A 16 -37.23 -13.46 -34.93
N GLU A 17 -36.27 -12.66 -35.39
CA GLU A 17 -36.42 -11.98 -36.66
C GLU A 17 -36.25 -12.96 -37.82
N GLY A 18 -36.95 -12.68 -38.92
CA GLY A 18 -36.87 -13.51 -40.10
C GLY A 18 -36.84 -12.65 -41.34
N ASP A 19 -36.54 -13.31 -42.46
CA ASP A 19 -36.46 -12.59 -43.73
C ASP A 19 -37.85 -12.25 -44.27
N GLN A 20 -38.87 -13.02 -43.89
CA GLN A 20 -40.23 -12.81 -44.34
C GLN A 20 -41.23 -12.62 -43.22
N HIS A 21 -40.84 -12.86 -41.97
CA HIS A 21 -41.76 -12.71 -40.85
C HIS A 21 -40.94 -12.49 -39.59
N ILE A 22 -41.64 -12.22 -38.49
CA ILE A 22 -41.01 -11.98 -37.20
C ILE A 22 -41.73 -12.86 -36.19
N LYS A 23 -41.12 -13.99 -35.85
CA LYS A 23 -41.70 -14.90 -34.87
C LYS A 23 -41.36 -14.43 -33.46
N VAL A 24 -42.36 -14.36 -32.59
CA VAL A 24 -42.19 -13.89 -31.22
C VAL A 24 -42.75 -14.92 -30.26
N ILE A 25 -42.02 -15.19 -29.19
CA ILE A 25 -42.42 -16.13 -28.15
C ILE A 25 -42.56 -15.37 -26.84
N ALA A 26 -43.56 -15.76 -26.04
CA ALA A 26 -43.80 -15.11 -24.74
C ALA A 26 -44.53 -16.08 -23.84
N TRP A 27 -43.96 -16.38 -22.68
CA TRP A 27 -44.59 -17.27 -21.72
C TRP A 27 -45.69 -16.55 -20.96
N LEU A 28 -46.89 -17.11 -21.00
CA LEU A 28 -48.05 -16.55 -20.31
C LEU A 28 -48.71 -17.67 -19.51
N PRO A 29 -48.01 -18.21 -18.51
CA PRO A 29 -48.58 -19.30 -17.73
C PRO A 29 -49.72 -18.86 -16.84
N GLY A 30 -50.67 -19.76 -16.65
CA GLY A 30 -51.82 -19.47 -15.81
C GLY A 30 -52.79 -18.49 -16.39
N VAL A 31 -52.58 -18.02 -17.61
CA VAL A 31 -53.45 -17.05 -18.26
C VAL A 31 -54.39 -17.79 -19.19
N ASN A 32 -55.69 -17.50 -19.07
CA ASN A 32 -56.66 -18.14 -19.95
C ASN A 32 -56.42 -17.71 -21.38
N LYS A 33 -56.78 -18.58 -22.31
CA LYS A 33 -56.58 -18.27 -23.72
C LYS A 33 -57.44 -17.09 -24.15
N GLU A 34 -58.57 -16.88 -23.49
CA GLU A 34 -59.47 -15.79 -23.83
C GLU A 34 -59.09 -14.48 -23.17
N ASP A 35 -58.30 -14.52 -22.10
CA ASP A 35 -57.89 -13.30 -21.40
C ASP A 35 -56.56 -12.80 -21.96
N ILE A 36 -56.49 -12.74 -23.28
CA ILE A 36 -55.30 -12.30 -24.00
C ILE A 36 -55.77 -11.39 -25.12
N ILE A 37 -55.40 -10.12 -25.06
CA ILE A 37 -55.79 -9.15 -26.08
C ILE A 37 -54.57 -8.91 -26.95
N LEU A 38 -54.65 -9.32 -28.21
CA LEU A 38 -53.57 -9.18 -29.17
C LEU A 38 -53.93 -8.10 -30.19
N ASN A 39 -53.22 -6.97 -30.14
CA ASN A 39 -53.45 -5.87 -31.06
C ASN A 39 -52.11 -5.36 -31.57
N ALA A 40 -52.13 -4.91 -32.83
CA ALA A 40 -50.92 -4.40 -33.46
C ALA A 40 -51.31 -3.76 -34.78
N VAL A 41 -50.46 -2.87 -35.26
CA VAL A 41 -50.68 -2.19 -36.54
C VAL A 41 -49.38 -1.52 -36.94
N GLY A 42 -49.03 -1.59 -38.21
CA GLY A 42 -47.80 -0.96 -38.67
C GLY A 42 -46.58 -1.70 -38.18
N ASP A 43 -45.88 -1.11 -37.20
CA ASP A 43 -44.66 -1.68 -36.65
C ASP A 43 -44.66 -1.54 -35.12
N THR A 44 -45.72 -2.02 -34.47
CA THR A 44 -45.79 -1.95 -33.03
C THR A 44 -46.75 -3.02 -32.53
N LEU A 45 -46.41 -3.63 -31.39
CA LEU A 45 -47.20 -4.70 -30.79
C LEU A 45 -47.56 -4.37 -29.36
N GLU A 46 -48.76 -4.78 -28.96
CA GLU A 46 -49.26 -4.58 -27.61
C GLU A 46 -50.13 -5.77 -27.24
N ILE A 47 -49.80 -6.42 -26.12
CA ILE A 47 -50.54 -7.58 -25.66
C ILE A 47 -50.91 -7.36 -24.20
N ARG A 48 -52.19 -7.56 -23.88
CA ARG A 48 -52.70 -7.40 -22.52
C ARG A 48 -53.24 -8.74 -22.05
N ALA A 49 -52.69 -9.22 -20.94
CA ALA A 49 -53.06 -10.51 -20.37
C ALA A 49 -53.36 -10.36 -18.89
N LYS A 50 -54.19 -11.26 -18.38
CA LYS A 50 -54.56 -11.27 -16.98
C LYS A 50 -54.98 -12.68 -16.59
N ARG A 51 -54.51 -13.13 -15.42
CA ARG A 51 -54.82 -14.44 -14.89
C ARG A 51 -55.60 -14.31 -13.58
N SER A 52 -56.55 -15.21 -13.38
CA SER A 52 -57.36 -15.16 -12.19
C SER A 52 -56.48 -15.32 -10.94
N PRO A 53 -56.92 -14.79 -9.80
CA PRO A 53 -56.12 -14.91 -8.59
C PRO A 53 -56.08 -16.34 -8.08
N LEU A 54 -54.96 -16.69 -7.45
CA LEU A 54 -54.78 -18.03 -6.91
C LEU A 54 -55.79 -18.30 -5.81
N MET A 55 -56.96 -18.80 -6.18
CA MET A 55 -58.01 -19.10 -5.22
C MET A 55 -57.58 -20.20 -4.26
N ILE A 56 -57.99 -20.04 -3.00
CA ILE A 56 -57.69 -21.01 -1.96
C ILE A 56 -58.91 -21.12 -1.07
N THR A 57 -59.23 -22.33 -0.64
CA THR A 57 -60.38 -22.52 0.22
C THR A 57 -60.10 -21.92 1.60
N GLU A 58 -61.17 -21.57 2.30
CA GLU A 58 -61.02 -20.98 3.62
C GLU A 58 -60.26 -21.91 4.55
N SER A 59 -60.42 -23.22 4.36
CA SER A 59 -59.69 -24.17 5.18
C SER A 59 -58.22 -24.19 4.80
N GLU A 60 -57.91 -23.85 3.55
CA GLU A 60 -56.53 -23.82 3.09
C GLU A 60 -55.82 -22.59 3.63
N ARG A 61 -54.52 -22.50 3.31
CA ARG A 61 -53.69 -21.38 3.74
C ARG A 61 -52.37 -21.46 3.01
N ILE A 62 -51.87 -20.31 2.59
CA ILE A 62 -50.60 -20.22 1.87
C ILE A 62 -49.48 -20.10 2.88
N ILE A 63 -48.41 -20.87 2.67
CA ILE A 63 -47.26 -20.85 3.56
C ILE A 63 -45.97 -20.46 2.85
N TYR A 64 -45.88 -20.64 1.54
CA TYR A 64 -44.68 -20.28 0.81
C TYR A 64 -44.92 -20.22 -0.68
N SER A 65 -44.90 -19.01 -1.24
CA SER A 65 -45.17 -18.82 -2.66
C SER A 65 -44.26 -17.75 -3.22
N GLU A 66 -43.45 -18.12 -4.20
CA GLU A 66 -42.57 -17.17 -4.87
C GLU A 66 -43.18 -16.62 -6.14
N ILE A 67 -44.31 -17.17 -6.57
CA ILE A 67 -44.97 -16.70 -7.80
C ILE A 67 -45.54 -15.31 -7.54
N PRO A 68 -45.42 -14.37 -8.48
CA PRO A 68 -46.00 -13.04 -8.25
C PRO A 68 -47.52 -13.13 -8.10
N GLU A 69 -48.11 -12.02 -7.71
CA GLU A 69 -49.55 -11.95 -7.46
C GLU A 69 -50.28 -10.96 -8.35
N GLU A 70 -49.61 -9.92 -8.82
CA GLU A 70 -50.29 -8.93 -9.67
C GLU A 70 -50.84 -9.60 -10.90
N GLU A 71 -52.05 -9.21 -11.29
CA GLU A 71 -52.76 -9.81 -12.41
C GLU A 71 -52.59 -9.02 -13.71
N GLU A 72 -53.02 -7.77 -13.73
CA GLU A 72 -52.93 -6.97 -14.94
C GLU A 72 -51.47 -6.81 -15.36
N ILE A 73 -51.12 -7.39 -16.50
CA ILE A 73 -49.77 -7.34 -17.03
C ILE A 73 -49.86 -7.25 -18.55
N TYR A 74 -48.93 -6.49 -19.14
CA TYR A 74 -48.93 -6.31 -20.58
C TYR A 74 -47.57 -5.79 -21.00
N ARG A 75 -47.38 -5.71 -22.32
CA ARG A 75 -46.16 -5.20 -22.89
C ARG A 75 -46.52 -4.34 -24.10
N THR A 76 -45.52 -3.59 -24.59
CA THR A 76 -45.72 -2.73 -25.74
C THR A 76 -44.39 -2.67 -26.49
N ILE A 77 -44.24 -3.58 -27.45
CA ILE A 77 -43.02 -3.69 -28.24
C ILE A 77 -43.15 -2.81 -29.47
N LYS A 78 -42.08 -2.08 -29.78
CA LYS A 78 -42.00 -1.20 -30.94
C LYS A 78 -41.17 -1.93 -32.00
N LEU A 79 -41.86 -2.53 -32.96
CA LEU A 79 -41.17 -3.29 -34.00
C LEU A 79 -40.28 -2.36 -34.83
N PRO A 80 -39.19 -2.87 -35.39
CA PRO A 80 -38.32 -2.01 -36.20
C PRO A 80 -38.93 -1.72 -37.56
N ALA A 81 -39.41 -2.76 -38.23
CA ALA A 81 -40.00 -2.66 -39.56
C ALA A 81 -41.51 -2.95 -39.50
N THR A 82 -42.14 -2.87 -40.66
CA THR A 82 -43.57 -3.11 -40.79
C THR A 82 -43.85 -4.58 -41.07
N VAL A 83 -44.98 -5.06 -40.55
CA VAL A 83 -45.41 -6.45 -40.71
C VAL A 83 -46.84 -6.44 -41.25
N LYS A 84 -47.26 -7.61 -41.72
CA LYS A 84 -48.60 -7.79 -42.29
C LYS A 84 -49.48 -8.39 -41.20
N GLU A 85 -50.05 -7.51 -40.37
CA GLU A 85 -50.90 -7.97 -39.28
C GLU A 85 -52.11 -8.73 -39.81
N GLU A 86 -52.65 -8.32 -40.95
CA GLU A 86 -53.81 -9.00 -41.50
C GLU A 86 -53.50 -10.46 -41.79
N ASN A 87 -52.25 -10.77 -42.12
CA ASN A 87 -51.83 -12.13 -42.40
C ASN A 87 -51.05 -12.76 -41.25
N ALA A 88 -51.24 -12.27 -40.04
CA ALA A 88 -50.52 -12.79 -38.88
C ALA A 88 -51.30 -13.93 -38.25
N SER A 89 -50.62 -14.67 -37.38
CA SER A 89 -51.23 -15.79 -36.67
C SER A 89 -50.67 -15.85 -35.26
N ALA A 90 -51.33 -16.63 -34.42
CA ALA A 90 -50.93 -16.79 -33.03
C ALA A 90 -51.25 -18.19 -32.54
N LYS A 91 -50.46 -18.66 -31.59
CA LYS A 91 -50.64 -19.99 -31.01
C LYS A 91 -50.36 -19.93 -29.52
N PHE A 92 -51.33 -20.33 -28.72
CA PHE A 92 -51.24 -20.31 -27.25
C PHE A 92 -51.39 -21.74 -26.74
N GLU A 93 -50.25 -22.40 -26.52
CA GLU A 93 -50.23 -23.77 -26.03
C GLU A 93 -49.31 -23.85 -24.83
N ASN A 94 -49.80 -24.42 -23.73
CA ASN A 94 -49.01 -24.56 -22.51
C ASN A 94 -48.53 -23.20 -22.03
N GLY A 95 -49.40 -22.19 -22.14
CA GLY A 95 -49.03 -20.86 -21.74
C GLY A 95 -47.90 -20.28 -22.56
N VAL A 96 -47.77 -20.71 -23.81
CA VAL A 96 -46.71 -20.24 -24.70
C VAL A 96 -47.37 -19.61 -25.92
N LEU A 97 -47.30 -18.28 -25.99
CA LEU A 97 -47.88 -17.53 -27.10
C LEU A 97 -46.85 -17.42 -28.22
N SER A 98 -47.16 -18.00 -29.37
CA SER A 98 -46.29 -17.98 -30.54
C SER A 98 -47.00 -17.22 -31.65
N VAL A 99 -46.68 -15.94 -31.79
CA VAL A 99 -47.31 -15.06 -32.77
C VAL A 99 -46.38 -14.91 -33.98
N ILE A 100 -46.95 -15.08 -35.18
CA ILE A 100 -46.22 -14.95 -36.43
C ILE A 100 -46.59 -13.61 -37.06
N LEU A 101 -45.58 -12.79 -37.34
CA LEU A 101 -45.77 -11.46 -37.93
C LEU A 101 -45.10 -11.39 -39.30
N PRO A 102 -45.80 -11.75 -40.37
CA PRO A 102 -45.21 -11.66 -41.71
C PRO A 102 -44.78 -10.23 -42.03
N LYS A 103 -43.55 -10.10 -42.54
CA LYS A 103 -43.03 -8.79 -42.88
C LYS A 103 -43.74 -8.24 -44.11
N ALA A 104 -43.87 -6.91 -44.15
CA ALA A 104 -44.53 -6.27 -45.27
C ALA A 104 -43.68 -6.37 -46.53
N GLU A 105 -44.35 -6.21 -47.68
CA GLU A 105 -43.65 -6.29 -48.97
C GLU A 105 -42.68 -5.14 -49.13
N SER A 106 -43.04 -3.95 -48.64
CA SER A 106 -42.17 -2.79 -48.76
C SER A 106 -41.00 -2.83 -47.78
N SER A 107 -41.10 -3.64 -46.73
CA SER A 107 -40.05 -3.74 -45.74
C SER A 107 -38.92 -4.66 -46.19
N ILE A 108 -39.17 -5.56 -47.14
CA ILE A 108 -38.13 -6.47 -47.59
C ILE A 108 -37.06 -5.69 -48.34
N LYS A 109 -35.80 -6.12 -48.19
CA LYS A 109 -34.66 -5.49 -48.82
C LYS A 109 -34.74 -5.51 -50.33
N LYS A 110 -34.98 -4.35 -50.94
CA LYS A 110 -35.06 -4.25 -52.40
C LYS A 110 -33.67 -4.46 -52.97
N GLY A 111 -33.40 -5.65 -53.47
CA GLY A 111 -32.11 -5.99 -54.03
C GLY A 111 -31.95 -5.52 -55.46
N ILE A 112 -31.43 -4.30 -55.65
CA ILE A 112 -31.24 -3.77 -56.99
C ILE A 112 -30.05 -4.37 -57.71
N ASN A 113 -29.24 -5.18 -57.02
CA ASN A 113 -28.06 -5.81 -57.60
C ASN A 113 -27.09 -4.77 -58.15
N ILE A 114 -26.01 -5.25 -58.78
CA ILE A 114 -25.03 -4.34 -59.34
C ILE A 114 -25.62 -3.66 -60.57
N GLU A 115 -25.12 -2.48 -60.88
CA GLU A 115 -25.59 -1.73 -62.04
C GLU A 115 -24.79 -2.14 -63.27
N ILE B 3 -38.21 -26.48 5.78
CA ILE B 3 -38.26 -27.04 4.45
C ILE B 3 -36.99 -26.65 3.69
N GLN B 4 -36.73 -27.36 2.61
CA GLN B 4 -35.55 -27.10 1.80
C GLN B 4 -35.89 -27.36 0.34
N ILE B 5 -35.40 -26.48 -0.52
CA ILE B 5 -35.62 -26.58 -1.96
C ILE B 5 -34.28 -26.84 -2.63
N SER B 6 -34.30 -27.63 -3.70
CA SER B 6 -33.10 -27.94 -4.45
C SER B 6 -33.48 -28.25 -5.89
N GLY B 7 -32.68 -27.79 -6.83
CA GLY B 7 -32.96 -28.04 -8.23
C GLY B 7 -32.08 -27.19 -9.12
N LYS B 8 -32.56 -26.98 -10.35
CA LYS B 8 -31.83 -26.19 -11.33
C LYS B 8 -32.83 -25.60 -12.31
N GLY B 9 -32.71 -24.31 -12.58
CA GLY B 9 -33.60 -23.63 -13.50
C GLY B 9 -34.67 -22.81 -12.82
N PHE B 10 -35.02 -21.69 -13.43
CA PHE B 10 -36.05 -20.81 -12.89
C PHE B 10 -37.38 -21.54 -12.84
N MET B 11 -37.89 -21.77 -11.63
CA MET B 11 -39.13 -22.52 -11.47
C MET B 11 -39.84 -22.15 -10.17
N PRO B 12 -40.52 -21.01 -10.12
CA PRO B 12 -41.25 -20.64 -8.90
C PRO B 12 -42.31 -21.67 -8.54
N ILE B 13 -42.49 -21.87 -7.23
CA ILE B 13 -43.44 -22.83 -6.70
C ILE B 13 -44.18 -22.19 -5.53
N SER B 14 -45.46 -22.55 -5.39
CA SER B 14 -46.30 -22.04 -4.32
C SER B 14 -46.91 -23.21 -3.57
N ILE B 15 -46.63 -23.30 -2.27
CA ILE B 15 -47.12 -24.36 -1.42
C ILE B 15 -48.31 -23.84 -0.62
N ILE B 16 -49.48 -24.44 -0.85
CA ILE B 16 -50.71 -24.07 -0.15
C ILE B 16 -51.07 -25.23 0.76
N GLU B 17 -50.84 -25.06 2.05
CA GLU B 17 -51.15 -26.09 3.03
C GLU B 17 -52.63 -26.08 3.39
N GLY B 18 -53.16 -27.25 3.70
CA GLY B 18 -54.56 -27.39 4.08
C GLY B 18 -54.70 -28.38 5.22
N ASP B 19 -55.93 -28.55 5.68
CA ASP B 19 -56.24 -29.46 6.78
C ASP B 19 -56.31 -30.91 6.32
N GLN B 20 -56.29 -31.15 5.01
CA GLN B 20 -56.36 -32.49 4.49
C GLN B 20 -55.41 -32.70 3.31
N HIS B 21 -54.67 -31.69 2.90
CA HIS B 21 -53.74 -31.82 1.78
C HIS B 21 -52.87 -30.58 1.76
N ILE B 22 -51.90 -30.61 0.85
CA ILE B 22 -50.95 -29.51 0.66
C ILE B 22 -50.97 -29.20 -0.83
N LYS B 23 -51.85 -28.29 -1.24
CA LYS B 23 -51.94 -27.93 -2.64
C LYS B 23 -50.70 -27.14 -3.05
N VAL B 24 -50.01 -27.61 -4.08
CA VAL B 24 -48.78 -26.99 -4.55
C VAL B 24 -48.98 -26.57 -6.00
N ILE B 25 -48.50 -25.37 -6.33
CA ILE B 25 -48.59 -24.82 -7.67
C ILE B 25 -47.19 -24.54 -8.20
N ALA B 26 -47.03 -24.72 -9.50
CA ALA B 26 -45.74 -24.50 -10.15
C ALA B 26 -45.96 -24.25 -11.63
N TRP B 27 -45.43 -23.13 -12.12
CA TRP B 27 -45.56 -22.77 -13.53
C TRP B 27 -44.54 -23.53 -14.35
N LEU B 28 -45.02 -24.29 -15.34
CA LEU B 28 -44.17 -25.08 -16.24
C LEU B 28 -44.60 -24.83 -17.68
N PRO B 29 -44.45 -23.61 -18.18
CA PRO B 29 -44.84 -23.31 -19.56
C PRO B 29 -43.92 -23.97 -20.58
N GLY B 30 -44.48 -24.25 -21.75
CA GLY B 30 -43.71 -24.85 -22.81
C GLY B 30 -43.38 -26.31 -22.63
N VAL B 31 -43.79 -26.93 -21.53
CA VAL B 31 -43.50 -28.32 -21.24
C VAL B 31 -44.70 -29.15 -21.67
N ASN B 32 -44.44 -30.25 -22.38
CA ASN B 32 -45.52 -31.11 -22.82
C ASN B 32 -46.16 -31.79 -21.62
N LYS B 33 -47.30 -32.43 -21.86
CA LYS B 33 -48.01 -33.09 -20.78
C LYS B 33 -47.32 -34.40 -20.38
N GLU B 34 -46.64 -35.04 -21.32
CA GLU B 34 -45.96 -36.30 -21.05
C GLU B 34 -44.51 -36.13 -20.60
N ASP B 35 -43.91 -34.97 -20.82
CA ASP B 35 -42.51 -34.77 -20.44
C ASP B 35 -42.40 -34.28 -19.00
N ILE B 36 -43.15 -34.92 -18.10
CA ILE B 36 -43.16 -34.58 -16.68
C ILE B 36 -43.18 -35.88 -15.90
N ILE B 37 -42.06 -36.24 -15.30
CA ILE B 37 -41.95 -37.45 -14.49
C ILE B 37 -42.09 -37.01 -13.04
N LEU B 38 -43.31 -37.13 -12.52
CA LEU B 38 -43.62 -36.72 -11.15
C LEU B 38 -43.53 -37.90 -10.20
N ASN B 39 -42.76 -37.73 -9.13
CA ASN B 39 -42.59 -38.76 -8.11
C ASN B 39 -42.67 -38.11 -6.74
N ALA B 40 -43.06 -38.91 -5.75
CA ALA B 40 -43.18 -38.42 -4.39
C ALA B 40 -43.25 -39.61 -3.44
N VAL B 41 -42.89 -39.36 -2.19
CA VAL B 41 -42.93 -40.40 -1.16
C VAL B 41 -42.72 -39.76 0.20
N GLY B 42 -43.44 -40.26 1.21
CA GLY B 42 -43.28 -39.73 2.56
C GLY B 42 -43.59 -38.26 2.66
N ASP B 43 -42.56 -37.47 2.95
CA ASP B 43 -42.67 -36.02 3.11
C ASP B 43 -41.65 -35.32 2.22
N THR B 44 -41.49 -35.82 1.00
CA THR B 44 -40.57 -35.22 0.04
C THR B 44 -41.16 -35.37 -1.35
N LEU B 45 -40.98 -34.34 -2.16
CA LEU B 45 -41.50 -34.30 -3.53
C LEU B 45 -40.36 -34.28 -4.53
N GLU B 46 -40.51 -35.05 -5.61
CA GLU B 46 -39.51 -35.13 -6.67
C GLU B 46 -40.21 -34.84 -7.99
N ILE B 47 -39.83 -33.72 -8.61
CA ILE B 47 -40.43 -33.27 -9.87
C ILE B 47 -39.38 -33.34 -10.97
N ARG B 48 -39.83 -33.72 -12.16
CA ARG B 48 -38.95 -33.78 -13.33
C ARG B 48 -39.70 -33.20 -14.51
N ALA B 49 -39.01 -32.38 -15.30
CA ALA B 49 -39.64 -31.75 -16.46
C ALA B 49 -38.60 -31.40 -17.51
N LYS B 50 -39.08 -31.18 -18.73
CA LYS B 50 -38.21 -30.82 -19.84
C LYS B 50 -38.99 -30.31 -21.05
N ARG B 51 -38.56 -29.17 -21.61
CA ARG B 51 -39.20 -28.56 -22.79
C ARG B 51 -38.20 -28.53 -23.94
N SER B 52 -38.71 -28.71 -25.15
CA SER B 52 -37.84 -28.69 -26.31
C SER B 52 -37.16 -27.33 -26.48
N PRO B 53 -35.99 -27.29 -27.10
CA PRO B 53 -35.30 -26.01 -27.29
C PRO B 53 -36.01 -25.11 -28.29
N LEU B 54 -35.63 -23.84 -28.27
CA LEU B 54 -36.22 -22.84 -29.16
C LEU B 54 -35.67 -23.01 -30.57
N MET B 55 -36.30 -23.93 -31.30
CA MET B 55 -35.93 -24.20 -32.68
C MET B 55 -36.19 -22.99 -33.56
N ILE B 56 -35.31 -22.77 -34.53
CA ILE B 56 -35.43 -21.64 -35.45
C ILE B 56 -35.00 -22.10 -36.83
N THR B 57 -35.68 -21.60 -37.86
CA THR B 57 -35.35 -21.94 -39.23
C THR B 57 -34.08 -21.22 -39.66
N GLU B 58 -33.41 -21.77 -40.67
CA GLU B 58 -32.18 -21.17 -41.16
C GLU B 58 -32.41 -19.74 -41.63
N SER B 59 -33.62 -19.44 -42.12
CA SER B 59 -33.92 -18.09 -42.55
C SER B 59 -34.21 -17.16 -41.38
N GLU B 60 -34.59 -17.72 -40.23
CA GLU B 60 -34.89 -16.94 -39.06
C GLU B 60 -33.58 -16.51 -38.39
N ARG B 61 -33.71 -15.74 -37.30
CA ARG B 61 -32.54 -15.26 -36.58
C ARG B 61 -33.02 -14.67 -35.26
N ILE B 62 -32.29 -14.98 -34.19
CA ILE B 62 -32.61 -14.48 -32.86
C ILE B 62 -31.87 -13.16 -32.66
N ILE B 63 -32.62 -12.09 -32.41
CA ILE B 63 -32.03 -10.79 -32.19
C ILE B 63 -32.13 -10.33 -30.74
N TYR B 64 -33.08 -10.86 -29.97
CA TYR B 64 -33.22 -10.49 -28.58
C TYR B 64 -34.13 -11.47 -27.85
N SER B 65 -33.58 -12.21 -26.90
CA SER B 65 -34.37 -13.21 -26.18
C SER B 65 -33.85 -13.32 -24.75
N GLU B 66 -34.73 -13.09 -23.79
CA GLU B 66 -34.38 -13.22 -22.39
C GLU B 66 -34.84 -14.56 -21.80
N ILE B 67 -35.57 -15.35 -22.56
CA ILE B 67 -36.04 -16.64 -22.06
C ILE B 67 -34.86 -17.60 -21.94
N PRO B 68 -34.73 -18.38 -20.86
CA PRO B 68 -33.60 -19.31 -20.77
C PRO B 68 -33.66 -20.37 -21.85
N GLU B 69 -32.63 -21.21 -21.93
CA GLU B 69 -32.53 -22.26 -22.93
C GLU B 69 -32.36 -23.66 -22.35
N GLU B 70 -31.83 -23.78 -21.15
CA GLU B 70 -31.62 -25.11 -20.57
C GLU B 70 -32.94 -25.85 -20.47
N GLU B 71 -32.91 -27.15 -20.74
CA GLU B 71 -34.10 -27.99 -20.75
C GLU B 71 -34.29 -28.77 -19.45
N GLU B 72 -33.30 -29.57 -19.07
CA GLU B 72 -33.45 -30.37 -17.86
C GLU B 72 -33.56 -29.48 -16.64
N ILE B 73 -34.73 -29.52 -16.01
CA ILE B 73 -35.02 -28.73 -14.81
C ILE B 73 -35.85 -29.60 -13.89
N TYR B 74 -35.58 -29.48 -12.59
CA TYR B 74 -36.28 -30.28 -11.59
C TYR B 74 -36.19 -29.57 -10.25
N ARG B 75 -37.01 -30.05 -9.31
CA ARG B 75 -37.02 -29.54 -7.96
C ARG B 75 -37.28 -30.69 -7.00
N THR B 76 -36.63 -30.61 -5.83
CA THR B 76 -36.77 -31.63 -4.80
C THR B 76 -37.07 -30.92 -3.49
N ILE B 77 -38.34 -30.91 -3.11
CA ILE B 77 -38.81 -30.25 -1.88
C ILE B 77 -39.00 -31.31 -0.80
N LYS B 78 -38.61 -30.97 0.42
CA LYS B 78 -38.73 -31.84 1.58
C LYS B 78 -39.90 -31.32 2.41
N LEU B 79 -41.07 -31.95 2.24
CA LEU B 79 -42.26 -31.53 2.95
C LEU B 79 -42.07 -31.72 4.46
N PRO B 80 -42.78 -30.92 5.28
CA PRO B 80 -42.61 -31.09 6.73
C PRO B 80 -43.29 -32.34 7.26
N ALA B 81 -44.48 -32.68 6.76
CA ALA B 81 -45.22 -33.84 7.21
C ALA B 81 -45.38 -34.83 6.07
N THR B 82 -45.94 -35.99 6.39
CA THR B 82 -46.15 -37.04 5.41
C THR B 82 -47.47 -36.83 4.68
N VAL B 83 -47.48 -37.22 3.41
CA VAL B 83 -48.65 -37.10 2.55
C VAL B 83 -48.95 -38.47 1.95
N LYS B 84 -50.22 -38.69 1.61
CA LYS B 84 -50.65 -39.95 1.02
C LYS B 84 -50.35 -39.90 -0.48
N GLU B 85 -49.15 -40.35 -0.84
CA GLU B 85 -48.74 -40.35 -2.24
C GLU B 85 -49.66 -41.24 -3.07
N GLU B 86 -50.13 -42.35 -2.48
CA GLU B 86 -51.00 -43.26 -3.21
C GLU B 86 -52.33 -42.61 -3.54
N ASN B 87 -52.80 -41.68 -2.71
CA ASN B 87 -54.07 -41.00 -2.93
C ASN B 87 -53.87 -39.57 -3.42
N ALA B 88 -52.72 -39.27 -4.00
CA ALA B 88 -52.44 -37.94 -4.49
C ALA B 88 -52.83 -37.81 -5.95
N SER B 89 -53.00 -36.57 -6.39
CA SER B 89 -53.37 -36.27 -7.77
C SER B 89 -52.60 -35.03 -8.22
N ALA B 90 -52.76 -34.69 -9.50
CA ALA B 90 -52.08 -33.55 -10.07
C ALA B 90 -52.80 -33.14 -11.34
N LYS B 91 -52.63 -31.88 -11.72
CA LYS B 91 -53.24 -31.33 -12.92
C LYS B 91 -52.26 -30.37 -13.58
N PHE B 92 -52.23 -30.40 -14.91
CA PHE B 92 -51.32 -29.59 -15.72
C PHE B 92 -52.12 -28.93 -16.82
N GLU B 93 -52.51 -27.68 -16.60
CA GLU B 93 -53.27 -26.90 -17.57
C GLU B 93 -52.62 -25.53 -17.73
N ASN B 94 -52.47 -25.09 -18.97
CA ASN B 94 -51.87 -23.80 -19.28
C ASN B 94 -50.46 -23.71 -18.71
N GLY B 95 -49.72 -24.82 -18.81
CA GLY B 95 -48.37 -24.85 -18.29
C GLY B 95 -48.28 -24.63 -16.80
N VAL B 96 -49.35 -24.93 -16.08
CA VAL B 96 -49.41 -24.75 -14.63
C VAL B 96 -49.69 -26.11 -14.01
N LEU B 97 -48.73 -26.64 -13.26
CA LEU B 97 -48.87 -27.94 -12.63
C LEU B 97 -49.48 -27.73 -11.24
N SER B 98 -50.69 -28.26 -11.02
CA SER B 98 -51.35 -28.18 -9.68
C SER B 98 -51.41 -29.58 -9.06
N VAL B 99 -50.48 -29.89 -8.13
CA VAL B 99 -50.41 -31.26 -7.52
C VAL B 99 -50.98 -31.22 -6.10
N ILE B 100 -51.88 -32.16 -5.76
CA ILE B 100 -52.51 -32.22 -4.42
C ILE B 100 -51.83 -33.34 -3.61
N LEU B 101 -51.42 -33.07 -2.36
CA LEU B 101 -50.78 -34.04 -1.49
C LEU B 101 -51.58 -34.24 -0.22
N PRO B 102 -52.55 -35.17 -0.21
CA PRO B 102 -53.31 -35.40 1.02
C PRO B 102 -52.40 -35.81 2.17
N LYS B 103 -52.62 -35.17 3.32
CA LYS B 103 -51.82 -35.44 4.50
C LYS B 103 -52.07 -36.86 4.99
N ALA B 104 -51.03 -37.52 5.51
CA ALA B 104 -51.13 -38.97 5.85
C ALA B 104 -51.51 -39.15 7.33
N GLU B 105 -50.64 -39.78 8.12
CA GLU B 105 -50.92 -39.94 9.57
C GLU B 105 -50.47 -38.62 10.22
N SER B 106 -51.01 -37.49 9.79
CA SER B 106 -50.55 -36.15 10.28
C SER B 106 -50.96 -35.94 11.74
N SER B 107 -50.44 -34.89 12.38
CA SER B 107 -50.91 -34.56 13.74
C SER B 107 -52.42 -34.32 13.61
N ILE B 108 -53.24 -35.08 14.33
CA ILE B 108 -54.72 -34.93 14.26
C ILE B 108 -55.02 -33.50 14.70
N LYS B 109 -54.14 -32.91 15.52
CA LYS B 109 -54.31 -31.52 16.00
C LYS B 109 -55.74 -31.45 16.56
N LYS B 110 -56.09 -32.41 17.40
CA LYS B 110 -57.44 -32.45 18.03
C LYS B 110 -57.59 -31.13 18.79
N GLY B 111 -56.50 -30.68 19.43
CA GLY B 111 -56.51 -29.40 20.14
C GLY B 111 -56.90 -29.53 21.59
N ILE B 112 -56.86 -28.43 22.33
CA ILE B 112 -57.14 -28.46 23.80
C ILE B 112 -58.30 -27.51 24.10
N ASN B 113 -59.17 -27.88 25.04
CA ASN B 113 -60.28 -26.98 25.46
C ASN B 113 -59.69 -25.84 26.28
N ILE B 114 -60.13 -24.61 26.03
CA ILE B 114 -59.64 -23.39 26.74
C ILE B 114 -60.78 -22.78 27.54
N GLU B 115 -60.55 -22.45 28.81
CA GLU B 115 -61.55 -21.80 29.68
C GLU B 115 -61.61 -20.29 29.38
N ILE C 3 -50.32 16.01 20.46
CA ILE C 3 -50.53 15.17 21.63
C ILE C 3 -49.17 14.72 22.16
N GLN C 4 -49.18 14.23 23.40
CA GLN C 4 -47.95 13.75 24.03
C GLN C 4 -48.29 12.61 24.96
N ILE C 5 -47.64 11.47 24.74
CA ILE C 5 -47.82 10.28 25.55
C ILE C 5 -46.59 10.14 26.44
N SER C 6 -46.81 9.77 27.69
CA SER C 6 -45.71 9.60 28.62
C SER C 6 -46.10 8.62 29.71
N GLY C 7 -45.10 7.90 30.20
CA GLY C 7 -45.31 6.92 31.25
C GLY C 7 -44.13 5.98 31.37
N LYS C 8 -44.42 4.69 31.55
CA LYS C 8 -43.37 3.71 31.68
C LYS C 8 -43.98 2.32 31.60
N GLY C 9 -43.32 1.42 30.88
CA GLY C 9 -43.81 0.07 30.71
C GLY C 9 -44.38 -0.13 29.31
N PHE C 10 -45.10 -1.23 29.17
CA PHE C 10 -45.73 -1.61 27.91
C PHE C 10 -47.23 -1.38 28.03
N MET C 11 -47.78 -0.52 27.16
CA MET C 11 -49.18 -0.18 27.19
C MET C 11 -49.61 0.48 25.88
N PRO C 12 -49.85 -0.30 24.84
CA PRO C 12 -50.30 0.29 23.57
C PRO C 12 -51.61 1.04 23.74
N ILE C 13 -51.71 2.17 23.04
CA ILE C 13 -52.90 3.02 23.11
C ILE C 13 -53.29 3.49 21.72
N SER C 14 -54.61 3.63 21.51
CA SER C 14 -55.17 4.08 20.24
C SER C 14 -56.18 5.19 20.52
N ILE C 15 -55.97 6.35 19.92
CA ILE C 15 -56.83 7.51 20.11
C ILE C 15 -57.74 7.65 18.89
N ILE C 16 -59.03 7.46 19.08
CA ILE C 16 -60.02 7.59 18.02
C ILE C 16 -60.80 8.87 18.28
N GLU C 17 -60.44 9.94 17.58
CA GLU C 17 -61.12 11.21 17.74
C GLU C 17 -62.50 11.17 17.08
N GLY C 18 -63.43 11.93 17.66
CA GLY C 18 -64.78 12.02 17.14
C GLY C 18 -65.27 13.45 17.19
N ASP C 19 -66.46 13.67 16.65
CA ASP C 19 -67.03 15.01 16.64
C ASP C 19 -67.71 15.36 17.96
N GLN C 20 -68.07 14.36 18.75
CA GLN C 20 -68.72 14.56 20.03
C GLN C 20 -67.99 13.93 21.19
N HIS C 21 -67.06 13.03 20.93
CA HIS C 21 -66.33 12.35 21.99
C HIS C 21 -65.00 11.85 21.44
N ILE C 22 -64.19 11.31 22.34
CA ILE C 22 -62.87 10.78 22.02
C ILE C 22 -62.80 9.36 22.59
N LYS C 23 -62.96 8.36 21.74
CA LYS C 23 -62.91 6.97 22.18
C LYS C 23 -61.46 6.49 22.14
N VAL C 24 -60.94 6.06 23.29
CA VAL C 24 -59.56 5.59 23.42
C VAL C 24 -59.57 4.10 23.72
N ILE C 25 -58.60 3.38 23.16
CA ILE C 25 -58.44 1.94 23.36
C ILE C 25 -57.04 1.67 23.88
N ALA C 26 -56.92 0.69 24.78
CA ALA C 26 -55.63 0.35 25.36
C ALA C 26 -55.64 -1.08 25.85
N TRP C 27 -54.56 -1.82 25.54
CA TRP C 27 -54.40 -3.21 25.95
C TRP C 27 -53.71 -3.27 27.31
N LEU C 28 -54.36 -3.93 28.26
CA LEU C 28 -53.85 -4.11 29.62
C LEU C 28 -53.97 -5.58 29.99
N PRO C 29 -53.21 -6.44 29.33
CA PRO C 29 -53.31 -7.88 29.59
C PRO C 29 -52.76 -8.28 30.96
N GLY C 30 -53.32 -9.37 31.47
CA GLY C 30 -52.89 -9.89 32.75
C GLY C 30 -53.25 -9.05 33.94
N VAL C 31 -54.14 -8.07 33.78
CA VAL C 31 -54.52 -7.18 34.85
C VAL C 31 -55.98 -7.38 35.19
N ASN C 32 -56.25 -7.55 36.48
CA ASN C 32 -57.61 -7.73 36.95
C ASN C 32 -58.35 -6.39 36.91
N LYS C 33 -59.67 -6.46 37.07
CA LYS C 33 -60.48 -5.25 37.03
C LYS C 33 -60.18 -4.31 38.18
N GLU C 34 -59.70 -4.84 39.31
CA GLU C 34 -59.44 -4.00 40.47
C GLU C 34 -58.12 -3.25 40.42
N ASP C 35 -57.15 -3.71 39.65
CA ASP C 35 -55.85 -3.04 39.57
C ASP C 35 -55.81 -2.00 38.47
N ILE C 36 -56.85 -1.18 38.36
CA ILE C 36 -56.93 -0.15 37.33
C ILE C 36 -57.40 1.14 37.98
N ILE C 37 -56.65 2.21 37.75
CA ILE C 37 -56.97 3.53 38.29
C ILE C 37 -57.17 4.45 37.11
N LEU C 38 -58.43 4.77 36.82
CA LEU C 38 -58.78 5.64 35.70
C LEU C 38 -59.13 7.02 36.24
N ASN C 39 -58.26 7.99 35.98
CA ASN C 39 -58.47 9.35 36.44
C ASN C 39 -58.13 10.33 35.32
N ALA C 40 -58.84 11.44 35.28
CA ALA C 40 -58.63 12.46 34.28
C ALA C 40 -59.42 13.68 34.66
N VAL C 41 -59.00 14.83 34.15
CA VAL C 41 -59.68 16.09 34.41
C VAL C 41 -59.16 17.15 33.47
N GLY C 42 -60.06 17.94 32.88
CA GLY C 42 -59.63 18.98 31.97
C GLY C 42 -59.27 18.43 30.61
N ASP C 43 -57.98 18.42 30.31
CA ASP C 43 -57.47 17.95 29.03
C ASP C 43 -56.27 17.05 29.26
N THR C 44 -56.45 16.04 30.10
CA THR C 44 -55.36 15.11 30.38
C THR C 44 -55.93 13.82 30.94
N LEU C 45 -55.32 12.70 30.55
CA LEU C 45 -55.75 11.38 30.98
C LEU C 45 -54.59 10.66 31.62
N GLU C 46 -54.88 9.95 32.70
CA GLU C 46 -53.88 9.19 33.45
C GLU C 46 -54.43 7.83 33.79
N ILE C 47 -53.79 6.78 33.27
CA ILE C 47 -54.18 5.41 33.51
C ILE C 47 -53.07 4.72 34.28
N ARG C 48 -53.38 4.26 35.49
CA ARG C 48 -52.43 3.55 36.32
C ARG C 48 -52.88 2.11 36.46
N ALA C 49 -51.99 1.18 36.18
CA ALA C 49 -52.30 -0.23 36.23
C ALA C 49 -51.08 -1.00 36.70
N LYS C 50 -51.30 -2.27 37.02
CA LYS C 50 -50.23 -3.13 37.50
C LYS C 50 -50.67 -4.58 37.41
N ARG C 51 -49.80 -5.42 36.87
CA ARG C 51 -50.07 -6.85 36.72
C ARG C 51 -49.25 -7.65 37.71
N SER C 52 -49.88 -8.65 38.32
CA SER C 52 -49.18 -9.46 39.29
C SER C 52 -48.01 -10.18 38.61
N PRO C 53 -46.96 -10.49 39.37
CA PRO C 53 -45.82 -11.19 38.76
C PRO C 53 -46.20 -12.60 38.36
N LEU C 54 -45.57 -13.08 37.30
CA LEU C 54 -45.86 -14.43 36.81
C LEU C 54 -45.40 -15.46 37.84
N MET C 55 -46.29 -15.78 38.78
CA MET C 55 -45.98 -16.75 39.82
C MET C 55 -45.74 -18.14 39.23
N ILE C 56 -44.81 -18.87 39.83
CA ILE C 56 -44.44 -20.21 39.38
C ILE C 56 -44.22 -21.09 40.60
N THR C 57 -44.62 -22.35 40.50
CA THR C 57 -44.41 -23.29 41.59
C THR C 57 -42.94 -23.63 41.71
N GLU C 58 -42.56 -24.09 42.90
CA GLU C 58 -41.16 -24.44 43.13
C GLU C 58 -40.67 -25.50 42.17
N SER C 59 -41.56 -26.37 41.70
CA SER C 59 -41.18 -27.39 40.75
C SER C 59 -41.13 -26.84 39.33
N GLU C 60 -41.81 -25.74 39.06
CA GLU C 60 -41.82 -25.15 37.74
C GLU C 60 -40.54 -24.36 37.49
N ARG C 61 -40.38 -23.92 36.25
CA ARG C 61 -39.21 -23.16 35.86
C ARG C 61 -39.54 -22.39 34.59
N ILE C 62 -39.09 -21.14 34.53
CA ILE C 62 -39.34 -20.28 33.37
C ILE C 62 -38.15 -20.43 32.44
N ILE C 63 -38.34 -21.20 31.38
CA ILE C 63 -37.26 -21.42 30.43
C ILE C 63 -37.20 -20.34 29.35
N TYR C 64 -38.33 -19.72 29.03
CA TYR C 64 -38.32 -18.69 28.01
C TYR C 64 -39.59 -17.86 28.11
N SER C 65 -39.43 -16.54 28.14
CA SER C 65 -40.58 -15.65 28.25
C SER C 65 -40.17 -14.26 27.79
N GLU C 66 -40.89 -13.72 26.81
CA GLU C 66 -40.61 -12.38 26.32
C GLU C 66 -41.44 -11.34 27.05
N ILE C 67 -42.35 -11.77 27.91
CA ILE C 67 -43.19 -10.83 28.65
C ILE C 67 -42.33 -10.08 29.65
N PRO C 68 -42.48 -8.77 29.81
CA PRO C 68 -41.66 -8.07 30.80
C PRO C 68 -41.98 -8.51 32.22
N GLU C 69 -41.28 -7.94 33.19
CA GLU C 69 -41.44 -8.32 34.59
C GLU C 69 -41.93 -7.20 35.47
N GLU C 70 -41.59 -5.95 35.15
CA GLU C 70 -42.03 -4.83 35.97
C GLU C 70 -43.54 -4.80 36.08
N GLU C 71 -44.01 -4.45 37.27
CA GLU C 71 -45.42 -4.39 37.60
C GLU C 71 -46.01 -2.99 37.52
N GLU C 72 -45.39 -2.04 38.21
CA GLU C 72 -45.91 -0.67 38.23
C GLU C 72 -45.86 -0.10 36.81
N ILE C 73 -47.03 0.18 36.23
CA ILE C 73 -47.11 0.72 34.89
C ILE C 73 -48.26 1.71 34.77
N TYR C 74 -48.03 2.73 33.96
CA TYR C 74 -49.04 3.76 33.75
C TYR C 74 -48.64 4.60 32.56
N ARG C 75 -49.54 5.51 32.18
CA ARG C 75 -49.34 6.43 31.08
C ARG C 75 -49.94 7.77 31.45
N THR C 76 -49.59 8.79 30.66
CA THR C 76 -50.09 10.15 30.88
C THR C 76 -50.31 10.78 29.51
N ILE C 77 -51.56 10.77 29.07
CA ILE C 77 -51.94 11.28 27.76
C ILE C 77 -52.51 12.68 27.92
N LYS C 78 -52.21 13.54 26.96
CA LYS C 78 -52.68 14.92 26.92
C LYS C 78 -53.63 15.06 25.74
N LEU C 79 -54.92 14.93 26.01
CA LEU C 79 -55.92 15.00 24.95
C LEU C 79 -55.88 16.36 24.26
N PRO C 80 -56.27 16.42 22.99
CA PRO C 80 -56.24 17.71 22.27
C PRO C 80 -57.37 18.65 22.65
N ALA C 81 -58.34 18.21 23.43
CA ALA C 81 -59.46 19.07 23.81
C ALA C 81 -59.93 18.69 25.20
N THR C 82 -60.90 19.44 25.70
CA THR C 82 -61.47 19.21 27.03
C THR C 82 -62.64 18.23 26.92
N VAL C 83 -62.82 17.42 27.95
CA VAL C 83 -63.88 16.43 27.98
C VAL C 83 -64.67 16.54 29.28
N LYS C 84 -65.88 15.98 29.24
CA LYS C 84 -66.78 15.98 30.38
C LYS C 84 -66.57 14.65 31.11
N GLU C 85 -65.60 14.65 32.03
CA GLU C 85 -65.28 13.43 32.76
C GLU C 85 -66.46 12.94 33.59
N GLU C 86 -67.25 13.87 34.13
CA GLU C 86 -68.38 13.48 34.95
C GLU C 86 -69.38 12.65 34.17
N ASN C 87 -69.47 12.87 32.87
CA ASN C 87 -70.37 12.11 32.01
C ASN C 87 -69.61 11.15 31.11
N ALA C 88 -68.51 10.63 31.60
CA ALA C 88 -67.68 9.70 30.84
C ALA C 88 -67.97 8.27 31.26
N SER C 89 -67.45 7.33 30.49
CA SER C 89 -67.63 5.93 30.81
C SER C 89 -66.41 5.17 30.31
N ALA C 90 -66.36 3.89 30.66
CA ALA C 90 -65.24 3.05 30.27
C ALA C 90 -65.68 1.60 30.32
N LYS C 91 -65.01 0.77 29.54
CA LYS C 91 -65.31 -0.65 29.50
C LYS C 91 -64.00 -1.42 29.39
N PHE C 92 -63.83 -2.40 30.27
CA PHE C 92 -62.61 -3.21 30.34
C PHE C 92 -63.01 -4.66 30.21
N GLU C 93 -62.92 -5.19 29.00
CA GLU C 93 -63.25 -6.58 28.73
C GLU C 93 -62.14 -7.20 27.91
N ASN C 94 -61.73 -8.41 28.29
CA ASN C 94 -60.69 -9.13 27.58
C ASN C 94 -59.40 -8.32 27.56
N GLY C 95 -59.12 -7.65 28.68
CA GLY C 95 -57.92 -6.84 28.77
C GLY C 95 -57.90 -5.70 27.79
N VAL C 96 -59.06 -5.16 27.45
CA VAL C 96 -59.17 -4.08 26.49
C VAL C 96 -59.96 -2.96 27.15
N LEU C 97 -59.29 -1.85 27.46
CA LEU C 97 -59.92 -0.71 28.10
C LEU C 97 -60.49 0.23 27.03
N SER C 98 -61.81 0.36 27.01
CA SER C 98 -62.51 1.22 26.06
C SER C 98 -63.15 2.38 26.81
N VAL C 99 -62.46 3.52 26.82
CA VAL C 99 -62.93 4.71 27.52
C VAL C 99 -63.69 5.63 26.58
N ILE C 100 -64.76 6.23 27.09
CA ILE C 100 -65.58 7.18 26.36
C ILE C 100 -65.49 8.53 27.06
N LEU C 101 -64.97 9.53 26.36
CA LEU C 101 -64.78 10.88 26.91
C LEU C 101 -65.54 11.91 26.08
N PRO C 102 -66.81 12.16 26.39
CA PRO C 102 -67.55 13.17 25.64
C PRO C 102 -66.86 14.53 25.73
N LYS C 103 -66.92 15.26 24.61
CA LYS C 103 -66.29 16.56 24.50
C LYS C 103 -67.11 17.64 25.20
N ALA C 104 -66.41 18.65 25.71
CA ALA C 104 -67.09 19.76 26.36
C ALA C 104 -67.77 20.65 25.32
N GLU C 105 -68.82 21.35 25.76
CA GLU C 105 -69.56 22.22 24.85
C GLU C 105 -68.67 23.30 24.23
N SER C 106 -67.66 23.76 24.96
CA SER C 106 -66.79 24.81 24.46
C SER C 106 -65.68 24.26 23.57
N SER C 107 -65.47 22.95 23.58
CA SER C 107 -64.43 22.33 22.78
C SER C 107 -64.93 21.86 21.43
N ILE C 108 -66.23 21.60 21.29
CA ILE C 108 -66.75 21.13 20.02
C ILE C 108 -66.55 22.19 18.95
N LYS C 109 -66.10 21.74 17.78
CA LYS C 109 -65.85 22.64 16.67
C LYS C 109 -67.17 23.02 16.00
N LYS C 110 -67.35 24.31 15.74
CA LYS C 110 -68.57 24.76 15.10
C LYS C 110 -68.44 24.65 13.59
N GLY C 111 -69.56 24.41 12.93
CA GLY C 111 -69.57 24.30 11.49
C GLY C 111 -69.53 25.66 10.84
N ILE C 112 -69.04 25.69 9.60
CA ILE C 112 -68.94 26.93 8.83
C ILE C 112 -69.43 26.64 7.43
N ASN C 113 -70.28 27.53 6.91
CA ASN C 113 -70.84 27.36 5.58
C ASN C 113 -69.89 27.94 4.54
N ILE C 114 -69.72 27.21 3.45
CA ILE C 114 -68.86 27.64 2.36
C ILE C 114 -69.75 28.26 1.30
N GLU C 115 -69.62 29.55 1.10
CA GLU C 115 -70.42 30.27 0.12
C GLU C 115 -69.78 30.16 -1.26
N ILE D 3 13.87 -49.53 -16.76
CA ILE D 3 15.16 -49.67 -17.42
C ILE D 3 16.12 -48.64 -16.85
N GLN D 4 17.40 -48.84 -17.11
CA GLN D 4 18.45 -47.92 -16.64
C GLN D 4 19.55 -47.87 -17.68
N ILE D 5 19.78 -46.69 -18.25
CA ILE D 5 20.80 -46.48 -19.26
C ILE D 5 22.02 -45.87 -18.59
N SER D 6 23.20 -46.31 -19.01
CA SER D 6 24.45 -45.81 -18.46
C SER D 6 25.53 -45.92 -19.53
N GLY D 7 26.38 -44.88 -19.60
CA GLY D 7 27.44 -44.84 -20.57
C GLY D 7 28.18 -43.53 -20.55
N LYS D 8 28.59 -43.05 -21.72
CA LYS D 8 29.31 -41.80 -21.83
C LYS D 8 29.18 -41.28 -23.26
N GLY D 9 28.97 -39.97 -23.38
CA GLY D 9 28.84 -39.34 -24.68
C GLY D 9 27.41 -39.03 -25.06
N PHE D 10 27.07 -39.34 -26.31
CA PHE D 10 25.74 -39.10 -26.85
C PHE D 10 25.41 -40.27 -27.75
N MET D 11 24.35 -41.02 -27.39
CA MET D 11 23.99 -42.20 -28.16
C MET D 11 22.53 -42.56 -27.91
N PRO D 12 21.58 -41.88 -28.56
CA PRO D 12 20.17 -42.22 -28.37
C PRO D 12 19.89 -43.66 -28.78
N ILE D 13 19.04 -44.33 -28.00
CA ILE D 13 18.66 -45.71 -28.23
C ILE D 13 17.15 -45.84 -28.06
N SER D 14 16.54 -46.70 -28.86
CA SER D 14 15.10 -46.95 -28.81
C SER D 14 14.89 -48.44 -28.59
N ILE D 15 14.19 -48.79 -27.51
CA ILE D 15 13.92 -50.18 -27.15
C ILE D 15 12.49 -50.49 -27.57
N ILE D 16 12.33 -51.38 -28.54
CA ILE D 16 11.01 -51.78 -29.02
C ILE D 16 10.72 -53.14 -28.40
N GLU D 17 10.05 -53.11 -27.26
CA GLU D 17 9.71 -54.35 -26.56
C GLU D 17 8.61 -55.09 -27.31
N GLY D 18 8.64 -56.42 -27.20
CA GLY D 18 7.65 -57.26 -27.84
C GLY D 18 7.25 -58.42 -26.96
N ASP D 19 6.31 -59.22 -27.48
CA ASP D 19 5.81 -60.36 -26.73
C ASP D 19 6.75 -61.55 -26.79
N GLN D 20 7.66 -61.58 -27.76
CA GLN D 20 8.61 -62.68 -27.90
C GLN D 20 10.03 -62.20 -28.12
N HIS D 21 10.25 -60.90 -28.28
CA HIS D 21 11.59 -60.36 -28.49
C HIS D 21 11.58 -58.90 -28.07
N ILE D 22 12.77 -58.32 -28.00
CA ILE D 22 12.95 -56.91 -27.61
C ILE D 22 13.88 -56.31 -28.66
N LYS D 23 13.30 -55.84 -29.77
CA LYS D 23 14.09 -55.23 -30.82
C LYS D 23 14.60 -53.87 -30.38
N VAL D 24 15.92 -53.68 -30.45
CA VAL D 24 16.56 -52.44 -30.02
C VAL D 24 17.20 -51.76 -31.22
N ILE D 25 16.99 -50.45 -31.33
CA ILE D 25 17.56 -49.64 -32.39
C ILE D 25 18.53 -48.64 -31.76
N ALA D 26 19.69 -48.46 -32.41
CA ALA D 26 20.71 -47.57 -31.90
C ALA D 26 21.50 -46.99 -33.06
N TRP D 27 21.63 -45.66 -33.08
CA TRP D 27 22.39 -44.97 -34.10
C TRP D 27 23.86 -44.93 -33.71
N LEU D 28 24.71 -45.46 -34.58
CA LEU D 28 26.16 -45.49 -34.36
C LEU D 28 26.84 -44.91 -35.59
N PRO D 29 26.62 -43.63 -35.88
CA PRO D 29 27.26 -43.03 -37.05
C PRO D 29 28.76 -42.88 -36.86
N GLY D 30 29.48 -42.95 -37.97
CA GLY D 30 30.92 -42.82 -37.91
C GLY D 30 31.63 -43.96 -37.22
N VAL D 31 30.92 -45.05 -36.94
CA VAL D 31 31.49 -46.23 -36.28
C VAL D 31 31.60 -47.34 -37.29
N ASN D 32 32.78 -47.96 -37.37
CA ASN D 32 32.97 -49.06 -38.30
C ASN D 32 32.19 -50.27 -37.84
N LYS D 33 31.91 -51.17 -38.79
CA LYS D 33 31.16 -52.37 -38.45
C LYS D 33 31.95 -53.27 -37.52
N GLU D 34 33.28 -53.19 -37.56
CA GLU D 34 34.13 -54.01 -36.71
C GLU D 34 34.45 -53.38 -35.37
N ASP D 35 34.27 -52.07 -35.23
CA ASP D 35 34.55 -51.38 -33.97
C ASP D 35 33.32 -51.30 -33.09
N ILE D 36 32.62 -52.43 -32.95
CA ILE D 36 31.42 -52.53 -32.14
C ILE D 36 31.52 -53.83 -31.35
N ILE D 37 31.81 -53.71 -30.05
CA ILE D 37 31.93 -54.87 -29.19
C ILE D 37 30.56 -55.06 -28.52
N LEU D 38 29.75 -55.91 -29.12
CA LEU D 38 28.41 -56.19 -28.63
C LEU D 38 28.44 -57.36 -27.67
N ASN D 39 27.97 -57.14 -26.45
CA ASN D 39 27.93 -58.18 -25.43
C ASN D 39 26.58 -58.14 -24.73
N ALA D 40 26.13 -59.30 -24.27
CA ALA D 40 24.86 -59.41 -23.58
C ALA D 40 24.77 -60.77 -22.92
N VAL D 41 24.09 -60.82 -21.77
CA VAL D 41 23.92 -62.05 -21.02
C VAL D 41 22.85 -61.82 -19.97
N GLY D 42 21.93 -62.77 -19.83
CA GLY D 42 20.88 -62.64 -18.85
C GLY D 42 19.82 -61.65 -19.28
N ASP D 43 19.63 -60.60 -18.49
CA ASP D 43 18.64 -59.55 -18.74
C ASP D 43 19.32 -58.18 -18.75
N THR D 44 20.43 -58.07 -19.47
CA THR D 44 21.16 -56.82 -19.56
C THR D 44 21.95 -56.80 -20.85
N LEU D 45 22.02 -55.63 -21.48
CA LEU D 45 22.72 -55.43 -22.74
C LEU D 45 23.86 -54.43 -22.54
N GLU D 46 25.01 -54.75 -23.12
CA GLU D 46 26.20 -53.90 -23.05
C GLU D 46 26.71 -53.66 -24.46
N ILE D 47 26.73 -52.39 -24.86
CA ILE D 47 27.18 -51.99 -26.19
C ILE D 47 28.41 -51.10 -26.03
N ARG D 48 29.44 -51.40 -26.81
CA ARG D 48 30.67 -50.61 -26.79
C ARG D 48 31.06 -50.27 -28.22
N ALA D 49 31.35 -48.99 -28.46
CA ALA D 49 31.71 -48.51 -29.78
C ALA D 49 32.80 -47.46 -29.68
N LYS D 50 33.43 -47.18 -30.82
CA LYS D 50 34.49 -46.19 -30.88
C LYS D 50 34.77 -45.81 -32.33
N ARG D 51 34.82 -44.52 -32.63
CA ARG D 51 35.07 -44.02 -33.98
C ARG D 51 36.45 -43.37 -34.04
N SER D 52 37.11 -43.55 -35.18
CA SER D 52 38.44 -42.99 -35.36
C SER D 52 38.38 -41.46 -35.29
N PRO D 53 39.47 -40.81 -34.91
CA PRO D 53 39.45 -39.35 -34.79
C PRO D 53 39.22 -38.68 -36.14
N LEU D 54 38.82 -37.42 -36.08
CA LEU D 54 38.57 -36.64 -37.29
C LEU D 54 39.91 -36.21 -37.88
N MET D 55 40.58 -37.17 -38.50
CA MET D 55 41.87 -36.90 -39.12
C MET D 55 41.72 -35.82 -40.19
N ILE D 56 42.60 -34.82 -40.14
CA ILE D 56 42.59 -33.74 -41.11
C ILE D 56 44.01 -33.51 -41.60
N THR D 57 44.14 -33.19 -42.90
CA THR D 57 45.46 -32.91 -43.46
C THR D 57 46.00 -31.62 -42.86
N GLU D 58 47.33 -31.49 -42.91
CA GLU D 58 47.98 -30.31 -42.36
C GLU D 58 47.45 -29.04 -43.01
N SER D 59 47.02 -29.14 -44.27
CA SER D 59 46.46 -27.99 -44.97
C SER D 59 45.03 -27.70 -44.52
N GLU D 60 44.35 -28.69 -43.96
CA GLU D 60 42.98 -28.51 -43.50
C GLU D 60 42.96 -27.78 -42.16
N ARG D 61 41.74 -27.44 -41.74
CA ARG D 61 41.51 -26.73 -40.49
C ARG D 61 40.05 -26.91 -40.11
N ILE D 62 39.81 -26.94 -38.80
CA ILE D 62 38.46 -27.09 -38.27
C ILE D 62 37.97 -25.72 -37.86
N ILE D 63 36.86 -25.29 -38.47
CA ILE D 63 36.29 -23.98 -38.21
C ILE D 63 34.92 -24.06 -37.55
N TYR D 64 34.18 -25.14 -37.72
CA TYR D 64 32.85 -25.26 -37.12
C TYR D 64 32.45 -26.72 -37.11
N SER D 65 32.32 -27.29 -35.91
CA SER D 65 31.95 -28.70 -35.81
C SER D 65 31.21 -28.94 -34.50
N GLU D 66 29.92 -29.24 -34.60
CA GLU D 66 29.11 -29.57 -33.44
C GLU D 66 29.12 -31.06 -33.12
N ILE D 67 29.78 -31.87 -33.95
CA ILE D 67 29.83 -33.31 -33.71
C ILE D 67 30.69 -33.57 -32.49
N PRO D 68 30.32 -34.51 -31.61
CA PRO D 68 31.18 -34.80 -30.45
C PRO D 68 32.54 -35.30 -30.91
N GLU D 69 33.48 -35.33 -29.96
CA GLU D 69 34.86 -35.70 -30.24
C GLU D 69 35.34 -36.93 -29.50
N GLU D 70 34.73 -37.29 -28.37
CA GLU D 70 35.19 -38.44 -27.60
C GLU D 70 35.15 -39.70 -28.47
N GLU D 71 36.17 -40.53 -28.29
CA GLU D 71 36.30 -41.76 -29.08
C GLU D 71 35.62 -42.93 -28.37
N GLU D 72 36.12 -43.30 -27.20
CA GLU D 72 35.54 -44.43 -26.49
C GLU D 72 34.11 -44.09 -26.08
N ILE D 73 33.17 -44.94 -26.49
CA ILE D 73 31.76 -44.76 -26.17
C ILE D 73 31.15 -46.14 -25.96
N TYR D 74 30.11 -46.18 -25.13
CA TYR D 74 29.45 -47.45 -24.83
C TYR D 74 28.16 -47.15 -24.08
N ARG D 75 27.31 -48.17 -24.00
CA ARG D 75 26.04 -48.06 -23.30
C ARG D 75 25.73 -49.41 -22.68
N THR D 76 25.44 -49.40 -21.37
CA THR D 76 25.11 -50.59 -20.61
C THR D 76 23.63 -50.51 -20.24
N ILE D 77 22.81 -51.30 -20.91
CA ILE D 77 21.37 -51.29 -20.71
C ILE D 77 21.00 -52.51 -19.87
N LYS D 78 20.05 -52.33 -18.96
CA LYS D 78 19.54 -53.40 -18.11
C LYS D 78 18.12 -53.69 -18.56
N LEU D 79 17.96 -54.74 -19.37
CA LEU D 79 16.65 -55.09 -19.89
C LEU D 79 15.71 -55.49 -18.75
N PRO D 80 14.41 -55.31 -18.92
CA PRO D 80 13.47 -55.68 -17.85
C PRO D 80 13.27 -57.17 -17.70
N ALA D 81 13.51 -57.97 -18.73
CA ALA D 81 13.32 -59.41 -18.69
C ALA D 81 14.55 -60.08 -19.27
N THR D 82 14.57 -61.41 -19.21
CA THR D 82 15.68 -62.20 -19.71
C THR D 82 15.49 -62.46 -21.19
N VAL D 83 16.60 -62.51 -21.91
CA VAL D 83 16.61 -62.76 -23.36
C VAL D 83 17.56 -63.92 -23.64
N LYS D 84 17.40 -64.49 -24.83
CA LYS D 84 18.23 -65.62 -25.26
C LYS D 84 19.43 -65.06 -26.01
N GLU D 85 20.52 -64.81 -25.26
CA GLU D 85 21.72 -64.27 -25.87
C GLU D 85 22.26 -65.23 -26.93
N GLU D 86 22.13 -66.54 -26.69
CA GLU D 86 22.62 -67.52 -27.66
C GLU D 86 21.82 -67.45 -28.97
N ASN D 87 20.55 -67.04 -28.89
CA ASN D 87 19.71 -66.92 -30.07
C ASN D 87 19.46 -65.46 -30.40
N ALA D 88 20.53 -64.68 -30.46
CA ALA D 88 20.47 -63.25 -30.75
C ALA D 88 20.86 -62.97 -32.20
N SER D 89 20.65 -61.73 -32.61
CA SER D 89 20.98 -61.30 -33.96
C SER D 89 21.14 -59.79 -33.96
N ALA D 90 22.10 -59.30 -34.74
CA ALA D 90 22.38 -57.86 -34.82
C ALA D 90 22.50 -57.45 -36.28
N LYS D 91 22.21 -56.17 -36.53
CA LYS D 91 22.28 -55.63 -37.88
C LYS D 91 22.77 -54.20 -37.81
N PHE D 92 23.83 -53.89 -38.55
CA PHE D 92 24.46 -52.57 -38.57
C PHE D 92 24.39 -52.06 -40.00
N GLU D 93 23.36 -51.25 -40.29
CA GLU D 93 23.17 -50.66 -41.61
C GLU D 93 22.95 -49.17 -41.46
N ASN D 94 23.70 -48.38 -42.22
CA ASN D 94 23.58 -46.93 -42.20
C ASN D 94 23.80 -46.40 -40.79
N GLY D 95 24.79 -46.99 -40.09
CA GLY D 95 25.07 -46.56 -38.74
C GLY D 95 23.94 -46.83 -37.78
N VAL D 96 23.04 -47.75 -38.11
CA VAL D 96 21.90 -48.11 -37.27
C VAL D 96 22.08 -49.55 -36.84
N LEU D 97 22.27 -49.76 -35.54
CA LEU D 97 22.48 -51.09 -34.99
C LEU D 97 21.14 -51.66 -34.54
N SER D 98 20.54 -52.50 -35.38
CA SER D 98 19.26 -53.14 -35.09
C SER D 98 19.55 -54.54 -34.56
N VAL D 99 19.40 -54.71 -33.25
CA VAL D 99 19.68 -55.97 -32.57
C VAL D 99 18.37 -56.53 -32.03
N ILE D 100 18.01 -57.73 -32.46
CA ILE D 100 16.81 -58.42 -32.02
C ILE D 100 17.21 -59.43 -30.94
N LEU D 101 16.50 -59.41 -29.82
CA LEU D 101 16.77 -60.29 -28.68
C LEU D 101 15.52 -61.08 -28.33
N PRO D 102 15.35 -62.29 -28.86
CA PRO D 102 14.17 -63.08 -28.49
C PRO D 102 14.11 -63.30 -26.98
N LYS D 103 12.92 -63.08 -26.42
CA LYS D 103 12.73 -63.25 -24.98
C LYS D 103 12.94 -64.70 -24.59
N ALA D 104 13.62 -64.91 -23.46
CA ALA D 104 13.89 -66.24 -22.96
C ALA D 104 12.77 -66.73 -22.04
N ILE E 3 15.21 -10.11 -46.20
CA ILE E 3 14.58 -9.11 -47.06
C ILE E 3 14.32 -7.87 -46.22
N GLN E 4 14.09 -6.75 -46.90
CA GLN E 4 13.83 -5.49 -46.22
C GLN E 4 12.84 -4.68 -47.06
N ILE E 5 11.83 -4.14 -46.38
CA ILE E 5 10.80 -3.32 -47.02
C ILE E 5 10.98 -1.89 -46.53
N SER E 6 10.92 -0.93 -47.45
CA SER E 6 11.06 0.47 -47.11
C SER E 6 10.23 1.28 -48.10
N GLY E 7 9.58 2.33 -47.59
CA GLY E 7 8.75 3.17 -48.44
C GLY E 7 7.96 4.18 -47.62
N LYS E 8 6.66 4.29 -47.92
CA LYS E 8 5.81 5.23 -47.22
C LYS E 8 4.36 4.91 -47.54
N GLY E 9 3.50 5.03 -46.53
CA GLY E 9 2.09 4.77 -46.72
C GLY E 9 1.66 3.40 -46.26
N PHE E 10 0.61 2.88 -46.88
CA PHE E 10 0.05 1.57 -46.57
C PHE E 10 -0.01 0.80 -47.88
N MET E 11 0.76 -0.28 -47.98
CA MET E 11 0.82 -1.07 -49.21
C MET E 11 1.26 -2.49 -48.90
N PRO E 12 0.35 -3.35 -48.44
CA PRO E 12 0.73 -4.74 -48.17
C PRO E 12 1.23 -5.42 -49.43
N ILE E 13 2.26 -6.25 -49.27
CA ILE E 13 2.87 -6.99 -50.36
C ILE E 13 3.08 -8.43 -49.93
N SER E 14 2.90 -9.35 -50.88
CA SER E 14 3.08 -10.78 -50.65
C SER E 14 4.10 -11.30 -51.65
N ILE E 15 5.22 -11.80 -51.16
CA ILE E 15 6.29 -12.32 -52.01
C ILE E 15 6.15 -13.83 -52.05
N ILE E 16 5.81 -14.36 -53.23
CA ILE E 16 5.65 -15.79 -53.43
C ILE E 16 6.89 -16.28 -54.16
N GLU E 17 7.79 -16.91 -53.42
CA GLU E 17 9.02 -17.44 -53.99
C GLU E 17 8.76 -18.76 -54.70
N GLY E 18 9.56 -19.03 -55.73
CA GLY E 18 9.44 -20.26 -56.49
C GLY E 18 10.80 -20.81 -56.83
N ASP E 19 10.79 -21.93 -57.56
CA ASP E 19 12.02 -22.57 -57.97
C ASP E 19 12.65 -21.94 -59.20
N GLN E 20 11.84 -21.26 -60.01
CA GLN E 20 12.31 -20.61 -61.22
C GLN E 20 11.91 -19.14 -61.30
N HIS E 21 11.05 -18.66 -60.41
CA HIS E 21 10.62 -17.27 -60.42
C HIS E 21 10.21 -16.90 -59.00
N ILE E 22 9.98 -15.61 -58.80
CA ILE E 22 9.56 -15.07 -57.51
C ILE E 22 8.35 -14.19 -57.79
N LYS E 23 7.16 -14.79 -57.75
CA LYS E 23 5.94 -14.05 -58.01
C LYS E 23 5.58 -13.21 -56.78
N VAL E 24 5.27 -11.94 -57.00
CA VAL E 24 4.94 -11.00 -55.95
C VAL E 24 3.57 -10.41 -56.23
N ILE E 25 2.81 -10.16 -55.17
CA ILE E 25 1.47 -9.59 -55.26
C ILE E 25 1.42 -8.32 -54.42
N ALA E 26 0.71 -7.31 -54.92
CA ALA E 26 0.58 -6.04 -54.21
C ALA E 26 -0.68 -5.34 -54.68
N TRP E 27 -1.58 -5.03 -53.74
CA TRP E 27 -2.82 -4.34 -54.05
C TRP E 27 -2.56 -2.86 -54.22
N LEU E 28 -2.90 -2.33 -55.38
CA LEU E 28 -2.73 -0.91 -55.70
C LEU E 28 -4.05 -0.34 -56.20
N PRO E 29 -5.07 -0.30 -55.36
CA PRO E 29 -6.36 0.24 -55.79
C PRO E 29 -6.30 1.75 -56.00
N GLY E 30 -7.04 2.22 -56.99
CA GLY E 30 -7.09 3.63 -57.32
C GLY E 30 -5.96 4.12 -58.18
N VAL E 31 -4.86 3.39 -58.25
CA VAL E 31 -3.72 3.79 -59.06
C VAL E 31 -3.96 3.32 -60.49
N ASN E 32 -3.56 4.13 -61.46
CA ASN E 32 -3.75 3.75 -62.84
C ASN E 32 -2.65 2.77 -63.25
N LYS E 33 -2.90 2.05 -64.35
CA LYS E 33 -1.92 1.08 -64.82
C LYS E 33 -0.65 1.77 -65.29
N GLU E 34 -0.78 3.02 -65.72
CA GLU E 34 0.35 3.81 -66.21
C GLU E 34 1.04 4.60 -65.11
N ASP E 35 0.38 4.80 -63.97
CA ASP E 35 0.96 5.54 -62.86
C ASP E 35 1.70 4.63 -61.89
N ILE E 36 2.40 3.64 -62.44
CA ILE E 36 3.16 2.68 -61.67
C ILE E 36 4.51 2.50 -62.36
N ILE E 37 5.56 3.10 -61.81
CA ILE E 37 6.90 3.02 -62.38
C ILE E 37 7.60 1.84 -61.72
N LEU E 38 7.65 0.71 -62.43
CA LEU E 38 8.28 -0.50 -61.96
C LEU E 38 9.72 -0.57 -62.44
N ASN E 39 10.66 -0.71 -61.51
CA ASN E 39 12.07 -0.83 -61.84
C ASN E 39 12.68 -1.94 -60.99
N ALA E 40 13.67 -2.61 -61.55
CA ALA E 40 14.34 -3.71 -60.85
C ALA E 40 15.63 -4.03 -61.56
N VAL E 41 16.58 -4.58 -60.80
CA VAL E 41 17.88 -4.97 -61.33
C VAL E 41 18.58 -5.83 -60.29
N GLY E 42 19.28 -6.87 -60.74
CA GLY E 42 20.01 -7.72 -59.82
C GLY E 42 19.09 -8.42 -58.83
N ASP E 43 19.20 -8.02 -57.56
CA ASP E 43 18.42 -8.60 -56.47
C ASP E 43 17.79 -7.49 -55.64
N THR E 44 17.14 -6.53 -56.30
CA THR E 44 16.48 -5.43 -55.62
C THR E 44 15.32 -4.95 -56.47
N LEU E 45 14.25 -4.53 -55.79
CA LEU E 45 13.03 -4.09 -56.44
C LEU E 45 12.65 -2.70 -55.97
N GLU E 46 12.04 -1.93 -56.87
CA GLU E 46 11.59 -0.57 -56.59
C GLU E 46 10.26 -0.34 -57.29
N ILE E 47 9.21 -0.09 -56.51
CA ILE E 47 7.87 0.16 -57.02
C ILE E 47 7.49 1.57 -56.64
N ARG E 48 7.33 2.44 -57.64
CA ARG E 48 6.92 3.82 -57.41
C ARG E 48 5.55 4.02 -58.02
N ALA E 49 4.58 4.41 -57.19
CA ALA E 49 3.21 4.61 -57.61
C ALA E 49 2.65 5.88 -56.96
N LYS E 50 1.39 6.17 -57.27
CA LYS E 50 0.70 7.33 -56.73
C LYS E 50 -0.79 7.26 -57.07
N ARG E 51 -1.65 7.45 -56.08
CA ARG E 51 -3.09 7.42 -56.30
C ARG E 51 -3.60 8.85 -56.41
N SER E 52 -4.49 9.08 -57.37
CA SER E 52 -5.03 10.42 -57.56
C SER E 52 -5.81 10.85 -56.32
N PRO E 53 -5.84 12.15 -56.02
CA PRO E 53 -6.52 12.61 -54.82
C PRO E 53 -8.02 12.36 -54.90
N LEU E 54 -8.65 12.27 -53.74
CA LEU E 54 -10.10 12.10 -53.67
C LEU E 54 -10.79 13.45 -53.87
N MET E 55 -10.54 14.04 -55.04
CA MET E 55 -11.10 15.34 -55.37
C MET E 55 -12.62 15.26 -55.41
N ILE E 56 -13.27 16.32 -54.97
CA ILE E 56 -14.73 16.39 -54.97
C ILE E 56 -15.13 17.68 -55.66
N THR E 57 -16.32 17.67 -56.27
CA THR E 57 -16.84 18.88 -56.87
C THR E 57 -17.12 19.92 -55.77
N GLU E 58 -17.18 21.19 -56.18
CA GLU E 58 -17.43 22.25 -55.22
C GLU E 58 -18.75 22.03 -54.48
N SER E 59 -19.71 21.37 -55.12
CA SER E 59 -20.99 21.08 -54.48
C SER E 59 -20.90 19.86 -53.59
N GLU E 60 -19.94 18.97 -53.83
CA GLU E 60 -19.78 17.77 -53.04
C GLU E 60 -19.18 18.11 -51.68
N ARG E 61 -19.01 17.09 -50.86
CA ARG E 61 -18.46 17.26 -49.52
C ARG E 61 -18.13 15.88 -48.96
N ILE E 62 -17.06 15.83 -48.18
CA ILE E 62 -16.60 14.60 -47.55
C ILE E 62 -17.11 14.59 -46.13
N ILE E 63 -17.82 13.53 -45.77
CA ILE E 63 -18.38 13.39 -44.43
C ILE E 63 -17.75 12.25 -43.65
N TYR E 64 -17.19 11.25 -44.32
CA TYR E 64 -16.56 10.14 -43.61
C TYR E 64 -15.69 9.36 -44.58
N SER E 65 -14.40 9.27 -44.29
CA SER E 65 -13.48 8.58 -45.18
C SER E 65 -12.26 8.16 -44.39
N GLU E 66 -12.11 6.86 -44.17
CA GLU E 66 -10.93 6.33 -43.49
C GLU E 66 -9.79 6.04 -44.44
N ILE E 67 -10.00 6.23 -45.74
CA ILE E 67 -8.94 5.96 -46.73
C ILE E 67 -7.84 7.01 -46.57
N PRO E 68 -6.56 6.63 -46.67
CA PRO E 68 -5.50 7.64 -46.55
C PRO E 68 -5.63 8.70 -47.64
N GLU E 69 -4.79 9.74 -47.51
CA GLU E 69 -4.83 10.88 -48.41
C GLU E 69 -3.54 11.12 -49.17
N GLU E 70 -2.40 10.64 -48.68
CA GLU E 70 -1.13 10.86 -49.37
C GLU E 70 -1.20 10.31 -50.79
N GLU E 71 -0.57 11.02 -51.71
CA GLU E 71 -0.61 10.65 -53.14
C GLU E 71 0.59 9.78 -53.49
N GLU E 72 1.79 10.35 -53.42
CA GLU E 72 2.99 9.59 -53.78
C GLU E 72 3.20 8.47 -52.78
N ILE E 73 3.37 7.25 -53.30
CA ILE E 73 3.63 6.08 -52.46
C ILE E 73 4.55 5.17 -53.25
N TYR E 74 5.41 4.45 -52.52
CA TYR E 74 6.36 3.57 -53.18
C TYR E 74 6.91 2.60 -52.16
N ARG E 75 7.66 1.62 -52.66
CA ARG E 75 8.31 0.63 -51.81
C ARG E 75 9.66 0.30 -52.41
N THR E 76 10.47 -0.42 -51.64
CA THR E 76 11.80 -0.81 -52.08
C THR E 76 12.12 -2.15 -51.40
N ILE E 77 11.86 -3.23 -52.10
CA ILE E 77 12.07 -4.58 -51.59
C ILE E 77 13.43 -5.05 -52.06
N LYS E 78 14.26 -5.48 -51.12
CA LYS E 78 15.59 -6.01 -51.41
C LYS E 78 15.46 -7.51 -51.54
N LEU E 79 15.40 -7.99 -52.78
CA LEU E 79 15.24 -9.42 -53.01
C LEU E 79 16.44 -10.18 -52.46
N PRO E 80 16.25 -11.44 -52.07
CA PRO E 80 17.38 -12.22 -51.54
C PRO E 80 18.36 -12.61 -52.62
N ALA E 81 17.86 -13.25 -53.69
CA ALA E 81 18.67 -13.71 -54.79
C ALA E 81 18.52 -12.78 -55.99
N THR E 82 19.28 -13.07 -57.04
CA THR E 82 19.26 -12.29 -58.26
C THR E 82 18.15 -12.77 -59.19
N VAL E 83 17.56 -11.81 -59.90
CA VAL E 83 16.47 -12.07 -60.84
C VAL E 83 16.84 -11.45 -62.18
N LYS E 84 16.20 -11.94 -63.23
CA LYS E 84 16.43 -11.46 -64.59
C LYS E 84 15.47 -10.29 -64.84
N GLU E 85 15.92 -9.08 -64.50
CA GLU E 85 15.08 -7.91 -64.70
C GLU E 85 14.76 -7.72 -66.18
N GLU E 86 15.73 -8.03 -67.06
CA GLU E 86 15.50 -7.89 -68.49
C GLU E 86 14.38 -8.80 -68.96
N ASN E 87 14.20 -9.95 -68.30
CA ASN E 87 13.16 -10.90 -68.64
C ASN E 87 12.07 -10.90 -67.58
N ALA E 88 11.60 -9.71 -67.20
CA ALA E 88 10.58 -9.55 -66.18
C ALA E 88 9.30 -9.01 -66.80
N SER E 89 8.21 -9.16 -66.06
CA SER E 89 6.90 -8.68 -66.52
C SER E 89 6.03 -8.44 -65.30
N ALA E 90 4.84 -7.92 -65.54
CA ALA E 90 3.91 -7.62 -64.46
C ALA E 90 2.50 -7.56 -65.04
N LYS E 91 1.52 -7.60 -64.13
CA LYS E 91 0.11 -7.54 -64.51
C LYS E 91 -0.64 -6.73 -63.47
N PHE E 92 -1.44 -5.78 -63.93
CA PHE E 92 -2.21 -4.87 -63.08
C PHE E 92 -3.70 -5.02 -63.41
N GLU E 93 -4.39 -5.86 -62.63
CA GLU E 93 -5.82 -6.09 -62.82
C GLU E 93 -6.52 -5.92 -61.48
N ASN E 94 -7.62 -5.16 -61.49
CA ASN E 94 -8.41 -4.92 -60.28
C ASN E 94 -7.53 -4.31 -59.19
N GLY E 95 -6.64 -3.41 -59.60
CA GLY E 95 -5.76 -2.79 -58.63
C GLY E 95 -4.81 -3.77 -57.97
N VAL E 96 -4.54 -4.90 -58.63
CA VAL E 96 -3.65 -5.93 -58.11
C VAL E 96 -2.48 -6.05 -59.08
N LEU E 97 -1.31 -5.56 -58.66
CA LEU E 97 -0.10 -5.59 -59.48
C LEU E 97 0.58 -6.94 -59.27
N SER E 98 0.33 -7.88 -60.17
CA SER E 98 0.92 -9.21 -60.10
C SER E 98 2.21 -9.20 -60.93
N VAL E 99 3.34 -9.18 -60.24
CA VAL E 99 4.66 -9.13 -60.88
C VAL E 99 5.34 -10.49 -60.71
N ILE E 100 6.00 -10.94 -61.77
CA ILE E 100 6.75 -12.19 -61.79
C ILE E 100 8.19 -11.87 -62.18
N LEU E 101 9.15 -12.45 -61.46
CA LEU E 101 10.60 -12.19 -61.70
C LEU E 101 11.33 -13.54 -61.85
N PRO E 102 11.58 -14.04 -63.09
CA PRO E 102 12.20 -15.34 -63.25
C PRO E 102 13.59 -15.22 -62.65
N LYS E 103 14.09 -16.26 -61.99
CA LYS E 103 15.40 -16.21 -61.28
C LYS E 103 16.53 -16.05 -62.30
N ALA E 104 17.60 -15.31 -61.92
CA ALA E 104 18.79 -15.09 -62.76
C ALA E 104 19.26 -16.40 -63.39
N GLU E 105 20.03 -16.33 -64.47
CA GLU E 105 20.60 -17.56 -65.08
C GLU E 105 21.34 -18.33 -63.98
N SER E 106 22.18 -17.65 -63.19
CA SER E 106 22.96 -18.28 -62.10
C SER E 106 22.06 -18.60 -60.90
N SER E 107 21.11 -17.71 -60.58
CA SER E 107 20.23 -17.87 -59.39
C SER E 107 19.47 -19.21 -59.42
N ILE E 108 18.93 -19.61 -60.57
CA ILE E 108 18.23 -20.93 -60.66
C ILE E 108 19.07 -21.90 -59.79
N LYS E 109 18.43 -22.64 -58.89
CA LYS E 109 19.22 -23.46 -57.93
C LYS E 109 20.03 -24.50 -58.72
N LYS E 110 21.28 -24.73 -58.32
CA LYS E 110 22.16 -25.74 -58.96
C LYS E 110 22.46 -26.80 -57.89
N GLY E 111 22.31 -28.09 -58.21
CA GLY E 111 22.45 -29.16 -57.21
C GLY E 111 23.58 -30.12 -57.49
N ILE E 112 24.47 -30.32 -56.53
CA ILE E 112 25.55 -31.34 -56.67
C ILE E 112 24.92 -32.74 -56.58
N ASN E 113 25.40 -33.71 -57.37
CA ASN E 113 24.90 -35.12 -57.34
C ASN E 113 25.73 -35.88 -56.29
N ILE E 114 25.14 -36.82 -55.54
CA ILE E 114 25.94 -37.47 -54.45
C ILE E 114 26.93 -38.45 -55.09
N GLU E 115 28.17 -38.52 -54.58
CA GLU E 115 29.22 -39.41 -55.13
C GLU E 115 30.32 -38.54 -55.78
N ILE F 3 50.99 -18.89 8.43
CA ILE F 3 51.60 -19.83 7.49
C ILE F 3 50.82 -19.78 6.18
N GLN F 4 51.42 -20.36 5.15
CA GLN F 4 50.81 -20.41 3.82
C GLN F 4 51.17 -21.74 3.18
N ILE F 5 50.17 -22.51 2.82
CA ILE F 5 50.36 -23.82 2.21
C ILE F 5 50.12 -23.65 0.70
N SER F 6 51.18 -23.83 -0.08
CA SER F 6 51.13 -23.72 -1.52
C SER F 6 51.64 -25.01 -2.15
N GLY F 7 51.08 -25.33 -3.31
CA GLY F 7 51.46 -26.54 -4.01
C GLY F 7 50.45 -26.93 -5.07
N LYS F 8 50.23 -28.23 -5.24
CA LYS F 8 49.26 -28.70 -6.21
C LYS F 8 48.92 -30.15 -5.90
N GLY F 9 47.65 -30.49 -6.04
CA GLY F 9 47.18 -31.83 -5.79
C GLY F 9 46.53 -31.97 -4.43
N PHE F 10 46.37 -33.22 -4.02
CA PHE F 10 45.78 -33.58 -2.74
C PHE F 10 46.89 -34.13 -1.86
N MET F 11 47.16 -33.45 -0.75
CA MET F 11 48.23 -33.85 0.15
C MET F 11 48.02 -33.27 1.53
N PRO F 12 47.14 -33.86 2.34
CA PRO F 12 46.93 -33.34 3.70
C PRO F 12 48.22 -33.36 4.51
N ILE F 13 48.42 -32.31 5.30
CA ILE F 13 49.59 -32.15 6.15
C ILE F 13 49.16 -31.68 7.53
N SER F 14 49.85 -32.17 8.55
CA SER F 14 49.60 -31.78 9.93
C SER F 14 50.91 -31.30 10.52
N ILE F 15 50.93 -30.06 11.00
CA ILE F 15 52.12 -29.45 11.57
C ILE F 15 51.97 -29.47 13.09
N ILE F 16 52.83 -30.23 13.74
CA ILE F 16 52.83 -30.34 15.19
C ILE F 16 54.02 -29.55 15.70
N GLU F 17 53.76 -28.34 16.19
CA GLU F 17 54.82 -27.49 16.70
C GLU F 17 55.24 -27.94 18.10
N GLY F 18 56.52 -27.72 18.40
CA GLY F 18 57.07 -28.09 19.69
C GLY F 18 58.02 -27.01 20.16
N ASP F 19 58.54 -27.21 21.38
CA ASP F 19 59.46 -26.24 21.95
C ASP F 19 60.87 -26.41 21.41
N GLN F 20 61.21 -27.61 20.95
CA GLN F 20 62.53 -27.90 20.42
C GLN F 20 62.51 -28.35 18.96
N HIS F 21 61.36 -28.70 18.41
CA HIS F 21 61.28 -29.13 17.02
C HIS F 21 59.87 -28.88 16.52
N ILE F 22 59.66 -29.16 15.24
CA ILE F 22 58.36 -28.98 14.59
C ILE F 22 58.01 -30.28 13.88
N LYS F 23 57.41 -31.21 14.62
CA LYS F 23 57.01 -32.48 14.03
C LYS F 23 55.88 -32.26 13.03
N VAL F 24 56.04 -32.83 11.84
CA VAL F 24 55.06 -32.69 10.76
C VAL F 24 54.64 -34.08 10.30
N ILE F 25 53.37 -34.23 9.98
CA ILE F 25 52.79 -35.48 9.49
C ILE F 25 52.13 -35.21 8.15
N ALA F 26 52.23 -36.18 7.23
CA ALA F 26 51.65 -36.04 5.91
C ALA F 26 51.36 -37.41 5.32
N TRP F 27 50.17 -37.57 4.77
CA TRP F 27 49.75 -38.82 4.14
C TRP F 27 50.14 -38.80 2.67
N LEU F 28 50.92 -39.80 2.26
CA LEU F 28 51.40 -39.95 0.89
C LEU F 28 51.10 -41.36 0.40
N PRO F 29 49.82 -41.71 0.26
CA PRO F 29 49.48 -43.07 -0.20
C PRO F 29 49.87 -43.29 -1.65
N GLY F 30 50.31 -44.50 -1.95
CA GLY F 30 50.68 -44.86 -3.30
C GLY F 30 51.94 -44.20 -3.82
N VAL F 31 52.64 -43.45 -2.98
CA VAL F 31 53.85 -42.74 -3.38
C VAL F 31 55.06 -43.59 -2.98
N ASN F 32 55.91 -43.91 -3.94
CA ASN F 32 57.09 -44.69 -3.65
C ASN F 32 58.04 -43.91 -2.74
N LYS F 33 58.94 -44.65 -2.09
CA LYS F 33 59.89 -44.01 -1.20
C LYS F 33 60.91 -43.17 -1.97
N GLU F 34 61.22 -43.59 -3.21
CA GLU F 34 62.18 -42.88 -4.03
C GLU F 34 61.58 -41.70 -4.76
N ASP F 35 60.25 -41.64 -4.88
CA ASP F 35 59.57 -40.55 -5.57
C ASP F 35 59.23 -39.43 -4.61
N ILE F 36 60.10 -39.15 -3.65
CA ILE F 36 59.89 -38.10 -2.66
C ILE F 36 61.20 -37.34 -2.51
N ILE F 37 61.19 -36.06 -2.84
CA ILE F 37 62.35 -35.19 -2.73
C ILE F 37 62.08 -34.20 -1.61
N LEU F 38 62.64 -34.49 -0.43
CA LEU F 38 62.45 -33.65 0.74
C LEU F 38 63.59 -32.62 0.83
N ASN F 39 63.24 -31.34 0.74
CA ASN F 39 64.21 -30.27 0.81
C ASN F 39 63.69 -29.17 1.72
N ALA F 40 64.63 -28.48 2.37
CA ALA F 40 64.29 -27.39 3.28
C ALA F 40 65.56 -26.63 3.62
N VAL F 41 65.38 -25.37 3.99
CA VAL F 41 66.49 -24.50 4.37
C VAL F 41 65.90 -23.26 5.02
N GLY F 42 66.52 -22.80 6.10
CA GLY F 42 66.03 -21.62 6.78
C GLY F 42 64.69 -21.85 7.44
N ASP F 43 63.64 -21.22 6.91
CA ASP F 43 62.29 -21.33 7.45
C ASP F 43 61.31 -21.66 6.32
N THR F 44 61.59 -22.73 5.59
CA THR F 44 60.72 -23.16 4.51
C THR F 44 60.94 -24.63 4.21
N LEU F 45 59.86 -25.29 3.82
CA LEU F 45 59.87 -26.72 3.54
C LEU F 45 59.28 -26.98 2.16
N GLU F 46 59.85 -27.97 1.46
CA GLU F 46 59.39 -28.35 0.13
C GLU F 46 59.32 -29.87 0.09
N ILE F 47 58.14 -30.39 -0.21
CA ILE F 47 57.89 -31.83 -0.28
C ILE F 47 57.42 -32.17 -1.68
N ARG F 48 58.20 -32.99 -2.37
CA ARG F 48 57.88 -33.44 -3.72
C ARG F 48 57.33 -34.86 -3.67
N ALA F 49 56.38 -35.15 -4.55
CA ALA F 49 55.79 -36.48 -4.57
C ALA F 49 55.16 -36.76 -5.92
N LYS F 50 55.13 -38.03 -6.28
CA LYS F 50 54.54 -38.48 -7.53
C LYS F 50 54.35 -39.99 -7.53
N ARG F 51 53.14 -40.45 -7.86
CA ARG F 51 52.81 -41.87 -7.88
C ARG F 51 52.57 -42.31 -9.32
N SER F 52 52.97 -43.55 -9.61
CA SER F 52 52.80 -44.06 -10.97
C SER F 52 51.32 -44.11 -11.32
N PRO F 53 50.99 -44.01 -12.61
CA PRO F 53 49.57 -44.05 -13.02
C PRO F 53 48.97 -45.42 -12.81
N LEU F 54 47.69 -45.43 -12.46
CA LEU F 54 46.97 -46.67 -12.24
C LEU F 54 46.87 -47.47 -13.54
N MET F 55 47.88 -48.27 -13.82
CA MET F 55 47.88 -49.07 -15.04
C MET F 55 46.74 -50.08 -15.01
N ILE F 56 46.13 -50.30 -16.18
CA ILE F 56 45.03 -51.23 -16.33
C ILE F 56 45.16 -51.94 -17.67
N THR F 57 44.82 -53.23 -17.68
CA THR F 57 44.88 -54.00 -18.91
C THR F 57 43.77 -53.55 -19.87
N GLU F 58 43.98 -53.81 -21.15
CA GLU F 58 43.00 -53.42 -22.16
C GLU F 58 41.65 -54.04 -21.89
N SER F 59 41.62 -55.21 -21.26
CA SER F 59 40.35 -55.86 -20.93
C SER F 59 39.69 -55.24 -19.70
N GLU F 60 40.45 -54.51 -18.89
CA GLU F 60 39.92 -53.88 -17.70
C GLU F 60 39.20 -52.59 -18.08
N ARG F 61 38.64 -51.93 -17.05
CA ARG F 61 37.92 -50.69 -17.25
C ARG F 61 37.66 -50.06 -15.89
N ILE F 62 37.73 -48.73 -15.83
CA ILE F 62 37.52 -47.98 -14.60
C ILE F 62 36.09 -47.47 -14.67
N ILE F 63 35.19 -48.15 -13.95
CA ILE F 63 33.79 -47.75 -13.93
C ILE F 63 33.49 -46.73 -12.84
N TYR F 64 34.28 -46.69 -11.77
CA TYR F 64 34.02 -45.73 -10.70
C TYR F 64 35.28 -45.58 -9.86
N SER F 65 35.78 -44.35 -9.76
CA SER F 65 36.98 -44.09 -8.97
C SER F 65 37.01 -42.64 -8.54
N GLU F 66 37.00 -42.41 -7.23
CA GLU F 66 37.07 -41.07 -6.68
C GLU F 66 38.50 -40.65 -6.35
N ILE F 67 39.47 -41.52 -6.55
CA ILE F 67 40.86 -41.19 -6.24
C ILE F 67 41.37 -40.20 -7.28
N PRO F 68 42.13 -39.16 -6.90
CA PRO F 68 42.64 -38.24 -7.91
C PRO F 68 43.56 -38.96 -8.88
N GLU F 69 43.86 -38.29 -9.99
CA GLU F 69 44.67 -38.87 -11.06
C GLU F 69 45.97 -38.14 -11.32
N GLU F 70 46.07 -36.86 -11.00
CA GLU F 70 47.31 -36.12 -11.24
C GLU F 70 48.46 -36.78 -10.50
N GLU F 71 49.61 -36.84 -11.16
CA GLU F 71 50.78 -37.47 -10.56
C GLU F 71 51.69 -36.45 -9.87
N GLU F 72 52.19 -35.48 -10.62
CA GLU F 72 53.08 -34.50 -10.02
C GLU F 72 52.31 -33.70 -8.99
N ILE F 73 52.72 -33.83 -7.72
CA ILE F 73 52.08 -33.14 -6.62
C ILE F 73 53.16 -32.81 -5.60
N TYR F 74 52.99 -31.66 -4.94
CA TYR F 74 53.96 -31.22 -3.95
C TYR F 74 53.34 -30.07 -3.17
N ARG F 75 54.07 -29.64 -2.14
CA ARG F 75 53.65 -28.55 -1.29
C ARG F 75 54.86 -27.71 -0.96
N THR F 76 54.61 -26.48 -0.50
CA THR F 76 55.67 -25.54 -0.13
C THR F 76 55.18 -24.76 1.09
N ILE F 77 55.58 -25.22 2.27
CA ILE F 77 55.17 -24.60 3.53
C ILE F 77 56.25 -23.62 3.95
N LYS F 78 55.82 -22.48 4.47
CA LYS F 78 56.72 -21.43 4.95
C LYS F 78 56.60 -21.38 6.46
N LEU F 79 57.51 -22.07 7.14
CA LEU F 79 57.46 -22.12 8.58
C LEU F 79 57.68 -20.72 9.16
N PRO F 80 57.11 -20.42 10.33
CA PRO F 80 57.29 -19.09 10.90
C PRO F 80 58.65 -18.87 11.54
N ALA F 81 59.43 -19.92 11.77
CA ALA F 81 60.74 -19.80 12.40
C ALA F 81 61.74 -20.66 11.66
N THR F 82 62.99 -20.61 12.11
CA THR F 82 64.06 -21.39 11.51
C THR F 82 64.24 -22.71 12.25
N VAL F 83 64.61 -23.74 11.49
CA VAL F 83 64.82 -25.08 12.01
C VAL F 83 66.22 -25.53 11.61
N LYS F 84 66.73 -26.53 12.33
CA LYS F 84 68.06 -27.07 12.08
C LYS F 84 67.91 -28.27 11.15
N GLU F 85 67.89 -27.99 9.85
CA GLU F 85 67.73 -29.05 8.86
C GLU F 85 68.89 -30.04 8.91
N GLU F 86 70.10 -29.56 9.21
CA GLU F 86 71.24 -30.45 9.27
C GLU F 86 71.05 -31.53 10.32
N ASN F 87 70.29 -31.22 11.38
CA ASN F 87 70.01 -32.18 12.44
C ASN F 87 68.56 -32.64 12.40
N ALA F 88 67.93 -32.56 11.24
CA ALA F 88 66.53 -32.95 11.08
C ALA F 88 66.45 -34.41 10.67
N SER F 89 65.25 -34.96 10.74
CA SER F 89 65.02 -36.35 10.37
C SER F 89 63.61 -36.48 9.82
N ALA F 90 63.33 -37.67 9.27
CA ALA F 90 62.03 -37.94 8.69
C ALA F 90 61.82 -39.45 8.65
N LYS F 91 60.56 -39.85 8.57
CA LYS F 91 60.18 -41.24 8.52
C LYS F 91 59.01 -41.40 7.56
N PHE F 92 59.01 -42.50 6.81
CA PHE F 92 57.98 -42.79 5.81
C PHE F 92 57.52 -44.23 6.01
N GLU F 93 56.43 -44.40 6.74
CA GLU F 93 55.84 -45.71 7.01
C GLU F 93 54.35 -45.65 6.70
N ASN F 94 53.88 -46.62 5.93
CA ASN F 94 52.46 -46.70 5.57
C ASN F 94 52.02 -45.43 4.86
N GLY F 95 52.90 -44.90 4.01
CA GLY F 95 52.59 -43.68 3.30
C GLY F 95 52.39 -42.49 4.19
N VAL F 96 52.98 -42.52 5.39
CA VAL F 96 52.86 -41.43 6.37
C VAL F 96 54.26 -40.87 6.57
N LEU F 97 54.49 -39.64 6.10
CA LEU F 97 55.77 -38.98 6.23
C LEU F 97 55.81 -38.23 7.55
N SER F 98 56.58 -38.75 8.52
CA SER F 98 56.71 -38.15 9.83
C SER F 98 58.07 -37.45 9.88
N VAL F 99 58.05 -36.14 9.68
CA VAL F 99 59.26 -35.31 9.66
C VAL F 99 59.47 -34.64 11.00
N ILE F 100 60.74 -34.58 11.41
CA ILE F 100 61.17 -33.93 12.65
C ILE F 100 62.04 -32.76 12.24
N LEU F 101 61.69 -31.56 12.71
CA LEU F 101 62.39 -30.32 12.35
C LEU F 101 62.86 -29.62 13.62
N PRO F 102 64.06 -29.92 14.11
CA PRO F 102 64.57 -29.23 15.30
C PRO F 102 64.61 -27.73 15.10
N LYS F 103 64.10 -27.00 16.09
CA LYS F 103 64.08 -25.55 16.02
C LYS F 103 65.47 -24.97 16.25
N ALA F 104 65.70 -23.80 15.66
CA ALA F 104 66.98 -23.14 15.81
C ALA F 104 67.08 -22.50 17.20
N GLU F 105 68.31 -22.43 17.71
CA GLU F 105 68.52 -21.86 19.04
C GLU F 105 68.00 -20.43 19.12
N SER F 106 68.09 -19.68 18.03
CA SER F 106 67.63 -18.29 18.01
C SER F 106 66.11 -18.17 17.91
N SER F 107 65.42 -19.28 17.66
CA SER F 107 63.96 -19.27 17.52
C SER F 107 63.24 -19.81 18.74
N ILE F 108 63.93 -20.54 19.62
CA ILE F 108 63.28 -21.10 20.78
C ILE F 108 62.78 -19.98 21.68
N LYS F 109 61.62 -20.20 22.30
CA LYS F 109 61.03 -19.21 23.19
C LYS F 109 61.94 -18.96 24.38
N LYS F 110 62.11 -17.69 24.73
CA LYS F 110 62.96 -17.28 25.84
C LYS F 110 62.08 -16.84 27.00
N GLY F 111 62.39 -17.35 28.19
CA GLY F 111 61.62 -17.00 29.37
C GLY F 111 62.07 -15.68 29.97
N ILE F 112 61.11 -14.86 30.33
CA ILE F 112 61.37 -13.52 30.83
C ILE F 112 61.48 -13.58 32.34
N ASN F 113 62.32 -12.71 32.90
CA ASN F 113 62.49 -12.66 34.34
C ASN F 113 61.22 -12.19 35.04
N ILE F 114 60.36 -11.46 34.34
CA ILE F 114 59.07 -10.98 34.84
C ILE F 114 59.16 -10.45 36.27
N GLU F 115 60.18 -9.62 36.53
CA GLU F 115 60.44 -8.99 37.84
C GLU F 115 59.40 -9.26 38.93
N ILE G 3 -2.64 -2.87 46.15
CA ILE G 3 -2.51 -4.32 46.28
C ILE G 3 -2.20 -4.91 44.92
N GLN G 4 -1.56 -6.07 44.93
CA GLN G 4 -1.17 -6.75 43.71
C GLN G 4 -1.26 -8.26 43.91
N ILE G 5 -1.81 -8.95 42.92
CA ILE G 5 -1.96 -10.39 42.95
C ILE G 5 -1.00 -10.98 41.92
N SER G 6 -0.48 -12.16 42.23
CA SER G 6 0.45 -12.84 41.33
C SER G 6 0.44 -14.32 41.65
N GLY G 7 0.47 -15.15 40.60
CA GLY G 7 0.45 -16.58 40.77
C GLY G 7 0.31 -17.32 39.46
N LYS G 8 -0.46 -18.41 39.46
CA LYS G 8 -0.65 -19.20 38.26
C LYS G 8 -1.83 -20.13 38.47
N GLY G 9 -2.66 -20.27 37.44
CA GLY G 9 -3.82 -21.13 37.49
C GLY G 9 -5.10 -20.36 37.75
N PHE G 10 -6.16 -21.14 38.01
CA PHE G 10 -7.49 -20.61 38.29
C PHE G 10 -7.73 -20.69 39.78
N MET G 11 -7.99 -19.54 40.40
CA MET G 11 -8.19 -19.50 41.84
C MET G 11 -8.84 -18.19 42.24
N PRO G 12 -10.15 -18.04 42.07
CA PRO G 12 -10.81 -16.80 42.47
C PRO G 12 -10.62 -16.52 43.95
N ILE G 13 -10.46 -15.24 44.28
CA ILE G 13 -10.26 -14.80 45.66
C ILE G 13 -11.11 -13.57 45.93
N SER G 14 -11.60 -13.47 47.16
CA SER G 14 -12.43 -12.35 47.61
C SER G 14 -11.82 -11.81 48.88
N ILE G 15 -11.58 -10.49 48.91
CA ILE G 15 -10.96 -9.82 50.04
C ILE G 15 -12.06 -9.05 50.76
N ILE G 16 -12.51 -9.57 51.90
CA ILE G 16 -13.54 -8.93 52.71
C ILE G 16 -12.83 -8.33 53.92
N GLU G 17 -12.54 -7.04 53.85
CA GLU G 17 -11.87 -6.37 54.94
C GLU G 17 -12.84 -6.10 56.09
N GLY G 18 -12.29 -6.05 57.30
CA GLY G 18 -13.10 -5.78 58.48
C GLY G 18 -12.35 -4.88 59.44
N ASP G 19 -13.10 -4.31 60.38
CA ASP G 19 -12.51 -3.40 61.36
C ASP G 19 -11.59 -4.11 62.34
N GLN G 20 -11.66 -5.43 62.42
CA GLN G 20 -10.84 -6.20 63.34
C GLN G 20 -10.10 -7.35 62.67
N HIS G 21 -10.34 -7.59 61.39
CA HIS G 21 -9.67 -8.67 60.68
C HIS G 21 -9.94 -8.48 59.20
N ILE G 22 -9.31 -9.33 58.39
CA ILE G 22 -9.45 -9.30 56.94
C ILE G 22 -9.87 -10.70 56.53
N LYS G 23 -11.17 -10.90 56.37
CA LYS G 23 -11.70 -12.20 55.98
C LYS G 23 -11.47 -12.39 54.48
N VAL G 24 -10.64 -13.37 54.13
CA VAL G 24 -10.32 -13.66 52.73
C VAL G 24 -10.93 -15.00 52.36
N ILE G 25 -11.53 -15.04 51.17
CA ILE G 25 -12.16 -16.24 50.64
C ILE G 25 -11.45 -16.63 49.35
N ALA G 26 -11.31 -17.93 49.13
CA ALA G 26 -10.65 -18.44 47.94
C ALA G 26 -11.14 -19.85 47.66
N TRP G 27 -11.58 -20.08 46.42
CA TRP G 27 -12.07 -21.40 46.02
C TRP G 27 -10.91 -22.30 45.61
N LEU G 28 -10.82 -23.47 46.27
CA LEU G 28 -9.80 -24.46 45.99
C LEU G 28 -10.45 -25.83 45.83
N PRO G 29 -11.28 -26.01 44.81
CA PRO G 29 -11.96 -27.30 44.64
C PRO G 29 -11.01 -28.40 44.22
N GLY G 30 -11.32 -29.62 44.65
CA GLY G 30 -10.51 -30.76 44.30
C GLY G 30 -9.18 -30.83 45.01
N VAL G 31 -8.88 -29.89 45.90
CA VAL G 31 -7.62 -29.86 46.63
C VAL G 31 -7.84 -30.51 47.99
N ASN G 32 -6.94 -31.40 48.37
CA ASN G 32 -7.05 -32.07 49.66
C ASN G 32 -6.65 -31.11 50.77
N LYS G 33 -6.92 -31.55 52.01
CA LYS G 33 -6.61 -30.74 53.18
C LYS G 33 -5.11 -30.64 53.39
N GLU G 34 -4.37 -31.69 53.02
CA GLU G 34 -2.93 -31.72 53.20
C GLU G 34 -2.17 -31.06 52.07
N ASP G 35 -2.81 -30.84 50.91
CA ASP G 35 -2.15 -30.22 49.77
C ASP G 35 -2.30 -28.72 49.76
N ILE G 36 -2.23 -28.08 50.93
CA ILE G 36 -2.35 -26.63 51.05
C ILE G 36 -1.29 -26.17 52.03
N ILE G 37 -0.45 -25.22 51.61
CA ILE G 37 0.59 -24.66 52.45
C ILE G 37 0.30 -23.17 52.57
N LEU G 38 -0.21 -22.76 53.73
CA LEU G 38 -0.56 -21.37 53.99
C LEU G 38 0.53 -20.67 54.77
N ASN G 39 0.95 -19.50 54.28
CA ASN G 39 1.97 -18.70 54.93
C ASN G 39 1.53 -17.25 54.90
N ALA G 40 1.49 -16.62 56.07
CA ALA G 40 1.10 -15.23 56.18
C ALA G 40 1.90 -14.56 57.29
N VAL G 41 2.11 -13.26 57.14
CA VAL G 41 2.89 -12.49 58.10
C VAL G 41 2.83 -11.02 57.71
N GLY G 42 2.80 -10.14 58.71
CA GLY G 42 2.77 -8.71 58.45
C GLY G 42 1.61 -8.30 57.57
N ASP G 43 1.92 -7.84 56.37
CA ASP G 43 0.92 -7.40 55.41
C ASP G 43 1.15 -8.05 54.06
N THR G 44 1.40 -9.36 54.06
CA THR G 44 1.62 -10.10 52.83
C THR G 44 1.14 -11.53 53.01
N LEU G 45 0.64 -12.11 51.92
CA LEU G 45 0.12 -13.47 51.94
C LEU G 45 0.71 -14.27 50.79
N GLU G 46 0.86 -15.58 51.02
CA GLU G 46 1.39 -16.48 50.01
C GLU G 46 0.75 -17.85 50.25
N ILE G 47 -0.10 -18.27 49.34
CA ILE G 47 -0.79 -19.55 49.42
C ILE G 47 -0.22 -20.50 48.38
N ARG G 48 -0.09 -21.77 48.76
CA ARG G 48 0.40 -22.81 47.85
C ARG G 48 -0.55 -24.00 47.96
N ALA G 49 -0.98 -24.50 46.80
CA ALA G 49 -1.92 -25.60 46.74
C ALA G 49 -1.62 -26.46 45.52
N LYS G 50 -2.14 -27.68 45.52
CA LYS G 50 -1.93 -28.60 44.41
C LYS G 50 -2.94 -29.74 44.48
N ARG G 51 -3.56 -30.04 43.34
CA ARG G 51 -4.54 -31.13 43.23
C ARG G 51 -4.03 -32.16 42.25
N SER G 52 -4.27 -33.44 42.56
CA SER G 52 -3.80 -34.51 41.70
C SER G 52 -4.44 -34.40 40.31
N PRO G 53 -3.77 -34.93 39.29
CA PRO G 53 -4.33 -34.86 37.93
C PRO G 53 -5.55 -35.75 37.78
N LEU G 54 -6.42 -35.37 36.85
CA LEU G 54 -7.64 -36.13 36.60
C LEU G 54 -7.33 -37.50 36.01
N MET G 55 -7.06 -38.47 36.88
CA MET G 55 -6.77 -39.82 36.44
C MET G 55 -7.99 -40.43 35.76
N ILE G 56 -7.74 -41.29 34.77
CA ILE G 56 -8.80 -41.95 34.02
C ILE G 56 -8.36 -43.36 33.71
N THR G 57 -9.30 -44.30 33.81
CA THR G 57 -9.00 -45.69 33.52
C THR G 57 -8.73 -45.88 32.03
N GLU G 58 -8.02 -46.95 31.70
CA GLU G 58 -7.68 -47.23 30.31
C GLU G 58 -8.95 -47.32 29.46
N SER G 59 -10.03 -47.87 30.02
CA SER G 59 -11.28 -47.96 29.28
C SER G 59 -12.03 -46.64 29.26
N GLU G 60 -11.79 -45.78 30.23
CA GLU G 60 -12.43 -44.48 30.29
C GLU G 60 -11.61 -43.48 29.48
N ARG G 61 -12.30 -42.66 28.68
CA ARG G 61 -11.66 -41.66 27.85
C ARG G 61 -12.40 -40.35 27.97
N ILE G 62 -11.66 -39.26 27.91
CA ILE G 62 -12.21 -37.92 28.02
C ILE G 62 -12.67 -37.48 26.64
N ILE G 63 -13.76 -36.71 26.59
CA ILE G 63 -14.30 -36.22 25.34
C ILE G 63 -14.55 -34.72 25.34
N TYR G 64 -14.71 -34.09 26.50
CA TYR G 64 -14.94 -32.65 26.54
C TYR G 64 -14.71 -32.19 27.97
N SER G 65 -13.67 -31.37 28.18
CA SER G 65 -13.32 -30.90 29.51
C SER G 65 -12.65 -29.55 29.39
N GLU G 66 -13.28 -28.52 29.94
CA GLU G 66 -12.71 -27.18 29.95
C GLU G 66 -12.00 -26.87 31.26
N ILE G 67 -11.90 -27.83 32.17
CA ILE G 67 -11.24 -27.62 33.45
C ILE G 67 -9.73 -27.65 33.22
N PRO G 68 -8.96 -26.76 33.84
CA PRO G 68 -7.50 -26.81 33.65
C PRO G 68 -6.92 -28.11 34.17
N GLU G 69 -5.64 -28.31 33.87
CA GLU G 69 -4.92 -29.52 34.26
C GLU G 69 -3.71 -29.27 35.14
N GLU G 70 -3.11 -28.09 35.07
CA GLU G 70 -1.92 -27.82 35.87
C GLU G 70 -2.24 -27.99 37.35
N GLU G 71 -1.26 -28.56 38.07
CA GLU G 71 -1.40 -28.85 39.49
C GLU G 71 -0.82 -27.76 40.38
N GLU G 72 0.47 -27.47 40.24
CA GLU G 72 1.09 -26.45 41.08
C GLU G 72 0.44 -25.11 40.83
N ILE G 73 -0.18 -24.57 41.87
CA ILE G 73 -0.85 -23.27 41.81
C ILE G 73 -0.62 -22.57 43.12
N TYR G 74 -0.43 -21.25 43.05
CA TYR G 74 -0.17 -20.46 44.24
C TYR G 74 -0.54 -19.01 43.94
N ARG G 75 -0.53 -18.20 45.00
CA ARG G 75 -0.83 -16.79 44.89
C ARG G 75 0.07 -16.02 45.83
N THR G 76 0.08 -14.69 45.67
CA THR G 76 0.90 -13.82 46.51
C THR G 76 0.16 -12.49 46.64
N ILE G 77 -0.65 -12.40 47.67
CA ILE G 77 -1.45 -11.21 47.94
C ILE G 77 -0.70 -10.30 48.89
N LYS G 78 -0.69 -9.01 48.57
CA LYS G 78 -0.04 -8.00 49.41
C LYS G 78 -1.14 -7.28 50.16
N LEU G 79 -1.27 -7.59 51.45
CA LEU G 79 -2.32 -6.99 52.25
C LEU G 79 -2.10 -5.48 52.37
N PRO G 80 -3.18 -4.70 52.53
CA PRO G 80 -3.00 -3.25 52.66
C PRO G 80 -2.45 -2.80 54.00
N ALA G 81 -2.71 -3.56 55.06
CA ALA G 81 -2.24 -3.22 56.40
C ALA G 81 -1.67 -4.46 57.06
N THR G 82 -1.19 -4.30 58.30
CA THR G 82 -0.61 -5.39 59.05
C THR G 82 -1.69 -6.16 59.78
N VAL G 83 -1.48 -7.47 59.90
CA VAL G 83 -2.40 -8.36 60.58
C VAL G 83 -1.62 -9.20 61.58
N LYS G 84 -2.35 -9.69 62.59
CA LYS G 84 -1.77 -10.54 63.61
C LYS G 84 -1.85 -11.97 63.11
N GLU G 85 -0.85 -12.37 62.32
CA GLU G 85 -0.84 -13.72 61.78
C GLU G 85 -0.78 -14.77 62.87
N GLU G 86 -0.09 -14.46 63.98
CA GLU G 86 0.03 -15.42 65.06
C GLU G 86 -1.34 -15.78 65.64
N ASN G 87 -2.29 -14.84 65.60
CA ASN G 87 -3.63 -15.08 66.09
C ASN G 87 -4.64 -15.23 64.96
N ALA G 88 -4.18 -15.72 63.81
CA ALA G 88 -5.04 -15.89 62.65
C ALA G 88 -5.65 -17.28 62.64
N SER G 89 -6.62 -17.47 61.75
CA SER G 89 -7.27 -18.77 61.59
C SER G 89 -7.73 -18.91 60.15
N ALA G 90 -8.15 -20.13 59.81
CA ALA G 90 -8.61 -20.41 58.46
C ALA G 90 -9.47 -21.65 58.49
N LYS G 91 -10.32 -21.79 57.47
CA LYS G 91 -11.19 -22.94 57.35
C LYS G 91 -11.30 -23.34 55.89
N PHE G 92 -11.31 -24.64 55.65
CA PHE G 92 -11.34 -25.23 54.32
C PHE G 92 -12.46 -26.27 54.26
N GLU G 93 -13.63 -25.86 53.77
CA GLU G 93 -14.78 -26.73 53.63
C GLU G 93 -15.35 -26.60 52.24
N ASN G 94 -15.65 -27.74 51.60
CA ASN G 94 -16.19 -27.75 50.25
C ASN G 94 -15.25 -27.04 49.28
N GLY G 95 -13.95 -27.22 49.49
CA GLY G 95 -12.96 -26.59 48.64
C GLY G 95 -13.01 -25.08 48.68
N VAL G 96 -13.36 -24.50 49.83
CA VAL G 96 -13.44 -23.06 49.99
C VAL G 96 -12.61 -22.67 51.19
N LEU G 97 -11.48 -22.01 50.96
CA LEU G 97 -10.59 -21.58 52.03
C LEU G 97 -11.03 -20.22 52.54
N SER G 98 -11.39 -20.14 53.81
CA SER G 98 -11.83 -18.90 54.46
C SER G 98 -10.83 -18.54 55.55
N VAL G 99 -9.89 -17.67 55.22
CA VAL G 99 -8.85 -17.25 56.15
C VAL G 99 -9.25 -15.98 56.89
N ILE G 100 -8.97 -15.96 58.19
CA ILE G 100 -9.24 -14.83 59.06
C ILE G 100 -7.90 -14.26 59.51
N LEU G 101 -7.68 -12.97 59.24
CA LEU G 101 -6.43 -12.29 59.57
C LEU G 101 -6.71 -11.09 60.48
N PRO G 102 -6.69 -11.27 61.80
CA PRO G 102 -6.91 -10.13 62.70
C PRO G 102 -5.91 -9.01 62.45
N LYS G 103 -6.39 -7.78 62.53
CA LYS G 103 -5.58 -6.61 62.29
C LYS G 103 -4.67 -6.33 63.48
N ALA G 104 -3.52 -5.72 63.19
CA ALA G 104 -2.57 -5.38 64.24
C ALA G 104 -3.14 -4.26 65.11
N GLU G 105 -2.40 -3.89 66.15
CA GLU G 105 -2.85 -2.82 67.04
C GLU G 105 -2.73 -1.45 66.38
N SER G 106 -1.80 -1.31 65.44
CA SER G 106 -1.60 -0.05 64.74
C SER G 106 -2.39 0.03 63.44
N SER G 107 -2.89 -1.10 62.96
CA SER G 107 -3.64 -1.13 61.71
C SER G 107 -5.11 -0.78 61.91
N ILE G 108 -5.66 -1.07 63.09
CA ILE G 108 -7.07 -0.76 63.34
C ILE G 108 -7.28 0.74 63.31
N LYS G 109 -8.38 1.14 62.66
CA LYS G 109 -8.72 2.55 62.52
C LYS G 109 -9.23 3.11 63.85
N LYS G 110 -8.86 4.35 64.13
CA LYS G 110 -9.26 5.01 65.37
C LYS G 110 -10.59 5.74 65.19
N GLY G 111 -11.35 5.80 66.27
CA GLY G 111 -12.66 6.42 66.28
C GLY G 111 -12.59 7.92 66.51
N ILE G 112 -12.99 8.70 65.51
CA ILE G 112 -12.98 10.15 65.59
C ILE G 112 -14.35 10.63 66.05
N ASN G 113 -14.35 11.72 66.80
CA ASN G 113 -15.59 12.30 67.30
C ASN G 113 -16.15 13.26 66.26
N ILE G 114 -17.44 13.15 66.00
CA ILE G 114 -18.13 14.01 65.05
C ILE G 114 -18.83 15.12 65.81
N GLU G 115 -18.89 16.29 65.20
CA GLU G 115 -19.56 17.44 65.81
C GLU G 115 -20.33 18.21 64.75
N ILE H 3 17.36 -9.97 39.98
CA ILE H 3 18.33 -8.96 40.36
C ILE H 3 18.28 -7.85 39.32
N GLN H 4 18.91 -6.73 39.64
CA GLN H 4 18.92 -5.58 38.74
C GLN H 4 20.26 -4.88 38.88
N ILE H 5 21.02 -4.82 37.79
CA ILE H 5 22.32 -4.18 37.75
C ILE H 5 22.15 -2.80 37.12
N SER H 6 22.88 -1.81 37.67
CA SER H 6 22.80 -0.45 37.16
C SER H 6 24.10 0.27 37.53
N GLY H 7 24.63 1.03 36.58
CA GLY H 7 25.85 1.78 36.83
C GLY H 7 26.45 2.36 35.57
N LYS H 8 27.78 2.32 35.47
CA LYS H 8 28.46 2.85 34.30
C LYS H 8 29.87 2.26 34.25
N GLY H 9 30.39 2.14 33.04
CA GLY H 9 31.72 1.60 32.84
C GLY H 9 31.73 0.10 32.67
N PHE H 10 32.94 -0.45 32.75
CA PHE H 10 33.18 -1.88 32.60
C PHE H 10 33.46 -2.45 33.99
N MET H 11 32.64 -3.41 34.42
CA MET H 11 32.79 -4.00 35.74
C MET H 11 32.00 -5.29 35.85
N PRO H 12 32.51 -6.41 35.31
CA PRO H 12 31.79 -7.67 35.44
C PRO H 12 31.61 -8.07 36.90
N ILE H 13 30.42 -8.59 37.22
CA ILE H 13 30.09 -9.01 38.57
C ILE H 13 29.34 -10.34 38.49
N SER H 14 29.61 -11.21 39.47
CA SER H 14 28.96 -12.51 39.57
C SER H 14 28.28 -12.62 40.93
N ILE H 15 27.06 -13.15 40.93
CA ILE H 15 26.26 -13.30 42.14
C ILE H 15 26.04 -14.80 42.35
N ILE H 16 26.70 -15.35 43.36
CA ILE H 16 26.58 -16.77 43.70
C ILE H 16 25.67 -16.83 44.92
N GLU H 17 24.38 -16.95 44.68
CA GLU H 17 23.41 -17.04 45.78
C GLU H 17 23.62 -18.33 46.57
N GLY H 18 23.34 -18.24 47.87
CA GLY H 18 23.49 -19.37 48.76
C GLY H 18 22.34 -19.44 49.75
N ASP H 19 22.35 -20.51 50.54
CA ASP H 19 21.32 -20.72 51.54
C ASP H 19 21.54 -19.87 52.80
N GLN H 20 22.74 -19.33 52.97
CA GLN H 20 23.07 -18.51 54.13
C GLN H 20 23.87 -17.27 53.79
N HIS H 21 24.35 -17.11 52.57
CA HIS H 21 25.14 -15.95 52.19
C HIS H 21 25.06 -15.77 50.69
N ILE H 22 25.55 -14.62 50.23
CA ILE H 22 25.57 -14.27 48.81
C ILE H 22 27.00 -13.88 48.50
N LYS H 23 27.79 -14.86 48.04
CA LYS H 23 29.18 -14.62 47.70
C LYS H 23 29.25 -13.91 46.35
N VAL H 24 29.55 -12.61 46.38
CA VAL H 24 29.62 -11.80 45.17
C VAL H 24 31.07 -11.71 44.74
N ILE H 25 31.30 -11.83 43.43
CA ILE H 25 32.63 -11.74 42.85
C ILE H 25 32.64 -10.60 41.84
N ALA H 26 33.78 -9.90 41.75
CA ALA H 26 33.89 -8.78 40.83
C ALA H 26 35.36 -8.52 40.53
N TRP H 27 35.67 -8.29 39.27
CA TRP H 27 37.02 -7.98 38.83
C TRP H 27 37.21 -6.47 38.83
N LEU H 28 38.19 -6.00 39.58
CA LEU H 28 38.50 -4.57 39.69
C LEU H 28 39.98 -4.33 39.44
N PRO H 29 40.46 -4.62 38.24
CA PRO H 29 41.88 -4.42 37.94
C PRO H 29 42.22 -2.94 37.84
N GLY H 30 43.44 -2.62 38.23
CA GLY H 30 43.94 -1.25 38.18
C GLY H 30 43.45 -0.35 39.28
N VAL H 31 42.49 -0.79 40.09
CA VAL H 31 41.96 0.00 41.18
C VAL H 31 42.72 -0.36 42.46
N ASN H 32 43.12 0.66 43.22
CA ASN H 32 43.83 0.38 44.46
C ASN H 32 42.86 -0.19 45.49
N LYS H 33 43.42 -0.83 46.51
CA LYS H 33 42.58 -1.41 47.54
C LYS H 33 41.85 -0.34 48.32
N GLU H 34 42.42 0.86 48.39
CA GLU H 34 41.80 1.96 49.11
C GLU H 34 40.76 2.70 48.27
N ASP H 35 40.86 2.60 46.95
CA ASP H 35 39.89 3.27 46.07
C ASP H 35 38.69 2.39 45.79
N ILE H 36 38.16 1.77 46.84
CA ILE H 36 36.98 0.92 46.76
C ILE H 36 36.12 1.23 47.97
N ILE H 37 35.10 2.09 47.77
CA ILE H 37 34.22 2.47 48.88
C ILE H 37 33.06 1.48 48.86
N LEU H 38 33.22 0.39 49.60
CA LEU H 38 32.19 -0.63 49.69
C LEU H 38 31.10 -0.21 50.66
N ASN H 39 29.85 -0.27 50.21
CA ASN H 39 28.70 0.06 51.02
C ASN H 39 27.61 -0.96 50.74
N ALA H 40 26.92 -1.39 51.81
CA ALA H 40 25.87 -2.38 51.69
C ALA H 40 24.88 -2.19 52.82
N VAL H 41 23.60 -2.43 52.53
CA VAL H 41 22.54 -2.28 53.52
C VAL H 41 21.24 -2.84 52.96
N GLY H 42 20.47 -3.50 53.81
CA GLY H 42 19.19 -4.06 53.35
C GLY H 42 19.44 -5.17 52.35
N ASP H 43 18.82 -5.03 51.18
CA ASP H 43 18.92 -6.00 50.09
C ASP H 43 19.44 -5.31 48.83
N THR H 44 20.42 -4.43 49.00
CA THR H 44 21.02 -3.72 47.88
C THR H 44 22.50 -3.52 48.19
N LEU H 45 23.32 -3.65 47.16
CA LEU H 45 24.77 -3.52 47.27
C LEU H 45 25.24 -2.33 46.45
N GLU H 46 26.07 -1.49 47.07
CA GLU H 46 26.62 -0.31 46.43
C GLU H 46 28.13 -0.47 46.34
N ILE H 47 28.65 -0.43 45.11
CA ILE H 47 30.08 -0.57 44.85
C ILE H 47 30.53 0.65 44.06
N ARG H 48 31.56 1.33 44.56
CA ARG H 48 32.11 2.50 43.88
C ARG H 48 33.62 2.33 43.84
N ALA H 49 34.17 2.31 42.63
CA ALA H 49 35.60 2.15 42.43
C ALA H 49 36.08 3.10 41.35
N LYS H 50 37.40 3.17 41.22
CA LYS H 50 38.04 4.02 40.22
C LYS H 50 39.51 3.65 40.05
N ARG H 51 39.97 3.54 38.81
CA ARG H 51 41.34 3.20 38.51
C ARG H 51 42.04 4.44 37.96
N SER H 52 43.31 4.61 38.33
CA SER H 52 44.06 5.76 37.88
C SER H 52 44.19 5.75 36.36
N PRO H 53 44.34 6.93 35.75
CA PRO H 53 44.47 6.98 34.29
C PRO H 53 45.80 6.41 33.83
N LEU H 54 45.81 5.87 32.61
CA LEU H 54 47.02 5.29 32.06
C LEU H 54 48.07 6.38 31.83
N MET H 55 48.84 6.68 32.87
CA MET H 55 49.87 7.70 32.78
C MET H 55 50.92 7.28 31.76
N ILE H 56 51.38 8.24 30.97
CA ILE H 56 52.40 8.00 29.94
C ILE H 56 53.33 9.20 29.90
N THR H 57 54.62 8.94 29.74
CA THR H 57 55.59 10.01 29.65
C THR H 57 55.45 10.71 28.30
N GLU H 58 55.92 11.96 28.26
CA GLU H 58 55.84 12.72 27.02
C GLU H 58 56.53 12.01 25.88
N SER H 59 57.58 11.25 26.18
CA SER H 59 58.29 10.48 25.17
C SER H 59 57.51 9.24 24.76
N GLU H 60 56.56 8.80 25.59
CA GLU H 60 55.78 7.60 25.28
C GLU H 60 54.62 7.95 24.35
N ARG H 61 53.90 6.92 23.92
CA ARG H 61 52.76 7.09 23.03
C ARG H 61 52.02 5.77 22.89
N ILE H 62 50.70 5.85 22.93
CA ILE H 62 49.83 4.68 22.79
C ILE H 62 49.63 4.43 21.31
N ILE H 63 49.54 3.16 20.93
CA ILE H 63 49.35 2.79 19.54
C ILE H 63 48.18 1.83 19.38
N TYR H 64 47.86 1.08 20.43
CA TYR H 64 46.74 0.15 20.34
C TYR H 64 46.35 -0.26 21.75
N SER H 65 45.18 0.20 22.19
CA SER H 65 44.70 -0.10 23.54
C SER H 65 43.19 -0.24 23.49
N GLU H 66 42.71 -1.46 23.75
CA GLU H 66 41.28 -1.71 23.83
C GLU H 66 40.73 -1.57 25.25
N ILE H 67 41.60 -1.28 26.21
CA ILE H 67 41.15 -1.12 27.59
C ILE H 67 40.39 0.20 27.72
N PRO H 68 39.28 0.25 28.46
CA PRO H 68 38.56 1.52 28.60
C PRO H 68 39.43 2.55 29.29
N GLU H 69 38.93 3.80 29.29
CA GLU H 69 39.64 4.93 29.86
C GLU H 69 38.91 5.62 31.00
N GLU H 70 37.58 5.52 31.06
CA GLU H 70 36.83 6.19 32.11
C GLU H 70 37.31 5.73 33.48
N GLU H 71 37.37 6.67 34.43
CA GLU H 71 37.83 6.39 35.77
C GLU H 71 36.68 6.04 36.72
N GLU H 72 35.76 6.98 36.92
CA GLU H 72 34.64 6.74 37.82
C GLU H 72 33.78 5.60 37.31
N ILE H 73 33.65 4.56 38.12
CA ILE H 73 32.84 3.40 37.79
C ILE H 73 32.19 2.91 39.08
N TYR H 74 30.96 2.42 38.98
CA TYR H 74 30.23 1.95 40.13
C TYR H 74 29.04 1.13 39.65
N ARG H 75 28.41 0.43 40.58
CA ARG H 75 27.23 -0.37 40.29
C ARG H 75 26.27 -0.26 41.45
N THR H 76 25.02 -0.66 41.19
CA THR H 76 23.96 -0.64 42.21
C THR H 76 23.09 -1.87 41.99
N ILE H 77 23.40 -2.92 42.74
CA ILE H 77 22.71 -4.20 42.65
C ILE H 77 21.62 -4.25 43.70
N LYS H 78 20.46 -4.78 43.31
CA LYS H 78 19.31 -4.95 44.19
C LYS H 78 19.22 -6.43 44.52
N LEU H 79 19.80 -6.82 45.65
CA LEU H 79 19.82 -8.22 46.04
C LEU H 79 18.40 -8.75 46.25
N PRO H 80 18.18 -10.06 46.05
CA PRO H 80 16.84 -10.61 46.25
C PRO H 80 16.46 -10.70 47.71
N ALA H 81 17.37 -11.23 48.53
CA ALA H 81 17.16 -11.40 49.96
C ALA H 81 17.93 -10.34 50.74
N THR H 82 17.65 -10.29 52.04
CA THR H 82 18.31 -9.34 52.92
C THR H 82 19.62 -9.94 53.43
N VAL H 83 20.62 -9.08 53.58
CA VAL H 83 21.94 -9.48 54.06
C VAL H 83 22.28 -8.65 55.28
N LYS H 84 23.26 -9.12 56.03
CA LYS H 84 23.72 -8.46 57.25
C LYS H 84 24.97 -7.65 56.89
N GLU H 85 24.75 -6.39 56.48
CA GLU H 85 25.89 -5.56 56.10
C GLU H 85 26.82 -5.36 57.29
N GLU H 86 26.26 -5.28 58.50
CA GLU H 86 27.09 -5.12 59.68
C GLU H 86 28.00 -6.32 59.86
N ASN H 87 27.57 -7.49 59.39
CA ASN H 87 28.34 -8.72 59.48
C ASN H 87 28.86 -9.15 58.11
N ALA H 88 29.18 -8.17 57.26
CA ALA H 88 29.68 -8.43 55.93
C ALA H 88 31.20 -8.38 55.90
N SER H 89 31.76 -8.77 54.76
CA SER H 89 33.20 -8.77 54.57
C SER H 89 33.48 -8.74 53.08
N ALA H 90 34.76 -8.60 52.74
CA ALA H 90 35.18 -8.54 51.34
C ALA H 90 36.64 -8.95 51.26
N LYS H 91 37.03 -9.39 50.07
CA LYS H 91 38.40 -9.81 49.82
C LYS H 91 38.81 -9.34 48.44
N PHE H 92 39.92 -8.60 48.38
CA PHE H 92 40.44 -8.02 47.14
C PHE H 92 41.81 -8.62 46.86
N GLU H 93 41.84 -9.66 46.03
CA GLU H 93 43.07 -10.34 45.64
C GLU H 93 43.13 -10.45 44.13
N ASN H 94 44.26 -10.05 43.53
CA ASN H 94 44.45 -10.10 42.09
C ASN H 94 43.36 -9.31 41.38
N GLY H 95 43.00 -8.17 41.96
CA GLY H 95 41.97 -7.34 41.36
C GLY H 95 40.61 -7.99 41.36
N VAL H 96 40.38 -8.97 42.23
CA VAL H 96 39.11 -9.67 42.33
C VAL H 96 38.52 -9.39 43.70
N LEU H 97 37.39 -8.71 43.72
CA LEU H 97 36.71 -8.35 44.97
C LEU H 97 35.69 -9.44 45.30
N SER H 98 36.00 -10.25 46.31
CA SER H 98 35.12 -11.33 46.75
C SER H 98 34.39 -10.88 48.01
N VAL H 99 33.14 -10.46 47.84
CA VAL H 99 32.31 -9.96 48.93
C VAL H 99 31.46 -11.11 49.49
N ILE H 100 31.41 -11.19 50.81
CA ILE H 100 30.62 -12.19 51.53
C ILE H 100 29.51 -11.45 52.27
N LEU H 101 28.26 -11.74 51.88
CA LEU H 101 27.08 -11.09 52.45
C LEU H 101 26.16 -12.16 53.05
N PRO H 102 26.34 -12.50 54.36
CA PRO H 102 25.53 -13.53 55.00
C PRO H 102 24.08 -13.11 55.05
N LYS H 103 23.22 -13.74 54.26
CA LYS H 103 21.79 -13.37 54.18
C LYS H 103 21.17 -13.39 55.59
N ALA H 104 20.50 -12.31 56.00
CA ALA H 104 19.81 -12.24 57.30
C ALA H 104 18.53 -13.08 57.22
N GLU H 105 18.53 -14.27 57.83
CA GLU H 105 17.36 -15.19 57.76
C GLU H 105 16.55 -15.09 59.06
N SER H 106 16.88 -14.15 59.93
CA SER H 106 16.16 -13.97 61.22
C SER H 106 14.66 -13.78 60.94
N SER H 107 14.30 -12.92 59.99
CA SER H 107 12.89 -12.69 59.60
C SER H 107 12.41 -13.86 58.73
N ILE H 108 11.18 -14.34 58.95
CA ILE H 108 10.64 -15.51 58.19
C ILE H 108 9.11 -15.44 58.18
N LYS H 109 8.48 -16.00 57.14
CA LYS H 109 7.00 -16.06 57.05
C LYS H 109 6.46 -17.01 58.12
N LYS H 110 5.44 -16.61 58.89
CA LYS H 110 4.83 -17.54 59.86
C LYS H 110 4.14 -18.60 59.00
N GLY H 111 4.16 -19.87 59.41
CA GLY H 111 3.39 -20.87 58.65
C GLY H 111 2.05 -20.99 59.34
N ILE H 112 0.99 -20.55 58.66
CA ILE H 112 -0.36 -20.57 59.25
C ILE H 112 -0.80 -22.04 59.37
N ASN H 113 -1.49 -22.40 60.45
CA ASN H 113 -2.03 -23.78 60.58
C ASN H 113 -3.11 -23.92 59.51
N ILE H 114 -3.16 -25.04 58.78
CA ILE H 114 -4.26 -25.28 57.80
C ILE H 114 -5.50 -25.68 58.60
N GLU H 115 -6.21 -24.72 59.19
CA GLU H 115 -7.44 -24.96 59.95
C GLU H 115 -7.17 -25.76 61.22
N ILE I 3 13.17 9.33 42.79
CA ILE I 3 12.70 10.70 42.96
C ILE I 3 11.41 10.88 42.17
N GLN I 4 10.68 11.94 42.52
CA GLN I 4 9.41 12.24 41.87
C GLN I 4 9.23 13.74 41.82
N ILE I 5 8.81 14.23 40.66
CA ILE I 5 8.56 15.65 40.44
C ILE I 5 7.07 15.85 40.25
N SER I 6 6.56 16.97 40.78
CA SER I 6 5.14 17.27 40.65
C SER I 6 4.93 18.77 40.84
N GLY I 7 3.99 19.32 40.08
CA GLY I 7 3.68 20.74 40.18
C GLY I 7 2.78 21.19 39.05
N LYS I 8 2.94 22.46 38.68
CA LYS I 8 2.14 23.04 37.61
C LYS I 8 2.84 24.31 37.14
N GLY I 9 2.95 24.46 35.82
CA GLY I 9 3.60 25.61 35.25
C GLY I 9 5.02 25.31 34.81
N PHE I 10 5.58 26.23 34.02
CA PHE I 10 6.92 26.09 33.51
C PHE I 10 7.92 26.41 34.61
N MET I 11 8.77 25.44 34.94
CA MET I 11 9.74 25.64 36.01
C MET I 11 10.86 24.61 35.90
N PRO I 12 11.81 24.78 34.98
CA PRO I 12 12.92 23.83 34.88
C PRO I 12 13.72 23.78 36.17
N ILE I 13 14.13 22.57 36.55
CA ILE I 13 14.90 22.35 37.76
C ILE I 13 16.04 21.39 37.48
N SER I 14 17.18 21.63 38.13
CA SER I 14 18.36 20.78 38.02
C SER I 14 18.80 20.41 39.42
N ILE I 15 18.99 19.10 39.66
CA ILE I 15 19.38 18.58 40.96
C ILE I 15 20.85 18.17 40.88
N ILE I 16 21.69 18.82 41.67
CA ILE I 16 23.11 18.51 41.70
C ILE I 16 23.43 17.84 43.03
N GLU I 17 23.34 16.51 43.07
CA GLU I 17 23.63 15.78 44.28
C GLU I 17 25.10 15.92 44.66
N GLY I 18 25.35 15.88 45.97
CA GLY I 18 26.70 15.97 46.48
C GLY I 18 26.92 14.94 47.56
N ASP I 19 28.16 14.87 48.04
CA ASP I 19 28.50 13.93 49.10
C ASP I 19 28.05 14.40 50.48
N GLN I 20 27.90 15.72 50.66
CA GLN I 20 27.45 16.28 51.92
C GLN I 20 26.37 17.33 51.72
N HIS I 21 25.73 17.35 50.56
CA HIS I 21 24.68 18.31 50.27
C HIS I 21 24.09 17.95 48.92
N ILE I 22 22.97 18.60 48.60
CA ILE I 22 22.28 18.36 47.34
C ILE I 22 21.98 19.71 46.72
N LYS I 23 22.95 20.26 46.00
CA LYS I 23 22.76 21.55 45.35
C LYS I 23 21.68 21.43 44.28
N VAL I 24 20.67 22.29 44.36
CA VAL I 24 19.55 22.28 43.42
C VAL I 24 19.48 23.65 42.75
N ILE I 25 19.30 23.63 41.43
CA ILE I 25 19.19 24.84 40.62
C ILE I 25 17.79 24.90 40.02
N ALA I 26 17.24 26.10 39.90
CA ALA I 26 15.90 26.26 39.34
C ALA I 26 15.75 27.67 38.79
N TRP I 27 15.23 27.75 37.56
CA TRP I 27 14.99 29.03 36.90
C TRP I 27 13.58 29.51 37.22
N LEU I 28 13.49 30.73 37.75
CA LEU I 28 12.23 31.36 38.12
C LEU I 28 12.19 32.75 37.51
N PRO I 29 12.13 32.84 36.18
CA PRO I 29 12.15 34.16 35.54
C PRO I 29 10.89 34.94 35.81
N GLY I 30 11.03 36.26 35.87
CA GLY I 30 9.92 37.13 36.12
C GLY I 30 9.38 37.07 37.52
N VAL I 31 10.00 36.31 38.41
CA VAL I 31 9.54 36.15 39.78
C VAL I 31 10.39 37.01 40.70
N ASN I 32 9.74 37.80 41.54
CA ASN I 32 10.45 38.62 42.50
C ASN I 32 11.11 37.73 43.54
N LYS I 33 12.11 38.29 44.21
CA LYS I 33 12.81 37.53 45.24
C LYS I 33 11.91 37.21 46.42
N GLU I 34 10.89 38.04 46.64
CA GLU I 34 9.99 37.88 47.76
C GLU I 34 8.81 36.94 47.47
N ASP I 35 8.53 36.66 46.21
CA ASP I 35 7.43 35.79 45.82
C ASP I 35 7.86 34.34 45.71
N ILE I 36 8.73 33.89 46.61
CA ILE I 36 9.25 32.54 46.60
C ILE I 36 9.22 32.01 48.02
N ILE I 37 8.37 31.03 48.29
CA ILE I 37 8.24 30.43 49.61
C ILE I 37 8.95 29.09 49.58
N LEU I 38 10.12 29.02 50.21
CA LEU I 38 10.92 27.81 50.26
C LEU I 38 10.64 27.05 51.55
N ASN I 39 10.25 25.79 51.41
CA ASN I 39 9.97 24.91 52.54
C ASN I 39 10.59 23.55 52.28
N ALA I 40 11.19 22.97 53.32
CA ALA I 40 11.83 21.67 53.18
C ALA I 40 11.92 21.02 54.54
N VAL I 41 11.90 19.69 54.54
CA VAL I 41 12.00 18.93 55.79
C VAL I 41 12.25 17.46 55.43
N GLY I 42 13.13 16.82 56.18
CA GLY I 42 13.43 15.42 55.93
C GLY I 42 14.07 15.23 54.56
N ASP I 43 13.37 14.52 53.68
CA ASP I 43 13.83 14.21 52.34
C ASP I 43 12.79 14.63 51.31
N THR I 44 12.30 15.86 51.41
CA THR I 44 11.31 16.36 50.47
C THR I 44 11.42 17.87 50.38
N LEU I 45 11.11 18.40 49.20
CA LEU I 45 11.20 19.82 48.92
C LEU I 45 9.94 20.34 48.25
N GLU I 46 9.59 21.58 48.56
CA GLU I 46 8.43 22.23 47.97
C GLU I 46 8.71 23.71 47.82
N ILE I 47 8.55 24.23 46.61
CA ILE I 47 8.80 25.63 46.30
C ILE I 47 7.58 26.20 45.58
N ARG I 48 7.06 27.32 46.08
CA ARG I 48 5.92 27.99 45.50
C ARG I 48 6.32 29.38 45.04
N ALA I 49 5.97 29.71 43.80
CA ALA I 49 6.30 30.99 43.21
C ALA I 49 5.12 31.51 42.42
N LYS I 50 5.14 32.80 42.15
CA LYS I 50 4.08 33.46 41.40
C LYS I 50 4.60 34.76 40.84
N ARG I 51 4.27 35.03 39.57
CA ARG I 51 4.69 36.26 38.89
C ARG I 51 3.50 37.14 38.55
N SER I 52 3.68 38.44 38.75
CA SER I 52 2.64 39.38 38.38
C SER I 52 2.48 39.38 36.86
N PRO I 53 1.25 39.54 36.35
CA PRO I 53 1.06 39.47 34.91
C PRO I 53 1.79 40.59 34.20
N LEU I 54 2.11 40.35 32.93
CA LEU I 54 2.80 41.33 32.08
C LEU I 54 1.82 42.38 31.57
N MET I 55 1.35 43.21 32.50
CA MET I 55 0.38 44.24 32.14
C MET I 55 0.99 45.20 31.12
N ILE I 56 0.13 45.77 30.29
CA ILE I 56 0.56 46.70 29.25
C ILE I 56 -0.18 48.02 29.40
N THR I 57 0.47 49.11 28.99
CA THR I 57 -0.15 50.43 29.03
C THR I 57 -1.38 50.41 28.11
N GLU I 58 -2.25 51.42 28.28
CA GLU I 58 -3.41 51.53 27.41
C GLU I 58 -3.00 51.67 25.95
N SER I 59 -1.88 52.34 25.69
CA SER I 59 -1.39 52.47 24.32
C SER I 59 -0.74 51.20 23.82
N GLU I 60 -0.15 50.41 24.71
CA GLU I 60 0.51 49.18 24.33
C GLU I 60 -0.50 48.09 24.03
N ARG I 61 -0.21 47.29 23.01
CA ARG I 61 -1.06 46.19 22.60
C ARG I 61 -0.19 44.99 22.30
N ILE I 62 -0.63 43.82 22.77
CA ILE I 62 0.11 42.58 22.55
C ILE I 62 -0.27 42.04 21.18
N ILE I 63 0.74 41.61 20.43
CA ILE I 63 0.52 41.02 19.11
C ILE I 63 1.03 39.58 19.09
N TYR I 64 2.09 39.32 19.87
CA TYR I 64 2.67 37.99 19.90
C TYR I 64 3.43 37.80 21.20
N SER I 65 3.28 36.60 21.79
CA SER I 65 3.94 36.30 23.04
C SER I 65 3.88 34.81 23.35
N GLU I 66 5.05 34.18 23.48
CA GLU I 66 5.15 32.77 23.80
C GLU I 66 5.20 32.51 25.30
N ILE I 67 5.36 33.55 26.10
CA ILE I 67 5.46 33.37 27.56
C ILE I 67 4.11 32.88 28.09
N PRO I 68 4.09 31.90 28.99
CA PRO I 68 2.80 31.46 29.54
C PRO I 68 2.13 32.58 30.33
N GLU I 69 0.93 32.32 30.84
CA GLU I 69 0.15 33.32 31.56
C GLU I 69 -0.15 32.94 33.00
N GLU I 70 -0.25 31.66 33.31
CA GLU I 70 -0.59 31.25 34.66
C GLU I 70 0.41 31.81 35.66
N GLU I 71 -0.10 32.21 36.82
CA GLU I 71 0.69 32.81 37.89
C GLU I 71 1.06 31.79 38.96
N GLU I 72 0.06 31.12 39.53
CA GLU I 72 0.32 30.14 40.58
C GLU I 72 1.18 29.02 40.02
N ILE I 73 2.41 28.91 40.51
CA ILE I 73 3.33 27.88 40.06
C ILE I 73 4.17 27.38 41.23
N TYR I 74 4.50 26.09 41.18
CA TYR I 74 5.27 25.46 42.24
C TYR I 74 5.73 24.09 41.75
N ARG I 75 6.63 23.49 42.54
CA ARG I 75 7.12 22.15 42.28
C ARG I 75 7.33 21.45 43.59
N THR I 76 7.17 20.12 43.57
CA THR I 76 7.31 19.29 44.76
C THR I 76 8.21 18.11 44.43
N ILE I 77 9.46 18.18 44.85
CA ILE I 77 10.45 17.14 44.62
C ILE I 77 10.60 16.32 45.89
N LYS I 78 10.72 15.01 45.72
CA LYS I 78 10.88 14.08 46.83
C LYS I 78 12.32 13.59 46.80
N LEU I 79 13.15 14.19 47.64
CA LEU I 79 14.56 13.84 47.67
C LEU I 79 14.72 12.38 48.10
N PRO I 80 15.79 11.71 47.67
CA PRO I 80 15.99 10.32 48.09
C PRO I 80 16.44 10.22 49.54
N ALA I 81 17.45 11.00 49.92
CA ALA I 81 17.99 10.98 51.27
C ALA I 81 17.52 12.22 52.05
N THR I 82 17.88 12.24 53.33
CA THR I 82 17.54 13.33 54.22
C THR I 82 18.63 14.41 54.17
N VAL I 83 18.19 15.66 54.33
CA VAL I 83 19.08 16.81 54.33
C VAL I 83 18.85 17.63 55.59
N LYS I 84 19.86 18.42 55.94
CA LYS I 84 19.82 19.27 57.12
C LYS I 84 19.27 20.62 56.69
N GLU I 85 17.94 20.73 56.71
CA GLU I 85 17.28 21.96 56.31
C GLU I 85 17.67 23.11 57.22
N GLU I 86 17.88 22.84 58.51
CA GLU I 86 18.23 23.91 59.44
C GLU I 86 19.54 24.57 59.03
N ASN I 87 20.43 23.81 58.38
CA ASN I 87 21.71 24.33 57.92
C ASN I 87 21.73 24.51 56.40
N ALA I 88 20.57 24.74 55.81
CA ALA I 88 20.48 24.90 54.36
C ALA I 88 20.58 26.38 53.99
N SER I 89 20.66 26.64 52.69
CA SER I 89 20.74 28.02 52.20
C SER I 89 20.13 28.06 50.81
N ALA I 90 20.11 29.25 50.23
CA ALA I 90 19.55 29.44 48.90
C ALA I 90 20.09 30.72 48.31
N LYS I 91 20.13 30.77 46.98
CA LYS I 91 20.62 31.95 46.27
C LYS I 91 19.77 32.16 45.02
N PHE I 92 19.21 33.36 44.90
CA PHE I 92 18.33 33.74 43.80
C PHE I 92 18.95 34.91 43.05
N GLU I 93 19.67 34.58 41.97
CA GLU I 93 20.32 35.56 41.12
C GLU I 93 19.98 35.27 39.67
N ASN I 94 19.59 36.31 38.94
CA ASN I 94 19.23 36.17 37.54
C ASN I 94 18.09 35.18 37.38
N GLY I 95 17.15 35.22 38.30
CA GLY I 95 16.01 34.32 38.24
C GLY I 95 16.40 32.88 38.36
N VAL I 96 17.53 32.59 39.00
CA VAL I 96 18.03 31.24 39.15
C VAL I 96 18.16 30.98 40.65
N LEU I 97 17.31 30.11 41.18
CA LEU I 97 17.34 29.77 42.59
C LEU I 97 18.32 28.62 42.82
N SER I 98 19.38 28.89 43.57
CA SER I 98 20.40 27.90 43.88
C SER I 98 20.30 27.54 45.36
N VAL I 99 19.63 26.44 45.65
CA VAL I 99 19.42 25.98 47.01
C VAL I 99 20.49 24.97 47.40
N ILE I 100 20.94 25.06 48.65
CA ILE I 100 21.95 24.17 49.21
C ILE I 100 21.29 23.39 50.33
N LEU I 101 21.27 22.06 50.22
CA LEU I 101 20.65 21.18 51.19
C LEU I 101 21.67 20.20 51.74
N PRO I 102 22.39 20.57 52.80
CA PRO I 102 23.38 19.66 53.38
C PRO I 102 22.76 18.32 53.77
N LYS I 103 23.36 17.24 53.30
CA LYS I 103 22.86 15.91 53.62
C LYS I 103 23.08 15.62 55.10
N ALA I 104 22.14 14.89 55.71
CA ALA I 104 22.26 14.56 57.11
C ALA I 104 23.27 13.45 57.33
N GLU I 105 23.96 13.51 58.47
CA GLU I 105 24.96 12.49 58.78
C GLU I 105 24.32 11.13 58.98
N SER I 106 23.10 11.10 59.53
CA SER I 106 22.43 9.82 59.76
C SER I 106 22.05 9.17 58.44
N SER I 107 21.71 9.97 57.43
CA SER I 107 21.34 9.42 56.14
C SER I 107 22.53 8.80 55.43
N ILE I 108 23.73 9.34 55.64
CA ILE I 108 24.92 8.81 54.98
C ILE I 108 25.22 7.42 55.54
N LYS I 109 25.33 6.45 54.64
CA LYS I 109 25.61 5.08 55.04
C LYS I 109 27.07 4.94 55.48
N LYS I 110 27.28 4.15 56.52
CA LYS I 110 28.62 3.94 57.03
C LYS I 110 29.47 3.22 55.98
N GLY I 111 30.78 3.46 56.03
CA GLY I 111 31.68 2.84 55.09
C GLY I 111 32.09 1.45 55.55
N ILE I 112 31.73 0.43 54.77
CA ILE I 112 32.07 -0.95 55.10
C ILE I 112 33.46 -1.23 54.54
N ASN I 113 34.44 -1.34 55.43
CA ASN I 113 35.81 -1.61 55.00
C ASN I 113 35.92 -3.02 54.43
N ILE I 114 36.83 -3.18 53.48
CA ILE I 114 37.03 -4.48 52.85
C ILE I 114 37.59 -5.44 53.89
N GLU I 115 36.99 -6.63 53.97
CA GLU I 115 37.41 -7.66 54.90
C GLU I 115 37.20 -7.20 56.34
N ILE J 3 -1.44 10.65 45.91
CA ILE J 3 -2.58 10.31 46.75
C ILE J 3 -3.61 9.59 45.89
N GLN J 4 -4.48 8.84 46.55
CA GLN J 4 -5.51 8.08 45.87
C GLN J 4 -6.78 8.07 46.72
N ILE J 5 -7.91 8.16 46.05
CA ILE J 5 -9.23 8.16 46.69
C ILE J 5 -9.97 6.93 46.18
N SER J 6 -10.70 6.29 47.09
CA SER J 6 -11.46 5.10 46.74
C SER J 6 -12.71 5.03 47.60
N GLY J 7 -13.75 4.44 47.03
CA GLY J 7 -15.04 4.29 47.70
C GLY J 7 -16.11 3.93 46.69
N LYS J 8 -17.33 4.37 46.98
CA LYS J 8 -18.46 4.09 46.10
C LYS J 8 -19.58 5.05 46.43
N GLY J 9 -20.21 5.59 45.40
CA GLY J 9 -21.28 6.55 45.55
C GLY J 9 -20.83 7.96 45.27
N PHE J 10 -21.81 8.85 45.10
CA PHE J 10 -21.53 10.25 44.79
C PHE J 10 -21.16 10.96 46.09
N MET J 11 -19.94 11.47 46.14
CA MET J 11 -19.46 12.13 47.35
C MET J 11 -18.30 13.06 47.04
N PRO J 12 -18.56 14.25 46.51
CA PRO J 12 -17.47 15.19 46.23
C PRO J 12 -16.72 15.55 47.51
N ILE J 13 -15.40 15.62 47.40
CA ILE J 13 -14.53 15.95 48.53
C ILE J 13 -13.50 16.98 48.10
N SER J 14 -13.14 17.87 49.02
CA SER J 14 -12.16 18.91 48.77
C SER J 14 -11.11 18.86 49.87
N ILE J 15 -9.85 18.84 49.49
CA ILE J 15 -8.71 18.78 50.40
C ILE J 15 -8.04 20.14 50.41
N ILE J 16 -8.11 20.82 51.55
CA ILE J 16 -7.53 22.14 51.73
C ILE J 16 -6.30 21.98 52.63
N GLU J 17 -5.12 21.95 52.03
CA GLU J 17 -3.90 21.81 52.78
C GLU J 17 -3.48 23.14 53.41
N GLY J 18 -2.81 23.04 54.56
CA GLY J 18 -2.34 24.20 55.28
C GLY J 18 -0.94 23.91 55.81
N ASP J 19 -0.41 24.87 56.56
CA ASP J 19 0.92 24.74 57.12
C ASP J 19 0.93 24.04 58.47
N GLN J 20 -0.23 23.87 59.11
CA GLN J 20 -0.32 23.23 60.41
C GLN J 20 -1.44 22.21 60.50
N HIS J 21 -2.21 22.02 59.44
CA HIS J 21 -3.30 21.07 59.46
C HIS J 21 -3.76 20.84 58.02
N ILE J 22 -4.71 19.93 57.86
CA ILE J 22 -5.26 19.58 56.56
C ILE J 22 -6.77 19.64 56.70
N LYS J 23 -7.36 20.72 56.21
CA LYS J 23 -8.80 20.90 56.28
C LYS J 23 -9.44 20.20 55.08
N VAL J 24 -10.39 19.31 55.35
CA VAL J 24 -11.07 18.52 54.32
C VAL J 24 -12.55 18.83 54.38
N ILE J 25 -13.15 19.00 53.20
CA ILE J 25 -14.57 19.30 53.07
C ILE J 25 -15.23 18.14 52.32
N ALA J 26 -16.46 17.80 52.73
CA ALA J 26 -17.19 16.72 52.10
C ALA J 26 -18.70 16.95 52.25
N TRP J 27 -19.41 16.85 51.13
CA TRP J 27 -20.87 17.02 51.12
C TRP J 27 -21.56 15.68 51.38
N LEU J 28 -22.41 15.66 52.39
CA LEU J 28 -23.19 14.48 52.79
C LEU J 28 -24.64 14.92 52.95
N PRO J 29 -25.28 15.33 51.88
CA PRO J 29 -26.65 15.82 51.99
C PRO J 29 -27.64 14.73 52.35
N GLY J 30 -28.65 15.13 53.13
CA GLY J 30 -29.71 14.24 53.54
C GLY J 30 -29.33 13.26 54.62
N VAL J 31 -28.08 13.24 55.05
CA VAL J 31 -27.64 12.29 56.07
C VAL J 31 -27.70 12.95 57.44
N ASN J 32 -28.16 12.17 58.41
CA ASN J 32 -28.25 12.67 59.78
C ASN J 32 -26.86 12.77 60.39
N LYS J 33 -26.83 13.27 61.62
CA LYS J 33 -25.58 13.46 62.36
C LYS J 33 -24.97 12.17 62.87
N GLU J 34 -25.78 11.17 63.19
CA GLU J 34 -25.29 9.91 63.74
C GLU J 34 -24.94 8.87 62.69
N ASP J 35 -25.34 9.05 61.44
CA ASP J 35 -25.05 8.07 60.38
C ASP J 35 -23.75 8.39 59.65
N ILE J 36 -22.73 8.80 60.39
CA ILE J 36 -21.44 9.17 59.81
C ILE J 36 -20.36 8.54 60.68
N ILE J 37 -19.65 7.56 60.12
CA ILE J 37 -18.57 6.86 60.82
C ILE J 37 -17.27 7.44 60.29
N LEU J 38 -16.71 8.39 61.04
CA LEU J 38 -15.47 9.07 60.68
C LEU J 38 -14.29 8.45 61.43
N ASN J 39 -13.37 7.86 60.68
CA ASN J 39 -12.18 7.26 61.27
C ASN J 39 -10.96 7.60 60.43
N ALA J 40 -9.80 7.61 61.08
CA ALA J 40 -8.54 7.91 60.42
C ALA J 40 -7.43 7.58 61.40
N VAL J 41 -6.24 7.38 60.85
CA VAL J 41 -5.07 7.08 61.66
C VAL J 41 -3.83 7.22 60.79
N GLY J 42 -2.79 7.86 61.32
CA GLY J 42 -1.58 8.04 60.55
C GLY J 42 -1.75 9.08 59.46
N ASP J 43 -1.72 8.62 58.21
CA ASP J 43 -1.84 9.49 57.05
C ASP J 43 -2.86 8.88 56.07
N THR J 44 -4.07 8.66 56.57
CA THR J 44 -5.12 8.10 55.74
C THR J 44 -6.47 8.33 56.39
N LEU J 45 -7.47 8.63 55.56
CA LEU J 45 -8.82 8.90 56.01
C LEU J 45 -9.82 7.95 55.37
N GLU J 46 -10.79 7.50 56.16
CA GLU J 46 -11.83 6.59 55.71
C GLU J 46 -13.18 7.12 56.21
N ILE J 47 -13.98 7.64 55.28
CA ILE J 47 -15.28 8.20 55.59
C ILE J 47 -16.36 7.20 55.19
N ARG J 48 -17.41 7.12 56.00
CA ARG J 48 -18.54 6.24 55.74
C ARG J 48 -19.83 6.99 56.00
N ALA J 49 -20.84 6.69 55.21
CA ALA J 49 -22.13 7.37 55.34
C ALA J 49 -23.21 6.57 54.65
N LYS J 50 -24.45 6.85 55.04
CA LYS J 50 -25.62 6.19 54.48
C LYS J 50 -26.83 7.08 54.67
N ARG J 51 -27.63 7.25 53.62
CA ARG J 51 -28.82 8.08 53.66
C ARG J 51 -30.07 7.21 53.52
N SER J 52 -31.07 7.49 54.33
CA SER J 52 -32.29 6.70 54.24
C SER J 52 -32.92 6.89 52.86
N PRO J 53 -33.65 5.89 52.37
CA PRO J 53 -34.28 6.02 51.06
C PRO J 53 -35.39 7.06 51.10
N LEU J 54 -35.54 7.77 49.99
CA LEU J 54 -36.58 8.80 49.93
C LEU J 54 -37.96 8.14 50.02
N MET J 55 -38.48 8.06 51.25
CA MET J 55 -39.79 7.44 51.47
C MET J 55 -40.89 8.23 50.79
N ILE J 56 -41.91 7.51 50.32
CA ILE J 56 -43.04 8.12 49.62
C ILE J 56 -44.31 7.39 50.03
N THR J 57 -45.38 8.17 50.19
CA THR J 57 -46.67 7.60 50.55
C THR J 57 -47.26 6.82 49.39
N GLU J 58 -48.15 5.87 49.71
CA GLU J 58 -48.76 5.05 48.67
C GLU J 58 -49.51 5.90 47.66
N SER J 59 -50.08 7.02 48.09
CA SER J 59 -50.78 7.89 47.17
C SER J 59 -49.83 8.66 46.30
N GLU J 60 -48.57 8.80 46.72
CA GLU J 60 -47.58 9.52 45.96
C GLU J 60 -47.03 8.65 44.85
N ARG J 61 -46.15 9.23 44.04
CA ARG J 61 -45.52 8.52 42.94
C ARG J 61 -44.38 9.36 42.41
N ILE J 62 -43.25 8.71 42.12
CA ILE J 62 -42.07 9.39 41.61
C ILE J 62 -42.16 9.48 40.11
N ILE J 63 -42.00 10.70 39.58
CA ILE J 63 -42.04 10.91 38.14
C ILE J 63 -40.72 11.42 37.60
N TYR J 64 -39.86 12.02 38.41
CA TYR J 64 -38.60 12.53 37.92
C TYR J 64 -37.63 12.83 39.06
N SER J 65 -36.57 12.04 39.18
CA SER J 65 -35.60 12.24 40.24
C SER J 65 -34.19 12.00 39.70
N GLU J 66 -33.34 13.00 39.83
CA GLU J 66 -31.96 12.88 39.41
C GLU J 66 -31.04 12.47 40.54
N ILE J 67 -31.56 12.41 41.77
CA ILE J 67 -30.74 12.04 42.92
C ILE J 67 -30.44 10.55 42.86
N PRO J 68 -29.22 10.09 43.14
CA PRO J 68 -28.97 8.65 43.14
C PRO J 68 -29.80 7.96 44.22
N GLU J 69 -29.76 6.64 44.20
CA GLU J 69 -30.56 5.83 45.11
C GLU J 69 -29.75 5.00 46.10
N GLU J 70 -28.54 4.59 45.74
CA GLU J 70 -27.74 3.76 46.62
C GLU J 70 -27.53 4.43 47.96
N GLU J 71 -27.57 3.61 49.02
CA GLU J 71 -27.42 4.08 50.39
C GLU J 71 -26.01 3.89 50.92
N GLU J 72 -25.53 2.66 50.94
CA GLU J 72 -24.20 2.39 51.46
C GLU J 72 -23.18 3.14 50.61
N ILE J 73 -22.50 4.09 51.22
CA ILE J 73 -21.49 4.89 50.55
C ILE J 73 -20.37 5.21 51.53
N TYR J 74 -19.16 5.35 50.99
CA TYR J 74 -18.00 5.64 51.82
C TYR J 74 -16.86 6.05 50.90
N ARG J 75 -15.75 6.45 51.52
CA ARG J 75 -14.56 6.86 50.80
C ARG J 75 -13.32 6.46 51.58
N THR J 76 -12.18 6.58 50.93
CA THR J 76 -10.90 6.23 51.54
C THR J 76 -9.83 7.10 50.90
N ILE J 77 -9.51 8.21 51.55
CA ILE J 77 -8.52 9.17 51.07
C ILE J 77 -7.18 8.85 51.70
N LYS J 78 -6.12 9.00 50.91
CA LYS J 78 -4.75 8.76 51.36
C LYS J 78 -4.09 10.13 51.48
N LEU J 79 -3.96 10.60 52.72
CA LEU J 79 -3.39 11.90 52.97
C LEU J 79 -1.91 11.91 52.58
N PRO J 80 -1.36 13.07 52.22
CA PRO J 80 0.06 13.11 51.86
C PRO J 80 1.00 13.02 53.05
N ALA J 81 0.57 13.50 54.22
CA ALA J 81 1.40 13.47 55.41
C ALA J 81 0.63 12.85 56.57
N THR J 82 1.33 12.64 57.68
CA THR J 82 0.75 12.07 58.88
C THR J 82 0.12 13.18 59.73
N VAL J 83 -0.99 12.85 60.36
CA VAL J 83 -1.72 13.78 61.21
C VAL J 83 -1.97 13.15 62.57
N LYS J 84 -2.17 14.00 63.56
CA LYS J 84 -2.42 13.56 64.94
C LYS J 84 -3.93 13.40 65.06
N GLU J 85 -4.41 12.22 64.68
CA GLU J 85 -5.84 11.93 64.72
C GLU J 85 -6.40 12.04 66.14
N GLU J 86 -5.61 11.67 67.14
CA GLU J 86 -6.09 11.76 68.51
C GLU J 86 -6.43 13.19 68.89
N ASN J 87 -5.76 14.17 68.27
CA ASN J 87 -5.99 15.58 68.54
C ASN J 87 -6.68 16.27 67.36
N ALA J 88 -7.53 15.55 66.65
CA ALA J 88 -8.24 16.09 65.50
C ALA J 88 -9.66 16.46 65.89
N SER J 89 -10.35 17.13 64.97
CA SER J 89 -11.73 17.53 65.20
C SER J 89 -12.44 17.62 63.86
N ALA J 90 -13.76 17.80 63.93
CA ALA J 90 -14.58 17.89 62.72
C ALA J 90 -15.88 18.59 63.06
N LYS J 91 -16.57 19.06 62.03
CA LYS J 91 -17.84 19.73 62.17
C LYS J 91 -18.75 19.37 61.00
N PHE J 92 -20.01 19.09 61.32
CA PHE J 92 -21.01 18.69 60.32
C PHE J 92 -22.25 19.58 60.48
N GLU J 93 -22.31 20.63 59.67
CA GLU J 93 -23.42 21.58 59.69
C GLU J 93 -23.90 21.81 58.27
N ASN J 94 -25.21 21.83 58.10
CA ASN J 94 -25.82 22.07 56.80
C ASN J 94 -25.34 21.03 55.79
N GLY J 95 -25.20 19.80 56.25
CA GLY J 95 -24.74 18.74 55.37
C GLY J 95 -23.35 19.00 54.85
N VAL J 96 -22.50 19.64 55.65
CA VAL J 96 -21.15 19.97 55.24
C VAL J 96 -20.21 19.50 56.33
N LEU J 97 -19.39 18.50 56.02
CA LEU J 97 -18.43 17.95 56.97
C LEU J 97 -17.12 18.72 56.88
N SER J 98 -16.77 19.42 57.94
CA SER J 98 -15.54 20.21 58.02
C SER J 98 -14.59 19.51 58.98
N VAL J 99 -13.67 18.73 58.42
CA VAL J 99 -12.70 17.97 59.20
C VAL J 99 -11.45 18.80 59.43
N ILE J 100 -10.92 18.73 60.65
CA ILE J 100 -9.70 19.41 61.06
C ILE J 100 -8.68 18.34 61.41
N LEU J 101 -7.56 18.33 60.69
CA LEU J 101 -6.50 17.34 60.89
C LEU J 101 -5.17 18.03 61.18
N PRO J 102 -4.89 18.35 62.44
CA PRO J 102 -3.60 18.98 62.75
C PRO J 102 -2.45 18.08 62.34
N LYS J 103 -1.46 18.67 61.68
CA LYS J 103 -0.30 17.90 61.23
C LYS J 103 0.54 17.46 62.42
N ALA J 104 1.27 16.38 62.23
CA ALA J 104 2.13 15.89 63.30
C ALA J 104 3.42 16.70 63.36
N GLU J 105 4.13 16.57 64.48
CA GLU J 105 5.39 17.29 64.65
C GLU J 105 6.37 16.96 63.54
N SER J 106 6.34 15.72 63.04
CA SER J 106 7.27 15.31 62.00
C SER J 106 6.77 15.68 60.60
N SER J 107 5.50 16.02 60.47
CA SER J 107 4.93 16.37 59.17
C SER J 107 5.10 17.85 58.85
N ILE J 108 5.26 18.70 59.86
CA ILE J 108 5.40 20.13 59.62
C ILE J 108 6.69 20.39 58.86
N LYS J 109 6.60 21.23 57.82
CA LYS J 109 7.74 21.61 57.01
C LYS J 109 8.34 22.90 57.52
N LYS J 110 9.66 22.96 57.57
CA LYS J 110 10.36 24.14 58.04
C LYS J 110 10.58 25.10 56.88
N GLY J 111 10.37 26.39 57.14
CA GLY J 111 10.53 27.41 56.12
C GLY J 111 11.97 27.89 56.10
N ILE J 112 12.58 27.85 54.92
CA ILE J 112 13.96 28.27 54.73
C ILE J 112 13.96 29.71 54.22
N ASN J 113 14.77 30.55 54.86
CA ASN J 113 14.86 31.93 54.44
C ASN J 113 15.65 32.01 53.13
N ILE J 114 15.22 32.87 52.24
CA ILE J 114 15.88 33.01 50.95
C ILE J 114 17.06 33.95 51.13
N GLU J 115 18.27 33.41 51.00
CA GLU J 115 19.48 34.20 51.14
C GLU J 115 19.86 34.76 49.79
N ILE K 3 -6.27 42.00 -1.22
CA ILE K 3 -6.60 42.65 0.03
C ILE K 3 -6.56 41.60 1.13
N GLN K 4 -6.53 42.08 2.38
CA GLN K 4 -6.48 41.22 3.55
C GLN K 4 -7.32 41.85 4.65
N ILE K 5 -8.01 41.00 5.40
CA ILE K 5 -8.86 41.43 6.50
C ILE K 5 -8.27 40.86 7.78
N SER K 6 -8.31 41.66 8.84
CA SER K 6 -7.78 41.22 10.13
C SER K 6 -8.45 42.00 11.24
N GLY K 7 -8.59 41.34 12.39
CA GLY K 7 -9.20 41.97 13.55
C GLY K 7 -9.66 40.91 14.54
N LYS K 8 -10.74 41.22 15.25
CA LYS K 8 -11.29 40.32 16.24
C LYS K 8 -12.70 40.76 16.57
N GLY K 9 -13.59 39.80 16.73
CA GLY K 9 -14.98 40.10 17.04
C GLY K 9 -15.86 40.03 15.82
N PHE K 10 -17.06 40.57 15.98
CA PHE K 10 -18.07 40.61 14.94
C PHE K 10 -18.18 42.05 14.45
N MET K 11 -17.89 42.26 13.18
CA MET K 11 -17.91 43.61 12.63
C MET K 11 -17.98 43.55 11.10
N PRO K 12 -19.16 43.32 10.53
CA PRO K 12 -19.28 43.28 9.07
C PRO K 12 -18.85 44.59 8.44
N ILE K 13 -18.23 44.47 7.26
CA ILE K 13 -17.72 45.63 6.51
C ILE K 13 -18.08 45.46 5.05
N SER K 14 -18.35 46.59 4.39
CA SER K 14 -18.68 46.62 2.97
C SER K 14 -17.82 47.68 2.29
N ILE K 15 -17.04 47.26 1.30
CA ILE K 15 -16.14 48.15 0.58
C ILE K 15 -16.77 48.51 -0.76
N ILE K 16 -17.14 49.78 -0.91
CA ILE K 16 -17.75 50.29 -2.14
C ILE K 16 -16.70 51.15 -2.84
N GLU K 17 -16.09 50.63 -3.89
CA GLU K 17 -15.10 51.38 -4.63
C GLU K 17 -15.77 52.43 -5.51
N GLY K 18 -15.03 53.52 -5.76
CA GLY K 18 -15.53 54.59 -6.59
C GLY K 18 -14.40 55.14 -7.44
N ASP K 19 -14.79 55.95 -8.43
CA ASP K 19 -13.81 56.54 -9.33
C ASP K 19 -13.04 57.68 -8.68
N GLN K 20 -13.57 58.25 -7.61
CA GLN K 20 -12.91 59.35 -6.91
C GLN K 20 -12.77 59.09 -5.42
N HIS K 21 -13.32 57.99 -4.92
CA HIS K 21 -13.23 57.67 -3.51
C HIS K 21 -13.68 56.23 -3.32
N ILE K 22 -13.32 55.66 -2.19
CA ILE K 22 -13.66 54.29 -1.84
C ILE K 22 -14.54 54.36 -0.61
N LYS K 23 -15.85 54.37 -0.81
CA LYS K 23 -16.79 54.44 0.29
C LYS K 23 -16.87 53.08 0.97
N VAL K 24 -16.75 53.07 2.30
CA VAL K 24 -16.75 51.84 3.07
C VAL K 24 -17.82 51.94 4.14
N ILE K 25 -18.56 50.84 4.34
CA ILE K 25 -19.61 50.75 5.33
C ILE K 25 -19.26 49.66 6.33
N ALA K 26 -19.60 49.90 7.60
CA ALA K 26 -19.32 48.93 8.66
C ALA K 26 -20.28 49.14 9.80
N TRP K 27 -20.99 48.06 10.20
CA TRP K 27 -21.94 48.14 11.29
C TRP K 27 -21.26 48.03 12.63
N LEU K 28 -21.54 49.00 13.50
CA LEU K 28 -20.97 49.07 14.85
C LEU K 28 -22.11 49.27 15.83
N PRO K 29 -22.99 48.29 15.97
CA PRO K 29 -24.12 48.45 16.88
C PRO K 29 -23.70 48.47 18.33
N GLY K 30 -24.50 49.16 19.14
CA GLY K 30 -24.22 49.24 20.56
C GLY K 30 -22.95 49.97 20.90
N VAL K 31 -22.42 50.77 19.98
CA VAL K 31 -21.18 51.50 20.21
C VAL K 31 -21.49 52.98 20.30
N ASN K 32 -20.80 53.66 21.21
CA ASN K 32 -20.98 55.08 21.38
C ASN K 32 -20.08 55.84 20.40
N LYS K 33 -20.43 57.10 20.17
CA LYS K 33 -19.67 57.91 19.22
C LYS K 33 -18.24 58.12 19.71
N GLU K 34 -18.03 58.09 21.02
CA GLU K 34 -16.71 58.31 21.59
C GLU K 34 -15.88 57.05 21.64
N ASP K 35 -16.51 55.88 21.62
CA ASP K 35 -15.81 54.60 21.68
C ASP K 35 -15.45 54.12 20.28
N ILE K 36 -14.91 55.02 19.48
CA ILE K 36 -14.53 54.71 18.11
C ILE K 36 -13.17 55.33 17.84
N ILE K 37 -12.20 54.50 17.48
CA ILE K 37 -10.84 54.95 17.19
C ILE K 37 -10.56 54.56 15.74
N LEU K 38 -10.87 55.46 14.81
CA LEU K 38 -10.64 55.23 13.40
C LEU K 38 -9.31 55.84 12.96
N ASN K 39 -8.48 55.05 12.31
CA ASN K 39 -7.18 55.51 11.82
C ASN K 39 -6.94 54.95 10.43
N ALA K 40 -6.19 55.70 9.63
CA ALA K 40 -5.89 55.26 8.27
C ALA K 40 -4.86 56.18 7.66
N VAL K 41 -4.08 55.63 6.72
CA VAL K 41 -3.07 56.39 5.99
C VAL K 41 -2.64 55.59 4.77
N GLY K 42 -2.41 56.27 3.65
CA GLY K 42 -1.98 55.60 2.46
C GLY K 42 -3.03 54.66 1.88
N ASP K 43 -2.81 53.36 2.06
CA ASP K 43 -3.70 52.32 1.56
C ASP K 43 -3.98 51.29 2.67
N THR K 44 -4.47 51.78 3.80
CA THR K 44 -4.78 50.92 4.93
C THR K 44 -5.53 51.73 5.97
N LEU K 45 -6.32 51.02 6.77
CA LEU K 45 -7.13 51.65 7.81
C LEU K 45 -7.13 50.79 9.07
N GLU K 46 -7.60 51.37 10.15
CA GLU K 46 -7.69 50.71 11.45
C GLU K 46 -8.99 51.13 12.11
N ILE K 47 -9.89 50.19 12.30
CA ILE K 47 -11.19 50.44 12.92
C ILE K 47 -11.20 49.78 14.28
N ARG K 48 -11.03 50.56 15.34
CA ARG K 48 -11.04 50.06 16.70
C ARG K 48 -12.19 50.71 17.46
N ALA K 49 -12.96 49.91 18.18
CA ALA K 49 -14.10 50.39 18.93
C ALA K 49 -14.37 49.46 20.10
N LYS K 50 -15.37 49.81 20.90
CA LYS K 50 -15.74 49.02 22.06
C LYS K 50 -17.10 49.42 22.61
N ARG K 51 -17.95 48.44 22.92
CA ARG K 51 -19.28 48.67 23.47
C ARG K 51 -19.35 48.26 24.93
N SER K 52 -19.96 49.09 25.76
CA SER K 52 -20.04 48.77 27.17
C SER K 52 -20.84 47.48 27.38
N PRO K 53 -20.57 46.75 28.46
CA PRO K 53 -21.31 45.51 28.72
C PRO K 53 -22.75 45.80 29.09
N LEU K 54 -23.66 44.95 28.62
CA LEU K 54 -25.07 45.14 28.91
C LEU K 54 -25.34 44.98 30.40
N MET K 55 -25.33 46.09 31.12
CA MET K 55 -25.57 46.07 32.55
C MET K 55 -26.99 45.59 32.85
N ILE K 56 -27.14 44.95 34.00
CA ILE K 56 -28.42 44.41 34.45
C ILE K 56 -28.54 44.63 35.95
N THR K 57 -29.76 44.92 36.40
CA THR K 57 -29.98 45.11 37.82
C THR K 57 -29.87 43.77 38.55
N GLU K 58 -29.58 43.86 39.85
CA GLU K 58 -29.43 42.65 40.64
C GLU K 58 -30.69 41.79 40.61
N SER K 59 -31.84 42.41 40.46
CA SER K 59 -33.09 41.66 40.39
C SER K 59 -33.29 41.04 39.02
N GLU K 60 -32.61 41.56 38.00
CA GLU K 60 -32.74 41.06 36.64
C GLU K 60 -31.90 39.81 36.45
N ARG K 61 -32.00 39.23 35.26
CA ARG K 61 -31.25 38.03 34.90
C ARG K 61 -31.28 37.87 33.39
N ILE K 62 -30.23 37.26 32.86
CA ILE K 62 -30.11 37.02 31.43
C ILE K 62 -30.45 35.55 31.19
N ILE K 63 -31.62 35.31 30.60
CA ILE K 63 -32.05 33.95 30.34
C ILE K 63 -31.77 33.50 28.91
N TYR K 64 -31.64 34.43 27.96
CA TYR K 64 -31.37 34.06 26.58
C TYR K 64 -30.88 35.28 25.82
N SER K 65 -29.62 35.23 25.39
CA SER K 65 -29.02 36.34 24.64
C SER K 65 -28.02 35.79 23.65
N GLU K 66 -28.25 36.04 22.38
CA GLU K 66 -27.33 35.61 21.34
C GLU K 66 -26.26 36.67 21.06
N ILE K 67 -26.37 37.83 21.67
CA ILE K 67 -25.37 38.88 21.41
C ILE K 67 -24.05 38.48 22.05
N PRO K 68 -22.92 38.68 21.38
CA PRO K 68 -21.64 38.33 21.99
C PRO K 68 -21.39 39.18 23.22
N GLU K 69 -20.33 38.83 23.94
CA GLU K 69 -19.96 39.51 25.18
C GLU K 69 -18.67 40.29 25.10
N GLU K 70 -17.70 39.82 24.32
CA GLU K 70 -16.43 40.52 24.23
C GLU K 70 -16.65 41.95 23.77
N GLU K 71 -15.91 42.87 24.37
CA GLU K 71 -16.03 44.29 24.07
C GLU K 71 -14.96 44.78 23.10
N GLU K 72 -13.68 44.63 23.46
CA GLU K 72 -12.63 45.11 22.59
C GLU K 72 -12.69 44.37 21.27
N ILE K 73 -13.04 45.08 20.20
CA ILE K 73 -13.12 44.51 18.87
C ILE K 73 -12.66 45.55 17.87
N TYR K 74 -11.97 45.11 16.83
CA TYR K 74 -11.46 46.03 15.84
C TYR K 74 -11.22 45.27 14.55
N ARG K 75 -10.85 46.02 13.51
CA ARG K 75 -10.54 45.44 12.22
C ARG K 75 -9.38 46.20 11.63
N THR K 76 -8.72 45.57 10.65
CA THR K 76 -7.57 46.19 9.98
C THR K 76 -7.51 45.60 8.58
N ILE K 77 -8.14 46.29 7.64
CA ILE K 77 -8.18 45.89 6.25
C ILE K 77 -7.13 46.66 5.47
N LYS K 78 -6.46 45.95 4.56
CA LYS K 78 -5.43 46.55 3.72
C LYS K 78 -6.08 46.94 2.41
N LEU K 79 -6.19 48.24 2.19
CA LEU K 79 -6.84 48.75 0.99
C LEU K 79 -6.02 48.40 -0.24
N PRO K 80 -6.66 48.27 -1.40
CA PRO K 80 -5.90 47.95 -2.61
C PRO K 80 -5.11 49.12 -3.16
N ALA K 81 -5.61 50.34 -3.05
CA ALA K 81 -4.94 51.53 -3.56
C ALA K 81 -4.77 52.56 -2.47
N THR K 82 -4.04 53.63 -2.81
CA THR K 82 -3.78 54.72 -1.88
C THR K 82 -4.94 55.71 -1.85
N VAL K 83 -5.16 56.29 -0.68
CA VAL K 83 -6.22 57.27 -0.48
C VAL K 83 -5.64 58.48 0.23
N LYS K 84 -6.29 59.62 0.05
CA LYS K 84 -5.86 60.86 0.68
C LYS K 84 -6.55 60.93 2.03
N GLU K 85 -5.93 60.31 3.03
CA GLU K 85 -6.50 60.28 4.37
C GLU K 85 -6.66 61.69 4.93
N GLU K 86 -5.73 62.58 4.60
CA GLU K 86 -5.82 63.94 5.11
C GLU K 86 -7.08 64.64 4.64
N ASN K 87 -7.59 64.26 3.47
CA ASN K 87 -8.81 64.85 2.91
C ASN K 87 -9.99 63.88 2.97
N ALA K 88 -9.96 62.93 3.89
CA ALA K 88 -11.02 61.95 4.02
C ALA K 88 -12.07 62.42 5.02
N SER K 89 -13.16 61.65 5.11
CA SER K 89 -14.22 61.96 6.06
C SER K 89 -14.96 60.67 6.39
N ALA K 90 -15.86 60.77 7.37
CA ALA K 90 -16.64 59.62 7.81
C ALA K 90 -17.90 60.11 8.47
N LYS K 91 -18.90 59.23 8.52
CA LYS K 91 -20.18 59.54 9.15
C LYS K 91 -20.70 58.33 9.89
N PHE K 92 -21.09 58.55 11.14
CA PHE K 92 -21.58 57.50 12.03
C PHE K 92 -22.95 57.89 12.56
N GLU K 93 -24.00 57.39 11.92
CA GLU K 93 -25.38 57.66 12.29
C GLU K 93 -26.16 56.37 12.40
N ASN K 94 -26.96 56.26 13.45
CA ASN K 94 -27.78 55.08 13.68
C ASN K 94 -26.91 53.83 13.78
N GLY K 95 -25.75 53.98 14.42
CA GLY K 95 -24.85 52.86 14.56
C GLY K 95 -24.34 52.35 13.23
N VAL K 96 -24.23 53.24 12.25
CA VAL K 96 -23.78 52.89 10.90
C VAL K 96 -22.63 53.82 10.54
N LEU K 97 -21.43 53.28 10.48
CA LEU K 97 -20.25 54.05 10.14
C LEU K 97 -20.09 54.11 8.63
N SER K 98 -20.11 55.33 8.09
CA SER K 98 -19.97 55.58 6.66
C SER K 98 -18.68 56.35 6.44
N VAL K 99 -17.64 55.65 5.99
CA VAL K 99 -16.32 56.25 5.77
C VAL K 99 -16.19 56.69 4.32
N ILE K 100 -15.54 57.84 4.14
CA ILE K 100 -15.28 58.42 2.81
C ILE K 100 -13.77 58.54 2.66
N LEU K 101 -13.22 57.89 1.64
CA LEU K 101 -11.78 57.87 1.38
C LEU K 101 -11.48 58.35 -0.04
N PRO K 102 -11.32 59.65 -0.25
CA PRO K 102 -10.98 60.13 -1.60
C PRO K 102 -9.68 59.51 -2.10
N LYS K 103 -9.68 59.18 -3.39
CA LYS K 103 -8.53 58.55 -4.02
C LYS K 103 -7.49 59.60 -4.37
N ALA K 104 -6.21 59.24 -4.25
CA ALA K 104 -5.16 60.18 -4.58
C ALA K 104 -4.93 60.21 -6.09
N GLU K 105 -4.12 61.17 -6.53
CA GLU K 105 -3.84 61.30 -7.95
C GLU K 105 -3.15 60.06 -8.51
N SER K 106 -2.37 59.39 -7.68
CA SER K 106 -1.66 58.18 -8.11
C SER K 106 -2.59 56.98 -8.20
N SER K 107 -3.73 57.03 -7.52
CA SER K 107 -4.69 55.94 -7.52
C SER K 107 -5.77 56.10 -8.58
N ILE K 108 -6.14 57.34 -8.90
CA ILE K 108 -7.19 57.55 -9.91
C ILE K 108 -6.72 57.00 -11.25
N LYS K 109 -7.47 56.03 -11.78
CA LYS K 109 -7.16 55.40 -13.04
C LYS K 109 -7.57 56.31 -14.20
N LYS K 110 -6.64 56.54 -15.13
CA LYS K 110 -6.97 57.38 -16.27
C LYS K 110 -8.05 56.73 -17.12
N GLY K 111 -9.04 57.53 -17.50
CA GLY K 111 -10.15 57.05 -18.32
C GLY K 111 -9.81 57.17 -19.79
N ILE K 112 -10.19 56.14 -20.56
CA ILE K 112 -9.92 56.09 -21.99
C ILE K 112 -11.24 56.09 -22.74
N ASN K 113 -11.28 56.86 -23.83
CA ASN K 113 -12.47 56.99 -24.67
C ASN K 113 -12.02 56.83 -26.12
N ILE K 114 -11.96 55.59 -26.58
CA ILE K 114 -11.55 55.29 -27.94
C ILE K 114 -12.60 54.40 -28.58
N GLU K 115 -12.79 54.57 -29.87
CA GLU K 115 -13.78 53.78 -30.61
C GLU K 115 -13.46 52.30 -30.51
N ILE L 3 1.47 38.12 -15.22
CA ILE L 3 0.17 38.76 -15.42
C ILE L 3 -0.85 38.07 -14.54
N GLN L 4 -2.00 38.72 -14.38
CA GLN L 4 -3.09 38.18 -13.56
C GLN L 4 -4.40 38.64 -14.16
N ILE L 5 -5.28 37.68 -14.42
CA ILE L 5 -6.60 37.97 -14.98
C ILE L 5 -7.63 37.89 -13.87
N SER L 6 -8.53 38.86 -13.83
CA SER L 6 -9.57 38.92 -12.81
C SER L 6 -10.78 39.65 -13.37
N GLY L 7 -11.96 39.14 -13.04
CA GLY L 7 -13.20 39.74 -13.49
C GLY L 7 -14.40 38.88 -13.18
N LYS L 8 -15.32 38.76 -14.15
CA LYS L 8 -16.50 37.95 -13.97
C LYS L 8 -17.18 37.78 -15.31
N GLY L 9 -17.83 36.65 -15.49
CA GLY L 9 -18.52 36.36 -16.73
C GLY L 9 -17.65 35.57 -17.68
N PHE L 10 -17.96 35.71 -18.96
CA PHE L 10 -17.26 35.04 -20.04
C PHE L 10 -16.68 36.10 -20.96
N MET L 11 -15.36 36.10 -21.11
CA MET L 11 -14.70 37.12 -21.93
C MET L 11 -13.29 36.70 -22.29
N PRO L 12 -13.12 35.81 -23.26
CA PRO L 12 -11.78 35.40 -23.67
C PRO L 12 -10.96 36.59 -24.17
N ILE L 13 -9.66 36.56 -23.87
CA ILE L 13 -8.76 37.63 -24.25
C ILE L 13 -7.47 37.03 -24.80
N SER L 14 -6.91 37.68 -25.81
CA SER L 14 -5.66 37.27 -26.44
C SER L 14 -4.71 38.45 -26.39
N ILE L 15 -3.56 38.27 -25.74
CA ILE L 15 -2.56 39.32 -25.58
C ILE L 15 -1.50 39.15 -26.65
N ILE L 16 -1.41 40.12 -27.55
CA ILE L 16 -0.43 40.12 -28.63
C ILE L 16 0.63 41.15 -28.27
N GLU L 17 1.72 40.70 -27.65
CA GLU L 17 2.79 41.61 -27.28
C GLU L 17 3.60 42.01 -28.50
N GLY L 18 4.13 43.24 -28.47
CA GLY L 18 4.93 43.75 -29.56
C GLY L 18 6.12 44.52 -29.02
N ASP L 19 6.94 45.02 -29.94
CA ASP L 19 8.13 45.76 -29.54
C ASP L 19 7.79 47.21 -29.24
N GLN L 20 7.00 47.84 -30.12
CA GLN L 20 6.61 49.23 -29.95
C GLN L 20 5.30 49.38 -29.21
N HIS L 21 4.44 48.36 -29.26
CA HIS L 21 3.14 48.42 -28.60
C HIS L 21 2.75 47.02 -28.16
N ILE L 22 1.60 46.92 -27.53
CA ILE L 22 1.04 45.67 -27.02
C ILE L 22 -0.40 45.60 -27.51
N LYS L 23 -0.63 44.82 -28.56
CA LYS L 23 -1.97 44.67 -29.11
C LYS L 23 -2.71 43.56 -28.36
N VAL L 24 -3.97 43.82 -28.05
CA VAL L 24 -4.80 42.89 -27.30
C VAL L 24 -6.14 42.74 -28.02
N ILE L 25 -6.63 41.50 -28.08
CA ILE L 25 -7.90 41.17 -28.71
C ILE L 25 -8.85 40.59 -27.67
N ALA L 26 -10.14 40.90 -27.81
CA ALA L 26 -11.15 40.42 -26.89
C ALA L 26 -12.50 40.33 -27.57
N TRP L 27 -13.14 39.17 -27.47
CA TRP L 27 -14.45 38.95 -28.04
C TRP L 27 -15.55 39.49 -27.12
N LEU L 28 -16.42 40.32 -27.66
CA LEU L 28 -17.53 40.92 -26.94
C LEU L 28 -18.79 40.75 -27.77
N PRO L 29 -19.24 39.51 -27.95
CA PRO L 29 -20.43 39.28 -28.79
C PRO L 29 -21.69 39.82 -28.14
N GLY L 30 -22.61 40.27 -28.99
CA GLY L 30 -23.86 40.78 -28.48
C GLY L 30 -23.74 42.04 -27.66
N VAL L 31 -22.59 42.70 -27.67
CA VAL L 31 -22.38 43.91 -26.88
C VAL L 31 -22.39 45.11 -27.81
N ASN L 32 -23.17 46.12 -27.43
CA ASN L 32 -23.24 47.34 -28.22
C ASN L 32 -21.91 48.06 -28.15
N LYS L 33 -21.69 48.95 -29.11
CA LYS L 33 -20.43 49.69 -29.16
C LYS L 33 -20.33 50.69 -28.02
N GLU L 34 -21.46 51.17 -27.50
CA GLU L 34 -21.45 52.15 -26.42
C GLU L 34 -21.38 51.55 -25.03
N ASP L 35 -21.75 50.27 -24.87
CA ASP L 35 -21.73 49.62 -23.56
C ASP L 35 -20.38 49.00 -23.25
N ILE L 36 -19.31 49.73 -23.51
CA ILE L 36 -17.95 49.25 -23.29
C ILE L 36 -17.19 50.39 -22.63
N ILE L 37 -16.82 50.21 -21.37
CA ILE L 37 -16.09 51.23 -20.62
C ILE L 37 -14.63 50.79 -20.57
N LEU L 38 -13.84 51.35 -21.46
CA LEU L 38 -12.42 51.05 -21.57
C LEU L 38 -11.58 52.09 -20.83
N ASN L 39 -10.73 51.62 -19.92
CA ASN L 39 -9.84 52.49 -19.17
C ASN L 39 -8.49 51.81 -19.07
N ALA L 40 -7.44 52.62 -18.95
CA ALA L 40 -6.10 52.08 -18.88
C ALA L 40 -5.14 53.18 -18.44
N VAL L 41 -4.06 52.76 -17.77
CA VAL L 41 -3.04 53.69 -17.32
C VAL L 41 -1.84 52.90 -16.83
N GLY L 42 -0.64 53.44 -17.07
CA GLY L 42 0.57 52.78 -16.63
C GLY L 42 0.78 51.42 -17.26
N ASP L 43 0.64 50.37 -16.46
CA ASP L 43 0.79 48.99 -16.88
C ASP L 43 -0.36 48.14 -16.36
N THR L 44 -1.57 48.66 -16.47
CA THR L 44 -2.76 47.94 -16.00
C THR L 44 -3.92 48.27 -16.93
N LEU L 45 -4.83 47.31 -17.07
CA LEU L 45 -5.98 47.45 -17.95
C LEU L 45 -7.26 46.99 -17.27
N GLU L 46 -8.36 47.64 -17.63
CA GLU L 46 -9.68 47.32 -17.10
C GLU L 46 -10.71 47.59 -18.17
N ILE L 47 -11.60 46.63 -18.40
CA ILE L 47 -12.64 46.73 -19.41
C ILE L 47 -13.96 46.31 -18.79
N ARG L 48 -14.96 47.20 -18.83
CA ARG L 48 -16.29 46.91 -18.30
C ARG L 48 -17.31 46.96 -19.42
N ALA L 49 -18.00 45.85 -19.64
CA ALA L 49 -19.01 45.72 -20.68
C ALA L 49 -20.24 45.02 -20.12
N LYS L 50 -21.34 45.17 -20.85
CA LYS L 50 -22.61 44.55 -20.49
C LYS L 50 -23.48 44.50 -21.72
N ARG L 51 -24.17 43.37 -21.93
CA ARG L 51 -25.05 43.18 -23.09
C ARG L 51 -26.50 43.04 -22.65
N SER L 52 -27.39 43.67 -23.41
CA SER L 52 -28.79 43.63 -23.08
C SER L 52 -29.31 42.20 -23.07
N PRO L 53 -30.35 41.93 -22.27
CA PRO L 53 -30.84 40.56 -22.15
C PRO L 53 -31.41 40.05 -23.46
N LEU L 54 -31.61 38.74 -23.51
CA LEU L 54 -32.19 38.08 -24.67
C LEU L 54 -33.72 38.19 -24.65
N MET L 55 -34.18 39.45 -24.67
CA MET L 55 -35.61 39.73 -24.64
C MET L 55 -36.32 39.05 -25.80
N ILE L 56 -37.47 38.45 -25.51
CA ILE L 56 -38.28 37.76 -26.50
C ILE L 56 -39.67 38.40 -26.52
N THR L 57 -40.29 38.42 -27.70
CA THR L 57 -41.64 38.94 -27.81
C THR L 57 -42.54 38.18 -26.85
N GLU L 58 -43.72 38.73 -26.53
CA GLU L 58 -44.64 38.04 -25.63
C GLU L 58 -45.09 36.70 -26.20
N SER L 59 -45.16 36.57 -27.53
CA SER L 59 -45.55 35.32 -28.14
C SER L 59 -44.41 34.32 -28.18
N GLU L 60 -43.17 34.80 -28.10
CA GLU L 60 -42.00 33.95 -28.12
C GLU L 60 -41.77 33.30 -26.77
N ARG L 61 -40.87 32.31 -26.77
CA ARG L 61 -40.51 31.56 -25.58
C ARG L 61 -39.11 31.01 -25.77
N ILE L 62 -38.40 30.86 -24.66
CA ILE L 62 -37.03 30.34 -24.67
C ILE L 62 -37.10 28.88 -24.27
N ILE L 63 -36.74 28.00 -25.20
CA ILE L 63 -36.77 26.57 -24.96
C ILE L 63 -35.37 25.99 -24.77
N TYR L 64 -34.35 26.58 -25.39
CA TYR L 64 -33.00 26.06 -25.25
C TYR L 64 -32.02 27.18 -25.59
N SER L 65 -31.04 27.36 -24.73
CA SER L 65 -30.06 28.42 -24.94
C SER L 65 -28.81 28.12 -24.13
N GLU L 66 -27.67 28.04 -24.82
CA GLU L 66 -26.40 27.79 -24.17
C GLU L 66 -25.69 29.08 -23.79
N ILE L 67 -26.22 30.21 -24.22
CA ILE L 67 -25.60 31.51 -23.91
C ILE L 67 -25.74 31.79 -22.42
N PRO L 68 -24.70 32.31 -21.76
CA PRO L 68 -24.85 32.64 -20.35
C PRO L 68 -25.92 33.72 -20.17
N GLU L 69 -26.26 33.99 -18.91
CA GLU L 69 -27.29 34.94 -18.58
C GLU L 69 -26.78 36.22 -17.95
N GLU L 70 -25.70 36.16 -17.18
CA GLU L 70 -25.20 37.35 -16.52
C GLU L 70 -24.88 38.43 -17.55
N GLU L 71 -25.18 39.67 -17.18
CA GLU L 71 -24.97 40.82 -18.06
C GLU L 71 -23.72 41.61 -17.69
N GLU L 72 -23.65 42.08 -16.45
CA GLU L 72 -22.50 42.87 -16.03
C GLU L 72 -21.26 41.98 -16.06
N ILE L 73 -20.30 42.33 -16.91
CA ILE L 73 -19.07 41.57 -17.05
C ILE L 73 -17.91 42.51 -17.30
N TYR L 74 -16.74 42.11 -16.82
CA TYR L 74 -15.55 42.93 -16.97
C TYR L 74 -14.33 42.09 -16.62
N ARG L 75 -13.16 42.67 -16.89
CA ARG L 75 -11.89 42.03 -16.59
C ARG L 75 -10.93 43.10 -16.07
N THR L 76 -9.82 42.65 -15.50
CA THR L 76 -8.82 43.57 -14.98
C THR L 76 -7.45 42.91 -15.16
N ILE L 77 -6.78 43.26 -16.25
CA ILE L 77 -5.48 42.72 -16.58
C ILE L 77 -4.42 43.70 -16.12
N LYS L 78 -3.34 43.17 -15.56
CA LYS L 78 -2.20 43.96 -15.08
C LYS L 78 -1.02 43.62 -15.97
N LEU L 79 -0.79 44.47 -16.97
CA LEU L 79 0.29 44.23 -17.91
C LEU L 79 1.63 44.30 -17.20
N PRO L 80 2.65 43.59 -17.70
CA PRO L 80 3.96 43.63 -17.04
C PRO L 80 4.69 44.92 -17.32
N ALA L 81 4.74 45.33 -18.59
CA ALA L 81 5.44 46.53 -18.98
C ALA L 81 4.51 47.75 -18.96
N THR L 82 5.13 48.92 -19.03
CA THR L 82 4.39 50.18 -19.04
C THR L 82 4.13 50.64 -20.46
N VAL L 83 2.98 51.26 -20.65
CA VAL L 83 2.53 51.76 -21.95
C VAL L 83 1.95 53.15 -21.76
N LYS L 84 1.79 53.86 -22.87
CA LYS L 84 1.21 55.20 -22.87
C LYS L 84 -0.25 55.06 -23.21
N GLU L 85 -1.10 55.08 -22.18
CA GLU L 85 -2.53 54.94 -22.40
C GLU L 85 -3.07 56.03 -23.31
N GLU L 86 -2.47 57.21 -23.26
CA GLU L 86 -2.94 58.31 -24.08
C GLU L 86 -2.77 58.02 -25.56
N ASN L 87 -1.64 57.42 -25.93
CA ASN L 87 -1.34 57.10 -27.32
C ASN L 87 -1.77 55.70 -27.72
N ALA L 88 -2.76 55.12 -27.04
CA ALA L 88 -3.22 53.77 -27.32
C ALA L 88 -4.53 53.82 -28.11
N SER L 89 -4.50 53.30 -29.33
CA SER L 89 -5.70 53.26 -30.15
C SER L 89 -6.44 51.95 -29.95
N ALA L 90 -7.75 51.99 -30.20
CA ALA L 90 -8.62 50.84 -30.03
C ALA L 90 -9.65 50.78 -31.14
N LYS L 91 -9.87 49.59 -31.67
CA LYS L 91 -10.87 49.36 -32.71
C LYS L 91 -11.79 48.24 -32.26
N PHE L 92 -13.07 48.37 -32.65
CA PHE L 92 -14.09 47.40 -32.27
C PHE L 92 -14.97 47.13 -33.47
N GLU L 93 -14.67 46.07 -34.21
CA GLU L 93 -15.42 45.69 -35.39
C GLU L 93 -15.81 44.22 -35.32
N ASN L 94 -16.98 43.91 -35.87
CA ASN L 94 -17.49 42.54 -35.88
C ASN L 94 -17.61 42.00 -34.46
N GLY L 95 -17.97 42.88 -33.54
CA GLY L 95 -18.13 42.48 -32.15
C GLY L 95 -16.83 42.00 -31.53
N VAL L 96 -15.70 42.45 -32.03
CA VAL L 96 -14.39 42.04 -31.53
C VAL L 96 -13.60 43.30 -31.21
N LEU L 97 -13.22 43.44 -29.94
CA LEU L 97 -12.44 44.60 -29.51
C LEU L 97 -10.96 44.37 -29.73
N SER L 98 -10.28 45.41 -30.20
CA SER L 98 -8.85 45.36 -30.45
C SER L 98 -8.24 46.68 -30.01
N VAL L 99 -7.35 46.63 -29.03
CA VAL L 99 -6.69 47.82 -28.49
C VAL L 99 -5.19 47.68 -28.64
N ILE L 100 -4.54 48.73 -29.15
CA ILE L 100 -3.10 48.77 -29.32
C ILE L 100 -2.53 49.75 -28.32
N LEU L 101 -1.66 49.27 -27.43
CA LEU L 101 -1.07 50.09 -26.38
C LEU L 101 0.41 50.33 -26.69
N PRO L 102 0.84 51.55 -26.97
CA PRO L 102 2.28 51.75 -27.27
C PRO L 102 3.11 51.58 -26.01
N LYS L 103 4.21 50.84 -26.14
CA LYS L 103 5.10 50.61 -25.02
C LYS L 103 5.97 51.85 -24.77
N ALA L 104 6.68 51.82 -23.66
CA ALA L 104 7.55 52.93 -23.31
C ALA L 104 8.77 52.92 -24.22
N GLU L 105 9.05 54.08 -24.84
CA GLU L 105 10.19 54.19 -25.73
C GLU L 105 11.49 53.83 -25.00
N SER L 106 11.55 54.10 -23.69
CA SER L 106 12.73 53.79 -22.91
C SER L 106 13.01 52.30 -22.87
N SER L 107 11.99 51.47 -23.08
CA SER L 107 12.13 50.02 -23.06
C SER L 107 12.44 49.43 -24.43
N ILE L 108 13.16 50.15 -25.28
CA ILE L 108 13.53 49.69 -26.61
C ILE L 108 15.04 49.52 -26.66
N LYS L 109 15.48 48.45 -27.31
CA LYS L 109 16.89 48.10 -27.39
C LYS L 109 17.30 47.83 -28.83
N LYS L 110 18.07 48.76 -29.41
CA LYS L 110 18.67 48.51 -30.72
C LYS L 110 19.31 47.12 -30.75
N GLY L 111 20.09 46.81 -29.71
CA GLY L 111 20.66 45.49 -29.55
C GLY L 111 21.82 45.15 -30.45
N ILE L 112 22.44 46.14 -31.07
CA ILE L 112 23.64 45.94 -31.88
C ILE L 112 23.31 45.21 -33.17
N ASN L 113 22.82 43.98 -33.04
CA ASN L 113 22.36 43.15 -34.16
C ASN L 113 23.40 43.16 -35.29
N ILE L 114 24.57 42.59 -34.95
CA ILE L 114 25.70 42.53 -35.86
C ILE L 114 25.97 43.92 -36.40
N GLU L 115 25.93 44.91 -35.51
CA GLU L 115 26.16 46.30 -35.90
C GLU L 115 25.17 46.71 -36.97
N ILE M 3 21.80 2.07 -44.99
CA ILE M 3 22.93 2.96 -44.80
C ILE M 3 23.47 2.76 -43.40
N GLN M 4 24.68 3.26 -43.18
CA GLN M 4 25.35 3.15 -41.90
C GLN M 4 26.19 4.39 -41.68
N ILE M 5 26.06 4.99 -40.51
CA ILE M 5 26.82 6.18 -40.15
C ILE M 5 27.86 5.79 -39.11
N SER M 6 29.08 6.28 -39.30
CA SER M 6 30.17 5.98 -38.39
C SER M 6 31.14 7.15 -38.41
N GLY M 7 31.59 7.54 -37.21
CA GLY M 7 32.52 8.64 -37.08
C GLY M 7 32.77 8.98 -35.63
N LYS M 8 32.72 10.27 -35.30
CA LYS M 8 32.94 10.68 -33.92
C LYS M 8 32.54 12.13 -33.77
N GLY M 9 32.09 12.49 -32.58
CA GLY M 9 31.68 13.84 -32.29
C GLY M 9 30.22 14.06 -32.61
N PHE M 10 29.87 15.33 -32.72
CA PHE M 10 28.51 15.79 -33.01
C PHE M 10 28.53 16.45 -34.38
N MET M 11 27.80 15.89 -35.33
CA MET M 11 27.78 16.41 -36.69
C MET M 11 26.52 15.96 -37.41
N PRO M 12 25.38 16.61 -37.18
CA PRO M 12 24.15 16.21 -37.88
C PRO M 12 24.32 16.32 -39.39
N ILE M 13 23.77 15.33 -40.10
CA ILE M 13 23.83 15.25 -41.55
C ILE M 13 22.46 14.90 -42.10
N SER M 14 22.14 15.47 -43.26
CA SER M 14 20.88 15.23 -43.93
C SER M 14 21.19 14.77 -45.34
N ILE M 15 20.63 13.63 -45.74
CA ILE M 15 20.83 13.05 -47.06
C ILE M 15 19.57 13.28 -47.88
N ILE M 16 19.74 13.87 -49.05
CA ILE M 16 18.63 14.17 -49.95
C ILE M 16 18.85 13.36 -51.22
N GLU M 17 18.20 12.21 -51.32
CA GLU M 17 18.33 11.37 -52.49
C GLU M 17 17.50 11.93 -53.64
N GLY M 18 18.00 11.72 -54.86
CA GLY M 18 17.32 12.18 -56.06
C GLY M 18 17.38 11.11 -57.13
N ASP M 19 16.75 11.42 -58.27
CA ASP M 19 16.72 10.48 -59.38
C ASP M 19 18.03 10.45 -60.16
N GLN M 20 18.86 11.48 -60.04
CA GLN M 20 20.13 11.52 -60.76
C GLN M 20 21.29 12.01 -59.90
N HIS M 21 21.06 12.30 -58.63
CA HIS M 21 22.12 12.77 -57.75
C HIS M 21 21.68 12.53 -56.32
N ILE M 22 22.61 12.70 -55.40
CA ILE M 22 22.36 12.50 -53.98
C ILE M 22 22.86 13.75 -53.28
N LYS M 23 22.01 14.76 -53.17
CA LYS M 23 22.37 15.99 -52.50
C LYS M 23 22.46 15.74 -50.99
N VAL M 24 23.59 16.11 -50.40
CA VAL M 24 23.82 15.90 -48.98
C VAL M 24 24.09 17.25 -48.33
N ILE M 25 23.56 17.42 -47.12
CA ILE M 25 23.72 18.64 -46.34
C ILE M 25 24.40 18.27 -45.02
N ALA M 26 25.35 19.09 -44.59
CA ALA M 26 26.07 18.83 -43.36
C ALA M 26 26.49 20.13 -42.70
N TRP M 27 26.19 20.25 -41.41
CA TRP M 27 26.56 21.43 -40.63
C TRP M 27 27.95 21.21 -40.05
N LEU M 28 28.86 22.14 -40.36
CA LEU M 28 30.25 22.09 -39.89
C LEU M 28 30.57 23.44 -39.28
N PRO M 29 29.93 23.79 -38.17
CA PRO M 29 30.18 25.09 -37.56
C PRO M 29 31.58 25.16 -36.97
N GLY M 30 32.17 26.35 -37.04
CA GLY M 30 33.49 26.58 -36.52
C GLY M 30 34.61 26.05 -37.37
N VAL M 31 34.29 25.32 -38.44
CA VAL M 31 35.29 24.74 -39.31
C VAL M 31 35.55 25.67 -40.49
N ASN M 32 36.82 25.95 -40.74
CA ASN M 32 37.19 26.81 -41.85
C ASN M 32 36.92 26.08 -43.17
N LYS M 33 37.11 26.80 -44.27
CA LYS M 33 36.91 26.20 -45.58
C LYS M 33 38.04 25.24 -45.91
N GLU M 34 39.26 25.58 -45.50
CA GLU M 34 40.42 24.75 -45.78
C GLU M 34 40.53 23.57 -44.83
N ASP M 35 39.80 23.59 -43.72
CA ASP M 35 39.82 22.51 -42.73
C ASP M 35 38.74 21.48 -43.03
N ILE M 36 38.52 21.21 -44.31
CA ILE M 36 37.51 20.26 -44.76
C ILE M 36 38.14 19.39 -45.82
N ILE M 37 38.02 18.08 -45.67
CA ILE M 37 38.57 17.11 -46.62
C ILE M 37 37.41 16.30 -47.16
N LEU M 38 37.06 16.53 -48.42
CA LEU M 38 35.97 15.83 -49.07
C LEU M 38 36.51 14.76 -50.00
N ASN M 39 36.22 13.50 -49.68
CA ASN M 39 36.64 12.37 -50.49
C ASN M 39 35.49 11.38 -50.61
N ALA M 40 35.42 10.71 -51.76
CA ALA M 40 34.36 9.75 -52.00
C ALA M 40 34.74 8.89 -53.19
N VAL M 41 34.10 7.72 -53.27
CA VAL M 41 34.35 6.78 -54.36
C VAL M 41 33.27 5.70 -54.33
N GLY M 42 32.80 5.30 -55.50
CA GLY M 42 31.78 4.28 -55.60
C GLY M 42 30.48 4.69 -54.97
N ASP M 43 30.15 4.10 -53.83
CA ASP M 43 28.91 4.37 -53.09
C ASP M 43 29.21 4.58 -51.62
N THR M 44 30.16 5.47 -51.33
CA THR M 44 30.51 5.77 -49.95
C THR M 44 31.14 7.15 -49.89
N LEU M 45 30.85 7.87 -48.81
CA LEU M 45 31.34 9.23 -48.61
C LEU M 45 32.14 9.32 -47.32
N GLU M 46 33.19 10.15 -47.35
CA GLU M 46 34.05 10.37 -46.20
C GLU M 46 34.44 11.84 -46.15
N ILE M 47 34.20 12.47 -45.00
CA ILE M 47 34.53 13.87 -44.78
C ILE M 47 35.21 14.00 -43.43
N ARG M 48 36.39 14.62 -43.41
CA ARG M 48 37.15 14.83 -42.19
C ARG M 48 37.31 16.32 -41.95
N ALA M 49 36.97 16.75 -40.74
CA ALA M 49 37.03 18.15 -40.35
C ALA M 49 37.56 18.25 -38.92
N LYS M 50 38.09 19.43 -38.62
CA LYS M 50 38.66 19.74 -37.32
C LYS M 50 38.50 21.23 -37.08
N ARG M 51 38.09 21.60 -35.87
CA ARG M 51 37.87 22.99 -35.50
C ARG M 51 38.98 23.50 -34.60
N SER M 52 39.37 24.75 -34.81
CA SER M 52 40.42 25.31 -33.99
C SER M 52 39.94 25.36 -32.54
N PRO M 53 40.84 25.31 -31.58
CA PRO M 53 40.41 25.29 -30.17
C PRO M 53 39.75 26.60 -29.78
N LEU M 54 38.96 26.54 -28.71
CA LEU M 54 38.31 27.73 -28.18
C LEU M 54 39.27 28.49 -27.26
N MET M 55 40.39 28.91 -27.85
CA MET M 55 41.40 29.65 -27.10
C MET M 55 40.79 30.89 -26.47
N ILE M 56 41.13 31.12 -25.20
CA ILE M 56 40.66 32.28 -24.46
C ILE M 56 41.86 33.08 -23.98
N THR M 57 41.75 34.42 -24.01
CA THR M 57 42.81 35.29 -23.54
C THR M 57 43.21 34.89 -22.11
N GLU M 58 44.39 35.33 -21.67
CA GLU M 58 44.82 35.03 -20.31
C GLU M 58 43.86 35.63 -19.27
N SER M 59 43.24 36.75 -19.59
CA SER M 59 42.29 37.36 -18.68
C SER M 59 40.95 36.63 -18.67
N GLU M 60 40.62 35.98 -19.78
CA GLU M 60 39.37 35.25 -19.90
C GLU M 60 39.40 33.95 -19.10
N ARG M 61 38.25 33.27 -19.11
CA ARG M 61 38.02 32.01 -18.43
C ARG M 61 36.65 31.52 -18.84
N ILE M 62 36.51 30.22 -19.01
CA ILE M 62 35.25 29.61 -19.42
C ILE M 62 34.41 29.28 -18.20
N ILE M 63 33.18 29.79 -18.18
CA ILE M 63 32.27 29.53 -17.07
C ILE M 63 31.15 28.59 -17.46
N TYR M 64 30.70 28.61 -18.70
CA TYR M 64 29.64 27.72 -19.15
C TYR M 64 29.73 27.57 -20.66
N SER M 65 29.57 26.33 -21.12
CA SER M 65 29.66 26.06 -22.55
C SER M 65 29.19 24.66 -22.88
N GLU M 66 28.11 24.55 -23.64
CA GLU M 66 27.59 23.25 -24.06
C GLU M 66 28.23 22.76 -25.34
N ILE M 67 29.09 23.57 -25.96
CA ILE M 67 29.73 23.15 -27.20
C ILE M 67 30.72 22.03 -26.90
N PRO M 68 30.80 20.97 -27.71
CA PRO M 68 31.76 19.91 -27.44
C PRO M 68 33.18 20.45 -27.50
N GLU M 69 34.12 19.60 -27.08
CA GLU M 69 35.53 19.98 -27.02
C GLU M 69 36.40 19.24 -28.00
N GLU M 70 36.06 18.00 -28.32
CA GLU M 70 36.88 17.22 -29.24
C GLU M 70 36.96 17.94 -30.59
N GLU M 71 38.14 17.89 -31.19
CA GLU M 71 38.40 18.58 -32.45
C GLU M 71 38.23 17.66 -33.65
N GLU M 72 38.95 16.56 -33.69
CA GLU M 72 38.86 15.64 -34.81
C GLU M 72 37.46 15.07 -34.91
N ILE M 73 36.80 15.35 -36.04
CA ILE M 73 35.45 14.89 -36.30
C ILE M 73 35.33 14.52 -37.76
N TYR M 74 34.56 13.48 -38.04
CA TYR M 74 34.38 12.99 -39.40
C TYR M 74 33.25 11.98 -39.39
N ARG M 75 32.84 11.57 -40.58
CA ARG M 75 31.79 10.56 -40.73
C ARG M 75 32.16 9.66 -41.90
N THR M 76 31.37 8.59 -42.07
CA THR M 76 31.59 7.64 -43.14
C THR M 76 30.23 7.05 -43.53
N ILE M 77 29.62 7.65 -44.54
CA ILE M 77 28.31 7.24 -45.03
C ILE M 77 28.50 6.31 -46.22
N LYS M 78 27.89 5.14 -46.13
CA LYS M 78 27.94 4.12 -47.19
C LYS M 78 26.68 4.28 -48.03
N LEU M 79 26.79 5.00 -49.14
CA LEU M 79 25.64 5.23 -49.99
C LEU M 79 25.11 3.91 -50.56
N PRO M 80 23.80 3.83 -50.83
CA PRO M 80 23.27 2.57 -51.38
C PRO M 80 23.63 2.35 -52.84
N ALA M 81 23.57 3.39 -53.67
CA ALA M 81 23.85 3.29 -55.09
C ALA M 81 25.17 3.99 -55.41
N THR M 82 25.61 3.80 -56.65
CA THR M 82 26.85 4.40 -57.12
C THR M 82 26.59 5.82 -57.63
N VAL M 83 27.58 6.68 -57.43
CA VAL M 83 27.52 8.07 -57.84
C VAL M 83 28.77 8.40 -58.62
N LYS M 84 28.65 9.39 -59.52
CA LYS M 84 29.78 9.82 -60.33
C LYS M 84 30.54 10.86 -59.52
N GLU M 85 31.42 10.36 -58.65
CA GLU M 85 32.21 11.25 -57.80
C GLU M 85 33.09 12.18 -58.62
N GLU M 86 33.58 11.71 -59.77
CA GLU M 86 34.43 12.55 -60.60
C GLU M 86 33.70 13.80 -61.05
N ASN M 87 32.37 13.71 -61.20
CA ASN M 87 31.55 14.85 -61.61
C ASN M 87 30.72 15.39 -60.45
N ALA M 88 31.22 15.25 -59.23
CA ALA M 88 30.52 15.72 -58.05
C ALA M 88 30.97 17.13 -57.69
N SER M 89 30.27 17.74 -56.75
CA SER M 89 30.60 19.09 -56.31
C SER M 89 30.13 19.26 -54.88
N ALA M 90 30.39 20.44 -54.32
CA ALA M 90 30.02 20.74 -52.95
C ALA M 90 30.02 22.25 -52.75
N LYS M 91 29.27 22.68 -51.73
CA LYS M 91 29.16 24.08 -51.40
C LYS M 91 29.13 24.25 -49.89
N PHE M 92 30.00 25.12 -49.39
CA PHE M 92 30.17 25.38 -47.96
C PHE M 92 29.86 26.84 -47.67
N GLU M 93 28.63 27.11 -47.26
CA GLU M 93 28.17 28.45 -46.94
C GLU M 93 27.49 28.44 -45.58
N ASN M 94 27.81 29.43 -44.75
CA ASN M 94 27.23 29.55 -43.41
C ASN M 94 27.53 28.29 -42.59
N GLY M 95 28.72 27.75 -42.77
CA GLY M 95 29.08 26.55 -42.04
C GLY M 95 28.18 25.39 -42.39
N VAL M 96 27.69 25.35 -43.63
CA VAL M 96 26.79 24.30 -44.08
C VAL M 96 27.34 23.76 -45.39
N LEU M 97 27.84 22.53 -45.36
CA LEU M 97 28.40 21.88 -46.53
C LEU M 97 27.28 21.20 -47.31
N SER M 98 27.07 21.63 -48.55
CA SER M 98 26.04 21.09 -49.43
C SER M 98 26.73 20.36 -50.56
N VAL M 99 26.86 19.06 -50.41
CA VAL M 99 27.53 18.21 -51.38
C VAL M 99 26.54 17.74 -52.44
N ILE M 100 27.02 17.66 -53.68
CA ILE M 100 26.23 17.20 -54.82
C ILE M 100 26.91 15.95 -55.35
N LEU M 101 26.17 14.83 -55.32
CA LEU M 101 26.70 13.53 -55.75
C LEU M 101 25.87 12.96 -56.89
N PRO M 102 26.18 13.30 -58.14
CA PRO M 102 25.42 12.74 -59.26
C PRO M 102 25.46 11.21 -59.25
N LYS M 103 24.29 10.60 -59.42
CA LYS M 103 24.20 9.15 -59.44
C LYS M 103 24.77 8.59 -60.73
N ALA M 104 25.26 7.35 -60.64
CA ALA M 104 25.82 6.70 -61.81
C ALA M 104 24.71 6.09 -62.66
N GLU M 105 24.92 6.12 -63.97
CA GLU M 105 23.92 5.56 -64.89
C GLU M 105 23.79 4.05 -64.74
N SER M 106 24.88 3.36 -64.43
CA SER M 106 24.83 1.91 -64.27
C SER M 106 24.11 1.50 -63.00
N SER M 107 24.09 2.37 -61.98
CA SER M 107 23.42 2.05 -60.73
C SER M 107 21.91 2.20 -60.82
N ILE M 108 21.40 3.03 -61.73
CA ILE M 108 19.95 3.21 -61.84
C ILE M 108 19.32 1.89 -62.30
N LYS M 109 18.19 1.57 -61.69
CA LYS M 109 17.48 0.33 -62.02
C LYS M 109 16.90 0.41 -63.42
N LYS M 110 17.01 -0.70 -64.15
CA LYS M 110 16.49 -0.77 -65.50
C LYS M 110 14.97 -0.63 -65.48
N GLY M 111 14.42 0.00 -66.51
CA GLY M 111 12.98 0.18 -66.60
C GLY M 111 12.29 -1.12 -66.92
N ILE M 112 11.23 -1.43 -66.18
CA ILE M 112 10.44 -2.65 -66.36
C ILE M 112 9.03 -2.23 -66.74
N ASN M 113 8.60 -2.64 -67.93
CA ASN M 113 7.25 -2.31 -68.40
C ASN M 113 6.25 -3.29 -67.79
N ILE M 114 5.09 -2.77 -67.41
CA ILE M 114 4.04 -3.58 -66.82
C ILE M 114 3.19 -4.13 -67.95
N GLU M 115 3.10 -5.46 -68.03
CA GLU M 115 2.32 -6.11 -69.08
C GLU M 115 0.85 -6.19 -68.68
N ILE N 3 -35.43 -25.08 20.49
CA ILE N 3 -36.82 -24.86 20.08
C ILE N 3 -36.86 -23.68 19.12
N GLN N 4 -37.95 -23.59 18.39
CA GLN N 4 -38.14 -22.52 17.41
C GLN N 4 -39.61 -22.14 17.38
N ILE N 5 -39.87 -20.84 17.23
CA ILE N 5 -41.21 -20.29 17.15
C ILE N 5 -41.38 -19.64 15.80
N SER N 6 -42.55 -19.85 15.19
CA SER N 6 -42.83 -19.30 13.88
C SER N 6 -44.31 -18.97 13.77
N GLY N 7 -44.61 -17.87 13.09
CA GLY N 7 -45.98 -17.42 12.90
C GLY N 7 -46.04 -16.06 12.24
N LYS N 8 -46.95 -15.21 12.70
CA LYS N 8 -47.08 -13.88 12.11
C LYS N 8 -47.90 -13.00 13.04
N GLY N 9 -47.55 -11.73 13.09
CA GLY N 9 -48.24 -10.78 13.93
C GLY N 9 -47.52 -10.59 15.26
N PHE N 10 -48.23 -9.93 16.17
CA PHE N 10 -47.71 -9.64 17.51
C PHE N 10 -48.41 -10.57 18.50
N MET N 11 -47.63 -11.41 19.18
CA MET N 11 -48.18 -12.38 20.11
C MET N 11 -47.11 -12.88 21.07
N PRO N 12 -46.78 -12.11 22.11
CA PRO N 12 -45.77 -12.56 23.07
C PRO N 12 -46.21 -13.86 23.74
N ILE N 13 -45.24 -14.76 23.94
CA ILE N 13 -45.49 -16.06 24.55
C ILE N 13 -44.40 -16.35 25.58
N SER N 14 -44.80 -17.04 26.64
CA SER N 14 -43.90 -17.43 27.72
C SER N 14 -44.05 -18.91 27.99
N ILE N 15 -42.94 -19.64 27.91
CA ILE N 15 -42.93 -21.09 28.13
C ILE N 15 -42.45 -21.37 29.53
N ILE N 16 -43.32 -21.96 30.35
CA ILE N 16 -43.02 -22.30 31.73
C ILE N 16 -42.90 -23.82 31.83
N GLU N 17 -41.67 -24.32 31.88
CA GLU N 17 -41.46 -25.76 32.02
C GLU N 17 -41.73 -26.20 33.44
N GLY N 18 -42.17 -27.45 33.60
CA GLY N 18 -42.45 -28.00 34.90
C GLY N 18 -42.05 -29.47 34.95
N ASP N 19 -42.12 -30.02 36.16
CA ASP N 19 -41.75 -31.42 36.35
C ASP N 19 -42.87 -32.37 35.94
N GLN N 20 -44.09 -31.88 35.79
CA GLN N 20 -45.22 -32.69 35.41
C GLN N 20 -46.03 -32.08 34.27
N HIS N 21 -45.66 -30.89 33.80
CA HIS N 21 -46.38 -30.24 32.73
C HIS N 21 -45.50 -29.11 32.20
N ILE N 22 -45.94 -28.53 31.09
CA ILE N 22 -45.22 -27.44 30.44
C ILE N 22 -46.24 -26.30 30.30
N LYS N 23 -46.34 -25.48 31.35
CA LYS N 23 -47.27 -24.37 31.34
C LYS N 23 -46.78 -23.31 30.36
N VAL N 24 -47.69 -22.79 29.55
CA VAL N 24 -47.38 -21.79 28.53
C VAL N 24 -48.37 -20.64 28.65
N ILE N 25 -47.86 -19.42 28.58
CA ILE N 25 -48.67 -18.21 28.67
C ILE N 25 -48.59 -17.47 27.33
N ALA N 26 -49.71 -16.87 26.94
CA ALA N 26 -49.77 -16.12 25.69
C ALA N 26 -50.85 -15.04 25.76
N TRP N 27 -50.48 -13.82 25.41
CA TRP N 27 -51.38 -12.68 25.40
C TRP N 27 -52.09 -12.56 24.05
N LEU N 28 -53.42 -12.59 24.09
CA LEU N 28 -54.27 -12.46 22.91
C LEU N 28 -55.32 -11.41 23.20
N PRO N 29 -54.93 -10.16 23.38
CA PRO N 29 -55.90 -9.12 23.71
C PRO N 29 -56.81 -8.82 22.54
N GLY N 30 -58.03 -8.42 22.86
CA GLY N 30 -59.00 -8.11 21.84
C GLY N 30 -59.52 -9.31 21.09
N VAL N 31 -59.11 -10.51 21.46
CA VAL N 31 -59.53 -11.73 20.78
C VAL N 31 -60.65 -12.39 21.55
N ASN N 32 -61.71 -12.74 20.83
CA ASN N 32 -62.84 -13.42 21.44
C ASN N 32 -62.46 -14.83 21.84
N LYS N 33 -63.35 -15.47 22.61
CA LYS N 33 -63.10 -16.82 23.07
C LYS N 33 -63.26 -17.82 21.93
N GLU N 34 -64.12 -17.52 20.96
CA GLU N 34 -64.39 -18.43 19.86
C GLU N 34 -63.38 -18.32 18.71
N ASP N 35 -62.62 -17.24 18.62
CA ASP N 35 -61.66 -17.08 17.52
C ASP N 35 -60.30 -17.62 17.88
N ILE N 36 -60.25 -18.75 18.57
CA ILE N 36 -59.00 -19.38 18.99
C ILE N 36 -59.11 -20.87 18.75
N ILE N 37 -58.39 -21.36 17.74
CA ILE N 37 -58.33 -22.83 17.48
C ILE N 37 -56.97 -23.29 18.02
N LEU N 38 -56.94 -23.86 19.23
CA LEU N 38 -55.67 -24.27 19.88
C LEU N 38 -55.43 -25.76 19.59
N ASN N 39 -54.42 -26.07 18.77
CA ASN N 39 -54.17 -27.48 18.34
C ASN N 39 -52.81 -27.95 18.82
N ALA N 40 -52.76 -28.95 19.73
CA ALA N 40 -51.50 -29.52 20.25
C ALA N 40 -51.49 -31.04 20.11
N VAL N 41 -50.38 -31.62 19.61
CA VAL N 41 -50.21 -33.11 19.54
C VAL N 41 -48.72 -33.42 19.65
N GLY N 42 -48.35 -34.44 20.51
CA GLY N 42 -46.95 -34.83 20.57
C GLY N 42 -46.09 -33.81 21.27
N ASP N 43 -45.23 -33.15 20.52
CA ASP N 43 -44.31 -32.14 21.04
C ASP N 43 -44.32 -30.90 20.14
N THR N 44 -45.51 -30.36 19.89
CA THR N 44 -45.63 -29.16 19.08
C THR N 44 -46.91 -28.43 19.46
N LEU N 45 -46.99 -27.16 19.03
CA LEU N 45 -48.13 -26.33 19.36
C LEU N 45 -48.41 -25.34 18.25
N GLU N 46 -49.69 -25.00 18.09
CA GLU N 46 -50.14 -24.05 17.08
C GLU N 46 -51.37 -23.33 17.60
N ILE N 47 -51.47 -22.04 17.29
CA ILE N 47 -52.59 -21.20 17.73
C ILE N 47 -53.10 -20.42 16.53
N ARG N 48 -54.39 -20.56 16.22
CA ARG N 48 -55.03 -19.89 15.10
C ARG N 48 -55.94 -18.79 15.68
N ALA N 49 -55.40 -17.58 15.76
CA ALA N 49 -56.10 -16.45 16.32
C ALA N 49 -56.31 -15.34 15.28
N LYS N 50 -57.28 -14.47 15.58
CA LYS N 50 -57.60 -13.35 14.72
C LYS N 50 -58.48 -12.35 15.45
N ARG N 51 -58.12 -11.07 15.42
CA ARG N 51 -58.89 -10.03 16.09
C ARG N 51 -59.72 -9.24 15.10
N SER N 52 -60.93 -8.89 15.50
CA SER N 52 -61.80 -8.15 14.62
C SER N 52 -61.21 -6.77 14.34
N PRO N 53 -61.55 -6.16 13.21
CA PRO N 53 -61.00 -4.84 12.89
C PRO N 53 -61.57 -3.79 13.83
N LEU N 54 -60.75 -2.79 14.11
CA LEU N 54 -61.16 -1.70 14.99
C LEU N 54 -62.29 -0.91 14.34
N MET N 55 -63.53 -1.31 14.61
CA MET N 55 -64.69 -0.63 14.05
C MET N 55 -64.77 0.80 14.55
N ILE N 56 -65.15 1.71 13.65
CA ILE N 56 -65.28 3.13 13.99
C ILE N 56 -66.47 3.69 13.23
N THR N 57 -67.19 4.60 13.89
CA THR N 57 -68.33 5.23 13.26
C THR N 57 -67.85 6.17 12.16
N GLU N 58 -68.75 6.46 11.22
CA GLU N 58 -68.41 7.33 10.11
C GLU N 58 -67.92 8.69 10.59
N SER N 59 -68.43 9.15 11.74
CA SER N 59 -67.99 10.42 12.30
C SER N 59 -66.64 10.30 12.99
N GLU N 60 -66.24 9.11 13.39
CA GLU N 60 -64.98 8.89 14.05
C GLU N 60 -63.83 8.84 13.06
N ARG N 61 -62.63 9.16 13.54
CA ARG N 61 -61.44 9.14 12.74
C ARG N 61 -60.27 8.73 13.62
N ILE N 62 -59.38 7.90 13.08
CA ILE N 62 -58.22 7.41 13.81
C ILE N 62 -57.08 8.40 13.63
N ILE N 63 -56.61 8.99 14.72
CA ILE N 63 -55.52 9.95 14.68
C ILE N 63 -54.22 9.39 15.20
N TYR N 64 -54.25 8.37 16.04
CA TYR N 64 -53.00 7.79 16.56
C TYR N 64 -53.31 6.44 17.16
N SER N 65 -52.66 5.40 16.66
CA SER N 65 -52.89 4.06 17.17
C SER N 65 -51.65 3.21 16.93
N GLU N 66 -51.03 2.74 17.99
CA GLU N 66 -49.87 1.88 17.89
C GLU N 66 -50.24 0.42 17.76
N ILE N 67 -51.52 0.09 17.89
CA ILE N 67 -51.96 -1.30 17.78
C ILE N 67 -51.84 -1.76 16.33
N PRO N 68 -51.35 -2.96 16.06
CA PRO N 68 -51.27 -3.41 14.66
C PRO N 68 -52.66 -3.52 14.04
N GLU N 69 -52.67 -3.75 12.74
CA GLU N 69 -53.92 -3.82 11.96
C GLU N 69 -54.23 -5.20 11.42
N GLU N 70 -53.21 -5.99 11.10
CA GLU N 70 -53.44 -7.31 10.54
C GLU N 70 -54.28 -8.17 11.46
N GLU N 71 -55.15 -8.97 10.85
CA GLU N 71 -56.06 -9.86 11.55
C GLU N 71 -55.51 -11.27 11.65
N GLU N 72 -55.17 -11.87 10.52
CA GLU N 72 -54.66 -13.24 10.52
C GLU N 72 -53.37 -13.30 11.32
N ILE N 73 -53.40 -14.06 12.41
CA ILE N 73 -52.24 -14.21 13.28
C ILE N 73 -52.22 -15.62 13.84
N TYR N 74 -51.01 -16.15 14.03
CA TYR N 74 -50.86 -17.49 14.56
C TYR N 74 -49.40 -17.69 14.92
N ARG N 75 -49.12 -18.83 15.56
CA ARG N 75 -47.77 -19.20 15.94
C ARG N 75 -47.61 -20.70 15.76
N THR N 76 -46.36 -21.15 15.85
CA THR N 76 -46.02 -22.57 15.71
C THR N 76 -44.81 -22.85 16.59
N ILE N 77 -45.08 -23.26 17.82
CA ILE N 77 -44.04 -23.54 18.79
C ILE N 77 -43.67 -25.01 18.73
N LYS N 78 -42.38 -25.29 18.78
CA LYS N 78 -41.86 -26.65 18.76
C LYS N 78 -41.45 -27.02 20.17
N LEU N 79 -42.29 -27.81 20.84
CA LEU N 79 -42.00 -28.20 22.21
C LEU N 79 -40.73 -29.04 22.26
N PRO N 80 -39.99 -29.00 23.37
CA PRO N 80 -38.78 -29.83 23.45
C PRO N 80 -39.11 -31.30 23.63
N ALA N 81 -40.03 -31.61 24.52
CA ALA N 81 -40.43 -32.98 24.81
C ALA N 81 -41.89 -33.20 24.41
N THR N 82 -42.34 -34.44 24.59
CA THR N 82 -43.70 -34.84 24.26
C THR N 82 -44.61 -34.65 25.47
N VAL N 83 -45.86 -34.25 25.19
CA VAL N 83 -46.87 -34.03 26.21
C VAL N 83 -48.11 -34.83 25.86
N LYS N 84 -48.96 -35.03 26.88
CA LYS N 84 -50.22 -35.76 26.71
C LYS N 84 -51.29 -34.74 26.35
N GLU N 85 -51.41 -34.48 25.05
CA GLU N 85 -52.39 -33.51 24.58
C GLU N 85 -53.81 -33.92 24.94
N GLU N 86 -54.08 -35.23 24.90
CA GLU N 86 -55.42 -35.71 25.22
C GLU N 86 -55.81 -35.37 26.66
N ASN N 87 -54.83 -35.32 27.56
CA ASN N 87 -55.06 -34.99 28.96
C ASN N 87 -54.63 -33.58 29.30
N ALA N 88 -54.48 -32.72 28.30
CA ALA N 88 -54.04 -31.34 28.52
C ALA N 88 -55.26 -30.44 28.70
N SER N 89 -54.99 -29.21 29.16
CA SER N 89 -56.03 -28.22 29.35
C SER N 89 -55.45 -26.85 29.08
N ALA N 90 -56.30 -25.84 29.14
CA ALA N 90 -55.90 -24.47 28.88
C ALA N 90 -56.95 -23.53 29.46
N LYS N 91 -56.53 -22.28 29.69
CA LYS N 91 -57.42 -21.27 30.22
C LYS N 91 -57.15 -19.94 29.54
N PHE N 92 -58.22 -19.18 29.32
CA PHE N 92 -58.16 -17.89 28.63
C PHE N 92 -58.98 -16.87 29.40
N GLU N 93 -58.31 -16.08 30.24
CA GLU N 93 -58.97 -15.06 31.05
C GLU N 93 -58.22 -13.74 30.90
N ASN N 94 -58.97 -12.66 30.69
CA ASN N 94 -58.39 -11.32 30.54
C ASN N 94 -57.40 -11.28 29.39
N GLY N 95 -57.73 -11.96 28.30
CA GLY N 95 -56.85 -11.97 27.15
C GLY N 95 -55.51 -12.60 27.44
N VAL N 96 -55.48 -13.57 28.35
CA VAL N 96 -54.26 -14.25 28.73
C VAL N 96 -54.52 -15.73 28.57
N LEU N 97 -53.85 -16.37 27.62
CA LEU N 97 -54.02 -17.79 27.36
C LEU N 97 -53.07 -18.60 28.21
N SER N 98 -53.62 -19.32 29.18
CA SER N 98 -52.86 -20.17 30.09
C SER N 98 -53.08 -21.62 29.69
N VAL N 99 -52.10 -22.18 28.99
CA VAL N 99 -52.16 -23.55 28.49
C VAL N 99 -51.47 -24.49 29.46
N ILE N 100 -52.12 -25.60 29.76
CA ILE N 100 -51.59 -26.63 30.66
C ILE N 100 -51.24 -27.83 29.80
N LEU N 101 -49.96 -28.19 29.77
CA LEU N 101 -49.46 -29.29 28.95
C LEU N 101 -48.81 -30.37 29.82
N PRO N 102 -49.57 -31.33 30.33
CA PRO N 102 -48.97 -32.40 31.13
C PRO N 102 -47.92 -33.16 30.34
N LYS N 103 -46.76 -33.34 30.96
CA LYS N 103 -45.66 -34.05 30.31
C LYS N 103 -46.00 -35.53 30.14
N ALA N 104 -45.37 -36.15 29.15
CA ALA N 104 -45.61 -37.56 28.90
C ALA N 104 -44.81 -38.42 29.87
N GLU N 105 -45.19 -39.70 29.96
CA GLU N 105 -44.50 -40.63 30.84
C GLU N 105 -43.01 -40.74 30.49
N SER N 106 -42.68 -40.64 29.20
CA SER N 106 -41.30 -40.74 28.75
C SER N 106 -40.53 -39.44 28.95
N SER N 107 -41.22 -38.32 29.11
CA SER N 107 -40.56 -37.03 29.27
C SER N 107 -40.14 -36.76 30.71
N ILE N 108 -40.79 -37.40 31.69
CA ILE N 108 -40.44 -37.17 33.09
C ILE N 108 -39.03 -37.69 33.36
N LYS N 109 -38.24 -36.87 34.06
CA LYS N 109 -36.87 -37.22 34.41
C LYS N 109 -36.87 -37.92 35.77
N LYS N 110 -36.15 -39.03 35.86
CA LYS N 110 -36.10 -39.77 37.11
C LYS N 110 -35.06 -39.16 38.05
N GLY N 111 -35.40 -39.14 39.34
CA GLY N 111 -34.50 -38.59 40.33
C GLY N 111 -33.41 -39.57 40.71
N ILE N 112 -32.22 -39.04 40.95
CA ILE N 112 -31.04 -39.82 41.33
C ILE N 112 -30.57 -39.32 42.68
N ASN N 113 -30.49 -40.22 43.65
CA ASN N 113 -30.03 -39.84 44.99
C ASN N 113 -28.52 -39.73 44.99
N ILE N 114 -28.01 -38.66 45.58
CA ILE N 114 -26.57 -38.45 45.64
C ILE N 114 -25.97 -39.40 46.66
N GLU N 115 -25.07 -40.26 46.20
CA GLU N 115 -24.42 -41.22 47.08
C GLU N 115 -23.34 -40.51 47.90
N ILE O 3 28.89 -17.05 -40.56
CA ILE O 3 28.15 -18.12 -41.21
C ILE O 3 26.82 -18.29 -40.48
N GLN O 4 25.89 -18.97 -41.15
CA GLN O 4 24.57 -19.20 -40.59
C GLN O 4 24.06 -20.56 -41.01
N ILE O 5 23.45 -21.28 -40.06
CA ILE O 5 22.89 -22.60 -40.29
C ILE O 5 21.39 -22.52 -40.03
N SER O 6 20.60 -23.10 -40.93
CA SER O 6 19.16 -23.11 -40.81
C SER O 6 18.62 -24.45 -41.30
N GLY O 7 17.57 -24.91 -40.66
CA GLY O 7 16.95 -26.19 -41.01
C GLY O 7 15.97 -26.63 -39.95
N LYS O 8 15.93 -27.93 -39.67
CA LYS O 8 15.02 -28.47 -38.67
C LYS O 8 15.49 -29.86 -38.27
N GLY O 9 15.24 -30.21 -37.02
CA GLY O 9 15.62 -31.51 -36.51
C GLY O 9 16.97 -31.51 -35.83
N PHE O 10 17.55 -32.70 -35.78
CA PHE O 10 18.85 -32.95 -35.18
C PHE O 10 19.78 -33.49 -36.25
N MET O 11 20.87 -32.78 -36.50
CA MET O 11 21.81 -33.17 -37.54
C MET O 11 23.15 -32.45 -37.35
N PRO O 12 23.99 -32.92 -36.44
CA PRO O 12 25.30 -32.28 -36.25
C PRO O 12 26.11 -32.30 -37.54
N ILE O 13 26.84 -31.22 -37.79
CA ILE O 13 27.66 -31.06 -38.97
C ILE O 13 29.02 -30.48 -38.58
N SER O 14 30.04 -30.92 -39.30
CA SER O 14 31.41 -30.45 -39.09
C SER O 14 31.97 -29.96 -40.41
N ILE O 15 32.51 -28.75 -40.40
CA ILE O 15 33.07 -28.11 -41.59
C ILE O 15 34.58 -28.11 -41.44
N ILE O 16 35.26 -28.86 -42.30
CA ILE O 16 36.72 -28.96 -42.29
C ILE O 16 37.21 -28.17 -43.49
N GLU O 17 37.66 -26.94 -43.24
CA GLU O 17 38.15 -26.07 -44.29
C GLU O 17 39.55 -26.50 -44.72
N GLY O 18 39.86 -26.24 -46.00
CA GLY O 18 41.17 -26.57 -46.54
C GLY O 18 41.60 -25.50 -47.51
N ASP O 19 42.86 -25.62 -47.95
CA ASP O 19 43.42 -24.67 -48.90
C ASP O 19 42.91 -24.87 -50.31
N GLN O 20 42.45 -26.07 -50.64
CA GLN O 20 41.94 -26.39 -51.96
C GLN O 20 40.49 -26.84 -51.95
N HIS O 21 39.91 -27.09 -50.78
CA HIS O 21 38.54 -27.54 -50.69
C HIS O 21 38.06 -27.34 -49.26
N ILE O 22 36.77 -27.55 -49.06
CA ILE O 22 36.13 -27.41 -47.76
C ILE O 22 35.46 -28.74 -47.46
N LYS O 23 36.21 -29.64 -46.82
CA LYS O 23 35.67 -30.94 -46.46
C LYS O 23 34.64 -30.78 -45.35
N VAL O 24 33.48 -31.40 -45.54
CA VAL O 24 32.38 -31.31 -44.58
C VAL O 24 32.01 -32.72 -44.13
N ILE O 25 31.65 -32.84 -42.85
CA ILE O 25 31.24 -34.11 -42.25
C ILE O 25 29.90 -33.90 -41.57
N ALA O 26 29.04 -34.92 -41.65
CA ALA O 26 27.71 -34.83 -41.04
C ALA O 26 27.20 -36.24 -40.79
N TRP O 27 26.68 -36.47 -39.58
CA TRP O 27 26.11 -37.76 -39.22
C TRP O 27 24.68 -37.84 -39.74
N LEU O 28 24.40 -38.84 -40.57
CA LEU O 28 23.08 -39.05 -41.14
C LEU O 28 22.65 -40.50 -40.94
N PRO O 29 22.50 -40.93 -39.69
CA PRO O 29 22.11 -42.33 -39.43
C PRO O 29 20.66 -42.58 -39.81
N GLY O 30 20.38 -43.81 -40.20
CA GLY O 30 19.03 -44.21 -40.58
C GLY O 30 18.52 -43.63 -41.87
N VAL O 31 19.34 -42.91 -42.62
CA VAL O 31 18.92 -42.31 -43.88
C VAL O 31 19.45 -43.18 -45.00
N ASN O 32 18.56 -43.63 -45.88
CA ASN O 32 18.97 -44.47 -46.98
C ASN O 32 19.86 -43.69 -47.94
N LYS O 33 20.56 -44.42 -48.80
CA LYS O 33 21.45 -43.78 -49.77
C LYS O 33 20.66 -42.95 -50.77
N GLU O 34 19.43 -43.36 -51.07
CA GLU O 34 18.58 -42.64 -52.01
C GLU O 34 17.75 -41.56 -51.34
N ASP O 35 17.62 -41.59 -50.03
CA ASP O 35 16.84 -40.58 -49.31
C ASP O 35 17.74 -39.42 -48.90
N ILE O 36 18.52 -38.94 -49.88
CA ILE O 36 19.44 -37.84 -49.68
C ILE O 36 19.32 -36.92 -50.89
N ILE O 37 18.97 -35.68 -50.65
CA ILE O 37 18.82 -34.69 -51.71
C ILE O 37 19.84 -33.59 -51.41
N LEU O 38 21.05 -33.78 -51.92
CA LEU O 38 22.13 -32.83 -51.70
C LEU O 38 22.13 -31.76 -52.78
N ASN O 39 22.34 -30.52 -52.37
CA ASN O 39 22.41 -29.40 -53.31
C ASN O 39 23.38 -28.36 -52.77
N ALA O 40 24.06 -27.69 -53.70
CA ALA O 40 25.02 -26.66 -53.34
C ALA O 40 25.31 -25.81 -54.56
N VAL O 41 25.62 -24.54 -54.33
CA VAL O 41 25.95 -23.62 -55.41
C VAL O 41 26.50 -22.34 -54.81
N GLY O 42 27.46 -21.74 -55.50
CA GLY O 42 28.06 -20.50 -55.02
C GLY O 42 28.79 -20.70 -53.71
N ASP O 43 28.24 -20.12 -52.64
CA ASP O 43 28.81 -20.20 -51.30
C ASP O 43 27.74 -20.54 -50.27
N THR O 44 26.93 -21.55 -50.59
CA THR O 44 25.88 -21.99 -49.69
C THR O 44 25.61 -23.47 -49.93
N LEU O 45 25.37 -24.19 -48.84
CA LEU O 45 25.10 -25.62 -48.89
C LEU O 45 23.68 -25.90 -48.39
N GLU O 46 22.90 -26.58 -49.22
CA GLU O 46 21.51 -26.94 -48.89
C GLU O 46 21.42 -28.45 -48.86
N ILE O 47 21.26 -29.01 -47.67
CA ILE O 47 21.16 -30.45 -47.47
C ILE O 47 19.71 -30.79 -47.18
N ARG O 48 19.19 -31.81 -47.85
CA ARG O 48 17.81 -32.26 -47.65
C ARG O 48 17.81 -33.78 -47.66
N ALA O 49 17.45 -34.38 -46.53
CA ALA O 49 17.43 -35.83 -46.39
C ALA O 49 16.20 -36.25 -45.61
N LYS O 50 16.05 -37.56 -45.42
CA LYS O 50 14.92 -38.13 -44.70
C LYS O 50 15.18 -39.60 -44.44
N ARG O 51 14.74 -40.08 -43.29
CA ARG O 51 14.90 -41.46 -42.87
C ARG O 51 13.54 -42.17 -42.85
N SER O 52 13.57 -43.49 -42.92
CA SER O 52 12.32 -44.21 -42.91
C SER O 52 11.73 -44.23 -41.50
N PRO O 53 10.40 -44.36 -41.37
CA PRO O 53 9.78 -44.38 -40.05
C PRO O 53 10.11 -45.67 -39.30
N LEU O 54 10.05 -45.56 -37.97
CA LEU O 54 10.33 -46.69 -37.09
C LEU O 54 9.15 -47.64 -37.11
N MET O 55 9.13 -48.53 -38.11
CA MET O 55 8.07 -49.51 -38.21
C MET O 55 8.11 -50.47 -37.03
N ILE O 56 6.94 -50.78 -36.47
CA ILE O 56 6.83 -51.68 -35.33
C ILE O 56 5.56 -52.50 -35.48
N THR O 57 5.65 -53.78 -35.13
CA THR O 57 4.50 -54.66 -35.22
C THR O 57 3.50 -54.33 -34.11
N GLU O 58 2.24 -54.70 -34.33
CA GLU O 58 1.19 -54.44 -33.35
C GLU O 58 1.51 -55.12 -32.02
N SER O 59 2.17 -56.27 -32.05
CA SER O 59 2.53 -56.97 -30.82
C SER O 59 3.66 -56.26 -30.09
N GLU O 60 4.52 -55.55 -30.83
CA GLU O 60 5.63 -54.84 -30.23
C GLU O 60 5.11 -53.63 -29.46
N ARG O 61 6.04 -52.90 -28.85
CA ARG O 61 5.66 -51.72 -28.07
C ARG O 61 6.93 -50.95 -27.74
N ILE O 62 6.77 -49.63 -27.58
CA ILE O 62 7.88 -48.75 -27.25
C ILE O 62 7.73 -48.36 -25.78
N ILE O 63 8.80 -48.61 -25.01
CA ILE O 63 8.80 -48.28 -23.60
C ILE O 63 9.74 -47.11 -23.28
N TYR O 64 10.81 -46.94 -24.04
CA TYR O 64 11.75 -45.85 -23.81
C TYR O 64 12.49 -45.58 -25.11
N SER O 65 12.61 -44.30 -25.48
CA SER O 65 13.26 -43.96 -26.73
C SER O 65 13.62 -42.48 -26.80
N GLU O 66 14.91 -42.18 -26.91
CA GLU O 66 15.40 -40.82 -27.05
C GLU O 66 15.63 -40.41 -28.49
N ILE O 67 15.55 -41.34 -29.43
CA ILE O 67 15.77 -41.01 -30.84
C ILE O 67 14.65 -40.08 -31.31
N PRO O 68 14.95 -39.03 -32.09
CA PRO O 68 13.88 -38.14 -32.54
C PRO O 68 12.87 -38.88 -33.41
N GLU O 69 11.79 -38.18 -33.75
CA GLU O 69 10.71 -38.76 -34.53
C GLU O 69 10.45 -38.07 -35.85
N GLU O 70 10.78 -36.79 -35.98
CA GLU O 70 10.54 -36.10 -37.24
C GLU O 70 11.25 -36.81 -38.39
N GLU O 71 10.58 -36.90 -39.52
CA GLU O 71 11.13 -37.60 -40.68
C GLU O 71 11.86 -36.62 -41.61
N GLU O 72 11.12 -35.68 -42.18
CA GLU O 72 11.70 -34.72 -43.10
C GLU O 72 12.70 -33.85 -42.34
N ILE O 73 13.94 -33.82 -42.83
CA ILE O 73 15.00 -33.03 -42.22
C ILE O 73 15.88 -32.46 -43.32
N TYR O 74 16.40 -31.27 -43.07
CA TYR O 74 17.23 -30.60 -44.05
C TYR O 74 18.03 -29.50 -43.35
N ARG O 75 18.99 -28.94 -44.08
CA ARG O 75 19.81 -27.86 -43.58
C ARG O 75 20.11 -26.90 -44.73
N THR O 76 20.59 -25.71 -44.37
CA THR O 76 20.93 -24.67 -45.34
C THR O 76 22.08 -23.87 -44.74
N ILE O 77 23.29 -24.24 -45.11
CA ILE O 77 24.50 -23.60 -44.61
C ILE O 77 24.96 -22.55 -45.61
N LYS O 78 25.43 -21.43 -45.08
CA LYS O 78 25.93 -20.32 -45.88
C LYS O 78 27.44 -20.36 -45.75
N LEU O 79 28.11 -20.90 -46.77
CA LEU O 79 29.56 -21.04 -46.74
C LEU O 79 30.21 -19.66 -46.70
N PRO O 80 31.42 -19.56 -46.12
CA PRO O 80 32.09 -18.26 -46.07
C PRO O 80 32.70 -17.83 -47.40
N ALA O 81 32.90 -18.75 -48.34
CA ALA O 81 33.48 -18.43 -49.63
C ALA O 81 32.84 -19.30 -50.69
N THR O 82 33.25 -19.09 -51.94
CA THR O 82 32.73 -19.85 -53.07
C THR O 82 33.54 -21.13 -53.28
N VAL O 83 32.83 -22.17 -53.72
CA VAL O 83 33.44 -23.47 -53.98
C VAL O 83 32.94 -23.97 -55.33
N LYS O 84 33.79 -24.74 -56.01
CA LYS O 84 33.44 -25.29 -57.32
C LYS O 84 32.53 -26.50 -57.09
N GLU O 85 31.25 -26.21 -56.85
CA GLU O 85 30.28 -27.28 -56.61
C GLU O 85 30.19 -28.21 -57.80
N GLU O 86 30.33 -27.66 -59.02
CA GLU O 86 30.25 -28.49 -60.21
C GLU O 86 31.33 -29.57 -60.20
N ASN O 87 32.46 -29.28 -59.57
CA ASN O 87 33.58 -30.23 -59.47
C ASN O 87 33.68 -30.80 -58.06
N ALA O 88 32.54 -30.92 -57.37
CA ALA O 88 32.51 -31.42 -56.01
C ALA O 88 32.25 -32.93 -56.01
N SER O 89 32.34 -33.51 -54.81
CA SER O 89 32.11 -34.94 -54.64
C SER O 89 31.49 -35.15 -53.26
N ALA O 90 31.17 -36.41 -52.97
CA ALA O 90 30.55 -36.74 -51.69
C ALA O 90 30.70 -38.24 -51.45
N LYS O 91 30.72 -38.62 -50.18
CA LYS O 91 30.83 -40.03 -49.80
C LYS O 91 29.94 -40.28 -48.59
N PHE O 92 29.05 -41.26 -48.73
CA PHE O 92 28.08 -41.62 -47.69
C PHE O 92 28.35 -43.06 -47.27
N GLU O 93 29.10 -43.23 -46.19
CA GLU O 93 29.42 -44.55 -45.65
C GLU O 93 29.13 -44.55 -44.16
N ASN O 94 28.41 -45.58 -43.71
CA ASN O 94 28.08 -45.72 -42.29
C ASN O 94 27.29 -44.51 -41.81
N GLY O 95 26.38 -44.03 -42.65
CA GLY O 95 25.58 -42.87 -42.29
C GLY O 95 26.39 -41.61 -42.11
N VAL O 96 27.57 -41.54 -42.71
CA VAL O 96 28.45 -40.38 -42.62
C VAL O 96 28.66 -39.83 -44.02
N LEU O 97 28.11 -38.64 -44.28
CA LEU O 97 28.22 -38.00 -45.58
C LEU O 97 29.46 -37.11 -45.59
N SER O 98 30.51 -37.58 -46.25
CA SER O 98 31.78 -36.86 -46.34
C SER O 98 31.78 -36.12 -47.68
N VAL O 99 31.57 -34.80 -47.62
CA VAL O 99 31.50 -33.95 -48.80
C VAL O 99 32.81 -33.19 -48.97
N ILE O 100 33.22 -33.06 -50.23
CA ILE O 100 34.43 -32.34 -50.63
C ILE O 100 33.98 -31.18 -51.49
N LEU O 101 34.29 -29.95 -51.06
CA LEU O 101 33.88 -28.73 -51.76
C LEU O 101 35.12 -27.98 -52.22
N PRO O 102 35.63 -28.24 -53.42
CA PRO O 102 36.80 -27.51 -53.91
C PRO O 102 36.56 -26.01 -53.95
N LYS O 103 37.51 -25.26 -53.42
CA LYS O 103 37.41 -23.81 -53.40
C LYS O 103 37.61 -23.24 -54.78
N ALA O 104 36.99 -22.10 -55.04
CA ALA O 104 37.15 -21.46 -56.34
C ALA O 104 38.53 -20.84 -56.44
N GLU O 105 38.99 -20.63 -57.68
CA GLU O 105 40.31 -20.05 -57.87
C GLU O 105 40.38 -18.65 -57.26
N SER O 106 39.26 -17.92 -57.30
CA SER O 106 39.21 -16.57 -56.74
C SER O 106 39.04 -16.58 -55.23
N SER O 107 38.64 -17.71 -54.65
CA SER O 107 38.42 -17.79 -53.21
C SER O 107 39.67 -18.21 -52.45
N ILE O 108 40.54 -19.00 -53.08
CA ILE O 108 41.76 -19.43 -52.40
C ILE O 108 42.65 -18.22 -52.12
N LYS O 109 43.26 -18.20 -50.95
CA LYS O 109 44.14 -17.11 -50.55
C LYS O 109 45.50 -17.23 -51.23
N LYS O 110 46.07 -16.08 -51.54
CA LYS O 110 47.36 -16.02 -52.19
C LYS O 110 48.47 -15.93 -51.14
N GLY O 111 49.68 -16.29 -51.56
CA GLY O 111 50.82 -16.28 -50.67
C GLY O 111 51.52 -14.94 -50.65
N ILE O 112 52.08 -14.62 -49.48
CA ILE O 112 52.79 -13.36 -49.27
C ILE O 112 54.11 -13.68 -48.60
N ASN O 113 55.15 -12.98 -49.02
CA ASN O 113 56.50 -13.20 -48.51
C ASN O 113 56.72 -12.37 -47.24
N ILE O 114 57.35 -12.99 -46.27
CA ILE O 114 57.66 -12.34 -44.99
C ILE O 114 59.13 -11.98 -45.00
N GLU O 115 59.44 -10.74 -44.67
CA GLU O 115 60.83 -10.28 -44.63
C GLU O 115 60.96 -9.04 -43.78
N ILE P 3 -24.31 7.68 -37.99
CA ILE P 3 -24.34 6.49 -38.84
C ILE P 3 -23.56 5.39 -38.13
N GLN P 4 -23.77 4.16 -38.59
CA GLN P 4 -23.12 2.99 -38.00
C GLN P 4 -22.78 2.00 -39.11
N ILE P 5 -21.62 1.38 -39.00
CA ILE P 5 -21.15 0.39 -39.96
C ILE P 5 -21.06 -0.95 -39.26
N SER P 6 -21.29 -2.02 -40.02
CA SER P 6 -21.23 -3.37 -39.50
C SER P 6 -20.88 -4.32 -40.64
N GLY P 7 -19.99 -5.26 -40.36
CA GLY P 7 -19.55 -6.23 -41.34
C GLY P 7 -18.41 -7.08 -40.82
N LYS P 8 -17.44 -7.36 -41.68
CA LYS P 8 -16.30 -8.17 -41.28
C LYS P 8 -15.20 -8.06 -42.33
N GLY P 9 -13.96 -8.06 -41.87
CA GLY P 9 -12.81 -7.98 -42.75
C GLY P 9 -12.22 -6.59 -42.82
N PHE P 10 -11.53 -6.35 -43.95
CA PHE P 10 -10.86 -5.08 -44.22
C PHE P 10 -11.47 -4.50 -45.49
N MET P 11 -12.09 -3.33 -45.38
CA MET P 11 -12.73 -2.71 -46.53
C MET P 11 -12.95 -1.23 -46.26
N PRO P 12 -11.93 -0.38 -46.40
CA PRO P 12 -12.13 1.05 -46.18
C PRO P 12 -13.19 1.61 -47.13
N ILE P 13 -14.00 2.54 -46.60
CA ILE P 13 -15.07 3.17 -47.36
C ILE P 13 -15.04 4.66 -47.11
N SER P 14 -15.37 5.43 -48.15
CA SER P 14 -15.41 6.88 -48.08
C SER P 14 -16.73 7.35 -48.65
N ILE P 15 -17.52 8.06 -47.84
CA ILE P 15 -18.82 8.57 -48.24
C ILE P 15 -18.65 10.02 -48.65
N ILE P 16 -18.84 10.29 -49.94
CA ILE P 16 -18.72 11.64 -50.49
C ILE P 16 -20.14 12.16 -50.70
N GLU P 17 -20.61 12.96 -49.75
CA GLU P 17 -21.94 13.54 -49.85
C GLU P 17 -21.94 14.71 -50.82
N GLY P 18 -23.10 14.94 -51.44
CA GLY P 18 -23.25 16.03 -52.37
C GLY P 18 -24.63 16.66 -52.24
N ASP P 19 -24.81 17.76 -52.97
CA ASP P 19 -26.08 18.47 -52.92
C ASP P 19 -27.16 17.74 -53.70
N GLN P 20 -26.78 16.95 -54.70
CA GLN P 20 -27.72 16.21 -55.52
C GLN P 20 -27.54 14.71 -55.44
N HIS P 21 -26.43 14.23 -54.87
CA HIS P 21 -26.17 12.81 -54.77
C HIS P 21 -25.19 12.58 -53.62
N ILE P 22 -24.99 11.31 -53.29
CA ILE P 22 -24.08 10.92 -52.23
C ILE P 22 -23.19 9.81 -52.77
N LYS P 23 -22.11 10.20 -53.44
CA LYS P 23 -21.19 9.22 -53.99
C LYS P 23 -20.34 8.60 -52.89
N VAL P 24 -20.16 7.28 -52.97
CA VAL P 24 -19.40 6.53 -51.97
C VAL P 24 -18.29 5.78 -52.67
N ILE P 25 -17.10 5.82 -52.08
CA ILE P 25 -15.92 5.15 -52.61
C ILE P 25 -15.54 4.01 -51.67
N ALA P 26 -15.01 2.93 -52.27
CA ALA P 26 -14.60 1.75 -51.51
C ALA P 26 -13.58 0.97 -52.32
N TRP P 27 -12.44 0.68 -51.71
CA TRP P 27 -11.38 -0.09 -52.37
C TRP P 27 -11.66 -1.57 -52.26
N LEU P 28 -11.80 -2.23 -53.40
CA LEU P 28 -12.05 -3.67 -53.47
C LEU P 28 -11.08 -4.31 -54.46
N PRO P 29 -9.78 -4.25 -54.20
CA PRO P 29 -8.82 -4.83 -55.14
C PRO P 29 -8.85 -6.35 -55.12
N GLY P 30 -8.61 -6.94 -56.29
CA GLY P 30 -8.59 -8.38 -56.44
C GLY P 30 -9.95 -9.04 -56.55
N VAL P 31 -11.02 -8.34 -56.26
CA VAL P 31 -12.37 -8.90 -56.34
C VAL P 31 -12.88 -8.71 -57.75
N ASN P 32 -13.60 -9.70 -58.25
CA ASN P 32 -14.15 -9.63 -59.59
C ASN P 32 -15.45 -8.85 -59.60
N LYS P 33 -15.82 -8.36 -60.79
CA LYS P 33 -17.05 -7.58 -60.93
C LYS P 33 -18.27 -8.45 -60.64
N GLU P 34 -18.16 -9.76 -60.86
CA GLU P 34 -19.27 -10.68 -60.63
C GLU P 34 -19.34 -11.13 -59.18
N ASP P 35 -18.27 -10.95 -58.41
CA ASP P 35 -18.22 -11.34 -57.01
C ASP P 35 -18.65 -10.22 -56.09
N ILE P 36 -19.54 -9.34 -56.57
CA ILE P 36 -20.03 -8.21 -55.80
C ILE P 36 -21.54 -8.14 -55.95
N ILE P 37 -22.24 -8.05 -54.83
CA ILE P 37 -23.69 -7.97 -54.81
C ILE P 37 -24.07 -6.63 -54.17
N LEU P 38 -24.59 -5.71 -54.98
CA LEU P 38 -24.98 -4.39 -54.53
C LEU P 38 -26.48 -4.34 -54.27
N ASN P 39 -26.85 -3.94 -53.06
CA ASN P 39 -28.26 -3.81 -52.69
C ASN P 39 -28.43 -2.52 -51.91
N ALA P 40 -29.46 -1.77 -52.25
CA ALA P 40 -29.72 -0.50 -51.57
C ALA P 40 -31.18 -0.14 -51.70
N VAL P 41 -31.70 0.52 -50.66
CA VAL P 41 -33.10 0.94 -50.64
C VAL P 41 -33.29 1.92 -49.49
N GLY P 42 -34.06 2.99 -49.72
CA GLY P 42 -34.30 3.95 -48.67
C GLY P 42 -33.06 4.70 -48.28
N ASP P 43 -32.57 4.43 -47.06
CA ASP P 43 -31.38 5.06 -46.51
C ASP P 43 -30.46 4.01 -45.89
N THR P 44 -30.30 2.88 -46.57
CA THR P 44 -29.44 1.81 -46.07
C THR P 44 -28.78 1.13 -47.26
N LEU P 45 -27.51 0.76 -47.07
CA LEU P 45 -26.71 0.11 -48.10
C LEU P 45 -26.20 -1.23 -47.60
N GLU P 46 -26.27 -2.23 -48.48
CA GLU P 46 -25.81 -3.58 -48.18
C GLU P 46 -24.80 -4.00 -49.24
N ILE P 47 -23.61 -4.36 -48.81
CA ILE P 47 -22.52 -4.75 -49.70
C ILE P 47 -22.05 -6.15 -49.31
N ARG P 48 -21.86 -7.01 -50.32
CA ARG P 48 -21.37 -8.37 -50.09
C ARG P 48 -20.39 -8.71 -51.21
N ALA P 49 -19.14 -8.97 -50.83
CA ALA P 49 -18.09 -9.28 -51.79
C ALA P 49 -17.29 -10.47 -51.29
N LYS P 50 -16.38 -10.94 -52.15
CA LYS P 50 -15.54 -12.09 -51.82
C LYS P 50 -14.37 -12.21 -52.80
N ARG P 51 -13.17 -12.43 -52.27
CA ARG P 51 -11.97 -12.57 -53.08
C ARG P 51 -11.50 -14.02 -53.08
N SER P 52 -11.08 -14.50 -54.25
CA SER P 52 -10.61 -15.87 -54.34
C SER P 52 -9.34 -16.06 -53.51
N PRO P 53 -9.07 -17.27 -53.03
CA PRO P 53 -7.87 -17.50 -52.22
C PRO P 53 -6.62 -17.39 -53.06
N LEU P 54 -5.53 -16.96 -52.42
CA LEU P 54 -4.25 -16.81 -53.12
C LEU P 54 -3.69 -18.16 -53.52
N MET P 55 -4.06 -18.63 -54.71
CA MET P 55 -3.56 -19.91 -55.21
C MET P 55 -2.06 -19.85 -55.43
N ILE P 56 -1.37 -20.95 -55.10
CA ILE P 56 0.08 -21.06 -55.25
C ILE P 56 0.43 -22.46 -55.69
N THR P 57 1.42 -22.58 -56.57
CA THR P 57 1.86 -23.88 -57.04
C THR P 57 2.71 -24.56 -55.98
N GLU P 58 2.77 -25.90 -56.07
CA GLU P 58 3.54 -26.66 -55.09
C GLU P 58 5.00 -26.24 -55.11
N SER P 59 5.52 -25.83 -56.26
CA SER P 59 6.90 -25.37 -56.34
C SER P 59 7.07 -23.98 -55.75
N GLU P 60 6.01 -23.21 -55.66
CA GLU P 60 6.05 -21.87 -55.10
C GLU P 60 6.02 -21.95 -53.58
N ARG P 61 6.07 -20.79 -52.93
CA ARG P 61 6.05 -20.76 -51.47
C ARG P 61 5.83 -19.34 -51.00
N ILE P 62 5.03 -19.18 -49.95
CA ILE P 62 4.76 -17.87 -49.37
C ILE P 62 5.78 -17.67 -48.25
N ILE P 63 6.73 -16.76 -48.47
CA ILE P 63 7.77 -16.50 -47.49
C ILE P 63 7.38 -15.32 -46.62
N TYR P 64 6.57 -14.40 -47.14
CA TYR P 64 6.16 -13.25 -46.37
C TYR P 64 4.95 -12.62 -47.04
N SER P 65 3.89 -12.38 -46.27
CA SER P 65 2.67 -11.81 -46.81
C SER P 65 1.84 -11.24 -45.69
N GLU P 66 1.46 -9.97 -45.82
CA GLU P 66 0.60 -9.29 -44.84
C GLU P 66 -0.81 -9.06 -45.37
N ILE P 67 -1.12 -9.51 -46.57
CA ILE P 67 -2.46 -9.30 -47.13
C ILE P 67 -3.45 -10.20 -46.39
N PRO P 68 -4.66 -9.74 -46.06
CA PRO P 68 -5.61 -10.62 -45.37
C PRO P 68 -5.96 -11.82 -46.24
N GLU P 69 -6.63 -12.80 -45.62
CA GLU P 69 -7.00 -14.04 -46.27
C GLU P 69 -8.50 -14.32 -46.31
N GLU P 70 -9.29 -13.75 -45.40
CA GLU P 70 -10.71 -14.03 -45.38
C GLU P 70 -11.36 -13.68 -46.71
N GLU P 71 -12.29 -14.53 -47.14
CA GLU P 71 -12.99 -14.36 -48.41
C GLU P 71 -14.34 -13.69 -48.23
N GLU P 72 -15.24 -14.31 -47.48
CA GLU P 72 -16.56 -13.74 -47.30
C GLU P 72 -16.42 -12.43 -46.54
N ILE P 73 -16.87 -11.34 -47.18
CA ILE P 73 -16.80 -10.01 -46.59
C ILE P 73 -18.04 -9.25 -47.03
N TYR P 74 -18.55 -8.42 -46.12
CA TYR P 74 -19.75 -7.64 -46.41
C TYR P 74 -19.78 -6.46 -45.44
N ARG P 75 -20.68 -5.53 -45.72
CA ARG P 75 -20.85 -4.36 -44.88
C ARG P 75 -22.33 -4.01 -44.83
N THR P 76 -22.69 -3.14 -43.89
CA THR P 76 -24.09 -2.73 -43.74
C THR P 76 -24.07 -1.30 -43.20
N ILE P 77 -24.07 -0.35 -44.13
CA ILE P 77 -24.05 1.07 -43.81
C ILE P 77 -25.47 1.59 -43.70
N LYS P 78 -25.71 2.44 -42.71
CA LYS P 78 -27.01 3.07 -42.47
C LYS P 78 -26.87 4.51 -42.92
N LEU P 79 -27.38 4.81 -44.11
CA LEU P 79 -27.27 6.15 -44.65
C LEU P 79 -28.06 7.13 -43.79
N PRO P 80 -27.66 8.40 -43.76
CA PRO P 80 -28.39 9.38 -42.94
C PRO P 80 -29.73 9.77 -43.55
N ALA P 81 -29.72 10.11 -44.82
CA ALA P 81 -30.92 10.53 -45.54
C ALA P 81 -31.33 9.47 -46.56
N THR P 82 -32.53 9.66 -47.12
CA THR P 82 -33.04 8.75 -48.11
C THR P 82 -32.45 9.05 -49.48
N VAL P 83 -32.22 8.01 -50.25
CA VAL P 83 -31.65 8.12 -51.60
C VAL P 83 -32.52 7.31 -52.55
N LYS P 84 -32.35 7.60 -53.83
CA LYS P 84 -33.11 6.92 -54.89
C LYS P 84 -32.28 5.71 -55.31
N GLU P 85 -32.56 4.57 -54.68
CA GLU P 85 -31.82 3.35 -55.00
C GLU P 85 -32.01 2.96 -56.45
N GLU P 86 -33.21 3.19 -56.99
CA GLU P 86 -33.46 2.84 -58.38
C GLU P 86 -32.61 3.68 -59.32
N ASN P 87 -32.26 4.89 -58.91
CA ASN P 87 -31.43 5.80 -59.70
C ASN P 87 -29.94 5.68 -59.35
N ALA P 88 -29.51 4.56 -58.82
CA ALA P 88 -28.11 4.38 -58.45
C ALA P 88 -27.27 4.02 -59.66
N SER P 89 -25.95 4.09 -59.48
CA SER P 89 -25.01 3.77 -60.55
C SER P 89 -23.71 3.28 -59.93
N ALA P 90 -23.36 2.03 -60.21
CA ALA P 90 -22.16 1.40 -59.68
C ALA P 90 -21.06 1.37 -60.74
N LYS P 91 -19.85 1.69 -60.31
CA LYS P 91 -18.68 1.66 -61.20
C LYS P 91 -17.53 1.01 -60.45
N PHE P 92 -17.00 -0.07 -61.03
CA PHE P 92 -15.92 -0.86 -60.45
C PHE P 92 -14.73 -0.83 -61.39
N GLU P 93 -13.81 0.10 -61.13
CA GLU P 93 -12.61 0.25 -61.95
C GLU P 93 -11.38 0.26 -61.06
N ASN P 94 -10.33 -0.44 -61.50
CA ASN P 94 -9.07 -0.52 -60.75
C ASN P 94 -9.33 -1.08 -59.36
N GLY P 95 -10.22 -2.04 -59.26
CA GLY P 95 -10.54 -2.62 -57.97
C GLY P 95 -11.17 -1.63 -57.01
N VAL P 96 -11.77 -0.57 -57.53
CA VAL P 96 -12.40 0.46 -56.71
C VAL P 96 -13.85 0.60 -57.16
N LEU P 97 -14.78 0.42 -56.23
CA LEU P 97 -16.20 0.52 -56.49
C LEU P 97 -16.66 1.92 -56.13
N SER P 98 -16.85 2.77 -57.14
CA SER P 98 -17.28 4.15 -56.96
C SER P 98 -18.76 4.24 -57.32
N VAL P 99 -19.62 4.19 -56.30
CA VAL P 99 -21.07 4.24 -56.48
C VAL P 99 -21.58 5.65 -56.21
N ILE P 100 -22.62 6.03 -56.94
CA ILE P 100 -23.27 7.33 -56.82
C ILE P 100 -24.70 7.09 -56.35
N LEU P 101 -25.15 7.92 -55.41
CA LEU P 101 -26.48 7.79 -54.82
C LEU P 101 -27.24 9.10 -54.92
N PRO P 102 -27.96 9.33 -56.02
CA PRO P 102 -28.74 10.56 -56.14
C PRO P 102 -29.72 10.74 -54.99
N LYS P 103 -29.71 11.93 -54.40
CA LYS P 103 -30.57 12.23 -53.27
C LYS P 103 -32.01 12.41 -53.75
N ALA P 104 -32.96 11.95 -52.94
CA ALA P 104 -34.36 12.07 -53.30
C ALA P 104 -34.80 13.54 -53.15
N GLU P 105 -36.04 13.81 -53.57
CA GLU P 105 -36.56 15.17 -53.47
C GLU P 105 -36.58 15.64 -52.02
N SER P 106 -37.08 14.79 -51.12
CA SER P 106 -37.14 15.13 -49.71
C SER P 106 -35.77 15.17 -49.08
N SER P 107 -34.74 14.68 -49.76
CA SER P 107 -33.38 14.69 -49.25
C SER P 107 -32.61 15.92 -49.67
N ILE P 108 -32.95 16.52 -50.82
CA ILE P 108 -32.26 17.71 -51.27
C ILE P 108 -32.43 18.82 -50.26
N LYS P 109 -31.33 19.52 -49.97
CA LYS P 109 -31.30 20.61 -49.00
C LYS P 109 -31.02 21.92 -49.72
N LYS P 110 -32.05 22.73 -49.91
CA LYS P 110 -31.85 24.00 -50.58
C LYS P 110 -30.98 24.91 -49.72
N GLY P 111 -30.61 26.06 -50.30
CA GLY P 111 -29.77 27.03 -49.63
C GLY P 111 -30.43 28.36 -49.34
N ILE P 112 -30.80 28.62 -48.09
CA ILE P 112 -31.40 29.90 -47.76
C ILE P 112 -30.42 31.03 -48.03
N ASN P 113 -30.94 32.14 -48.51
CA ASN P 113 -30.13 33.31 -48.80
C ASN P 113 -29.82 34.06 -47.52
N ILE P 114 -28.77 34.86 -47.57
CA ILE P 114 -28.32 35.66 -46.43
C ILE P 114 -28.80 37.10 -46.64
N GLU P 115 -29.21 37.74 -45.56
CA GLU P 115 -29.68 39.11 -45.64
C GLU P 115 -28.47 40.03 -45.71
N ILE Q 3 25.17 -49.18 -8.08
CA ILE Q 3 25.85 -49.59 -6.86
C ILE Q 3 25.75 -48.45 -5.84
N GLN Q 4 26.00 -48.77 -4.58
CA GLN Q 4 25.91 -47.80 -3.50
C GLN Q 4 27.00 -48.08 -2.48
N ILE Q 5 27.59 -47.02 -1.95
CA ILE Q 5 28.64 -47.10 -0.94
C ILE Q 5 28.12 -46.52 0.36
N SER Q 6 28.48 -47.16 1.47
CA SER Q 6 28.05 -46.73 2.80
C SER Q 6 29.19 -46.93 3.78
N GLY Q 7 29.34 -45.97 4.69
CA GLY Q 7 30.39 -46.03 5.70
C GLY Q 7 30.50 -44.73 6.47
N LYS Q 8 31.72 -44.37 6.85
CA LYS Q 8 31.95 -43.14 7.59
C LYS Q 8 33.43 -42.77 7.50
N GLY Q 9 33.69 -41.49 7.35
CA GLY Q 9 35.04 -40.98 7.24
C GLY Q 9 35.45 -40.71 5.81
N PHE Q 10 36.74 -40.52 5.62
CA PHE Q 10 37.33 -40.23 4.32
C PHE Q 10 38.11 -41.46 3.88
N MET Q 11 37.69 -42.06 2.77
CA MET Q 11 38.32 -43.26 2.26
C MET Q 11 38.02 -43.43 0.78
N PRO Q 12 38.70 -42.71 -0.11
CA PRO Q 12 38.46 -42.87 -1.54
C PRO Q 12 38.74 -44.31 -1.99
N ILE Q 13 37.88 -44.80 -2.87
CA ILE Q 13 37.98 -46.16 -3.40
C ILE Q 13 37.76 -46.12 -4.91
N SER Q 14 38.47 -47.00 -5.62
CA SER Q 14 38.37 -47.09 -7.07
C SER Q 14 38.05 -48.52 -7.45
N ILE Q 15 37.03 -48.69 -8.29
CA ILE Q 15 36.58 -50.00 -8.76
C ILE Q 15 36.97 -50.13 -10.22
N ILE Q 16 37.85 -51.07 -10.52
CA ILE Q 16 38.33 -51.32 -11.87
C ILE Q 16 37.72 -52.64 -12.32
N GLU Q 17 36.65 -52.58 -13.11
CA GLU Q 17 36.03 -53.79 -13.61
C GLU Q 17 36.84 -54.38 -14.75
N GLY Q 18 36.77 -55.71 -14.87
CA GLY Q 18 37.48 -56.41 -15.92
C GLY Q 18 36.67 -57.58 -16.43
N ASP Q 19 37.20 -58.21 -17.49
CA ASP Q 19 36.54 -59.36 -18.09
C ASP Q 19 36.75 -60.64 -17.28
N GLN Q 20 37.72 -60.66 -16.38
CA GLN Q 20 37.99 -61.83 -15.56
C GLN Q 20 38.11 -61.52 -14.07
N HIS Q 21 38.24 -60.26 -13.69
CA HIS Q 21 38.35 -59.90 -12.28
C HIS Q 21 37.93 -58.44 -12.14
N ILE Q 22 37.77 -58.01 -10.88
CA ILE Q 22 37.38 -56.64 -10.58
C ILE Q 22 38.39 -56.12 -9.57
N LYS Q 23 39.50 -55.60 -10.08
CA LYS Q 23 40.53 -55.04 -9.21
C LYS Q 23 40.03 -53.77 -8.55
N VAL Q 24 40.21 -53.68 -7.23
CA VAL Q 24 39.74 -52.54 -6.45
C VAL Q 24 40.94 -51.89 -5.79
N ILE Q 25 40.92 -50.56 -5.73
CA ILE Q 25 41.97 -49.76 -5.11
C ILE Q 25 41.35 -48.87 -4.04
N ALA Q 26 42.09 -48.68 -2.95
CA ALA Q 26 41.60 -47.85 -1.84
C ALA Q 26 42.80 -47.36 -1.05
N TRP Q 27 42.84 -46.04 -0.81
CA TRP Q 27 43.92 -45.46 -0.02
C TRP Q 27 43.58 -45.56 1.45
N LEU Q 28 44.43 -46.26 2.19
CA LEU Q 28 44.27 -46.45 3.63
C LEU Q 28 45.56 -46.09 4.35
N PRO Q 29 45.96 -44.83 4.31
CA PRO Q 29 47.21 -44.43 4.97
C PRO Q 29 47.07 -44.46 6.49
N GLY Q 30 48.22 -44.61 7.14
CA GLY Q 30 48.25 -44.64 8.59
C GLY Q 30 47.55 -45.82 9.22
N VAL Q 31 47.36 -46.91 8.49
CA VAL Q 31 46.69 -48.10 8.99
C VAL Q 31 47.64 -49.29 8.89
N ASN Q 32 47.61 -50.14 9.91
CA ASN Q 32 48.46 -51.32 9.94
C ASN Q 32 47.77 -52.47 9.20
N LYS Q 33 48.58 -53.44 8.78
CA LYS Q 33 48.03 -54.59 8.05
C LYS Q 33 47.10 -55.40 8.94
N GLU Q 34 47.33 -55.37 10.26
CA GLU Q 34 46.51 -56.14 11.19
C GLU Q 34 45.24 -55.40 11.60
N ASP Q 35 45.19 -54.08 11.45
CA ASP Q 35 44.03 -53.30 11.82
C ASP Q 35 43.05 -53.12 10.66
N ILE Q 36 42.97 -54.12 9.79
CA ILE Q 36 42.08 -54.12 8.63
C ILE Q 36 41.41 -55.48 8.57
N ILE Q 37 40.08 -55.49 8.63
CA ILE Q 37 39.33 -56.74 8.59
C ILE Q 37 38.67 -56.87 7.23
N LEU Q 38 39.40 -57.45 6.27
CA LEU Q 38 38.90 -57.61 4.91
C LEU Q 38 37.97 -58.81 4.83
N ASN Q 39 36.75 -58.57 4.38
CA ASN Q 39 35.75 -59.63 4.20
C ASN Q 39 35.06 -59.40 2.87
N ALA Q 40 34.79 -60.48 2.15
CA ALA Q 40 34.12 -60.39 0.86
C ALA Q 40 33.36 -61.68 0.61
N VAL Q 41 32.17 -61.55 0.04
CA VAL Q 41 31.34 -62.71 -0.27
C VAL Q 41 30.20 -62.28 -1.19
N GLY Q 42 29.90 -63.09 -2.20
CA GLY Q 42 28.83 -62.73 -3.11
C GLY Q 42 29.24 -61.55 -3.97
N ASP Q 43 28.39 -60.53 -3.99
CA ASP Q 43 28.62 -59.31 -4.75
C ASP Q 43 28.66 -58.10 -3.83
N THR Q 44 29.32 -58.23 -2.68
CA THR Q 44 29.43 -57.14 -1.73
C THR Q 44 30.78 -57.22 -1.03
N LEU Q 45 31.38 -56.07 -0.78
CA LEU Q 45 32.68 -55.95 -0.14
C LEU Q 45 32.56 -55.19 1.16
N GLU Q 46 32.89 -55.84 2.27
CA GLU Q 46 32.87 -55.21 3.59
C GLU Q 46 34.30 -54.96 4.03
N ILE Q 47 34.58 -53.71 4.39
CA ILE Q 47 35.91 -53.30 4.82
C ILE Q 47 35.78 -52.56 6.14
N ARG Q 48 36.65 -52.90 7.10
CA ARG Q 48 36.66 -52.26 8.40
C ARG Q 48 38.11 -52.07 8.81
N ALA Q 49 38.52 -50.81 8.96
CA ALA Q 49 39.88 -50.46 9.32
C ALA Q 49 39.87 -49.41 10.43
N LYS Q 50 41.07 -49.10 10.91
CA LYS Q 50 41.22 -48.12 11.97
C LYS Q 50 42.68 -47.69 12.12
N ARG Q 51 42.92 -46.39 12.23
CA ARG Q 51 44.26 -45.83 12.37
C ARG Q 51 44.46 -45.30 13.78
N SER Q 52 45.68 -45.48 14.30
CA SER Q 52 45.97 -45.02 15.65
C SER Q 52 45.85 -43.50 15.72
N PRO Q 53 45.57 -42.95 16.90
CA PRO Q 53 45.44 -41.50 17.02
C PRO Q 53 46.78 -40.79 16.87
N LEU Q 54 46.69 -39.49 16.60
CA LEU Q 54 47.87 -38.64 16.40
C LEU Q 54 48.41 -38.25 17.76
N MET Q 55 49.25 -39.12 18.32
CA MET Q 55 49.84 -38.84 19.62
C MET Q 55 50.76 -37.63 19.53
N ILE Q 56 50.75 -36.82 20.60
CA ILE Q 56 51.57 -35.62 20.68
C ILE Q 56 52.05 -35.47 22.11
N THR Q 57 53.29 -34.98 22.26
CA THR Q 57 53.82 -34.76 23.60
C THR Q 57 53.22 -33.50 24.20
N GLU Q 58 53.22 -33.43 25.53
CA GLU Q 58 52.67 -32.27 26.20
C GLU Q 58 53.38 -30.99 25.79
N SER Q 59 54.67 -31.08 25.46
CA SER Q 59 55.41 -29.90 25.03
C SER Q 59 55.09 -29.54 23.59
N GLU Q 60 54.56 -30.48 22.82
CA GLU Q 60 54.22 -30.23 21.43
C GLU Q 60 52.84 -29.57 21.35
N ARG Q 61 52.43 -29.24 20.13
CA ARG Q 61 51.13 -28.61 19.92
C ARG Q 61 50.80 -28.69 18.44
N ILE Q 62 49.50 -28.78 18.15
CA ILE Q 62 49.01 -28.84 16.78
C ILE Q 62 48.57 -27.44 16.41
N ILE Q 63 49.24 -26.85 15.42
CA ILE Q 63 48.92 -25.50 14.98
C ILE Q 63 48.15 -25.47 13.67
N TYR Q 64 48.25 -26.51 12.86
CA TYR Q 64 47.51 -26.55 11.60
C TYR Q 64 47.51 -27.98 11.10
N SER Q 65 46.34 -28.61 11.06
CA SER Q 65 46.22 -29.99 10.62
C SER Q 65 44.86 -30.19 9.98
N GLU Q 66 44.87 -30.61 8.72
CA GLU Q 66 43.65 -30.90 7.99
C GLU Q 66 43.37 -32.39 7.91
N ILE Q 67 44.24 -33.22 8.48
CA ILE Q 67 44.03 -34.67 8.44
C ILE Q 67 42.88 -35.04 9.37
N PRO Q 68 41.98 -35.94 8.97
CA PRO Q 68 40.90 -36.33 9.89
C PRO Q 68 41.45 -36.97 11.15
N GLU Q 69 40.56 -37.16 12.13
CA GLU Q 69 40.91 -37.72 13.42
C GLU Q 69 40.16 -38.98 13.78
N GLU Q 70 38.99 -39.23 13.20
CA GLU Q 70 38.22 -40.41 13.54
C GLU Q 70 39.03 -41.67 13.29
N GLU Q 71 38.89 -42.64 14.18
CA GLU Q 71 39.62 -43.90 14.09
C GLU Q 71 38.78 -44.96 13.38
N GLU Q 72 37.63 -45.32 13.95
CA GLU Q 72 36.81 -46.35 13.34
C GLU Q 72 36.33 -45.90 11.98
N ILE Q 73 36.68 -46.67 10.96
CA ILE Q 73 36.29 -46.39 9.58
C ILE Q 73 36.01 -47.72 8.90
N TYR Q 74 35.00 -47.71 8.04
CA TYR Q 74 34.60 -48.92 7.33
C TYR Q 74 33.80 -48.54 6.09
N ARG Q 75 33.61 -49.52 5.22
CA ARG Q 75 32.85 -49.33 4.00
C ARG Q 75 32.08 -50.60 3.69
N THR Q 76 31.08 -50.46 2.82
CA THR Q 76 30.25 -51.59 2.41
C THR Q 76 29.84 -51.34 0.95
N ILE Q 77 30.59 -51.92 0.04
CA ILE Q 77 30.35 -51.76 -1.38
C ILE Q 77 29.51 -52.92 -1.88
N LYS Q 78 28.52 -52.61 -2.72
CA LYS Q 78 27.64 -53.61 -3.32
C LYS Q 78 28.07 -53.81 -4.76
N LEU Q 79 28.81 -54.88 -5.01
CA LEU Q 79 29.31 -55.13 -6.36
C LEU Q 79 28.14 -55.37 -7.32
N PRO Q 80 28.31 -55.05 -8.61
CA PRO Q 80 27.20 -55.26 -9.55
C PRO Q 80 26.98 -56.73 -9.89
N ALA Q 81 27.97 -57.59 -9.70
CA ALA Q 81 27.83 -59.01 -9.99
C ALA Q 81 28.55 -59.81 -8.91
N THR Q 82 28.39 -61.13 -8.97
CA THR Q 82 29.00 -62.00 -7.98
C THR Q 82 30.46 -62.26 -8.33
N VAL Q 83 31.28 -62.39 -7.29
CA VAL Q 83 32.70 -62.64 -7.43
C VAL Q 83 33.05 -63.85 -6.59
N LYS Q 84 34.13 -64.53 -6.96
CA LYS Q 84 34.60 -65.72 -6.25
C LYS Q 84 35.52 -65.24 -5.14
N GLU Q 85 34.91 -64.91 -3.99
CA GLU Q 85 35.67 -64.44 -2.84
C GLU Q 85 36.67 -65.47 -2.36
N GLU Q 86 36.33 -66.75 -2.45
CA GLU Q 86 37.25 -67.79 -2.00
C GLU Q 86 38.56 -67.77 -2.77
N ASN Q 87 38.53 -67.32 -4.03
CA ASN Q 87 39.72 -67.24 -4.86
C ASN Q 87 40.22 -65.81 -5.04
N ALA Q 88 40.00 -64.97 -4.04
CA ALA Q 88 40.40 -63.57 -4.07
C ALA Q 88 41.72 -63.38 -3.33
N SER Q 89 42.28 -62.18 -3.47
CA SER Q 89 43.52 -61.81 -2.81
C SER Q 89 43.51 -60.31 -2.53
N ALA Q 90 44.51 -59.86 -1.79
CA ALA Q 90 44.59 -58.45 -1.43
C ALA Q 90 46.04 -58.09 -1.14
N LYS Q 91 46.36 -56.81 -1.32
CA LYS Q 91 47.70 -56.30 -1.09
C LYS Q 91 47.62 -54.91 -0.49
N PHE Q 92 48.30 -54.71 0.62
CA PHE Q 92 48.31 -53.45 1.37
C PHE Q 92 49.73 -52.92 1.44
N GLU Q 93 50.09 -52.02 0.52
CA GLU Q 93 51.41 -51.42 0.48
C GLU Q 93 51.28 -49.90 0.41
N ASN Q 94 51.99 -49.20 1.30
CA ASN Q 94 51.96 -47.75 1.34
C ASN Q 94 50.53 -47.24 1.53
N GLY Q 95 49.78 -47.95 2.37
CA GLY Q 95 48.40 -47.55 2.60
C GLY Q 95 47.53 -47.66 1.37
N VAL Q 96 47.90 -48.54 0.44
CA VAL Q 96 47.16 -48.75 -0.80
C VAL Q 96 46.69 -50.19 -0.81
N LEU Q 97 45.38 -50.38 -0.70
CA LEU Q 97 44.78 -51.71 -0.68
C LEU Q 97 44.44 -52.12 -2.12
N SER Q 98 45.22 -53.05 -2.66
CA SER Q 98 45.02 -53.56 -4.02
C SER Q 98 44.38 -54.93 -3.92
N VAL Q 99 43.07 -54.98 -4.09
CA VAL Q 99 42.30 -56.22 -3.99
C VAL Q 99 42.06 -56.80 -5.38
N ILE Q 100 42.16 -58.12 -5.49
CA ILE Q 100 41.91 -58.85 -6.73
C ILE Q 100 40.68 -59.71 -6.50
N LEU Q 101 39.65 -59.52 -7.33
CA LEU Q 101 38.39 -60.24 -7.21
C LEU Q 101 38.07 -60.95 -8.52
N PRO Q 102 38.57 -62.16 -8.74
CA PRO Q 102 38.24 -62.88 -9.97
C PRO Q 102 36.74 -63.08 -10.09
N LYS Q 103 36.20 -62.66 -11.24
CA LYS Q 103 34.77 -62.78 -11.48
C LYS Q 103 34.37 -64.24 -11.65
N ALA Q 104 33.11 -64.54 -11.33
CA ALA Q 104 32.62 -65.90 -11.48
C ALA Q 104 32.33 -66.19 -12.95
N GLU Q 105 32.14 -67.47 -13.26
CA GLU Q 105 31.87 -67.85 -14.64
C GLU Q 105 30.54 -67.27 -15.13
N SER Q 106 29.56 -67.14 -14.25
CA SER Q 106 28.26 -66.60 -14.66
C SER Q 106 28.28 -65.08 -14.77
N SER Q 107 29.25 -64.41 -14.16
CA SER Q 107 29.32 -62.95 -14.22
C SER Q 107 29.98 -62.45 -15.50
N ILE Q 108 30.77 -63.30 -16.16
CA ILE Q 108 31.43 -62.88 -17.39
C ILE Q 108 30.39 -62.66 -18.47
N LYS Q 109 30.59 -61.60 -19.26
CA LYS Q 109 29.69 -61.27 -20.35
C LYS Q 109 29.98 -62.13 -21.57
N LYS Q 110 28.95 -62.81 -22.07
CA LYS Q 110 29.11 -63.68 -23.23
C LYS Q 110 29.19 -62.85 -24.51
N GLY Q 111 29.75 -63.47 -25.55
CA GLY Q 111 29.90 -62.81 -26.83
C GLY Q 111 28.65 -62.96 -27.68
N ILE Q 112 28.31 -61.87 -28.36
CA ILE Q 112 27.13 -61.79 -29.21
C ILE Q 112 27.57 -61.74 -30.67
N ASN Q 113 26.82 -62.43 -31.52
CA ASN Q 113 27.12 -62.47 -32.95
C ASN Q 113 26.59 -61.24 -33.65
N ILE Q 114 27.28 -60.83 -34.71
CA ILE Q 114 26.90 -59.66 -35.49
C ILE Q 114 26.92 -60.04 -36.97
N GLU Q 115 25.86 -59.66 -37.69
CA GLU Q 115 25.76 -59.94 -39.11
C GLU Q 115 25.18 -58.73 -39.83
N ILE R 3 -22.31 -33.24 21.39
CA ILE R 3 -22.90 -32.90 22.67
C ILE R 3 -23.36 -31.44 22.61
N GLN R 4 -24.15 -31.05 23.60
CA GLN R 4 -24.67 -29.68 23.67
C GLN R 4 -24.79 -29.29 25.13
N ILE R 5 -24.09 -28.22 25.51
CA ILE R 5 -24.11 -27.70 26.88
C ILE R 5 -25.02 -26.49 26.92
N SER R 6 -25.78 -26.37 28.00
CA SER R 6 -26.69 -25.26 28.18
C SER R 6 -26.90 -25.03 29.67
N GLY R 7 -26.97 -23.76 30.06
CA GLY R 7 -27.16 -23.44 31.47
C GLY R 7 -27.02 -21.95 31.71
N LYS R 8 -26.47 -21.62 32.88
CA LYS R 8 -26.29 -20.22 33.24
C LYS R 8 -25.21 -20.14 34.31
N GLY R 9 -24.42 -19.06 34.25
CA GLY R 9 -23.36 -18.86 35.21
C GLY R 9 -22.04 -19.45 34.74
N PHE R 10 -21.19 -19.74 35.73
CA PHE R 10 -19.86 -20.30 35.51
C PHE R 10 -19.84 -21.66 36.19
N MET R 11 -19.64 -22.72 35.41
CA MET R 11 -19.65 -24.07 35.95
C MET R 11 -18.92 -25.02 35.02
N PRO R 12 -17.59 -25.04 35.04
CA PRO R 12 -16.84 -25.96 34.18
C PRO R 12 -17.19 -27.41 34.48
N ILE R 13 -17.29 -28.20 33.41
CA ILE R 13 -17.62 -29.61 33.50
C ILE R 13 -16.70 -30.40 32.59
N SER R 14 -16.37 -31.63 33.02
CA SER R 14 -15.51 -32.52 32.27
C SER R 14 -16.23 -33.84 32.12
N ILE R 15 -16.38 -34.30 30.88
CA ILE R 15 -17.08 -35.54 30.56
C ILE R 15 -16.05 -36.60 30.26
N ILE R 16 -16.05 -37.69 31.05
CA ILE R 16 -15.14 -38.79 30.88
C ILE R 16 -15.95 -39.98 30.40
N GLU R 17 -15.97 -40.20 29.09
CA GLU R 17 -16.71 -41.32 28.53
C GLU R 17 -15.96 -42.62 28.78
N GLY R 18 -16.73 -43.70 28.92
CA GLY R 18 -16.16 -45.01 29.16
C GLY R 18 -16.91 -46.07 28.37
N ASP R 19 -16.40 -47.30 28.46
CA ASP R 19 -17.02 -48.42 27.77
C ASP R 19 -18.26 -48.92 28.48
N GLN R 20 -18.49 -48.49 29.71
CA GLN R 20 -19.65 -48.90 30.49
C GLN R 20 -20.32 -47.74 31.21
N HIS R 21 -19.77 -46.54 31.17
CA HIS R 21 -20.36 -45.39 31.84
C HIS R 21 -19.67 -44.13 31.31
N ILE R 22 -20.20 -42.99 31.72
CA ILE R 22 -19.66 -41.69 31.32
C ILE R 22 -19.47 -40.87 32.58
N LYS R 23 -18.36 -41.11 33.28
CA LYS R 23 -18.06 -40.36 34.49
C LYS R 23 -17.89 -38.89 34.17
N VAL R 24 -18.62 -38.04 34.90
CA VAL R 24 -18.59 -36.60 34.68
C VAL R 24 -18.08 -35.92 35.94
N ILE R 25 -17.27 -34.88 35.76
CA ILE R 25 -16.70 -34.10 36.85
C ILE R 25 -17.18 -32.66 36.73
N ALA R 26 -17.43 -32.02 37.86
CA ALA R 26 -17.91 -30.63 37.86
C ALA R 26 -17.55 -29.99 39.20
N TRP R 27 -16.80 -28.89 39.15
CA TRP R 27 -16.41 -28.17 40.36
C TRP R 27 -17.58 -27.30 40.81
N LEU R 28 -18.06 -27.57 42.02
CA LEU R 28 -19.17 -26.83 42.63
C LEU R 28 -18.74 -26.35 44.01
N PRO R 29 -17.78 -25.44 44.07
CA PRO R 29 -17.30 -24.97 45.37
C PRO R 29 -18.36 -24.15 46.09
N GLY R 30 -18.43 -24.33 47.40
CA GLY R 30 -19.39 -23.60 48.20
C GLY R 30 -20.79 -24.16 48.16
N VAL R 31 -21.07 -25.10 47.25
CA VAL R 31 -22.40 -25.67 47.14
C VAL R 31 -22.55 -26.80 48.14
N ASN R 32 -23.58 -26.73 48.96
CA ASN R 32 -23.82 -27.76 49.95
C ASN R 32 -24.22 -29.07 49.26
N LYS R 33 -24.04 -30.17 49.99
CA LYS R 33 -24.38 -31.47 49.43
C LYS R 33 -25.87 -31.58 49.18
N GLU R 34 -26.67 -30.85 49.96
CA GLU R 34 -28.12 -30.88 49.80
C GLU R 34 -28.59 -29.93 48.72
N ASP R 35 -27.80 -28.93 48.36
CA ASP R 35 -28.18 -27.96 47.33
C ASP R 35 -27.76 -28.46 45.94
N ILE R 36 -28.05 -29.72 45.66
CA ILE R 36 -27.72 -30.33 44.39
C ILE R 36 -28.92 -31.15 43.93
N ILE R 37 -29.49 -30.80 42.79
CA ILE R 37 -30.63 -31.50 42.24
C ILE R 37 -30.13 -32.30 41.04
N LEU R 38 -30.07 -33.62 41.19
CA LEU R 38 -29.60 -34.52 40.13
C LEU R 38 -30.78 -35.23 39.50
N ASN R 39 -31.05 -34.91 38.23
CA ASN R 39 -32.13 -35.54 37.47
C ASN R 39 -31.60 -35.92 36.09
N ALA R 40 -31.99 -37.09 35.62
CA ALA R 40 -31.55 -37.57 34.32
C ALA R 40 -32.48 -38.65 33.84
N VAL R 41 -32.53 -38.82 32.52
CA VAL R 41 -33.35 -39.84 31.89
C VAL R 41 -32.92 -39.96 30.43
N GLY R 42 -32.78 -41.19 29.96
CA GLY R 42 -32.37 -41.43 28.59
C GLY R 42 -30.93 -41.04 28.33
N ASP R 43 -30.72 -40.04 27.48
CA ASP R 43 -29.39 -39.56 27.10
C ASP R 43 -29.26 -38.06 27.33
N THR R 44 -29.60 -37.61 28.53
CA THR R 44 -29.48 -36.19 28.86
C THR R 44 -29.35 -36.04 30.37
N LEU R 45 -28.62 -35.00 30.78
CA LEU R 45 -28.37 -34.73 32.17
C LEU R 45 -28.64 -33.26 32.49
N GLU R 46 -29.18 -33.00 33.67
CA GLU R 46 -29.47 -31.66 34.14
C GLU R 46 -29.25 -31.63 35.64
N ILE R 47 -28.41 -30.69 36.11
CA ILE R 47 -28.09 -30.54 37.51
C ILE R 47 -28.23 -29.07 37.89
N ARG R 48 -29.13 -28.79 38.82
CA ARG R 48 -29.36 -27.43 39.29
C ARG R 48 -28.73 -27.30 40.67
N ALA R 49 -27.74 -26.42 40.76
CA ALA R 49 -26.99 -26.16 41.98
C ALA R 49 -27.13 -24.70 42.39
N LYS R 50 -26.85 -24.44 43.65
CA LYS R 50 -26.96 -23.09 44.18
C LYS R 50 -26.15 -22.97 45.46
N ARG R 51 -25.42 -21.86 45.60
CA ARG R 51 -24.61 -21.58 46.77
C ARG R 51 -25.05 -20.26 47.38
N SER R 52 -25.19 -20.24 48.71
CA SER R 52 -25.63 -19.04 49.40
C SER R 52 -24.64 -17.88 49.17
N PRO R 53 -25.12 -16.65 49.22
CA PRO R 53 -24.23 -15.51 49.04
C PRO R 53 -23.27 -15.37 50.22
N LEU R 54 -22.06 -14.91 49.92
CA LEU R 54 -21.06 -14.75 50.96
C LEU R 54 -21.49 -13.69 51.97
N MET R 55 -22.14 -14.14 53.04
CA MET R 55 -22.58 -13.23 54.09
C MET R 55 -21.39 -12.55 54.74
N ILE R 56 -21.60 -11.32 55.21
CA ILE R 56 -20.56 -10.54 55.84
C ILE R 56 -21.15 -9.78 57.03
N THR R 57 -20.38 -9.66 58.09
CA THR R 57 -20.83 -8.93 59.26
C THR R 57 -20.91 -7.43 58.94
N GLU R 58 -21.72 -6.74 59.74
CA GLU R 58 -21.90 -5.30 59.54
C GLU R 58 -20.58 -4.56 59.63
N SER R 59 -19.64 -5.09 60.41
CA SER R 59 -18.33 -4.46 60.53
C SER R 59 -17.46 -4.75 59.32
N GLU R 60 -17.75 -5.83 58.59
CA GLU R 60 -16.98 -6.19 57.42
C GLU R 60 -17.33 -5.30 56.24
N ARG R 61 -16.56 -5.45 55.16
CA ARG R 61 -16.76 -4.68 53.95
C ARG R 61 -16.09 -5.43 52.80
N ILE R 62 -16.74 -5.42 51.65
CA ILE R 62 -16.20 -6.08 50.46
C ILE R 62 -15.43 -5.04 49.67
N ILE R 63 -14.14 -5.31 49.45
CA ILE R 63 -13.30 -4.40 48.70
C ILE R 63 -12.82 -4.99 47.38
N TYR R 64 -12.73 -6.30 47.26
CA TYR R 64 -12.29 -6.90 46.00
C TYR R 64 -12.66 -8.37 45.96
N SER R 65 -13.53 -8.74 45.02
CA SER R 65 -13.96 -10.12 44.90
C SER R 65 -14.31 -10.40 43.44
N GLU R 66 -13.58 -11.31 42.82
CA GLU R 66 -13.84 -11.71 41.44
C GLU R 66 -14.84 -12.86 41.36
N ILE R 67 -15.30 -13.37 42.49
CA ILE R 67 -16.25 -14.49 42.49
C ILE R 67 -17.61 -13.98 42.02
N PRO R 68 -18.32 -14.71 41.17
CA PRO R 68 -19.64 -14.24 40.75
C PRO R 68 -20.60 -14.16 41.93
N GLU R 69 -21.77 -13.60 41.66
CA GLU R 69 -22.78 -13.38 42.69
C GLU R 69 -24.04 -14.19 42.49
N GLU R 70 -24.45 -14.45 41.25
CA GLU R 70 -25.67 -15.20 41.02
C GLU R 70 -25.59 -16.56 41.71
N GLU R 71 -26.70 -16.97 42.30
CA GLU R 71 -26.77 -18.23 43.04
C GLU R 71 -27.32 -19.37 42.19
N GLU R 72 -28.51 -19.19 41.63
CA GLU R 72 -29.10 -20.26 40.82
C GLU R 72 -28.24 -20.49 39.58
N ILE R 73 -27.69 -21.70 39.48
CA ILE R 73 -26.84 -22.08 38.37
C ILE R 73 -27.09 -23.55 38.06
N TYR R 74 -27.01 -23.89 36.78
CA TYR R 74 -27.25 -25.26 36.36
C TYR R 74 -26.65 -25.47 34.98
N ARG R 75 -26.61 -26.73 34.57
CA ARG R 75 -26.11 -27.12 33.26
C ARG R 75 -26.93 -28.29 32.77
N THR R 76 -27.44 -28.17 31.55
CA THR R 76 -28.25 -29.22 30.92
C THR R 76 -27.44 -29.79 29.77
N ILE R 77 -26.89 -30.98 29.98
CA ILE R 77 -26.06 -31.65 29.00
C ILE R 77 -26.88 -32.72 28.29
N LYS R 78 -26.65 -32.86 26.99
CA LYS R 78 -27.32 -33.84 26.15
C LYS R 78 -26.27 -34.90 25.81
N LEU R 79 -26.30 -36.00 26.55
CA LEU R 79 -25.32 -37.05 26.36
C LEU R 79 -25.43 -37.65 24.96
N PRO R 80 -24.34 -38.19 24.41
CA PRO R 80 -24.41 -38.78 23.07
C PRO R 80 -25.12 -40.13 23.05
N ALA R 81 -25.17 -40.84 24.17
CA ALA R 81 -25.81 -42.14 24.25
C ALA R 81 -26.71 -42.20 25.48
N THR R 82 -27.47 -43.29 25.57
CA THR R 82 -28.38 -43.49 26.68
C THR R 82 -27.63 -44.03 27.89
N VAL R 83 -28.09 -43.65 29.08
CA VAL R 83 -27.49 -44.07 30.34
C VAL R 83 -28.58 -44.60 31.25
N LYS R 84 -28.19 -45.53 32.13
CA LYS R 84 -29.11 -46.13 33.08
C LYS R 84 -29.15 -45.25 34.31
N GLU R 85 -30.06 -44.28 34.31
CA GLU R 85 -30.16 -43.36 35.44
C GLU R 85 -30.48 -44.11 36.72
N GLU R 86 -31.25 -45.20 36.62
CA GLU R 86 -31.60 -45.97 37.80
C GLU R 86 -30.37 -46.54 38.47
N ASN R 87 -29.30 -46.78 37.72
CA ASN R 87 -28.05 -47.33 38.23
C ASN R 87 -26.94 -46.30 38.25
N ALA R 88 -27.27 -45.04 38.52
CA ALA R 88 -26.29 -43.97 38.55
C ALA R 88 -25.78 -43.75 39.97
N SER R 89 -24.63 -43.11 40.07
CA SER R 89 -24.01 -42.80 41.35
C SER R 89 -23.39 -41.41 41.28
N ALA R 90 -23.25 -40.78 42.45
CA ALA R 90 -22.70 -39.44 42.54
C ALA R 90 -21.84 -39.31 43.79
N LYS R 91 -20.82 -38.47 43.71
CA LYS R 91 -19.92 -38.21 44.81
C LYS R 91 -19.54 -36.74 44.81
N PHE R 92 -19.58 -36.11 45.98
CA PHE R 92 -19.28 -34.69 46.14
C PHE R 92 -18.22 -34.52 47.22
N GLU R 93 -16.96 -34.43 46.80
CA GLU R 93 -15.83 -34.27 47.70
C GLU R 93 -14.96 -33.12 47.21
N ASN R 94 -14.57 -32.24 48.13
CA ASN R 94 -13.72 -31.09 47.80
C ASN R 94 -14.39 -30.22 46.74
N GLY R 95 -15.70 -30.05 46.86
CA GLY R 95 -16.43 -29.23 45.92
C GLY R 95 -16.40 -29.78 44.51
N VAL R 96 -16.16 -31.08 44.37
CA VAL R 96 -16.09 -31.73 43.07
C VAL R 96 -17.16 -32.82 43.04
N LEU R 97 -18.18 -32.60 42.21
CA LEU R 97 -19.29 -33.55 42.08
C LEU R 97 -18.93 -34.55 41.00
N SER R 98 -18.61 -35.78 41.39
CA SER R 98 -18.26 -36.86 40.48
C SER R 98 -19.45 -37.80 40.38
N VAL R 99 -20.06 -37.85 39.19
CA VAL R 99 -21.24 -38.67 38.94
C VAL R 99 -20.92 -39.69 37.87
N ILE R 100 -21.09 -40.97 38.19
CA ILE R 100 -20.83 -42.07 37.28
C ILE R 100 -22.18 -42.56 36.77
N LEU R 101 -22.40 -42.46 35.46
CA LEU R 101 -23.65 -42.87 34.84
C LEU R 101 -23.41 -44.08 33.95
N PRO R 102 -23.86 -45.28 34.31
CA PRO R 102 -23.63 -46.43 33.42
C PRO R 102 -24.43 -46.29 32.13
N LYS R 103 -23.73 -46.44 31.00
CA LYS R 103 -24.39 -46.31 29.71
C LYS R 103 -25.38 -47.46 29.53
N ALA R 104 -26.60 -47.13 29.09
CA ALA R 104 -27.68 -48.15 28.93
C ALA R 104 -27.52 -48.87 27.59
N GLU R 105 -27.40 -48.11 26.50
CA GLU R 105 -27.27 -48.71 25.14
C GLU R 105 -26.00 -49.56 25.08
N SER R 106 -24.89 -49.07 25.63
CA SER R 106 -23.60 -49.80 25.59
C SER R 106 -23.73 -51.12 26.37
N SER R 107 -24.37 -51.08 27.54
CA SER R 107 -24.56 -52.29 28.39
C SER R 107 -25.49 -53.29 27.68
N ILE R 108 -26.59 -52.81 27.10
CA ILE R 108 -27.58 -53.71 26.43
C ILE R 108 -26.94 -54.37 25.20
N LYS R 109 -26.25 -53.59 24.36
CA LYS R 109 -25.59 -54.13 23.14
C LYS R 109 -26.67 -54.59 22.14
N LYS R 110 -26.27 -55.24 21.04
CA LYS R 110 -27.24 -55.79 20.05
C LYS R 110 -26.60 -56.96 19.30
N GLY R 111 -27.40 -57.88 18.74
CA GLY R 111 -26.89 -59.02 17.96
C GLY R 111 -27.75 -59.30 16.75
N ILE R 112 -27.15 -59.51 15.58
CA ILE R 112 -27.92 -59.86 14.34
C ILE R 112 -27.12 -60.93 13.56
N ASN R 113 -27.80 -61.80 12.82
CA ASN R 113 -27.14 -62.88 12.03
C ASN R 113 -26.44 -62.27 10.80
N ILE R 114 -25.29 -62.82 10.39
CA ILE R 114 -24.57 -62.34 9.18
C ILE R 114 -24.24 -63.56 8.30
N GLU R 115 -24.37 -63.43 6.97
CA GLU R 115 -24.08 -64.55 6.04
C GLU R 115 -22.83 -64.20 5.21
N ILE S 3 50.42 -5.25 13.25
CA ILE S 3 50.44 -6.12 14.41
C ILE S 3 49.32 -7.14 14.26
N GLN S 4 49.42 -8.21 15.06
CA GLN S 4 48.43 -9.27 15.01
C GLN S 4 48.24 -9.83 16.41
N ILE S 5 46.98 -10.08 16.77
CA ILE S 5 46.62 -10.66 18.05
C ILE S 5 45.96 -12.01 17.80
N SER S 6 46.36 -13.01 18.56
CA SER S 6 45.80 -14.34 18.44
C SER S 6 45.75 -14.99 19.81
N GLY S 7 44.63 -15.62 20.11
CA GLY S 7 44.48 -16.27 21.40
C GLY S 7 43.07 -16.79 21.61
N LYS S 8 42.66 -16.82 22.87
CA LYS S 8 41.33 -17.30 23.24
C LYS S 8 40.94 -16.67 24.56
N GLY S 9 39.68 -16.28 24.67
CA GLY S 9 39.16 -15.69 25.88
C GLY S 9 39.04 -14.19 25.80
N PHE S 10 38.98 -13.58 26.97
CA PHE S 10 38.85 -12.13 27.13
C PHE S 10 40.11 -11.63 27.83
N MET S 11 40.89 -10.81 27.13
CA MET S 11 42.14 -10.31 27.68
C MET S 11 42.54 -9.02 27.00
N PRO S 12 41.95 -7.89 27.38
CA PRO S 12 42.33 -6.61 26.76
C PRO S 12 43.81 -6.30 26.99
N ILE S 13 44.43 -5.70 25.97
CA ILE S 13 45.83 -5.35 26.01
C ILE S 13 46.01 -3.93 25.48
N SER S 14 46.97 -3.23 26.06
CA SER S 14 47.30 -1.86 25.68
C SER S 14 48.80 -1.75 25.47
N ILE S 15 49.20 -1.42 24.24
CA ILE S 15 50.60 -1.31 23.87
C ILE S 15 50.99 0.17 23.90
N ILE S 16 51.91 0.51 24.77
CA ILE S 16 52.40 1.88 24.93
C ILE S 16 53.76 1.97 24.29
N GLU S 17 53.84 2.60 23.12
CA GLU S 17 55.11 2.76 22.44
C GLU S 17 55.84 3.98 22.96
N GLY S 18 57.16 3.91 22.96
CA GLY S 18 57.97 5.02 23.41
C GLY S 18 59.22 5.18 22.57
N ASP S 19 60.23 5.86 23.11
CA ASP S 19 61.48 6.07 22.38
C ASP S 19 62.57 5.10 22.78
N GLN S 20 62.40 4.39 23.90
CA GLN S 20 63.40 3.45 24.36
C GLN S 20 62.82 2.12 24.84
N HIS S 21 61.50 2.00 24.92
CA HIS S 21 60.90 0.76 25.36
C HIS S 21 59.50 0.67 24.81
N ILE S 22 58.86 -0.48 25.03
CA ILE S 22 57.51 -0.72 24.58
C ILE S 22 56.72 -1.25 25.77
N LYS S 23 56.20 -0.34 26.58
CA LYS S 23 55.43 -0.74 27.74
C LYS S 23 54.08 -1.31 27.30
N VAL S 24 53.75 -2.49 27.80
CA VAL S 24 52.52 -3.18 27.46
C VAL S 24 51.74 -3.44 28.74
N ILE S 25 50.41 -3.32 28.65
CA ILE S 25 49.53 -3.54 29.78
C ILE S 25 48.50 -4.61 29.41
N ALA S 26 48.14 -5.44 30.39
CA ALA S 26 47.17 -6.50 30.17
C ALA S 26 46.56 -6.86 31.51
N TRP S 27 45.24 -6.79 31.61
CA TRP S 27 44.52 -7.13 32.84
C TRP S 27 44.41 -8.64 32.97
N LEU S 28 44.95 -9.18 34.06
CA LEU S 28 44.92 -10.62 34.33
C LEU S 28 44.42 -10.87 35.75
N PRO S 29 43.17 -10.52 36.04
CA PRO S 29 42.63 -10.73 37.39
C PRO S 29 42.41 -12.21 37.68
N GLY S 30 42.32 -12.52 38.97
CA GLY S 30 42.08 -13.88 39.41
C GLY S 30 43.13 -14.88 38.97
N VAL S 31 44.34 -14.41 38.66
CA VAL S 31 45.44 -15.26 38.22
C VAL S 31 46.62 -15.03 39.16
N ASN S 32 47.29 -16.09 39.53
CA ASN S 32 48.44 -15.95 40.39
C ASN S 32 49.65 -15.48 39.59
N LYS S 33 50.60 -14.87 40.29
CA LYS S 33 51.79 -14.38 39.61
C LYS S 33 52.60 -15.54 39.03
N GLU S 34 52.50 -16.72 39.64
CA GLU S 34 53.22 -17.89 39.18
C GLU S 34 52.48 -18.66 38.10
N ASP S 35 51.18 -18.41 37.93
CA ASP S 35 50.38 -19.11 36.94
C ASP S 35 50.33 -18.36 35.62
N ILE S 36 51.37 -17.60 35.32
CA ILE S 36 51.45 -16.78 34.10
C ILE S 36 52.79 -17.10 33.46
N ILE S 37 52.83 -18.11 32.60
CA ILE S 37 54.08 -18.45 31.94
C ILE S 37 54.29 -17.48 30.79
N LEU S 38 54.93 -16.37 31.07
CA LEU S 38 55.19 -15.33 30.09
C LEU S 38 56.52 -15.57 29.39
N ASN S 39 56.50 -15.56 28.06
CA ASN S 39 57.69 -15.78 27.26
C ASN S 39 57.72 -14.75 26.13
N ALA S 40 58.92 -14.54 25.60
CA ALA S 40 59.09 -13.58 24.51
C ALA S 40 60.48 -13.77 23.91
N VAL S 41 60.62 -13.39 22.65
CA VAL S 41 61.89 -13.51 21.95
C VAL S 41 61.81 -12.70 20.65
N GLY S 42 62.92 -12.09 20.26
CA GLY S 42 62.95 -11.31 19.03
C GLY S 42 61.98 -10.15 19.09
N ASP S 43 60.89 -10.25 18.33
CA ASP S 43 59.86 -9.22 18.25
C ASP S 43 58.49 -9.85 18.33
N THR S 44 58.32 -10.82 19.23
CA THR S 44 57.05 -11.49 19.42
C THR S 44 56.90 -11.81 20.89
N LEU S 45 55.68 -11.64 21.39
CA LEU S 45 55.35 -11.85 22.79
C LEU S 45 54.43 -13.05 22.95
N GLU S 46 54.87 -14.03 23.74
CA GLU S 46 54.10 -15.24 24.02
C GLU S 46 53.60 -15.16 25.44
N ILE S 47 52.28 -15.05 25.60
CA ILE S 47 51.64 -14.93 26.90
C ILE S 47 50.85 -16.20 27.19
N ARG S 48 50.94 -16.69 28.41
CA ARG S 48 50.19 -17.88 28.82
C ARG S 48 49.81 -17.71 30.27
N ALA S 49 48.51 -17.79 30.56
CA ALA S 49 47.98 -17.65 31.91
C ALA S 49 46.81 -18.60 32.10
N LYS S 50 46.27 -18.63 33.32
CA LYS S 50 45.14 -19.49 33.64
C LYS S 50 44.58 -19.10 35.00
N ARG S 51 43.25 -19.15 35.11
CA ARG S 51 42.54 -18.84 36.34
C ARG S 51 41.72 -20.04 36.80
N SER S 52 41.69 -20.27 38.10
CA SER S 52 40.94 -21.40 38.64
C SER S 52 39.45 -21.24 38.32
N PRO S 53 38.72 -22.35 38.22
CA PRO S 53 37.28 -22.26 37.93
C PRO S 53 36.51 -21.68 39.10
N LEU S 54 35.39 -21.03 38.78
CA LEU S 54 34.53 -20.41 39.79
C LEU S 54 33.84 -21.51 40.60
N MET S 55 34.56 -22.03 41.58
CA MET S 55 34.04 -23.07 42.45
C MET S 55 32.87 -22.56 43.28
N ILE S 56 31.90 -23.43 43.54
CA ILE S 56 30.72 -23.09 44.32
C ILE S 56 30.35 -24.28 45.19
N THR S 57 29.88 -24.01 46.39
CA THR S 57 29.46 -25.05 47.32
C THR S 57 28.10 -25.61 46.91
N GLU S 58 27.83 -26.84 47.36
CA GLU S 58 26.56 -27.48 47.02
C GLU S 58 25.37 -26.65 47.46
N SER S 59 25.53 -25.88 48.54
CA SER S 59 24.44 -25.03 49.01
C SER S 59 24.31 -23.75 48.20
N GLU S 60 25.37 -23.36 47.48
CA GLU S 60 25.34 -22.16 46.67
C GLU S 60 24.65 -22.42 45.34
N ARG S 61 24.56 -21.37 44.54
CA ARG S 61 23.93 -21.46 43.22
C ARG S 61 24.27 -20.19 42.46
N ILE S 62 24.57 -20.34 41.17
CA ILE S 62 24.90 -19.21 40.31
C ILE S 62 23.63 -18.74 39.65
N ILE S 63 23.25 -17.48 39.89
CA ILE S 63 22.05 -16.91 39.31
C ILE S 63 22.35 -15.81 38.29
N TYR S 64 23.54 -15.21 38.36
CA TYR S 64 23.89 -14.15 37.41
C TYR S 64 25.39 -13.94 37.48
N SER S 65 26.09 -14.26 36.39
CA SER S 65 27.55 -14.11 36.36
C SER S 65 27.97 -13.88 34.91
N GLU S 66 28.50 -12.68 34.63
CA GLU S 66 28.99 -12.35 33.30
C GLU S 66 30.49 -12.62 33.15
N ILE S 67 31.15 -13.13 34.19
CA ILE S 67 32.58 -13.42 34.13
C ILE S 67 32.80 -14.69 33.31
N PRO S 68 33.80 -14.75 32.44
CA PRO S 68 34.04 -15.98 31.68
C PRO S 68 34.41 -17.14 32.59
N GLU S 69 34.49 -18.33 31.99
CA GLU S 69 34.78 -19.56 32.70
C GLU S 69 36.01 -20.30 32.20
N GLU S 70 36.39 -20.11 30.94
CA GLU S 70 37.54 -20.82 30.40
C GLU S 70 38.79 -20.52 31.23
N GLU S 71 39.63 -21.54 31.40
CA GLU S 71 40.84 -21.41 32.20
C GLU S 71 42.06 -21.08 31.34
N GLU S 72 42.43 -21.97 30.43
CA GLU S 72 43.59 -21.74 29.59
C GLU S 72 43.37 -20.52 28.71
N ILE S 73 44.25 -19.55 28.81
CA ILE S 73 44.18 -18.33 28.02
C ILE S 73 45.61 -17.93 27.66
N TYR S 74 45.78 -17.43 26.44
CA TYR S 74 47.09 -17.04 25.96
C TYR S 74 46.93 -16.02 24.84
N ARG S 75 48.02 -15.36 24.50
CA ARG S 75 48.02 -14.37 23.44
C ARG S 75 49.36 -14.45 22.70
N THR S 76 49.39 -13.86 21.51
CA THR S 76 50.61 -13.87 20.69
C THR S 76 50.61 -12.57 19.87
N ILE S 77 51.26 -11.55 20.41
CA ILE S 77 51.36 -10.24 19.77
C ILE S 77 52.69 -10.17 19.04
N LYS S 78 52.66 -9.77 17.78
CA LYS S 78 53.86 -9.65 16.96
C LYS S 78 54.32 -8.19 17.04
N LEU S 79 55.39 -7.97 17.79
CA LEU S 79 55.90 -6.62 17.97
C LEU S 79 56.39 -6.04 16.64
N PRO S 80 56.36 -4.72 16.49
CA PRO S 80 56.83 -4.13 15.22
C PRO S 80 58.33 -4.18 15.07
N ALA S 81 59.09 -4.04 16.14
CA ALA S 81 60.55 -4.04 16.09
C ALA S 81 61.08 -5.06 17.08
N THR S 82 62.41 -5.23 17.09
CA THR S 82 63.05 -6.17 18.00
C THR S 82 63.29 -5.52 19.34
N VAL S 83 63.19 -6.34 20.39
CA VAL S 83 63.40 -5.91 21.77
C VAL S 83 64.39 -6.86 22.42
N LYS S 84 65.00 -6.38 23.50
CA LYS S 84 65.97 -7.16 24.26
C LYS S 84 65.19 -7.90 25.34
N GLU S 85 64.67 -9.08 24.96
CA GLU S 85 63.89 -9.88 25.91
C GLU S 85 64.73 -10.25 27.12
N GLU S 86 66.02 -10.48 26.91
CA GLU S 86 66.89 -10.83 28.04
C GLU S 86 66.93 -9.69 29.04
N ASN S 87 66.78 -8.46 28.57
CA ASN S 87 66.77 -7.28 29.43
C ASN S 87 65.37 -6.74 29.64
N ALA S 88 64.35 -7.57 29.48
CA ALA S 88 62.97 -7.15 29.66
C ALA S 88 62.52 -7.46 31.09
N SER S 89 61.31 -6.99 31.42
CA SER S 89 60.76 -7.23 32.74
C SER S 89 59.24 -7.16 32.68
N ALA S 90 58.61 -7.49 33.80
CA ALA S 90 57.16 -7.45 33.91
C ALA S 90 56.80 -7.29 35.38
N LYS S 91 55.60 -6.79 35.62
CA LYS S 91 55.12 -6.57 36.97
C LYS S 91 53.64 -6.93 37.01
N PHE S 92 53.29 -7.80 37.97
CA PHE S 92 51.94 -8.31 38.13
C PHE S 92 51.42 -7.91 39.51
N GLU S 93 50.66 -6.82 39.56
CA GLU S 93 50.08 -6.32 40.80
C GLU S 93 48.59 -6.08 40.58
N ASN S 94 47.76 -6.62 41.47
CA ASN S 94 46.31 -6.43 41.39
C ASN S 94 45.78 -6.95 40.06
N GLY S 95 46.32 -8.07 39.59
CA GLY S 95 45.89 -8.63 38.33
C GLY S 95 46.19 -7.74 37.15
N VAL S 96 47.23 -6.91 37.26
CA VAL S 96 47.64 -5.99 36.20
C VAL S 96 49.07 -6.32 35.83
N LEU S 97 49.26 -6.92 34.66
CA LEU S 97 50.57 -7.30 34.18
C LEU S 97 51.17 -6.13 33.40
N SER S 98 52.17 -5.49 33.99
CA SER S 98 52.85 -4.34 33.38
C SER S 98 54.19 -4.81 32.84
N VAL S 99 54.23 -5.08 31.53
CA VAL S 99 55.42 -5.57 30.86
C VAL S 99 56.24 -4.41 30.33
N ILE S 100 57.54 -4.44 30.60
CA ILE S 100 58.50 -3.44 30.14
C ILE S 100 59.36 -4.11 29.07
N LEU S 101 59.39 -3.53 27.87
CA LEU S 101 60.13 -4.07 26.73
C LEU S 101 61.10 -3.03 26.20
N PRO S 102 62.30 -2.92 26.78
CA PRO S 102 63.28 -1.95 26.26
C PRO S 102 63.61 -2.22 24.81
N LYS S 103 63.57 -1.16 24.01
CA LYS S 103 63.89 -1.28 22.59
C LYS S 103 65.35 -1.61 22.38
N ALA S 104 65.63 -2.28 21.26
CA ALA S 104 66.99 -2.67 20.94
C ALA S 104 67.75 -1.48 20.36
N GLU S 105 69.01 -1.73 19.98
CA GLU S 105 69.84 -0.66 19.40
C GLU S 105 69.34 -0.27 18.02
N SER S 106 69.13 -1.27 17.15
CA SER S 106 68.64 -0.98 15.81
C SER S 106 67.27 -0.33 15.87
N SER S 107 66.51 -0.60 16.93
CA SER S 107 65.20 0.03 17.08
C SER S 107 65.31 1.51 17.35
N ILE S 108 66.49 2.01 17.71
CA ILE S 108 66.66 3.43 17.95
C ILE S 108 66.40 4.19 16.65
N LYS S 109 65.64 5.27 16.76
CA LYS S 109 65.25 6.09 15.61
C LYS S 109 65.94 7.43 15.67
N LYS S 110 66.79 7.71 14.69
CA LYS S 110 67.52 8.96 14.66
C LYS S 110 66.68 10.06 14.01
N GLY S 111 66.87 11.29 14.52
CA GLY S 111 66.15 12.44 14.01
C GLY S 111 66.87 13.13 12.86
N ILE S 112 66.16 14.10 12.26
CA ILE S 112 66.68 14.88 11.14
C ILE S 112 66.41 16.35 11.40
N ASN S 113 67.36 17.20 11.03
CA ASN S 113 67.22 18.63 11.20
C ASN S 113 66.63 19.23 9.93
N ILE S 114 65.58 20.03 10.10
CA ILE S 114 64.90 20.66 8.98
C ILE S 114 65.62 21.95 8.63
N GLU S 115 66.36 21.94 7.54
CA GLU S 115 67.09 23.12 7.11
C GLU S 115 66.17 24.01 6.28
N ILE T 3 6.55 38.90 10.35
CA ILE T 3 7.71 38.81 11.21
C ILE T 3 8.27 37.40 11.11
N GLN T 4 9.56 37.27 11.42
CA GLN T 4 10.24 35.99 11.34
C GLN T 4 11.28 35.91 12.46
N ILE T 5 11.36 34.75 13.09
CA ILE T 5 12.31 34.52 14.17
C ILE T 5 13.33 33.48 13.71
N SER T 6 14.56 33.66 14.17
CA SER T 6 15.65 32.74 13.84
C SER T 6 16.71 32.86 14.92
N GLY T 7 17.30 31.72 15.27
CA GLY T 7 18.35 31.72 16.28
C GLY T 7 18.73 30.32 16.71
N LYS T 8 18.99 30.13 18.00
CA LYS T 8 19.40 28.83 18.51
C LYS T 8 19.26 28.85 20.01
N GLY T 9 18.75 27.76 20.56
CA GLY T 9 18.55 27.63 21.99
C GLY T 9 17.11 27.88 22.37
N PHE T 10 16.89 28.01 23.67
CA PHE T 10 15.57 28.27 24.23
C PHE T 10 15.52 29.71 24.70
N MET T 11 14.62 30.49 24.11
CA MET T 11 14.53 31.90 24.46
C MET T 11 13.19 32.48 24.06
N PRO T 12 12.13 32.23 24.83
CA PRO T 12 10.82 32.82 24.52
C PRO T 12 10.89 34.34 24.51
N ILE T 13 10.16 34.93 23.56
CA ILE T 13 10.11 36.38 23.41
C ILE T 13 8.66 36.81 23.20
N SER T 14 8.34 37.99 23.72
CA SER T 14 7.00 38.57 23.60
C SER T 14 7.13 39.98 23.06
N ILE T 15 6.45 40.24 21.95
CA ILE T 15 6.48 41.53 21.27
C ILE T 15 5.18 42.25 21.60
N ILE T 16 5.28 43.32 22.38
CA ILE T 16 4.12 44.12 22.77
C ILE T 16 4.20 45.42 21.98
N GLU T 17 3.44 45.51 20.90
CA GLU T 17 3.45 46.71 20.07
C GLU T 17 2.68 47.84 20.75
N GLY T 18 3.12 49.07 20.49
CA GLY T 18 2.49 50.25 21.04
C GLY T 18 2.30 51.31 19.97
N ASP T 19 1.64 52.40 20.39
CA ASP T 19 1.36 53.50 19.48
C ASP T 19 2.61 54.33 19.18
N GLN T 20 3.62 54.25 20.04
CA GLN T 20 4.84 55.00 19.85
C GLN T 20 6.08 54.17 20.13
N HIS T 21 5.94 52.88 20.44
CA HIS T 21 7.08 52.03 20.71
C HIS T 21 6.58 50.60 20.74
N ILE T 22 7.53 49.67 20.83
CA ILE T 22 7.25 48.24 20.88
C ILE T 22 8.08 47.69 22.03
N LYS T 23 7.44 47.47 23.17
CA LYS T 23 8.14 46.95 24.34
C LYS T 23 8.23 45.44 24.24
N VAL T 24 9.38 44.94 23.82
CA VAL T 24 9.61 43.51 23.67
C VAL T 24 10.16 42.97 24.98
N ILE T 25 9.72 41.76 25.34
CA ILE T 25 10.14 41.09 26.55
C ILE T 25 10.82 39.78 26.19
N ALA T 26 11.85 39.43 26.95
CA ALA T 26 12.60 38.19 26.68
C ALA T 26 13.25 37.69 27.96
N TRP T 27 13.12 36.39 28.20
CA TRP T 27 13.71 35.73 29.37
C TRP T 27 15.09 35.22 29.04
N LEU T 28 16.08 35.69 29.81
CA LEU T 28 17.47 35.30 29.68
C LEU T 28 17.98 34.89 31.05
N PRO T 29 17.45 33.80 31.61
CA PRO T 29 17.86 33.38 32.94
C PRO T 29 19.31 32.90 32.97
N GLY T 30 19.93 33.06 34.15
CA GLY T 30 21.30 32.62 34.28
C GLY T 30 22.29 33.41 33.46
N VAL T 31 21.88 34.53 32.89
CA VAL T 31 22.75 35.35 32.05
C VAL T 31 23.09 36.64 32.79
N ASN T 32 24.39 36.92 32.90
CA ASN T 32 24.83 38.12 33.57
C ASN T 32 24.53 39.35 32.72
N LYS T 33 24.58 40.51 33.37
CA LYS T 33 24.30 41.76 32.67
C LYS T 33 25.36 42.05 31.62
N GLU T 34 26.57 41.55 31.81
CA GLU T 34 27.65 41.77 30.86
C GLU T 34 27.63 40.79 29.70
N ASP T 35 26.94 39.66 29.84
CA ASP T 35 26.87 38.64 28.78
C ASP T 35 25.70 38.87 27.86
N ILE T 36 25.40 40.14 27.55
CA ILE T 36 24.29 40.50 26.69
C ILE T 36 24.78 41.52 25.70
N ILE T 37 24.65 41.22 24.41
CA ILE T 37 25.07 42.11 23.33
C ILE T 37 23.82 42.48 22.54
N LEU T 38 23.15 43.55 22.97
CA LEU T 38 21.95 44.00 22.29
C LEU T 38 22.28 44.83 21.07
N ASN T 39 21.74 44.43 19.92
CA ASN T 39 21.95 45.14 18.66
C ASN T 39 20.63 45.26 17.93
N ALA T 40 20.36 46.43 17.37
CA ALA T 40 19.13 46.66 16.64
C ALA T 40 19.39 47.73 15.58
N VAL T 41 18.66 47.62 14.47
CA VAL T 41 18.82 48.57 13.38
C VAL T 41 17.66 48.42 12.40
N GLY T 42 17.13 49.55 11.93
CA GLY T 42 16.06 49.50 10.96
C GLY T 42 14.82 48.84 11.54
N ASP T 43 14.40 47.73 10.93
CA ASP T 43 13.22 47.00 11.36
C ASP T 43 13.56 45.54 11.66
N THR T 44 14.66 45.32 12.37
CA THR T 44 15.05 43.96 12.72
C THR T 44 15.89 44.01 13.99
N LEU T 45 15.65 43.04 14.87
CA LEU T 45 16.36 42.94 16.13
C LEU T 45 17.26 41.71 16.16
N GLU T 46 18.39 41.85 16.85
CA GLU T 46 19.36 40.77 16.99
C GLU T 46 19.89 40.79 18.42
N ILE T 47 19.55 39.78 19.19
CA ILE T 47 19.97 39.65 20.57
C ILE T 47 20.99 38.54 20.66
N ARG T 48 22.01 38.73 21.50
CA ARG T 48 23.05 37.73 21.70
C ARG T 48 23.33 37.60 23.19
N ALA T 49 23.45 36.36 23.65
CA ALA T 49 23.68 36.10 25.06
C ALA T 49 24.39 34.77 25.24
N LYS T 50 25.14 34.63 26.32
CA LYS T 50 25.94 33.39 26.52
C LYS T 50 25.80 32.93 27.96
N ARG T 51 25.33 31.69 28.17
CA ARG T 51 25.11 31.18 29.55
C ARG T 51 26.28 30.24 29.90
N SER T 52 26.95 30.52 31.01
CA SER T 52 28.11 29.70 31.46
C SER T 52 27.57 28.49 32.23
N PRO T 53 27.42 27.31 31.59
CA PRO T 53 26.83 26.18 32.29
C PRO T 53 27.69 25.81 33.46
N LEU T 54 27.08 25.59 34.63
CA LEU T 54 27.82 25.20 35.85
C LEU T 54 28.11 23.69 35.76
N MET T 55 29.09 23.21 36.52
CA MET T 55 29.49 21.78 36.47
C MET T 55 29.61 21.22 37.89
N ILE T 56 29.50 19.89 38.04
CA ILE T 56 29.60 19.24 39.38
C ILE T 56 30.98 19.52 39.97
N THR T 57 31.06 19.82 41.25
CA THR T 57 32.34 20.07 41.96
C THR T 57 32.93 18.72 42.31
N GLU T 58 34.01 18.68 43.08
CA GLU T 58 34.71 17.40 43.38
C GLU T 58 33.75 16.38 43.99
N SER T 59 32.88 16.82 44.90
CA SER T 59 31.98 15.89 45.62
C SER T 59 30.57 15.96 45.03
N GLU T 60 30.41 16.52 43.83
CA GLU T 60 29.06 16.74 43.26
C GLU T 60 28.77 15.76 42.12
N ARG T 61 27.60 15.11 42.14
CA ARG T 61 27.15 14.20 41.06
C ARG T 61 25.73 14.64 40.68
N ILE T 62 25.47 14.94 39.40
CA ILE T 62 24.14 15.49 38.97
C ILE T 62 23.08 14.39 38.79
N ILE T 63 22.15 14.25 39.74
CA ILE T 63 21.10 13.19 39.69
C ILE T 63 20.05 13.52 38.61
N TYR T 64 19.68 14.80 38.43
CA TYR T 64 18.59 15.15 37.47
C TYR T 64 18.91 16.37 36.60
N SER T 65 18.43 16.39 35.33
CA SER T 65 18.62 17.57 34.41
C SER T 65 17.28 18.06 33.83
N GLU T 66 17.01 19.37 33.83
CA GLU T 66 15.80 19.96 33.17
C GLU T 66 16.16 21.35 32.61
N ILE T 67 17.34 21.89 32.94
CA ILE T 67 17.81 23.21 32.44
C ILE T 67 18.86 22.97 31.34
N PRO T 68 18.75 23.61 30.16
CA PRO T 68 19.68 23.34 29.07
C PRO T 68 21.13 23.74 29.38
N GLU T 69 22.10 22.93 28.95
CA GLU T 69 23.54 23.22 29.21
C GLU T 69 24.12 23.98 28.01
N GLU T 70 23.32 24.23 26.98
CA GLU T 70 23.77 24.98 25.77
C GLU T 70 24.12 26.41 26.20
N GLU T 71 25.18 27.00 25.63
CA GLU T 71 25.64 28.36 26.05
C GLU T 71 25.29 29.40 24.97
N GLU T 72 25.95 29.38 23.82
CA GLU T 72 25.75 30.37 22.78
C GLU T 72 24.32 30.33 22.28
N ILE T 73 23.60 31.42 22.51
CA ILE T 73 22.21 31.54 22.09
C ILE T 73 21.96 32.97 21.65
N TYR T 74 21.15 33.12 20.61
CA TYR T 74 20.85 34.44 20.08
C TYR T 74 19.58 34.32 19.25
N ARG T 75 19.09 35.47 18.80
CA ARG T 75 17.88 35.51 17.98
C ARG T 75 18.05 36.60 16.93
N THR T 76 17.14 36.59 15.96
CA THR T 76 17.14 37.57 14.88
C THR T 76 15.69 37.77 14.45
N ILE T 77 15.06 38.76 15.04
CA ILE T 77 13.66 39.07 14.79
C ILE T 77 13.56 40.12 13.70
N LYS T 78 12.58 39.96 12.82
CA LYS T 78 12.32 40.90 11.74
C LYS T 78 11.11 41.73 12.17
N LEU T 79 11.38 42.93 12.65
CA LEU T 79 10.32 43.80 13.12
C LEU T 79 9.40 44.17 11.96
N PRO T 80 8.13 44.46 12.23
CA PRO T 80 7.22 44.85 11.14
C PRO T 80 7.47 46.25 10.63
N ALA T 81 8.07 47.13 11.43
CA ALA T 81 8.34 48.50 11.01
C ALA T 81 9.72 48.92 11.51
N THR T 82 10.12 50.12 11.14
CA THR T 82 11.42 50.64 11.55
C THR T 82 11.32 51.28 12.93
N VAL T 83 12.41 51.17 13.68
CA VAL T 83 12.49 51.70 15.04
C VAL T 83 13.73 52.57 15.16
N LYS T 84 13.70 53.48 16.13
CA LYS T 84 14.82 54.39 16.39
C LYS T 84 15.72 53.70 17.40
N GLU T 85 16.62 52.86 16.89
CA GLU T 85 17.54 52.15 17.76
C GLU T 85 18.40 53.12 18.56
N GLU T 86 18.76 54.24 17.95
CA GLU T 86 19.58 55.22 18.64
C GLU T 86 18.87 55.76 19.87
N ASN T 87 17.54 55.81 19.85
CA ASN T 87 16.75 56.29 20.97
C ASN T 87 16.05 55.17 21.71
N ALA T 88 16.56 53.94 21.61
CA ALA T 88 15.97 52.79 22.28
C ALA T 88 16.64 52.54 23.61
N SER T 89 15.92 51.83 24.49
CA SER T 89 16.45 51.48 25.80
C SER T 89 16.02 50.06 26.12
N ALA T 90 16.50 49.55 27.24
CA ALA T 90 16.17 48.20 27.67
C ALA T 90 16.56 48.03 29.13
N LYS T 91 15.97 47.02 29.76
CA LYS T 91 16.26 46.73 31.15
C LYS T 91 16.31 45.23 31.35
N PHE T 92 17.16 44.81 32.28
CA PHE T 92 17.39 43.39 32.59
C PHE T 92 17.36 43.20 34.10
N GLU T 93 16.21 42.81 34.61
CA GLU T 93 16.01 42.56 36.03
C GLU T 93 15.35 41.22 36.23
N ASN T 94 15.86 40.45 37.20
CA ASN T 94 15.32 39.13 37.50
C ASN T 94 15.38 38.25 36.26
N GLY T 95 16.46 38.39 35.49
CA GLY T 95 16.62 37.58 34.30
C GLY T 95 15.54 37.83 33.28
N VAL T 96 15.04 39.05 33.20
CA VAL T 96 13.98 39.43 32.27
C VAL T 96 14.44 40.65 31.52
N LEU T 97 14.67 40.50 30.21
CA LEU T 97 15.11 41.61 29.37
C LEU T 97 13.90 42.31 28.79
N SER T 98 13.67 43.54 29.23
CA SER T 98 12.55 44.38 28.79
C SER T 98 13.10 45.50 27.93
N VAL T 99 13.09 45.30 26.62
CA VAL T 99 13.61 46.26 25.67
C VAL T 99 12.52 47.26 25.30
N ILE T 100 12.92 48.52 25.14
CA ILE T 100 12.04 49.61 24.76
C ILE T 100 12.39 49.99 23.32
N LEU T 101 11.48 49.75 22.39
CA LEU T 101 11.71 50.03 20.97
C LEU T 101 10.90 51.20 20.44
N PRO T 102 11.25 52.45 20.75
CA PRO T 102 10.55 53.58 20.14
C PRO T 102 10.48 53.38 18.63
N LYS T 103 9.30 53.55 18.06
CA LYS T 103 9.14 53.33 16.64
C LYS T 103 9.90 54.40 15.85
N ALA T 104 9.96 54.22 14.53
CA ALA T 104 10.72 55.13 13.69
C ALA T 104 10.06 56.48 13.50
N GLU T 105 8.76 56.57 13.83
CA GLU T 105 7.97 57.83 13.72
C GLU T 105 7.70 58.19 12.26
N SER T 106 8.38 57.56 11.29
CA SER T 106 8.26 57.97 9.86
C SER T 106 6.83 57.78 9.32
N SER T 107 6.18 56.64 9.62
CA SER T 107 4.83 56.34 9.09
C SER T 107 3.81 56.27 10.24
N ILE T 108 3.06 57.36 10.47
CA ILE T 108 2.05 57.43 11.56
C ILE T 108 0.66 57.66 10.96
N LYS T 109 -0.34 56.89 11.36
CA LYS T 109 -1.75 57.11 10.90
C LYS T 109 -2.57 57.51 12.13
N LYS T 110 -3.33 58.61 12.04
CA LYS T 110 -4.06 59.11 13.23
C LYS T 110 -5.10 60.16 12.84
N GLY T 111 -6.08 60.41 13.71
CA GLY T 111 -7.12 61.44 13.49
C GLY T 111 -7.97 61.30 12.24
N ILE T 112 -8.40 60.10 11.85
CA ILE T 112 -9.33 60.05 10.66
C ILE T 112 -10.58 60.81 11.10
N ASN T 113 -11.17 61.63 10.23
CA ASN T 113 -12.30 62.50 10.65
C ASN T 113 -13.51 61.67 11.06
N ILE T 114 -14.21 62.06 12.14
CA ILE T 114 -15.49 61.42 12.57
C ILE T 114 -16.54 62.53 12.65
N GLU T 115 -17.72 62.34 12.07
CA GLU T 115 -18.82 63.35 12.17
C GLU T 115 -20.15 62.63 12.39
N ILE U 3 -42.75 17.59 31.33
CA ILE U 3 -42.25 18.63 32.21
C ILE U 3 -41.05 19.28 31.54
N GLN U 4 -40.61 20.40 32.10
CA GLN U 4 -39.48 21.14 31.55
C GLN U 4 -38.63 21.70 32.67
N ILE U 5 -37.38 21.27 32.73
CA ILE U 5 -36.43 21.72 33.74
C ILE U 5 -35.57 22.80 33.11
N SER U 6 -35.27 23.85 33.87
CA SER U 6 -34.44 24.92 33.36
C SER U 6 -33.72 25.62 34.51
N GLY U 7 -32.59 26.24 34.18
CA GLY U 7 -31.81 26.99 35.15
C GLY U 7 -30.35 27.14 34.77
N LYS U 8 -29.47 27.00 35.75
CA LYS U 8 -28.04 27.11 35.53
C LYS U 8 -27.32 26.76 36.81
N GLY U 9 -26.17 26.09 36.68
CA GLY U 9 -25.38 25.70 37.83
C GLY U 9 -25.57 24.23 38.15
N PHE U 10 -25.45 23.87 39.42
CA PHE U 10 -25.59 22.48 39.88
C PHE U 10 -26.67 22.43 40.94
N MET U 11 -27.71 21.65 40.68
CA MET U 11 -28.83 21.58 41.61
C MET U 11 -29.71 20.35 41.34
N PRO U 12 -29.33 19.17 41.83
CA PRO U 12 -30.19 18.00 41.61
C PRO U 12 -31.56 18.20 42.23
N ILE U 13 -32.59 17.79 41.49
CA ILE U 13 -33.98 17.93 41.92
C ILE U 13 -34.77 16.66 41.65
N SER U 14 -35.70 16.36 42.56
CA SER U 14 -36.57 15.20 42.46
C SER U 14 -38.03 15.66 42.56
N ILE U 15 -38.85 15.21 41.62
CA ILE U 15 -40.26 15.58 41.55
C ILE U 15 -41.10 14.37 41.97
N ILE U 16 -41.75 14.48 43.12
CA ILE U 16 -42.61 13.41 43.64
C ILE U 16 -44.07 13.83 43.55
N GLU U 17 -44.74 13.47 42.47
CA GLU U 17 -46.14 13.82 42.33
C GLU U 17 -47.01 13.00 43.27
N GLY U 18 -48.11 13.61 43.68
CA GLY U 18 -49.08 12.98 44.56
C GLY U 18 -50.48 13.17 44.04
N ASP U 19 -51.47 12.72 44.80
CA ASP U 19 -52.86 12.87 44.38
C ASP U 19 -53.44 14.22 44.75
N GLN U 20 -52.89 14.88 45.76
CA GLN U 20 -53.39 16.18 46.21
C GLN U 20 -52.28 17.18 46.46
N HIS U 21 -51.05 16.88 46.09
CA HIS U 21 -49.95 17.81 46.32
C HIS U 21 -48.74 17.34 45.54
N ILE U 22 -47.71 18.17 45.55
CA ILE U 22 -46.46 17.90 44.86
C ILE U 22 -45.32 18.11 45.84
N LYS U 23 -44.64 17.02 46.19
CA LYS U 23 -43.51 17.06 47.11
C LYS U 23 -42.24 17.17 46.28
N VAL U 24 -41.56 18.32 46.37
CA VAL U 24 -40.35 18.58 45.61
C VAL U 24 -39.15 18.52 46.52
N ILE U 25 -38.09 17.85 46.06
CA ILE U 25 -36.85 17.70 46.80
C ILE U 25 -35.71 18.28 45.99
N ALA U 26 -34.77 18.92 46.68
CA ALA U 26 -33.63 19.54 46.03
C ALA U 26 -32.47 19.67 47.02
N TRP U 27 -31.26 19.31 46.57
CA TRP U 27 -30.06 19.41 47.38
C TRP U 27 -29.37 20.75 47.17
N LEU U 28 -29.17 21.49 48.26
CA LEU U 28 -28.52 22.80 48.26
C LEU U 28 -27.44 22.79 49.33
N PRO U 29 -26.41 21.99 49.15
CA PRO U 29 -25.37 21.93 50.17
C PRO U 29 -24.56 23.19 50.28
N GLY U 30 -24.16 23.51 51.51
CA GLY U 30 -23.37 24.69 51.77
C GLY U 30 -24.14 25.98 51.80
N VAL U 31 -25.41 25.96 51.46
CA VAL U 31 -26.22 27.17 51.41
C VAL U 31 -26.85 27.44 52.76
N ASN U 32 -26.77 28.69 53.20
CA ASN U 32 -27.38 29.08 54.45
C ASN U 32 -28.89 29.01 54.33
N LYS U 33 -29.58 29.22 55.45
CA LYS U 33 -31.03 29.16 55.44
C LYS U 33 -31.66 30.40 54.80
N GLU U 34 -31.02 31.56 54.95
CA GLU U 34 -31.56 32.79 54.41
C GLU U 34 -31.23 33.03 52.94
N ASP U 35 -30.29 32.29 52.35
CA ASP U 35 -29.88 32.52 50.97
C ASP U 35 -30.66 31.67 49.99
N ILE U 36 -31.93 31.44 50.27
CA ILE U 36 -32.78 30.58 49.43
C ILE U 36 -34.08 31.37 49.19
N ILE U 37 -34.14 32.07 48.07
CA ILE U 37 -35.31 32.86 47.73
C ILE U 37 -36.23 31.96 46.92
N LEU U 38 -37.30 31.51 47.57
CA LEU U 38 -38.28 30.62 46.97
C LEU U 38 -39.48 31.40 46.44
N ASN U 39 -39.78 31.23 45.16
CA ASN U 39 -40.90 31.91 44.53
C ASN U 39 -41.63 30.92 43.63
N ALA U 40 -42.93 31.16 43.45
CA ALA U 40 -43.75 30.28 42.62
C ALA U 40 -45.08 30.96 42.36
N VAL U 41 -45.72 30.56 41.28
CA VAL U 41 -47.02 31.10 40.91
C VAL U 41 -47.65 30.24 39.82
N GLY U 42 -48.95 30.01 39.93
CA GLY U 42 -49.64 29.21 38.93
C GLY U 42 -49.17 27.78 38.92
N ASP U 43 -48.47 27.38 37.86
CA ASP U 43 -47.96 26.02 37.69
C ASP U 43 -46.49 26.05 37.31
N THR U 44 -45.71 26.86 38.02
CA THR U 44 -44.29 26.94 37.76
C THR U 44 -43.56 27.28 39.05
N LEU U 45 -42.39 26.66 39.24
CA LEU U 45 -41.58 26.87 40.42
C LEU U 45 -40.22 27.45 40.05
N GLU U 46 -39.69 28.29 40.94
CA GLU U 46 -38.39 28.92 40.75
C GLU U 46 -37.68 28.97 42.08
N ILE U 47 -36.43 28.51 42.11
CA ILE U 47 -35.63 28.47 43.32
C ILE U 47 -34.27 29.10 43.04
N ARG U 48 -33.96 30.19 43.75
CA ARG U 48 -32.69 30.87 43.62
C ARG U 48 -31.89 30.67 44.90
N ALA U 49 -30.67 30.17 44.74
CA ALA U 49 -29.80 29.90 45.86
C ALA U 49 -28.37 30.28 45.48
N LYS U 50 -27.54 30.42 46.51
CA LYS U 50 -26.16 30.79 46.32
C LYS U 50 -25.35 30.41 47.55
N ARG U 51 -24.18 29.83 47.33
CA ARG U 51 -23.29 29.43 48.42
C ARG U 51 -22.03 30.28 48.38
N SER U 52 -21.61 30.74 49.55
CA SER U 52 -20.42 31.57 49.61
C SER U 52 -19.21 30.77 49.13
N PRO U 53 -18.20 31.43 48.59
CA PRO U 53 -17.01 30.70 48.12
C PRO U 53 -16.25 30.13 49.31
N LEU U 54 -15.68 28.95 49.10
CA LEU U 54 -14.94 28.28 50.17
C LEU U 54 -13.69 29.09 50.54
N MET U 55 -13.84 29.98 51.51
CA MET U 55 -12.72 30.82 51.95
C MET U 55 -11.61 29.97 52.55
N ILE U 56 -10.39 30.45 52.41
CA ILE U 56 -9.21 29.77 52.92
C ILE U 56 -8.24 30.82 53.46
N THR U 57 -7.59 30.51 54.57
CA THR U 57 -6.63 31.45 55.12
C THR U 57 -5.43 31.58 54.19
N GLU U 58 -4.71 32.70 54.32
CA GLU U 58 -3.56 32.93 53.46
C GLU U 58 -2.54 31.82 53.63
N SER U 59 -2.46 31.24 54.82
CA SER U 59 -1.53 30.15 55.06
C SER U 59 -2.06 28.84 54.48
N GLU U 60 -3.37 28.72 54.32
CA GLU U 60 -3.96 27.51 53.77
C GLU U 60 -3.79 27.48 52.26
N ARG U 61 -4.23 26.38 51.66
CA ARG U 61 -4.15 26.20 50.22
C ARG U 61 -5.00 25.02 49.81
N ILE U 62 -5.59 25.13 48.63
CA ILE U 62 -6.47 24.09 48.08
C ILE U 62 -5.62 23.27 47.13
N ILE U 63 -5.38 22.02 47.50
CA ILE U 63 -4.58 21.14 46.66
C ILE U 63 -5.48 20.28 45.79
N TYR U 64 -6.70 20.04 46.22
CA TYR U 64 -7.61 19.21 45.43
C TYR U 64 -9.04 19.45 45.89
N SER U 65 -9.91 19.82 44.94
CA SER U 65 -11.31 20.07 45.27
C SER U 65 -12.15 19.91 44.00
N GLU U 66 -13.15 19.05 44.07
CA GLU U 66 -14.04 18.79 42.95
C GLU U 66 -15.31 19.64 43.02
N ILE U 67 -15.43 20.48 44.04
CA ILE U 67 -16.65 21.30 44.18
C ILE U 67 -16.61 22.41 43.14
N PRO U 68 -17.73 22.71 42.47
CA PRO U 68 -17.70 23.82 41.51
C PRO U 68 -17.44 25.13 42.22
N GLU U 69 -17.30 26.21 41.46
CA GLU U 69 -16.98 27.52 42.01
C GLU U 69 -18.07 28.56 41.85
N GLU U 70 -18.84 28.49 40.77
CA GLU U 70 -19.89 29.47 40.54
C GLU U 70 -20.85 29.51 41.71
N GLU U 71 -21.27 30.72 42.07
CA GLU U 71 -22.17 30.96 43.20
C GLU U 71 -23.62 31.15 42.75
N GLU U 72 -23.86 32.10 41.86
CA GLU U 72 -25.22 32.36 41.40
C GLU U 72 -25.75 31.12 40.71
N ILE U 73 -26.73 30.46 41.32
CA ILE U 73 -27.32 29.25 40.75
C ILE U 73 -28.80 29.20 41.07
N TYR U 74 -29.58 28.63 40.16
CA TYR U 74 -31.02 28.52 40.37
C TYR U 74 -31.59 27.58 39.32
N ARG U 75 -32.88 27.30 39.47
CA ARG U 75 -33.62 26.45 38.54
C ARG U 75 -34.99 27.03 38.35
N THR U 76 -35.70 26.50 37.35
CA THR U 76 -37.05 26.96 37.05
C THR U 76 -37.81 25.78 36.44
N ILE U 77 -38.57 25.08 37.28
CA ILE U 77 -39.32 23.91 36.87
C ILE U 77 -40.77 24.30 36.63
N LYS U 78 -41.36 23.73 35.59
CA LYS U 78 -42.75 23.96 35.22
C LYS U 78 -43.56 22.73 35.60
N LEU U 79 -44.28 22.83 36.71
CA LEU U 79 -45.08 21.73 37.20
C LEU U 79 -46.19 21.40 36.21
N PRO U 80 -46.67 20.15 36.20
CA PRO U 80 -47.73 19.78 35.24
C PRO U 80 -49.10 20.32 35.58
N ALA U 81 -49.34 20.77 36.80
CA ALA U 81 -50.65 21.29 37.16
C ALA U 81 -50.51 22.55 37.98
N THR U 82 -51.64 23.20 38.25
CA THR U 82 -51.66 24.42 39.03
C THR U 82 -51.78 24.10 40.51
N VAL U 83 -51.12 24.90 41.33
CA VAL U 83 -51.12 24.71 42.78
C VAL U 83 -51.48 26.03 43.46
N LYS U 84 -51.94 25.91 44.70
CA LYS U 84 -52.31 27.06 45.52
C LYS U 84 -51.07 27.39 46.34
N GLU U 85 -50.23 28.24 45.77
CA GLU U 85 -48.98 28.62 46.41
C GLU U 85 -49.19 29.28 47.76
N GLU U 86 -50.28 30.02 47.92
CA GLU U 86 -50.52 30.71 49.18
C GLU U 86 -50.64 29.72 50.34
N ASN U 87 -51.05 28.49 50.07
CA ASN U 87 -51.21 27.47 51.09
C ASN U 87 -50.13 26.40 50.98
N ALA U 88 -48.91 26.82 50.66
CA ALA U 88 -47.78 25.91 50.52
C ALA U 88 -46.88 26.04 51.73
N SER U 89 -45.87 25.17 51.78
CA SER U 89 -44.91 25.18 52.88
C SER U 89 -43.57 24.68 52.35
N ALA U 90 -42.57 24.65 53.22
CA ALA U 90 -41.25 24.20 52.82
C ALA U 90 -40.42 23.89 54.06
N LYS U 91 -39.43 23.01 53.86
CA LYS U 91 -38.52 22.61 54.93
C LYS U 91 -37.13 22.47 54.36
N PHE U 92 -36.15 22.97 55.12
CA PHE U 92 -34.75 22.97 54.71
C PHE U 92 -33.91 22.39 55.86
N GLU U 93 -33.61 21.10 55.77
CA GLU U 93 -32.82 20.40 56.77
C GLU U 93 -31.72 19.62 56.11
N ASN U 94 -30.52 19.69 56.68
CA ASN U 94 -29.36 18.98 56.15
C ASN U 94 -29.12 19.38 54.71
N GLY U 95 -29.29 20.67 54.44
CA GLY U 95 -29.08 21.18 53.10
C GLY U 95 -30.00 20.56 52.07
N VAL U 96 -31.21 20.20 52.47
CA VAL U 96 -32.18 19.59 51.57
C VAL U 96 -33.48 20.36 51.69
N LEU U 97 -33.89 21.02 50.61
CA LEU U 97 -35.12 21.80 50.59
C LEU U 97 -36.27 20.89 50.19
N SER U 98 -37.22 20.71 51.11
CA SER U 98 -38.39 19.86 50.90
C SER U 98 -39.64 20.76 50.82
N VAL U 99 -40.09 21.04 49.61
CA VAL U 99 -41.24 21.88 49.37
C VAL U 99 -42.49 21.03 49.16
N ILE U 100 -43.61 21.50 49.71
CA ILE U 100 -44.91 20.84 49.59
C ILE U 100 -45.85 21.81 48.88
N LEU U 101 -46.36 21.38 47.72
CA LEU U 101 -47.24 22.21 46.89
C LEU U 101 -48.60 21.57 46.68
N PRO U 102 -49.57 21.82 47.56
CA PRO U 102 -50.91 21.28 47.34
C PRO U 102 -51.48 21.71 46.00
N LYS U 103 -52.06 20.76 45.29
CA LYS U 103 -52.62 21.01 43.98
C LYS U 103 -53.79 21.97 44.04
N ALA U 104 -54.09 22.58 42.90
CA ALA U 104 -55.20 23.51 42.81
C ALA U 104 -56.52 22.75 42.68
N GLU U 105 -57.63 23.50 42.70
CA GLU U 105 -58.94 22.86 42.61
C GLU U 105 -59.16 22.23 41.25
N SER U 106 -58.83 22.94 40.17
CA SER U 106 -59.02 22.39 38.84
C SER U 106 -58.06 21.26 38.54
N SER U 107 -56.99 21.14 39.31
CA SER U 107 -56.00 20.10 39.10
C SER U 107 -56.43 18.77 39.69
N ILE U 108 -57.40 18.76 40.60
CA ILE U 108 -57.84 17.51 41.21
C ILE U 108 -58.47 16.63 40.15
N LYS U 109 -57.97 15.40 40.02
CA LYS U 109 -58.47 14.45 39.05
C LYS U 109 -59.61 13.62 39.63
N LYS U 110 -60.70 13.50 38.87
CA LYS U 110 -61.85 12.74 39.32
C LYS U 110 -61.70 11.26 39.00
N GLY U 111 -62.35 10.43 39.81
CA GLY U 111 -62.31 8.99 39.63
C GLY U 111 -63.41 8.53 38.70
N ILE U 112 -63.03 7.78 37.66
CA ILE U 112 -63.98 7.27 36.68
C ILE U 112 -64.25 5.80 36.97
N ASN U 113 -65.51 5.40 36.82
CA ASN U 113 -65.90 4.01 37.04
C ASN U 113 -65.47 3.14 35.88
N ILE U 114 -65.35 1.85 36.15
CA ILE U 114 -64.93 0.86 35.15
C ILE U 114 -65.85 -0.34 35.23
N GLU U 115 -66.15 -0.92 34.07
CA GLU U 115 -67.00 -2.09 33.99
C GLU U 115 -66.50 -3.02 32.90
N ILE V 3 -39.18 29.42 25.78
CA ILE V 3 -39.41 30.48 24.82
C ILE V 3 -39.26 29.92 23.41
N GLN V 4 -39.71 30.70 22.43
CA GLN V 4 -39.63 30.29 21.04
C GLN V 4 -39.39 31.51 20.18
N ILE V 5 -38.37 31.43 19.32
CA ILE V 5 -38.01 32.50 18.42
C ILE V 5 -38.45 32.11 17.02
N SER V 6 -38.90 33.09 16.24
CA SER V 6 -39.35 32.81 14.89
C SER V 6 -39.29 34.08 14.06
N GLY V 7 -38.91 33.93 12.80
CA GLY V 7 -38.83 35.07 11.89
C GLY V 7 -38.06 34.71 10.65
N LYS V 8 -37.50 35.73 10.01
CA LYS V 8 -36.71 35.55 8.80
C LYS V 8 -35.76 36.73 8.67
N GLY V 9 -34.48 36.42 8.46
CA GLY V 9 -33.48 37.46 8.34
C GLY V 9 -32.46 37.40 9.45
N PHE V 10 -31.76 38.50 9.68
CA PHE V 10 -30.74 38.60 10.71
C PHE V 10 -31.23 39.59 11.76
N MET V 11 -31.34 39.13 13.00
CA MET V 11 -31.82 39.97 14.08
C MET V 11 -31.51 39.34 15.43
N PRO V 12 -30.31 39.51 15.96
CA PRO V 12 -29.99 38.95 17.27
C PRO V 12 -30.92 39.50 18.34
N ILE V 13 -31.19 38.68 19.36
CA ILE V 13 -32.09 39.04 20.44
C ILE V 13 -31.52 38.65 21.78
N SER V 14 -31.82 39.47 22.79
CA SER V 14 -31.39 39.25 24.16
C SER V 14 -32.58 39.42 25.09
N ILE V 15 -32.94 38.35 25.79
CA ILE V 15 -34.08 38.35 26.70
C ILE V 15 -33.53 38.52 28.11
N ILE V 16 -33.79 39.68 28.72
CA ILE V 16 -33.34 39.96 30.09
C ILE V 16 -34.56 39.89 31.00
N GLU V 17 -34.77 38.75 31.63
CA GLU V 17 -35.89 38.58 32.53
C GLU V 17 -35.64 39.28 33.86
N GLY V 18 -36.72 39.72 34.49
CA GLY V 18 -36.63 40.40 35.77
C GLY V 18 -37.73 39.96 36.71
N ASP V 19 -37.84 40.61 37.87
CA ASP V 19 -38.87 40.27 38.84
C ASP V 19 -40.16 41.06 38.65
N GLN V 20 -40.13 42.13 37.87
CA GLN V 20 -41.31 42.95 37.64
C GLN V 20 -41.51 43.34 36.19
N HIS V 21 -40.56 43.04 35.32
CA HIS V 21 -40.68 43.39 33.91
C HIS V 21 -39.78 42.43 33.12
N ILE V 22 -39.84 42.58 31.80
CA ILE V 22 -39.05 41.75 30.89
C ILE V 22 -38.39 42.71 29.91
N LYS V 23 -37.12 43.00 30.13
CA LYS V 23 -36.35 43.90 29.28
C LYS V 23 -35.72 43.11 28.14
N VAL V 24 -36.07 43.45 26.91
CA VAL V 24 -35.55 42.78 25.72
C VAL V 24 -34.70 43.75 24.93
N ILE V 25 -33.62 43.25 24.35
CA ILE V 25 -32.70 44.04 23.55
C ILE V 25 -32.57 43.41 22.18
N ALA V 26 -32.47 44.24 21.15
CA ALA V 26 -32.36 43.76 19.78
C ALA V 26 -31.66 44.79 18.91
N TRP V 27 -30.65 44.33 18.17
CA TRP V 27 -29.89 45.20 17.28
C TRP V 27 -30.61 45.35 15.95
N LEU V 28 -30.83 46.60 15.54
CA LEU V 28 -31.50 46.94 14.29
C LEU V 28 -30.64 47.93 13.52
N PRO V 29 -29.46 47.53 13.09
CA PRO V 29 -28.58 48.45 12.37
C PRO V 29 -29.12 48.85 11.02
N GLY V 30 -28.72 50.04 10.58
CA GLY V 30 -29.16 50.54 9.29
C GLY V 30 -30.64 50.72 9.16
N VAL V 31 -31.36 50.85 10.28
CA VAL V 31 -32.80 50.98 10.27
C VAL V 31 -33.18 52.37 10.74
N ASN V 32 -34.16 52.98 10.08
CA ASN V 32 -34.63 54.28 10.46
C ASN V 32 -35.55 54.16 11.67
N LYS V 33 -35.68 55.27 12.41
CA LYS V 33 -36.50 55.26 13.60
C LYS V 33 -37.97 55.05 13.27
N GLU V 34 -38.40 55.42 12.07
CA GLU V 34 -39.79 55.29 11.68
C GLU V 34 -40.11 53.95 11.04
N ASP V 35 -39.12 53.22 10.56
CA ASP V 35 -39.36 51.92 9.92
C ASP V 35 -39.27 50.80 10.93
N ILE V 36 -39.95 50.99 12.06
CA ILE V 36 -39.97 50.03 13.15
C ILE V 36 -41.39 49.94 13.66
N ILE V 37 -42.06 48.83 13.37
CA ILE V 37 -43.43 48.61 13.81
C ILE V 37 -43.37 47.67 15.01
N LEU V 38 -43.68 48.21 16.18
CA LEU V 38 -43.65 47.47 17.43
C LEU V 38 -45.06 47.14 17.88
N ASN V 39 -45.35 45.84 17.99
CA ASN V 39 -46.67 45.38 18.43
C ASN V 39 -46.51 44.22 19.40
N ALA V 40 -47.44 44.12 20.33
CA ALA V 40 -47.43 43.05 21.33
C ALA V 40 -48.75 43.06 22.05
N VAL V 41 -49.14 41.90 22.56
CA VAL V 41 -50.38 41.76 23.31
C VAL V 41 -50.37 40.41 24.01
N GLY V 42 -50.80 40.39 25.26
CA GLY V 42 -50.83 39.15 26.00
C GLY V 42 -49.46 38.71 26.42
N ASP V 43 -49.00 37.60 25.85
CA ASP V 43 -47.71 37.01 26.14
C ASP V 43 -46.97 36.69 24.85
N THR V 44 -46.89 37.67 23.96
CA THR V 44 -46.19 37.47 22.70
C THR V 44 -45.75 38.82 22.15
N LEU V 45 -44.54 38.85 21.58
CA LEU V 45 -43.98 40.07 21.03
C LEU V 45 -43.72 39.91 19.54
N GLU V 46 -44.01 40.98 18.79
CA GLU V 46 -43.81 41.00 17.35
C GLU V 46 -43.06 42.27 16.98
N ILE V 47 -42.01 42.12 16.18
CA ILE V 47 -41.19 43.24 15.73
C ILE V 47 -41.06 43.16 14.22
N ARG V 48 -41.38 44.26 13.54
CA ARG V 48 -41.32 44.34 12.08
C ARG V 48 -40.59 45.62 11.70
N ALA V 49 -39.53 45.49 10.91
CA ALA V 49 -38.74 46.62 10.48
C ALA V 49 -38.24 46.37 9.06
N LYS V 50 -37.52 47.36 8.53
CA LYS V 50 -37.00 47.26 7.17
C LYS V 50 -35.96 48.35 6.97
N ARG V 51 -34.84 47.98 6.34
CA ARG V 51 -33.75 48.90 6.05
C ARG V 51 -33.66 49.19 4.56
N SER V 52 -33.41 50.45 4.23
CA SER V 52 -33.32 50.82 2.83
C SER V 52 -32.14 50.11 2.17
N PRO V 53 -32.20 49.88 0.87
CA PRO V 53 -31.08 49.21 0.19
C PRO V 53 -29.87 50.11 0.11
N LEU V 54 -28.70 49.51 0.24
CA LEU V 54 -27.46 50.26 0.18
C LEU V 54 -27.26 50.84 -1.23
N MET V 55 -27.84 52.01 -1.47
CA MET V 55 -27.73 52.66 -2.77
C MET V 55 -26.28 53.01 -3.08
N ILE V 56 -25.97 53.08 -4.38
CA ILE V 56 -24.63 53.40 -4.85
C ILE V 56 -24.74 54.30 -6.07
N THR V 57 -23.84 55.26 -6.18
CA THR V 57 -23.82 56.16 -7.32
C THR V 57 -23.36 55.41 -8.57
N GLU V 58 -23.72 55.97 -9.72
CA GLU V 58 -23.38 55.33 -10.99
C GLU V 58 -21.88 55.13 -11.11
N SER V 59 -21.10 56.02 -10.50
CA SER V 59 -19.65 55.88 -10.52
C SER V 59 -19.16 54.86 -9.53
N GLU V 60 -19.93 54.57 -8.48
CA GLU V 60 -19.52 53.62 -7.48
C GLU V 60 -19.65 52.19 -7.98
N ARG V 61 -19.16 51.27 -7.17
CA ARG V 61 -19.20 49.84 -7.47
C ARG V 61 -18.98 49.09 -6.17
N ILE V 62 -19.74 48.03 -5.96
CA ILE V 62 -19.64 47.21 -4.76
C ILE V 62 -18.66 46.08 -5.06
N ILE V 63 -17.54 46.07 -4.35
CA ILE V 63 -16.51 45.06 -4.56
C ILE V 63 -16.46 44.03 -3.43
N TYR V 64 -16.92 44.36 -2.24
CA TYR V 64 -16.88 43.40 -1.14
C TYR V 64 -17.82 43.87 -0.04
N SER V 65 -18.80 43.03 0.30
CA SER V 65 -19.77 43.40 1.32
C SER V 65 -20.37 42.13 1.92
N GLU V 66 -20.18 41.94 3.22
CA GLU V 66 -20.75 40.81 3.92
C GLU V 66 -22.12 41.11 4.49
N ILE V 67 -22.62 42.32 4.28
CA ILE V 67 -23.94 42.69 4.80
C ILE V 67 -25.02 42.00 3.99
N PRO V 68 -26.06 41.46 4.60
CA PRO V 68 -27.11 40.83 3.80
C PRO V 68 -27.82 41.83 2.92
N GLU V 69 -28.75 41.38 2.10
CA GLU V 69 -29.47 42.25 1.18
C GLU V 69 -30.97 42.31 1.42
N GLU V 70 -31.56 41.22 1.91
CA GLU V 70 -33.00 41.22 2.15
C GLU V 70 -33.37 42.33 3.10
N GLU V 71 -34.51 42.98 2.83
CA GLU V 71 -34.98 44.09 3.63
C GLU V 71 -36.08 43.69 4.61
N GLU V 72 -37.16 43.08 4.12
CA GLU V 72 -38.26 42.74 5.00
C GLU V 72 -37.78 41.72 6.03
N ILE V 73 -37.78 42.10 7.30
CA ILE V 73 -37.35 41.23 8.38
C ILE V 73 -38.19 41.49 9.62
N TYR V 74 -38.44 40.43 10.37
CA TYR V 74 -39.24 40.53 11.59
C TYR V 74 -38.95 39.34 12.49
N ARG V 75 -39.43 39.43 13.72
CA ARG V 75 -39.28 38.39 14.71
C ARG V 75 -40.51 38.32 15.58
N THR V 76 -40.96 37.09 15.86
CA THR V 76 -42.12 36.82 16.70
C THR V 76 -41.65 36.04 17.92
N ILE V 77 -41.58 36.73 19.05
CA ILE V 77 -41.09 36.16 20.29
C ILE V 77 -42.26 35.84 21.19
N LYS V 78 -42.16 34.74 21.94
CA LYS V 78 -43.19 34.31 22.86
C LYS V 78 -42.62 34.38 24.27
N LEU V 79 -42.95 35.46 24.97
CA LEU V 79 -42.47 35.67 26.32
C LEU V 79 -43.01 34.61 27.27
N PRO V 80 -42.32 34.33 28.38
CA PRO V 80 -42.81 33.32 29.31
C PRO V 80 -43.99 33.76 30.15
N ALA V 81 -44.25 35.07 30.27
CA ALA V 81 -45.36 35.55 31.08
C ALA V 81 -46.12 36.64 30.33
N THR V 82 -47.22 37.09 30.93
CA THR V 82 -48.06 38.13 30.37
C THR V 82 -47.59 39.51 30.83
N VAL V 83 -47.75 40.50 29.96
CA VAL V 83 -47.33 41.86 30.26
C VAL V 83 -48.45 42.84 29.94
N LYS V 84 -48.41 43.98 30.62
CA LYS V 84 -49.39 45.05 30.43
C LYS V 84 -48.79 45.97 29.38
N GLU V 85 -49.19 45.75 28.13
CA GLU V 85 -48.66 46.52 27.02
C GLU V 85 -48.96 48.01 27.15
N GLU V 86 -50.11 48.36 27.71
CA GLU V 86 -50.46 49.77 27.84
C GLU V 86 -49.45 50.52 28.70
N ASN V 87 -48.81 49.82 29.63
CA ASN V 87 -47.82 50.44 30.51
C ASN V 87 -46.39 50.11 30.10
N ALA V 88 -46.17 49.77 28.84
CA ALA V 88 -44.85 49.41 28.35
C ALA V 88 -44.16 50.62 27.73
N SER V 89 -42.89 50.45 27.34
CA SER V 89 -42.12 51.51 26.71
C SER V 89 -41.05 50.89 25.84
N ALA V 90 -40.40 51.74 25.03
CA ALA V 90 -39.36 51.30 24.13
C ALA V 90 -38.41 52.45 23.84
N LYS V 91 -37.12 52.13 23.70
CA LYS V 91 -36.10 53.13 23.42
C LYS V 91 -35.19 52.61 22.31
N PHE V 92 -35.09 53.38 21.24
CA PHE V 92 -34.30 53.05 20.06
C PHE V 92 -33.25 54.12 19.85
N GLU V 93 -32.05 53.88 20.35
CA GLU V 93 -30.95 54.83 20.23
C GLU V 93 -29.71 54.11 19.73
N ASN V 94 -29.04 54.72 18.76
CA ASN V 94 -27.81 54.17 18.19
C ASN V 94 -28.08 52.78 17.60
N GLY V 95 -29.24 52.63 16.99
CA GLY V 95 -29.59 51.35 16.40
C GLY V 95 -29.74 50.25 17.41
N VAL V 96 -30.20 50.56 18.62
CA VAL V 96 -30.36 49.59 19.68
C VAL V 96 -31.76 49.77 20.26
N LEU V 97 -32.63 48.80 20.01
CA LEU V 97 -33.99 48.85 20.50
C LEU V 97 -34.08 48.26 21.91
N SER V 98 -34.47 49.09 22.88
CA SER V 98 -34.64 48.69 24.27
C SER V 98 -36.10 48.78 24.66
N VAL V 99 -36.79 47.63 24.67
CA VAL V 99 -38.20 47.55 24.99
C VAL V 99 -38.39 47.11 26.45
N ILE V 100 -39.31 47.78 27.14
CA ILE V 100 -39.65 47.49 28.52
C ILE V 100 -41.07 46.97 28.55
N LEU V 101 -41.25 45.76 29.11
CA LEU V 101 -42.55 45.09 29.18
C LEU V 101 -42.88 44.73 30.62
N PRO V 102 -43.50 45.63 31.38
CA PRO V 102 -43.87 45.31 32.75
C PRO V 102 -44.77 44.08 32.81
N LYS V 103 -44.45 43.18 33.73
CA LYS V 103 -45.20 41.94 33.88
C LYS V 103 -46.64 42.20 34.28
N ALA V 104 -47.50 41.24 33.99
CA ALA V 104 -48.91 41.37 34.33
C ALA V 104 -49.10 41.11 35.82
N GLU V 105 -50.35 41.19 36.27
CA GLU V 105 -50.64 40.98 37.68
C GLU V 105 -50.48 39.51 38.05
N SER V 106 -51.08 38.62 37.26
CA SER V 106 -50.97 37.19 37.53
C SER V 106 -49.57 36.68 37.28
N SER V 107 -48.74 37.44 36.59
CA SER V 107 -47.38 37.04 36.29
C SER V 107 -46.44 37.20 37.47
N ILE V 108 -46.80 38.02 38.45
CA ILE V 108 -45.94 38.22 39.61
C ILE V 108 -45.82 36.92 40.37
N LYS V 109 -44.58 36.54 40.69
CA LYS V 109 -44.30 35.30 41.43
C LYS V 109 -44.36 35.59 42.92
N LYS V 110 -45.20 34.85 43.64
CA LYS V 110 -45.31 35.05 45.07
C LYS V 110 -44.20 34.32 45.82
N GLY V 111 -43.82 34.89 46.96
CA GLY V 111 -42.79 34.29 47.78
C GLY V 111 -43.33 33.20 48.68
N ILE V 112 -42.44 32.33 49.15
CA ILE V 112 -42.80 31.23 50.04
C ILE V 112 -41.80 31.17 51.18
N ASN V 113 -42.31 31.10 52.41
CA ASN V 113 -41.46 31.01 53.58
C ASN V 113 -40.94 29.59 53.74
N ILE V 114 -39.85 29.47 54.48
CA ILE V 114 -39.21 28.19 54.75
C ILE V 114 -38.94 28.09 56.24
N GLU V 115 -39.16 26.91 56.81
CA GLU V 115 -38.93 26.68 58.22
C GLU V 115 -38.05 25.46 58.39
N ILE W 3 -34.91 17.51 -29.67
CA ILE W 3 -33.94 18.13 -30.56
C ILE W 3 -32.60 17.42 -30.40
N GLN W 4 -31.70 17.69 -31.34
CA GLN W 4 -30.37 17.09 -31.33
C GLN W 4 -29.38 18.08 -31.92
N ILE W 5 -28.34 18.39 -31.17
CA ILE W 5 -27.31 19.33 -31.59
C ILE W 5 -26.08 18.54 -32.01
N SER W 6 -25.42 18.99 -33.08
CA SER W 6 -24.24 18.32 -33.57
C SER W 6 -23.35 19.30 -34.32
N GLY W 7 -22.05 19.08 -34.24
CA GLY W 7 -21.07 19.91 -34.93
C GLY W 7 -19.68 19.71 -34.36
N LYS W 8 -18.87 20.75 -34.47
CA LYS W 8 -17.49 20.69 -33.98
C LYS W 8 -17.02 22.10 -33.69
N GLY W 9 -16.19 22.24 -32.66
CA GLY W 9 -15.66 23.54 -32.28
C GLY W 9 -16.46 24.16 -31.15
N PHE W 10 -16.45 25.48 -31.06
CA PHE W 10 -17.18 26.21 -30.02
C PHE W 10 -18.16 27.15 -30.71
N MET W 11 -19.45 26.95 -30.46
CA MET W 11 -20.47 27.75 -31.11
C MET W 11 -21.78 27.67 -30.34
N PRO W 12 -21.93 28.42 -29.25
CA PRO W 12 -23.19 28.41 -28.50
C PRO W 12 -24.35 28.88 -29.37
N ILE W 13 -25.50 28.22 -29.19
CA ILE W 13 -26.71 28.52 -29.94
C ILE W 13 -27.90 28.54 -29.01
N SER W 14 -28.86 29.43 -29.30
CA SER W 14 -30.08 29.58 -28.52
C SER W 14 -31.29 29.48 -29.45
N ILE W 15 -32.20 28.57 -29.11
CA ILE W 15 -33.40 28.32 -29.90
C ILE W 15 -34.57 29.05 -29.24
N ILE W 16 -35.10 30.05 -29.92
CA ILE W 16 -36.21 30.86 -29.44
C ILE W 16 -37.45 30.46 -30.21
N GLU W 17 -38.35 29.71 -29.57
CA GLU W 17 -39.58 29.29 -30.23
C GLU W 17 -40.60 30.43 -30.22
N GLY W 18 -41.44 30.45 -31.25
CA GLY W 18 -42.50 31.44 -31.37
C GLY W 18 -43.78 30.78 -31.83
N ASP W 19 -44.81 31.62 -32.01
CA ASP W 19 -46.10 31.12 -32.46
C ASP W 19 -46.20 31.06 -33.97
N GLN W 20 -45.34 31.78 -34.68
CA GLN W 20 -45.32 31.78 -36.13
C GLN W 20 -43.94 31.57 -36.70
N HIS W 21 -42.93 31.35 -35.87
CA HIS W 21 -41.57 31.16 -36.34
C HIS W 21 -40.77 30.62 -35.17
N ILE W 22 -39.53 30.25 -35.45
CA ILE W 22 -38.61 29.71 -34.45
C ILE W 22 -37.32 30.52 -34.57
N LYS W 23 -37.26 31.63 -33.83
CA LYS W 23 -36.08 32.48 -33.86
C LYS W 23 -34.91 31.78 -33.19
N VAL W 24 -33.73 31.90 -33.81
CA VAL W 24 -32.53 31.23 -33.32
C VAL W 24 -31.39 32.26 -33.25
N ILE W 25 -30.62 32.18 -32.17
CA ILE W 25 -29.48 33.05 -31.93
C ILE W 25 -28.23 32.19 -31.85
N ALA W 26 -27.12 32.73 -32.36
CA ALA W 26 -25.86 31.99 -32.35
C ALA W 26 -24.70 32.98 -32.43
N TRP W 27 -23.77 32.88 -31.48
CA TRP W 27 -22.60 33.76 -31.45
C TRP W 27 -21.53 33.22 -32.38
N LEU W 28 -21.15 34.05 -33.35
CA LEU W 28 -20.13 33.71 -34.34
C LEU W 28 -19.13 34.86 -34.40
N PRO W 29 -18.36 35.06 -33.33
CA PRO W 29 -17.43 36.20 -33.30
C PRO W 29 -16.28 36.05 -34.29
N GLY W 30 -15.73 37.19 -34.68
CA GLY W 30 -14.62 37.21 -35.60
C GLY W 30 -14.94 36.73 -37.00
N VAL W 31 -16.20 36.59 -37.36
CA VAL W 31 -16.59 36.11 -38.67
C VAL W 31 -17.22 37.25 -39.46
N ASN W 32 -16.90 37.30 -40.75
CA ASN W 32 -17.45 38.31 -41.63
C ASN W 32 -18.83 37.88 -42.12
N LYS W 33 -19.58 38.86 -42.60
CA LYS W 33 -20.92 38.59 -43.08
C LYS W 33 -20.92 37.67 -44.29
N GLU W 34 -19.83 37.68 -45.06
CA GLU W 34 -19.71 36.85 -46.25
C GLU W 34 -19.15 35.46 -45.98
N ASP W 35 -18.51 35.25 -44.83
CA ASP W 35 -17.91 33.95 -44.49
C ASP W 35 -18.87 33.05 -43.75
N ILE W 36 -20.15 33.05 -44.13
CA ILE W 36 -21.16 32.24 -43.48
C ILE W 36 -22.02 31.58 -44.56
N ILE W 37 -22.17 30.27 -44.47
CA ILE W 37 -22.98 29.49 -45.41
C ILE W 37 -24.13 28.89 -44.62
N LEU W 38 -25.29 29.53 -44.71
CA LEU W 38 -26.49 29.10 -44.00
C LEU W 38 -27.40 28.28 -44.90
N ASN W 39 -27.80 27.10 -44.42
CA ASN W 39 -28.70 26.23 -45.17
C ASN W 39 -29.67 25.58 -44.19
N ALA W 40 -30.96 25.68 -44.49
CA ALA W 40 -31.99 25.13 -43.64
C ALA W 40 -33.22 24.81 -44.48
N VAL W 41 -33.69 23.57 -44.39
CA VAL W 41 -34.87 23.14 -45.13
C VAL W 41 -35.73 22.30 -44.19
N GLY W 42 -37.03 22.26 -44.48
CA GLY W 42 -37.95 21.47 -43.71
C GLY W 42 -37.85 21.77 -42.22
N ASP W 43 -37.26 20.82 -41.49
CA ASP W 43 -37.09 20.93 -40.05
C ASP W 43 -35.64 20.61 -39.66
N THR W 44 -34.70 20.91 -40.54
CA THR W 44 -33.28 20.69 -40.28
C THR W 44 -32.49 21.95 -40.55
N LEU W 45 -31.45 22.18 -39.74
CA LEU W 45 -30.61 23.36 -39.83
C LEU W 45 -29.14 22.99 -39.97
N GLU W 46 -28.44 23.70 -40.85
CA GLU W 46 -27.01 23.48 -41.08
C GLU W 46 -26.34 24.82 -41.29
N ILE W 47 -25.51 25.23 -40.32
CA ILE W 47 -24.79 26.48 -40.36
C ILE W 47 -23.31 26.20 -40.56
N ARG W 48 -22.64 27.04 -41.35
CA ARG W 48 -21.21 26.92 -41.56
C ARG W 48 -20.59 28.31 -41.54
N ALA W 49 -19.43 28.40 -40.90
CA ALA W 49 -18.73 29.68 -40.77
C ALA W 49 -17.23 29.45 -40.69
N LYS W 50 -16.49 30.52 -40.96
CA LYS W 50 -15.04 30.47 -40.90
C LYS W 50 -14.50 31.88 -40.69
N ARG W 51 -13.54 32.01 -39.78
CA ARG W 51 -12.93 33.29 -39.46
C ARG W 51 -11.43 33.24 -39.78
N SER W 52 -10.93 34.36 -40.29
CA SER W 52 -9.52 34.43 -40.67
C SER W 52 -8.61 34.25 -39.45
N PRO W 53 -7.39 33.77 -39.66
CA PRO W 53 -6.48 33.52 -38.53
C PRO W 53 -6.10 34.81 -37.81
N LEU W 54 -5.60 34.64 -36.60
CA LEU W 54 -5.13 35.74 -35.77
C LEU W 54 -3.67 36.10 -36.09
N MET W 55 -3.40 36.33 -37.36
CA MET W 55 -2.05 36.69 -37.79
C MET W 55 -1.61 38.01 -37.16
N ILE W 56 -0.32 38.09 -36.83
CA ILE W 56 0.26 39.26 -36.19
C ILE W 56 1.53 39.64 -36.93
N THR W 57 2.05 40.83 -36.62
CA THR W 57 3.25 41.32 -37.28
C THR W 57 4.47 40.50 -36.84
N GLU W 58 5.50 40.51 -37.69
CA GLU W 58 6.71 39.76 -37.39
C GLU W 58 7.32 40.18 -36.06
N SER W 59 7.17 41.45 -35.70
CA SER W 59 7.67 41.97 -34.44
C SER W 59 6.72 41.72 -33.27
N GLU W 60 5.59 41.06 -33.53
CA GLU W 60 4.60 40.77 -32.51
C GLU W 60 4.54 39.27 -32.23
N ARG W 61 4.09 38.95 -31.02
CA ARG W 61 3.95 37.56 -30.59
C ARG W 61 2.77 37.46 -29.64
N ILE W 62 2.28 36.24 -29.50
CA ILE W 62 1.14 35.93 -28.64
C ILE W 62 1.71 35.35 -27.36
N ILE W 63 1.57 36.09 -26.27
CA ILE W 63 2.09 35.63 -24.98
C ILE W 63 0.99 34.93 -24.19
N TYR W 64 -0.26 35.26 -24.45
CA TYR W 64 -1.36 34.62 -23.72
C TYR W 64 -2.65 34.79 -24.49
N SER W 65 -3.26 33.67 -24.87
CA SER W 65 -4.52 33.70 -25.62
C SER W 65 -5.23 32.37 -25.39
N GLU W 66 -6.40 32.42 -24.76
CA GLU W 66 -7.20 31.23 -24.55
C GLU W 66 -8.24 31.01 -25.65
N ILE W 67 -8.29 31.90 -26.63
CA ILE W 67 -9.28 31.76 -27.71
C ILE W 67 -8.89 30.59 -28.59
N PRO W 68 -9.83 29.75 -29.03
CA PRO W 68 -9.46 28.63 -29.91
C PRO W 68 -8.89 29.14 -31.22
N GLU W 69 -8.31 28.21 -31.98
CA GLU W 69 -7.67 28.53 -33.25
C GLU W 69 -8.35 27.93 -34.47
N GLU W 70 -9.00 26.78 -34.34
CA GLU W 70 -9.63 26.15 -35.48
C GLU W 70 -10.64 27.10 -36.10
N GLU W 71 -10.65 27.13 -37.44
CA GLU W 71 -11.51 28.00 -38.20
C GLU W 71 -12.79 27.31 -38.68
N GLU W 72 -12.66 26.18 -39.34
CA GLU W 72 -13.83 25.46 -39.84
C GLU W 72 -14.70 25.00 -38.68
N ILE W 73 -15.87 25.61 -38.54
CA ILE W 73 -16.81 25.25 -37.49
C ILE W 73 -18.23 25.31 -38.03
N TYR W 74 -19.07 24.41 -37.53
CA TYR W 74 -20.44 24.33 -37.98
C TYR W 74 -21.27 23.60 -36.95
N ARG W 75 -22.60 23.75 -37.07
CA ARG W 75 -23.54 23.08 -36.19
C ARG W 75 -24.72 22.59 -37.01
N THR W 76 -25.19 21.39 -36.69
CA THR W 76 -26.32 20.76 -37.37
C THR W 76 -27.38 20.44 -36.33
N ILE W 77 -28.43 21.24 -36.30
CA ILE W 77 -29.53 21.08 -35.36
C ILE W 77 -30.72 20.50 -36.11
N LYS W 78 -31.44 19.60 -35.46
CA LYS W 78 -32.62 18.96 -36.03
C LYS W 78 -33.84 19.57 -35.34
N LEU W 79 -34.45 20.55 -36.00
CA LEU W 79 -35.59 21.24 -35.44
C LEU W 79 -36.76 20.29 -35.23
N PRO W 80 -37.63 20.57 -34.25
CA PRO W 80 -38.76 19.67 -34.02
C PRO W 80 -39.86 19.80 -35.06
N ALA W 81 -40.10 20.99 -35.60
CA ALA W 81 -41.16 21.21 -36.57
C ALA W 81 -40.59 21.75 -37.88
N THR W 82 -41.46 21.79 -38.90
CA THR W 82 -41.10 22.27 -40.22
C THR W 82 -41.25 23.78 -40.29
N VAL W 83 -40.38 24.41 -41.09
CA VAL W 83 -40.39 25.85 -41.28
C VAL W 83 -40.35 26.18 -42.77
N LYS W 84 -40.84 27.37 -43.09
CA LYS W 84 -40.89 27.85 -44.47
C LYS W 84 -39.56 28.56 -44.75
N GLU W 85 -38.57 27.78 -45.19
CA GLU W 85 -37.26 28.34 -45.48
C GLU W 85 -37.31 29.38 -46.59
N GLU W 86 -38.17 29.18 -47.58
CA GLU W 86 -38.27 30.13 -48.67
C GLU W 86 -38.69 31.51 -48.19
N ASN W 87 -39.48 31.56 -47.12
CA ASN W 87 -39.93 32.83 -46.55
C ASN W 87 -39.20 33.16 -45.24
N ALA W 88 -38.00 32.63 -45.06
CA ALA W 88 -37.23 32.86 -43.85
C ALA W 88 -36.15 33.90 -44.08
N SER W 89 -35.70 34.52 -42.99
CA SER W 89 -34.67 35.53 -43.05
C SER W 89 -33.73 35.35 -41.87
N ALA W 90 -32.72 36.21 -41.80
CA ALA W 90 -31.72 36.16 -40.74
C ALA W 90 -30.93 37.45 -40.76
N LYS W 91 -30.23 37.71 -39.66
CA LYS W 91 -29.40 38.90 -39.55
C LYS W 91 -28.11 38.53 -38.82
N PHE W 92 -27.09 39.36 -39.02
CA PHE W 92 -25.79 39.12 -38.42
C PHE W 92 -25.14 40.47 -38.12
N GLU W 93 -25.29 40.93 -36.88
CA GLU W 93 -24.73 42.19 -36.45
C GLU W 93 -23.95 42.00 -35.15
N ASN W 94 -22.77 42.58 -35.08
CA ASN W 94 -21.93 42.48 -33.89
C ASN W 94 -21.63 41.02 -33.56
N GLY W 95 -21.37 40.23 -34.60
CA GLY W 95 -21.08 38.83 -34.40
C GLY W 95 -22.23 38.07 -33.79
N VAL W 96 -23.46 38.53 -34.03
CA VAL W 96 -24.65 37.90 -33.48
C VAL W 96 -25.51 37.47 -34.66
N LEU W 97 -25.62 36.17 -34.88
CA LEU W 97 -26.40 35.61 -35.98
C LEU W 97 -27.84 35.38 -35.52
N SER W 98 -28.74 36.26 -35.95
CA SER W 98 -30.17 36.19 -35.63
C SER W 98 -30.92 35.65 -36.84
N VAL W 99 -31.48 34.45 -36.72
CA VAL W 99 -32.20 33.79 -37.80
C VAL W 99 -33.69 33.77 -37.49
N ILE W 100 -34.50 33.96 -38.53
CA ILE W 100 -35.96 33.93 -38.44
C ILE W 100 -36.45 32.79 -39.31
N LEU W 101 -37.10 31.80 -38.70
CA LEU W 101 -37.60 30.62 -39.40
C LEU W 101 -39.12 30.51 -39.26
N PRO W 102 -39.89 31.11 -40.16
CA PRO W 102 -41.35 30.98 -40.07
C PRO W 102 -41.78 29.52 -40.15
N LYS W 103 -42.70 29.16 -39.27
CA LYS W 103 -43.20 27.80 -39.19
C LYS W 103 -44.05 27.46 -40.42
N ALA W 104 -44.16 26.16 -40.71
CA ALA W 104 -44.94 25.72 -41.84
C ALA W 104 -46.43 25.69 -41.48
N GLU W 105 -47.25 25.41 -42.48
CA GLU W 105 -48.69 25.35 -42.25
C GLU W 105 -49.05 24.20 -41.32
N SER W 106 -48.45 23.04 -41.53
CA SER W 106 -48.73 21.87 -40.70
C SER W 106 -48.05 21.96 -39.35
N SER W 107 -47.06 22.85 -39.20
CA SER W 107 -46.37 22.97 -37.93
C SER W 107 -47.18 23.76 -36.90
N ILE W 108 -48.00 24.70 -37.35
CA ILE W 108 -48.79 25.50 -36.42
C ILE W 108 -49.83 24.62 -35.74
N LYS W 109 -49.86 24.66 -34.41
CA LYS W 109 -50.81 23.88 -33.64
C LYS W 109 -52.13 24.64 -33.58
N LYS W 110 -53.20 24.01 -34.06
CA LYS W 110 -54.49 24.67 -34.05
C LYS W 110 -54.99 24.87 -32.62
N GLY W 111 -55.86 25.85 -32.46
CA GLY W 111 -56.42 26.15 -31.15
C GLY W 111 -57.65 25.31 -30.87
N ILE W 112 -57.83 24.99 -29.60
CA ILE W 112 -58.94 24.17 -29.14
C ILE W 112 -59.77 24.94 -28.13
N ASN W 113 -61.08 24.83 -28.26
CA ASN W 113 -61.99 25.53 -27.36
C ASN W 113 -62.03 24.84 -26.01
N ILE W 114 -62.35 25.61 -24.98
CA ILE W 114 -62.42 25.11 -23.63
C ILE W 114 -63.87 25.17 -23.16
N GLU W 115 -64.24 24.21 -22.32
CA GLU W 115 -65.59 24.11 -21.79
C GLU W 115 -65.55 24.01 -20.27
N ILE X 3 22.38 31.90 -12.90
CA ILE X 3 21.93 32.25 -14.24
C ILE X 3 20.87 31.25 -14.68
N GLN X 4 20.10 31.64 -15.70
CA GLN X 4 19.03 30.82 -16.24
C GLN X 4 18.97 31.01 -17.75
N ILE X 5 18.69 29.91 -18.45
CA ILE X 5 18.60 29.91 -19.90
C ILE X 5 17.15 29.61 -20.27
N SER X 6 16.70 30.21 -21.37
CA SER X 6 15.34 30.01 -21.84
C SER X 6 15.26 30.30 -23.33
N GLY X 7 14.40 29.55 -24.01
CA GLY X 7 14.19 29.71 -25.44
C GLY X 7 13.46 28.49 -26.00
N LYS X 8 13.82 28.15 -27.24
CA LYS X 8 13.20 27.02 -27.91
C LYS X 8 14.10 26.56 -29.04
N GLY X 9 14.23 25.25 -29.20
CA GLY X 9 15.04 24.68 -30.25
C GLY X 9 16.41 24.26 -29.75
N PHE X 10 17.27 23.96 -30.71
CA PHE X 10 18.64 23.53 -30.44
C PHE X 10 19.56 24.68 -30.78
N MET X 11 20.26 25.20 -29.78
CA MET X 11 21.14 26.34 -29.98
C MET X 11 22.19 26.40 -28.87
N PRO X 12 23.25 25.62 -28.95
CA PRO X 12 24.29 25.67 -27.92
C PRO X 12 24.91 27.06 -27.82
N ILE X 13 25.21 27.46 -26.58
CA ILE X 13 25.81 28.77 -26.31
C ILE X 13 26.94 28.60 -25.31
N SER X 14 27.98 29.40 -25.47
CA SER X 14 29.15 29.38 -24.60
C SER X 14 29.45 30.81 -24.17
N ILE X 15 29.55 31.02 -22.86
CA ILE X 15 29.79 32.33 -22.28
C ILE X 15 31.24 32.37 -21.81
N ILE X 16 32.03 33.24 -22.44
CA ILE X 16 33.45 33.40 -22.12
C ILE X 16 33.60 34.68 -21.31
N GLU X 17 33.72 34.53 -20.00
CA GLU X 17 33.89 35.67 -19.11
C GLU X 17 35.31 36.19 -19.16
N GLY X 18 35.45 37.49 -18.95
CA GLY X 18 36.75 38.14 -18.96
C GLY X 18 36.84 39.19 -17.87
N ASP X 19 37.87 40.04 -17.95
CA ASP X 19 38.05 41.09 -16.96
C ASP X 19 37.41 42.41 -17.38
N GLN X 20 37.15 42.59 -18.68
CA GLN X 20 36.54 43.80 -19.18
C GLN X 20 35.32 43.57 -20.04
N HIS X 21 34.99 42.31 -20.34
CA HIS X 21 33.81 42.03 -21.16
C HIS X 21 33.42 40.58 -20.93
N ILE X 22 32.25 40.23 -21.41
CA ILE X 22 31.70 38.88 -21.28
C ILE X 22 31.46 38.38 -22.70
N LYS X 23 32.50 37.81 -23.30
CA LYS X 23 32.39 37.29 -24.65
C LYS X 23 31.54 36.01 -24.65
N VAL X 24 30.51 35.98 -25.49
CA VAL X 24 29.62 34.84 -25.59
C VAL X 24 29.69 34.30 -27.02
N ILE X 25 29.59 32.99 -27.14
CA ILE X 25 29.63 32.30 -28.43
C ILE X 25 28.36 31.50 -28.61
N ALA X 26 27.86 31.45 -29.84
CA ALA X 26 26.63 30.71 -30.14
C ALA X 26 26.64 30.27 -31.61
N TRP X 27 26.41 28.98 -31.83
CA TRP X 27 26.37 28.41 -33.18
C TRP X 27 24.96 28.50 -33.74
N LEU X 28 24.84 29.15 -34.90
CA LEU X 28 23.58 29.32 -35.62
C LEU X 28 23.81 28.88 -37.05
N PRO X 29 24.09 27.60 -37.26
CA PRO X 29 24.36 27.13 -38.63
C PRO X 29 23.12 27.18 -39.50
N GLY X 30 23.34 27.45 -40.78
CA GLY X 30 22.25 27.53 -41.72
C GLY X 30 21.46 28.82 -41.64
N VAL X 31 21.75 29.69 -40.68
CA VAL X 31 21.03 30.94 -40.52
C VAL X 31 21.74 32.02 -41.32
N ASN X 32 20.95 32.80 -42.07
CA ASN X 32 21.52 33.88 -42.85
C ASN X 32 22.03 34.96 -41.93
N LYS X 33 22.68 35.97 -42.52
CA LYS X 33 23.22 37.06 -41.72
C LYS X 33 22.13 38.00 -41.26
N GLU X 34 21.05 38.13 -42.02
CA GLU X 34 19.97 39.03 -41.68
C GLU X 34 18.91 38.40 -40.78
N ASP X 35 18.89 37.08 -40.65
CA ASP X 35 17.89 36.41 -39.81
C ASP X 35 18.37 36.27 -38.38
N ILE X 36 18.97 37.31 -37.83
CA ILE X 36 19.47 37.32 -36.47
C ILE X 36 19.11 38.66 -35.84
N ILE X 37 18.27 38.63 -34.81
CA ILE X 37 17.86 39.85 -34.11
C ILE X 37 18.42 39.78 -32.70
N LEU X 38 19.50 40.52 -32.48
CA LEU X 38 20.18 40.56 -31.18
C LEU X 38 19.68 41.71 -30.34
N ASN X 39 19.35 41.41 -29.08
CA ASN X 39 18.90 42.42 -28.13
C ASN X 39 19.57 42.14 -26.79
N ALA X 40 19.85 43.20 -26.05
CA ALA X 40 20.51 43.07 -24.75
C ALA X 40 20.13 44.23 -23.85
N VAL X 41 19.78 43.93 -22.59
CA VAL X 41 19.40 44.95 -21.63
C VAL X 41 19.75 44.47 -20.23
N GLY X 42 20.21 45.40 -19.40
CA GLY X 42 20.55 45.08 -18.03
C GLY X 42 21.61 44.00 -17.97
N ASP X 43 21.24 42.87 -17.38
CA ASP X 43 22.10 41.71 -17.22
C ASP X 43 21.45 40.48 -17.83
N THR X 44 20.76 40.66 -18.95
CA THR X 44 20.12 39.56 -19.65
C THR X 44 20.28 39.80 -21.14
N LEU X 45 20.55 38.72 -21.86
CA LEU X 45 20.78 38.79 -23.30
C LEU X 45 19.61 38.14 -24.04
N GLU X 46 19.08 38.84 -25.03
CA GLU X 46 17.99 38.37 -25.85
C GLU X 46 18.49 38.14 -27.26
N ILE X 47 18.26 36.94 -27.79
CA ILE X 47 18.70 36.58 -29.13
C ILE X 47 17.54 35.94 -29.87
N ARG X 48 17.39 36.27 -31.14
CA ARG X 48 16.34 35.69 -31.97
C ARG X 48 16.93 35.39 -33.33
N ALA X 49 16.60 34.22 -33.86
CA ALA X 49 17.12 33.79 -35.16
C ALA X 49 16.12 32.86 -35.83
N LYS X 50 16.34 32.63 -37.12
CA LYS X 50 15.47 31.77 -37.89
C LYS X 50 16.16 31.38 -39.19
N ARG X 51 16.05 30.10 -39.57
CA ARG X 51 16.64 29.59 -40.81
C ARG X 51 15.56 28.96 -41.67
N SER X 52 15.64 29.23 -42.97
CA SER X 52 14.66 28.69 -43.89
C SER X 52 14.70 27.17 -43.91
N PRO X 53 13.58 26.52 -44.22
CA PRO X 53 13.57 25.05 -44.28
C PRO X 53 14.37 24.53 -45.47
N LEU X 54 14.83 23.29 -45.33
CA LEU X 54 15.61 22.66 -46.38
C LEU X 54 14.77 22.36 -47.62
N MET X 55 14.77 23.29 -48.58
CA MET X 55 14.03 23.09 -49.80
C MET X 55 14.60 21.93 -50.61
N ILE X 56 13.71 21.19 -51.26
CA ILE X 56 14.10 20.03 -52.07
C ILE X 56 13.20 19.96 -53.29
N THR X 57 13.79 19.62 -54.43
CA THR X 57 13.02 19.50 -55.66
C THR X 57 12.13 18.26 -55.59
N GLU X 58 11.06 18.27 -56.40
CA GLU X 58 10.14 17.14 -56.43
C GLU X 58 10.86 15.85 -56.79
N SER X 59 11.86 15.92 -57.67
CA SER X 59 12.62 14.72 -58.01
C SER X 59 13.54 14.31 -56.88
N GLU X 60 13.91 15.26 -56.03
CA GLU X 60 14.77 14.98 -54.89
C GLU X 60 13.93 14.43 -53.75
N ARG X 61 14.60 13.94 -52.71
CA ARG X 61 13.86 13.42 -51.58
C ARG X 61 14.82 13.18 -50.42
N ILE X 62 14.31 13.39 -49.21
CA ILE X 62 15.08 13.21 -47.99
C ILE X 62 14.87 11.78 -47.51
N ILE X 63 15.96 11.08 -47.26
CA ILE X 63 15.90 9.71 -46.79
C ILE X 63 16.31 9.57 -45.33
N TYR X 64 17.14 10.49 -44.82
CA TYR X 64 17.57 10.39 -43.42
C TYR X 64 18.16 11.73 -43.00
N SER X 65 17.50 12.39 -42.05
CA SER X 65 17.96 13.69 -41.57
C SER X 65 17.54 13.85 -40.11
N GLU X 66 18.52 13.98 -39.22
CA GLU X 66 18.24 14.19 -37.81
C GLU X 66 18.24 15.66 -37.43
N ILE X 67 18.35 16.56 -38.41
CA ILE X 67 18.38 17.99 -38.13
C ILE X 67 16.94 18.43 -37.85
N PRO X 68 16.71 19.29 -36.86
CA PRO X 68 15.34 19.75 -36.62
C PRO X 68 14.81 20.52 -37.82
N GLU X 69 13.52 20.81 -37.78
CA GLU X 69 12.83 21.49 -38.86
C GLU X 69 12.28 22.84 -38.49
N GLU X 70 11.93 23.06 -37.22
CA GLU X 70 11.37 24.35 -36.82
C GLU X 70 12.35 25.46 -37.15
N GLU X 71 11.79 26.59 -37.59
CA GLU X 71 12.58 27.75 -37.99
C GLU X 71 12.69 28.78 -36.87
N GLU X 72 11.57 29.26 -36.35
CA GLU X 72 11.61 30.27 -35.31
C GLU X 72 12.29 29.70 -34.07
N ILE X 73 13.43 30.27 -33.72
CA ILE X 73 14.20 29.86 -32.56
C ILE X 73 14.83 31.08 -31.94
N TYR X 74 14.94 31.06 -30.61
CA TYR X 74 15.51 32.19 -29.89
C TYR X 74 15.97 31.72 -28.52
N ARG X 75 16.61 32.62 -27.80
CA ARG X 75 17.10 32.36 -26.46
C ARG X 75 17.00 33.62 -25.62
N THR X 76 17.04 33.44 -24.30
CA THR X 76 16.96 34.56 -23.37
C THR X 76 17.74 34.17 -22.11
N ILE X 77 19.01 34.54 -22.09
CA ILE X 77 19.91 34.24 -20.97
C ILE X 77 19.99 35.44 -20.05
N LYS X 78 19.99 35.18 -18.75
CA LYS X 78 20.10 36.22 -17.73
C LYS X 78 21.55 36.26 -17.28
N LEU X 79 22.27 37.28 -17.75
CA LEU X 79 23.68 37.41 -17.43
C LEU X 79 23.86 37.64 -15.93
N PRO X 80 25.02 37.25 -15.37
CA PRO X 80 25.23 37.47 -13.94
C PRO X 80 25.51 38.92 -13.58
N ALA X 81 26.08 39.72 -14.48
CA ALA X 81 26.39 41.12 -14.21
C ALA X 81 25.92 41.98 -15.37
N THR X 82 26.09 43.29 -15.21
CA THR X 82 25.70 44.25 -16.23
C THR X 82 26.82 44.46 -17.22
N VAL X 83 26.44 44.71 -18.47
CA VAL X 83 27.36 44.95 -19.56
C VAL X 83 26.92 46.21 -20.29
N LYS X 84 27.88 46.87 -20.95
CA LYS X 84 27.58 48.10 -21.69
C LYS X 84 27.17 47.68 -23.09
N GLU X 85 25.88 47.37 -23.25
CA GLU X 85 25.36 46.95 -24.55
C GLU X 85 25.52 48.05 -25.58
N GLU X 86 25.40 49.31 -25.16
CA GLU X 86 25.54 50.41 -26.10
C GLU X 86 26.91 50.43 -26.74
N ASN X 87 27.93 49.93 -26.04
CA ASN X 87 29.28 49.85 -26.56
C ASN X 87 29.69 48.41 -26.85
N ALA X 88 28.73 47.58 -27.23
CA ALA X 88 28.97 46.19 -27.52
C ALA X 88 29.13 45.98 -29.02
N SER X 89 29.49 44.75 -29.39
CA SER X 89 29.65 44.39 -30.79
C SER X 89 29.33 42.91 -30.94
N ALA X 90 29.45 42.41 -32.17
CA ALA X 90 29.15 41.02 -32.44
C ALA X 90 29.74 40.62 -33.78
N LYS X 91 30.04 39.33 -33.92
CA LYS X 91 30.60 38.82 -35.16
C LYS X 91 29.99 37.44 -35.41
N PHE X 92 29.46 37.26 -36.61
CA PHE X 92 28.80 36.01 -37.01
C PHE X 92 29.41 35.55 -38.34
N GLU X 93 30.36 34.63 -38.27
CA GLU X 93 31.05 34.11 -39.44
C GLU X 93 31.05 32.59 -39.43
N ASN X 94 30.77 32.01 -40.60
CA ASN X 94 30.75 30.56 -40.75
C ASN X 94 29.71 29.93 -39.84
N GLY X 95 28.58 30.60 -39.69
CA GLY X 95 27.52 30.09 -38.84
C GLY X 95 27.92 30.01 -37.40
N VAL X 96 28.75 30.94 -36.93
CA VAL X 96 29.23 30.98 -35.56
C VAL X 96 29.12 32.41 -35.07
N LEU X 97 28.22 32.65 -34.12
CA LEU X 97 28.04 33.98 -33.57
C LEU X 97 29.07 34.24 -32.47
N SER X 98 29.61 35.45 -32.47
CA SER X 98 30.60 35.89 -31.50
C SER X 98 30.22 37.28 -31.01
N VAL X 99 29.63 37.34 -29.81
CA VAL X 99 29.17 38.58 -29.21
C VAL X 99 30.19 39.09 -28.21
N ILE X 100 30.35 40.41 -28.16
CA ILE X 100 31.26 41.08 -27.24
C ILE X 100 30.40 41.91 -26.30
N LEU X 101 30.52 41.66 -25.00
CA LEU X 101 29.72 42.34 -23.98
C LEU X 101 30.61 43.06 -22.97
N PRO X 102 31.02 44.29 -23.26
CA PRO X 102 31.84 45.04 -22.29
C PRO X 102 31.13 45.19 -20.96
N LYS X 103 31.83 44.86 -19.89
CA LYS X 103 31.27 44.96 -18.55
C LYS X 103 30.99 46.41 -18.19
N ALA X 104 30.01 46.63 -17.33
CA ALA X 104 29.69 47.98 -16.91
C ALA X 104 30.72 48.45 -15.89
N GLU X 105 30.58 49.70 -15.45
CA GLU X 105 31.52 50.24 -14.47
C GLU X 105 31.39 49.51 -13.14
N SER X 106 30.16 49.33 -12.67
CA SER X 106 29.92 48.66 -11.40
C SER X 106 30.16 47.16 -11.49
N SER X 107 30.25 46.62 -12.71
CA SER X 107 30.47 45.19 -12.86
C SER X 107 31.95 44.83 -12.74
N ILE X 108 32.84 45.74 -13.13
CA ILE X 108 34.26 45.46 -13.04
C ILE X 108 34.67 45.33 -11.57
N LYS X 109 35.42 44.27 -11.28
CA LYS X 109 35.89 43.99 -9.93
C LYS X 109 37.27 44.59 -9.73
N LYS X 110 37.50 45.12 -8.53
CA LYS X 110 38.79 45.71 -8.22
C LYS X 110 39.75 44.64 -7.72
N GLY X 111 41.04 44.96 -7.78
CA GLY X 111 42.10 44.06 -7.37
C GLY X 111 42.75 44.56 -6.09
N ILE X 112 42.93 43.64 -5.14
CA ILE X 112 43.54 43.95 -3.87
C ILE X 112 45.02 43.62 -3.93
N ASN X 113 45.83 44.48 -3.33
CA ASN X 113 47.27 44.30 -3.29
C ASN X 113 47.60 43.44 -2.08
N ILE X 114 48.26 42.31 -2.32
CA ILE X 114 48.60 41.42 -1.21
C ILE X 114 49.74 42.07 -0.42
N GLU X 115 49.45 42.44 0.81
CA GLU X 115 50.44 43.07 1.66
C GLU X 115 51.49 42.04 2.04
N ILE Y 3 53.88 -0.94 0.98
CA ILE Y 3 53.93 0.15 1.94
C ILE Y 3 52.66 0.12 2.77
N GLN Y 4 52.69 0.86 3.88
CA GLN Y 4 51.58 0.94 4.80
C GLN Y 4 51.55 2.32 5.42
N ILE Y 5 50.40 2.98 5.35
CA ILE Y 5 50.23 4.31 5.90
C ILE Y 5 49.46 4.21 7.20
N SER Y 6 49.87 5.00 8.19
CA SER Y 6 49.23 5.01 9.49
C SER Y 6 49.55 6.32 10.18
N GLY Y 7 48.59 6.84 10.94
CA GLY Y 7 48.78 8.09 11.65
C GLY Y 7 47.48 8.65 12.18
N LYS Y 8 47.29 9.96 12.02
CA LYS Y 8 46.07 10.60 12.48
C LYS Y 8 46.02 12.00 11.90
N GLY Y 9 44.80 12.46 11.64
CA GLY Y 9 44.61 13.79 11.09
C GLY Y 9 44.66 13.78 9.59
N PHE Y 10 44.67 15.00 9.04
CA PHE Y 10 44.72 15.22 7.61
C PHE Y 10 46.14 15.63 7.25
N MET Y 11 46.78 14.84 6.39
CA MET Y 11 48.16 15.12 6.01
C MET Y 11 48.52 14.36 4.73
N PRO Y 12 48.10 14.86 3.57
CA PRO Y 12 48.48 14.18 2.32
C PRO Y 12 49.99 14.14 2.17
N ILE Y 13 50.49 13.02 1.67
CA ILE Y 13 51.91 12.83 1.46
C ILE Y 13 52.15 12.23 0.09
N SER Y 14 53.27 12.60 -0.52
CA SER Y 14 53.64 12.11 -1.84
C SER Y 14 55.07 11.57 -1.76
N ILE Y 15 55.24 10.31 -2.16
CA ILE Y 15 56.53 9.64 -2.15
C ILE Y 15 57.06 9.59 -3.57
N ILE Y 16 58.24 10.14 -3.78
CA ILE Y 16 58.87 10.21 -5.08
C ILE Y 16 60.11 9.32 -5.04
N GLU Y 17 60.03 8.15 -5.66
CA GLU Y 17 61.17 7.24 -5.68
C GLU Y 17 62.13 7.61 -6.79
N GLY Y 18 63.41 7.33 -6.56
CA GLY Y 18 64.45 7.60 -7.53
C GLY Y 18 65.46 6.48 -7.54
N ASP Y 19 66.60 6.70 -8.18
CA ASP Y 19 67.64 5.69 -8.26
C ASP Y 19 68.65 5.78 -7.12
N GLN Y 20 68.66 6.87 -6.36
CA GLN Y 20 69.61 7.03 -5.26
C GLN Y 20 69.00 7.58 -3.99
N HIS Y 21 67.76 8.04 -4.00
CA HIS Y 21 67.13 8.57 -2.81
C HIS Y 21 65.63 8.45 -2.99
N ILE Y 22 64.89 8.86 -1.97
CA ILE Y 22 63.42 8.79 -1.97
C ILE Y 22 62.91 10.16 -1.52
N LYS Y 23 62.69 11.06 -2.47
CA LYS Y 23 62.19 12.37 -2.13
C LYS Y 23 60.71 12.27 -1.79
N VAL Y 24 60.31 12.90 -0.69
CA VAL Y 24 58.93 12.85 -0.21
C VAL Y 24 58.43 14.28 -0.04
N ILE Y 25 57.15 14.47 -0.33
CA ILE Y 25 56.48 15.75 -0.19
C ILE Y 25 55.27 15.59 0.71
N ALA Y 26 54.99 16.61 1.51
CA ALA Y 26 53.87 16.57 2.44
C ALA Y 26 53.39 17.98 2.74
N TRP Y 27 52.07 18.16 2.72
CA TRP Y 27 51.47 19.45 3.01
C TRP Y 27 51.22 19.58 4.50
N LEU Y 28 51.83 20.60 5.10
CA LEU Y 28 51.71 20.89 6.53
C LEU Y 28 51.37 22.36 6.68
N PRO Y 29 50.17 22.76 6.26
CA PRO Y 29 49.80 24.18 6.33
C PRO Y 29 49.61 24.66 7.76
N GLY Y 30 49.85 25.95 7.96
CA GLY Y 30 49.68 26.52 9.27
C GLY Y 30 50.63 25.98 10.32
N VAL Y 31 51.72 25.36 9.90
CA VAL Y 31 52.69 24.77 10.82
C VAL Y 31 53.98 25.59 10.76
N ASN Y 32 54.50 25.91 11.93
CA ASN Y 32 55.74 26.66 12.02
C ASN Y 32 56.92 25.74 11.78
N LYS Y 33 58.06 26.33 11.45
CA LYS Y 33 59.26 25.55 11.18
C LYS Y 33 59.73 24.82 12.43
N GLU Y 34 59.43 25.36 13.61
CA GLU Y 34 59.83 24.75 14.86
C GLU Y 34 58.85 23.71 15.38
N ASP Y 35 57.62 23.71 14.89
CA ASP Y 35 56.59 22.76 15.31
C ASP Y 35 56.57 21.53 14.44
N ILE Y 36 57.75 21.05 14.04
CA ILE Y 36 57.87 19.88 13.18
C ILE Y 36 58.96 19.00 13.75
N ILE Y 37 58.65 17.72 13.94
CA ILE Y 37 59.60 16.75 14.49
C ILE Y 37 59.80 15.68 13.42
N LEU Y 38 60.92 15.75 12.72
CA LEU Y 38 61.25 14.79 11.67
C LEU Y 38 62.18 13.72 12.22
N ASN Y 39 61.76 12.45 12.08
CA ASN Y 39 62.54 11.31 12.53
C ASN Y 39 62.48 10.22 11.48
N ALA Y 40 63.58 9.49 11.33
CA ALA Y 40 63.63 8.41 10.35
C ALA Y 40 64.77 7.49 10.69
N VAL Y 41 64.61 6.21 10.34
CA VAL Y 41 65.62 5.21 10.59
C VAL Y 41 65.30 3.96 9.78
N GLY Y 42 66.34 3.31 9.25
CA GLY Y 42 66.14 2.10 8.48
C GLY Y 42 65.23 2.28 7.30
N ASP Y 43 63.99 1.79 7.41
CA ASP Y 43 63.02 1.87 6.34
C ASP Y 43 61.65 2.27 6.88
N THR Y 44 61.63 3.28 7.76
CA THR Y 44 60.38 3.77 8.32
C THR Y 44 60.50 5.28 8.53
N LEU Y 45 59.38 5.98 8.40
CA LEU Y 45 59.34 7.42 8.52
C LEU Y 45 58.19 7.85 9.42
N GLU Y 46 58.42 8.94 10.17
CA GLU Y 46 57.44 9.51 11.07
C GLU Y 46 57.65 11.02 11.14
N ILE Y 47 56.58 11.79 11.00
CA ILE Y 47 56.65 13.24 11.02
C ILE Y 47 55.60 13.75 12.00
N ARG Y 48 56.04 14.14 13.20
CA ARG Y 48 55.16 14.70 14.21
C ARG Y 48 55.21 16.22 14.18
N ALA Y 49 54.05 16.83 13.94
CA ALA Y 49 53.92 18.27 13.84
C ALA Y 49 52.66 18.71 14.55
N LYS Y 50 52.47 20.02 14.63
CA LYS Y 50 51.29 20.57 15.30
C LYS Y 50 51.17 22.06 14.97
N ARG Y 51 49.94 22.50 14.67
CA ARG Y 51 49.67 23.90 14.37
C ARG Y 51 48.83 24.50 15.48
N SER Y 52 49.13 25.75 15.84
CA SER Y 52 48.39 26.37 16.92
C SER Y 52 46.91 26.53 16.53
N PRO Y 53 46.01 26.56 17.50
CA PRO Y 53 44.59 26.71 17.19
C PRO Y 53 44.29 28.10 16.66
N LEU Y 54 43.32 28.17 15.75
CA LEU Y 54 42.96 29.44 15.15
C LEU Y 54 42.35 30.39 16.17
N MET Y 55 43.20 31.15 16.86
CA MET Y 55 42.74 32.12 17.84
C MET Y 55 41.93 33.21 17.17
N ILE Y 56 40.97 33.75 17.90
CA ILE Y 56 40.10 34.81 17.39
C ILE Y 56 39.85 35.82 18.50
N THR Y 57 39.81 37.09 18.14
CA THR Y 57 39.55 38.14 19.10
C THR Y 57 38.11 38.02 19.62
N GLU Y 58 37.88 38.60 20.80
CA GLU Y 58 36.56 38.54 21.39
C GLU Y 58 35.52 39.13 20.45
N SER Y 59 35.90 40.15 19.69
CA SER Y 59 34.97 40.74 18.72
C SER Y 59 34.84 39.89 17.47
N GLU Y 60 35.82 39.03 17.19
CA GLU Y 60 35.78 38.17 16.02
C GLU Y 60 35.07 36.87 16.36
N ARG Y 61 34.38 36.32 15.35
CA ARG Y 61 33.68 35.06 15.52
C ARG Y 61 33.72 34.28 14.23
N ILE Y 62 33.75 32.96 14.36
CA ILE Y 62 33.79 32.06 13.23
C ILE Y 62 32.36 31.75 12.81
N ILE Y 63 32.10 31.87 11.51
CA ILE Y 63 30.76 31.59 10.98
C ILE Y 63 30.75 30.39 10.06
N TYR Y 64 31.88 30.04 9.44
CA TYR Y 64 31.93 28.89 8.55
C TYR Y 64 33.37 28.50 8.27
N SER Y 65 33.77 27.31 8.70
CA SER Y 65 35.13 26.84 8.50
C SER Y 65 35.13 25.33 8.32
N GLU Y 66 35.64 24.86 7.19
CA GLU Y 66 35.75 23.44 6.91
C GLU Y 66 37.09 22.87 7.35
N ILE Y 67 37.98 23.69 7.90
CA ILE Y 67 39.29 23.20 8.31
C ILE Y 67 39.13 22.33 9.56
N PRO Y 68 39.82 21.19 9.67
CA PRO Y 68 39.68 20.38 10.88
C PRO Y 68 40.18 21.13 12.11
N GLU Y 69 40.02 20.52 13.28
CA GLU Y 69 40.37 21.16 14.54
C GLU Y 69 41.52 20.47 15.29
N GLU Y 70 41.65 19.15 15.15
CA GLU Y 70 42.70 18.47 15.89
C GLU Y 70 44.06 19.03 15.50
N GLU Y 71 44.93 19.18 16.49
CA GLU Y 71 46.25 19.75 16.28
C GLU Y 71 47.33 18.70 16.10
N GLU Y 72 47.53 17.85 17.11
CA GLU Y 72 48.56 16.84 17.01
C GLU Y 72 48.23 15.89 15.88
N ILE Y 73 49.10 15.86 14.87
CA ILE Y 73 48.91 15.00 13.71
C ILE Y 73 50.26 14.52 13.24
N TYR Y 74 50.29 13.29 12.74
CA TYR Y 74 51.53 12.69 12.26
C TYR Y 74 51.17 11.45 11.46
N ARG Y 75 52.20 10.86 10.85
CA ARG Y 75 52.04 9.64 10.07
C ARG Y 75 53.21 8.73 10.41
N THR Y 76 53.14 7.49 9.93
CA THR Y 76 54.23 6.53 10.13
C THR Y 76 54.56 5.83 8.82
N ILE Y 77 54.39 6.55 7.70
CA ILE Y 77 54.61 6.01 6.35
C ILE Y 77 55.80 5.06 6.32
N LYS Y 78 55.59 3.87 5.76
CA LYS Y 78 56.66 2.90 5.62
C LYS Y 78 57.53 3.23 4.41
N LEU Y 79 58.82 3.01 4.54
CA LEU Y 79 59.74 3.26 3.42
C LEU Y 79 59.96 1.96 2.65
N PRO Y 80 59.76 1.93 1.33
CA PRO Y 80 59.90 0.65 0.62
C PRO Y 80 61.28 0.04 0.73
N ALA Y 81 62.33 0.87 0.76
CA ALA Y 81 63.71 0.41 0.86
C ALA Y 81 64.42 1.16 1.99
N THR Y 82 65.44 0.52 2.55
CA THR Y 82 66.24 1.17 3.58
C THR Y 82 66.92 2.42 3.01
N VAL Y 83 67.24 3.36 3.88
CA VAL Y 83 67.84 4.63 3.49
C VAL Y 83 68.85 5.05 4.55
N LYS Y 84 69.82 5.85 4.13
CA LYS Y 84 70.83 6.40 5.04
C LYS Y 84 70.24 7.65 5.66
N GLU Y 85 69.52 7.46 6.77
CA GLU Y 85 68.89 8.57 7.47
C GLU Y 85 69.93 9.56 7.98
N GLU Y 86 71.09 9.07 8.39
CA GLU Y 86 72.13 9.96 8.91
C GLU Y 86 72.59 10.96 7.87
N ASN Y 87 72.52 10.61 6.58
CA ASN Y 87 72.94 11.50 5.50
C ASN Y 87 71.73 12.06 4.74
N ALA Y 88 70.64 12.29 5.44
CA ALA Y 88 69.42 12.80 4.86
C ALA Y 88 69.31 14.31 5.08
N SER Y 89 68.30 14.90 4.47
CA SER Y 89 68.06 16.33 4.61
C SER Y 89 66.56 16.57 4.46
N ALA Y 90 66.15 17.81 4.71
CA ALA Y 90 64.75 18.18 4.62
C ALA Y 90 64.62 19.69 4.53
N LYS Y 91 63.52 20.13 3.93
CA LYS Y 91 63.25 21.55 3.79
C LYS Y 91 61.75 21.79 3.93
N PHE Y 92 61.40 22.90 4.57
CA PHE Y 92 60.01 23.28 4.85
C PHE Y 92 59.79 24.71 4.39
N GLU Y 93 59.25 24.86 3.19
CA GLU Y 93 58.96 26.17 2.61
C GLU Y 93 57.54 26.19 2.07
N ASN Y 94 56.82 27.26 2.36
CA ASN Y 94 55.45 27.43 1.91
C ASN Y 94 54.58 26.28 2.41
N GLY Y 95 54.82 25.88 3.65
CA GLY Y 95 54.06 24.80 4.24
C GLY Y 95 54.24 23.48 3.54
N VAL Y 96 55.34 23.32 2.81
CA VAL Y 96 55.63 22.09 2.08
C VAL Y 96 56.93 21.51 2.62
N LEU Y 97 56.85 20.29 3.17
CA LEU Y 97 58.00 19.61 3.74
C LEU Y 97 58.57 18.66 2.69
N SER Y 98 59.77 18.99 2.19
CA SER Y 98 60.46 18.19 1.17
C SER Y 98 61.65 17.49 1.82
N VAL Y 99 61.52 16.18 2.03
CA VAL Y 99 62.56 15.38 2.66
C VAL Y 99 63.32 14.58 1.60
N ILE Y 100 64.63 14.45 1.82
CA ILE Y 100 65.51 13.69 0.93
C ILE Y 100 66.11 12.56 1.73
N LEU Y 101 65.86 11.32 1.30
CA LEU Y 101 66.33 10.12 1.99
C LEU Y 101 67.22 9.29 1.07
N PRO Y 102 68.53 9.55 1.06
CA PRO Y 102 69.42 8.75 0.22
C PRO Y 102 69.33 7.26 0.53
N LYS Y 103 69.27 6.46 -0.53
CA LYS Y 103 69.16 5.02 -0.39
C LYS Y 103 70.46 4.44 0.18
N ALA Y 104 70.34 3.25 0.76
CA ALA Y 104 71.50 2.60 1.33
C ALA Y 104 72.30 1.91 0.22
N GLU Y 105 73.48 1.40 0.59
CA GLU Y 105 74.31 0.72 -0.40
C GLU Y 105 73.64 -0.56 -0.88
N SER Y 106 73.06 -1.32 0.05
CA SER Y 106 72.39 -2.57 -0.31
C SER Y 106 71.06 -2.32 -1.00
N SER Y 107 70.51 -1.12 -0.90
CA SER Y 107 69.23 -0.85 -1.54
C SER Y 107 69.38 -0.58 -3.03
N ILE Y 108 70.54 -0.09 -3.46
CA ILE Y 108 70.77 0.18 -4.86
C ILE Y 108 70.77 -1.13 -5.65
N LYS Y 109 69.94 -1.20 -6.68
CA LYS Y 109 69.84 -2.39 -7.52
C LYS Y 109 70.85 -2.29 -8.64
N LYS Y 110 71.76 -3.26 -8.69
CA LYS Y 110 72.79 -3.24 -9.72
C LYS Y 110 72.18 -3.44 -11.09
N GLY Y 111 72.98 -3.15 -12.12
CA GLY Y 111 72.54 -3.27 -13.48
C GLY Y 111 72.80 -4.66 -14.03
N ILE Y 112 72.10 -4.98 -15.12
CA ILE Y 112 72.23 -6.29 -15.75
C ILE Y 112 72.28 -6.10 -17.26
N ASN Y 113 73.18 -6.85 -17.90
CA ASN Y 113 73.34 -6.77 -19.34
C ASN Y 113 72.15 -7.44 -20.03
N ILE Y 114 71.95 -7.06 -21.30
CA ILE Y 114 70.87 -7.59 -22.10
C ILE Y 114 71.48 -8.25 -23.33
N GLU Y 115 71.35 -9.57 -23.42
CA GLU Y 115 71.88 -10.32 -24.54
C GLU Y 115 70.84 -10.39 -25.65
N ILE Z 3 24.91 33.16 1.86
CA ILE Z 3 26.17 33.20 1.13
C ILE Z 3 26.25 31.96 0.27
N GLN Z 4 27.10 32.02 -0.74
CA GLN Z 4 27.27 30.91 -1.67
C GLN Z 4 28.73 30.82 -2.10
N ILE Z 5 29.24 29.60 -2.22
CA ILE Z 5 30.60 29.36 -2.64
C ILE Z 5 30.58 28.64 -3.98
N SER Z 6 31.56 28.95 -4.82
CA SER Z 6 31.66 28.33 -6.13
C SER Z 6 33.09 28.44 -6.63
N GLY Z 7 33.55 27.41 -7.33
CA GLY Z 7 34.89 27.38 -7.87
C GLY Z 7 35.27 26.03 -8.40
N LYS Z 8 36.52 25.62 -8.20
CA LYS Z 8 36.98 24.32 -8.68
C LYS Z 8 38.28 23.99 -7.97
N GLY Z 9 38.53 22.70 -7.83
CA GLY Z 9 39.74 22.23 -7.18
C GLY Z 9 39.54 21.99 -5.69
N PHE Z 10 40.66 21.93 -4.99
CA PHE Z 10 40.70 21.68 -3.55
C PHE Z 10 41.20 22.96 -2.89
N MET Z 11 40.38 23.53 -2.02
CA MET Z 11 40.75 24.79 -1.37
C MET Z 11 39.89 25.07 -0.14
N PRO Z 12 40.19 24.44 1.00
CA PRO Z 12 39.40 24.72 2.21
C PRO Z 12 39.48 26.19 2.59
N ILE Z 13 38.35 26.73 3.06
CA ILE Z 13 38.25 28.13 3.46
C ILE Z 13 37.52 28.25 4.79
N SER Z 14 37.95 29.23 5.59
CA SER Z 14 37.36 29.51 6.89
C SER Z 14 37.03 30.99 6.96
N ILE Z 15 35.77 31.32 7.17
CA ILE Z 15 35.30 32.70 7.25
C ILE Z 15 35.16 33.08 8.72
N ILE Z 16 35.94 34.07 9.15
CA ILE Z 16 35.92 34.56 10.53
C ILE Z 16 35.32 35.96 10.51
N GLU Z 17 34.05 36.07 10.86
CA GLU Z 17 33.38 37.36 10.89
C GLU Z 17 33.72 38.12 12.16
N GLY Z 18 33.73 39.45 12.06
CA GLY Z 18 34.03 40.29 13.20
C GLY Z 18 33.09 41.46 13.33
N ASP Z 19 33.40 42.38 14.25
CA ASP Z 19 32.56 43.55 14.48
C ASP Z 19 32.90 44.72 13.58
N GLN Z 20 34.08 44.70 12.96
CA GLN Z 20 34.51 45.79 12.08
C GLN Z 20 35.10 45.27 10.78
N HIS Z 21 35.22 43.96 10.61
CA HIS Z 21 35.78 43.39 9.40
C HIS Z 21 35.31 41.94 9.30
N ILE Z 22 35.72 41.29 8.22
CA ILE Z 22 35.36 39.89 7.95
C ILE Z 22 36.67 39.19 7.61
N LYS Z 23 37.33 38.67 8.64
CA LYS Z 23 38.60 37.96 8.46
C LYS Z 23 38.34 36.57 7.89
N VAL Z 24 39.05 36.21 6.83
CA VAL Z 24 38.88 34.92 6.17
C VAL Z 24 40.24 34.22 6.11
N ILE Z 25 40.21 32.91 6.26
CA ILE Z 25 41.40 32.07 6.22
C ILE Z 25 41.21 31.00 5.14
N ALA Z 26 42.30 30.69 4.43
CA ALA Z 26 42.24 29.71 3.36
C ALA Z 26 43.61 29.08 3.15
N TRP Z 27 43.66 27.76 3.11
CA TRP Z 27 44.90 27.02 2.89
C TRP Z 27 45.18 26.89 1.40
N LEU Z 28 46.34 27.40 0.99
CA LEU Z 28 46.80 27.37 -0.40
C LEU Z 28 48.21 26.82 -0.44
N PRO Z 29 48.39 25.56 -0.07
CA PRO Z 29 49.75 24.99 -0.03
C PRO Z 29 50.34 24.83 -1.42
N GLY Z 30 51.67 24.83 -1.47
CA GLY Z 30 52.36 24.66 -2.74
C GLY Z 30 52.11 25.76 -3.73
N VAL Z 31 51.59 26.89 -3.28
CA VAL Z 31 51.30 28.03 -4.15
C VAL Z 31 52.23 29.16 -3.79
N ASN Z 32 52.92 29.70 -4.78
CA ASN Z 32 53.82 30.81 -4.54
C ASN Z 32 53.02 32.06 -4.18
N LYS Z 33 53.71 33.01 -3.53
CA LYS Z 33 53.04 34.24 -3.12
C LYS Z 33 52.59 35.06 -4.33
N GLU Z 34 53.28 34.93 -5.46
CA GLU Z 34 52.93 35.68 -6.64
C GLU Z 34 51.85 35.02 -7.49
N ASP Z 35 51.62 33.72 -7.30
CA ASP Z 35 50.61 32.99 -8.07
C ASP Z 35 49.26 33.05 -7.38
N ILE Z 36 48.89 34.23 -6.89
CA ILE Z 36 47.64 34.43 -6.19
C ILE Z 36 47.02 35.71 -6.73
N ILE Z 37 45.79 35.61 -7.23
CA ILE Z 37 45.09 36.76 -7.77
C ILE Z 37 43.94 37.06 -6.82
N LEU Z 38 44.10 38.10 -6.01
CA LEU Z 38 43.08 38.51 -5.05
C LEU Z 38 42.28 39.65 -5.62
N ASN Z 39 40.98 39.43 -5.81
CA ASN Z 39 40.08 40.45 -6.34
C ASN Z 39 38.80 40.44 -5.52
N ALA Z 40 38.21 41.62 -5.38
CA ALA Z 40 36.97 41.74 -4.62
C ALA Z 40 36.40 43.13 -4.85
N VAL Z 41 35.10 43.27 -4.60
CA VAL Z 41 34.40 44.53 -4.77
C VAL Z 41 33.03 44.42 -4.11
N GLY Z 42 32.61 45.47 -3.42
CA GLY Z 42 31.31 45.46 -2.78
C GLY Z 42 31.17 44.39 -1.71
N ASP Z 43 30.46 43.32 -2.03
CA ASP Z 43 30.20 42.23 -1.10
C ASP Z 43 30.40 40.89 -1.82
N THR Z 44 31.58 40.71 -2.42
CA THR Z 44 31.88 39.46 -3.10
C THR Z 44 33.39 39.32 -3.25
N LEU Z 45 33.89 38.11 -3.05
CA LEU Z 45 35.31 37.81 -3.13
C LEU Z 45 35.58 36.80 -4.24
N GLU Z 46 36.73 36.96 -4.90
CA GLU Z 46 37.14 36.08 -5.98
C GLU Z 46 38.63 35.80 -5.86
N ILE Z 47 38.99 34.58 -5.51
CA ILE Z 47 40.38 34.15 -5.37
C ILE Z 47 40.71 33.22 -6.52
N ARG Z 48 41.88 33.43 -7.13
CA ARG Z 48 42.33 32.59 -8.24
C ARG Z 48 43.79 32.26 -8.00
N ALA Z 49 44.10 30.97 -7.90
CA ALA Z 49 45.45 30.50 -7.64
C ALA Z 49 45.78 29.33 -8.55
N LYS Z 50 47.05 28.94 -8.50
CA LYS Z 50 47.55 27.84 -9.30
C LYS Z 50 48.92 27.42 -8.78
N ARG Z 51 49.17 26.11 -8.74
CA ARG Z 51 50.45 25.58 -8.28
C ARG Z 51 51.08 24.75 -9.39
N SER Z 52 52.35 24.98 -9.66
CA SER Z 52 53.05 24.25 -10.70
C SER Z 52 53.12 22.76 -10.35
N PRO Z 53 53.21 21.90 -11.34
CA PRO Z 53 53.31 20.45 -11.07
C PRO Z 53 54.64 20.10 -10.42
N LEU Z 54 54.59 19.15 -9.50
CA LEU Z 54 55.80 18.71 -8.79
C LEU Z 54 56.83 18.12 -9.74
N MET Z 55 57.79 18.94 -10.16
CA MET Z 55 58.83 18.48 -11.06
C MET Z 55 59.65 17.37 -10.41
N ILE Z 56 60.09 16.43 -11.24
CA ILE Z 56 60.89 15.29 -10.78
C ILE Z 56 61.94 14.98 -11.85
N THR Z 57 63.14 14.64 -11.40
CA THR Z 57 64.21 14.30 -12.32
C THR Z 57 63.86 13.01 -13.06
N GLU Z 58 64.50 12.82 -14.21
CA GLU Z 58 64.24 11.62 -15.01
C GLU Z 58 64.46 10.36 -14.20
N SER Z 59 65.41 10.39 -13.26
CA SER Z 59 65.66 9.24 -12.40
C SER Z 59 64.61 9.12 -11.31
N GLU Z 60 63.92 10.22 -11.00
CA GLU Z 60 62.89 10.24 -9.97
C GLU Z 60 61.54 9.83 -10.54
N ARG Z 61 60.74 9.18 -9.70
CA ARG Z 61 59.41 8.74 -10.08
C ARG Z 61 58.48 8.82 -8.89
N ILE Z 62 57.20 9.00 -9.16
CA ILE Z 62 56.17 9.09 -8.14
C ILE Z 62 55.56 7.71 -8.00
N ILE Z 63 55.65 7.14 -6.81
CA ILE Z 63 55.11 5.83 -6.55
C ILE Z 63 53.80 5.93 -5.79
N TYR Z 64 53.62 7.01 -5.04
CA TYR Z 64 52.40 7.17 -4.26
C TYR Z 64 52.23 8.63 -3.89
N SER Z 65 51.18 9.26 -4.41
CA SER Z 65 50.91 10.67 -4.11
C SER Z 65 49.42 10.90 -4.14
N GLU Z 66 48.87 11.34 -3.01
CA GLU Z 66 47.45 11.64 -2.92
C GLU Z 66 47.13 13.09 -3.24
N ILE Z 67 48.13 13.86 -3.66
CA ILE Z 67 47.92 15.27 -3.97
C ILE Z 67 47.23 15.38 -5.33
N PRO Z 68 46.25 16.28 -5.49
CA PRO Z 68 45.63 16.43 -6.80
C PRO Z 68 46.63 16.93 -7.83
N GLU Z 69 46.20 16.88 -9.09
CA GLU Z 69 47.07 17.25 -10.21
C GLU Z 69 46.65 18.53 -10.91
N GLU Z 70 45.35 18.83 -10.96
CA GLU Z 70 44.90 20.04 -11.62
C GLU Z 70 45.54 21.26 -10.98
N GLU Z 71 45.92 22.22 -11.81
CA GLU Z 71 46.59 23.42 -11.35
C GLU Z 71 45.64 24.61 -11.19
N GLU Z 72 44.96 24.99 -12.27
CA GLU Z 72 44.05 26.12 -12.20
C GLU Z 72 42.94 25.87 -11.19
N ILE Z 73 42.92 26.65 -10.12
CA ILE Z 73 41.91 26.52 -9.08
C ILE Z 73 41.54 27.91 -8.59
N TYR Z 74 40.26 28.10 -8.29
CA TYR Z 74 39.78 29.40 -7.83
C TYR Z 74 38.48 29.18 -7.08
N ARG Z 75 37.98 30.27 -6.50
CA ARG Z 75 36.72 30.24 -5.77
C ARG Z 75 35.98 31.55 -6.02
N THR Z 76 34.76 31.62 -5.52
CA THR Z 76 33.92 32.82 -5.69
C THR Z 76 32.96 32.84 -4.50
N ILE Z 77 33.36 33.55 -3.45
CA ILE Z 77 32.58 33.65 -2.23
C ILE Z 77 31.74 34.92 -2.28
N LYS Z 78 30.45 34.77 -1.99
CA LYS Z 78 29.52 35.90 -1.96
C LYS Z 78 29.41 36.35 -0.51
N LEU Z 79 30.05 37.49 -0.21
CA LEU Z 79 30.04 38.00 1.14
C LEU Z 79 28.62 38.38 1.55
N PRO Z 80 28.31 38.33 2.85
CA PRO Z 80 26.96 38.71 3.27
C PRO Z 80 26.71 40.21 3.22
N ALA Z 81 27.68 41.02 3.61
CA ALA Z 81 27.57 42.47 3.63
C ALA Z 81 28.68 43.10 2.79
N THR Z 82 28.63 44.42 2.67
CA THR Z 82 29.62 45.15 1.91
C THR Z 82 30.85 45.43 2.76
N VAL Z 83 32.01 45.43 2.11
CA VAL Z 83 33.29 45.67 2.76
C VAL Z 83 34.05 46.73 1.98
N LYS Z 84 35.01 47.36 2.66
CA LYS Z 84 35.84 48.40 2.05
C LYS Z 84 37.11 47.72 1.58
N GLU Z 85 37.07 47.20 0.35
CA GLU Z 85 38.23 46.52 -0.21
C GLU Z 85 39.42 47.45 -0.32
N GLU Z 86 39.17 48.73 -0.61
CA GLU Z 86 40.27 49.68 -0.74
C GLU Z 86 41.07 49.80 0.54
N ASN Z 87 40.42 49.58 1.70
CA ASN Z 87 41.08 49.65 2.99
C ASN Z 87 41.31 48.26 3.57
N ALA Z 88 41.44 47.26 2.72
CA ALA Z 88 41.65 45.88 3.15
C ALA Z 88 43.13 45.54 3.18
N SER Z 89 43.44 44.38 3.75
CA SER Z 89 44.82 43.90 3.81
C SER Z 89 44.81 42.39 3.71
N ALA Z 90 45.99 41.82 3.50
CA ALA Z 90 46.12 40.38 3.37
C ALA Z 90 47.53 39.94 3.72
N LYS Z 91 47.65 38.71 4.22
CA LYS Z 91 48.94 38.14 4.58
C LYS Z 91 48.94 36.66 4.21
N PHE Z 92 50.01 36.23 3.57
CA PHE Z 92 50.17 34.85 3.13
C PHE Z 92 51.47 34.30 3.70
N GLU Z 93 51.37 33.61 4.83
CA GLU Z 93 52.51 33.02 5.52
C GLU Z 93 52.22 31.57 5.85
N ASN Z 94 53.22 30.72 5.63
CA ASN Z 94 53.09 29.29 5.92
C ASN Z 94 51.96 28.69 5.11
N GLY Z 95 51.80 29.17 3.87
CA GLY Z 95 50.75 28.68 3.02
C GLY Z 95 49.38 28.96 3.56
N VAL Z 96 49.22 30.08 4.26
CA VAL Z 96 47.96 30.46 4.86
C VAL Z 96 47.68 31.92 4.50
N LEU Z 97 46.62 32.14 3.76
CA LEU Z 97 46.24 33.49 3.35
C LEU Z 97 45.27 34.07 4.35
N SER Z 98 45.67 35.15 5.01
CA SER Z 98 44.87 35.84 6.02
C SER Z 98 44.47 37.21 5.48
N VAL Z 99 43.24 37.32 4.99
CA VAL Z 99 42.72 38.54 4.41
C VAL Z 99 41.83 39.26 5.42
N ILE Z 100 42.01 40.57 5.52
CA ILE Z 100 41.24 41.43 6.40
C ILE Z 100 40.29 42.24 5.52
N LEU Z 101 38.99 42.16 5.81
CA LEU Z 101 37.95 42.83 5.03
C LEU Z 101 37.16 43.77 5.91
N PRO Z 102 37.59 45.02 6.09
CA PRO Z 102 36.82 45.95 6.91
C PRO Z 102 35.41 46.17 6.38
N LYS Z 103 34.47 46.32 7.30
CA LYS Z 103 33.07 46.52 6.96
C LYS Z 103 32.82 47.96 6.56
N ALA Z 104 31.86 48.16 5.66
CA ALA Z 104 31.55 49.51 5.21
C ALA Z 104 30.85 50.29 6.32
N GLU Z 105 30.65 51.59 6.07
CA GLU Z 105 29.99 52.44 7.06
C GLU Z 105 28.58 51.97 7.33
N SER Z 106 27.87 51.53 6.30
CA SER Z 106 26.52 51.01 6.43
C SER Z 106 26.51 49.52 6.72
N SER Z 107 27.60 49.00 7.29
CA SER Z 107 27.73 47.60 7.61
C SER Z 107 28.28 47.35 9.00
N ILE Z 108 28.86 48.35 9.66
CA ILE Z 108 29.35 48.16 11.02
C ILE Z 108 28.17 47.89 11.94
N LYS Z 109 28.37 46.96 12.88
CA LYS Z 109 27.31 46.60 13.81
C LYS Z 109 26.95 47.77 14.71
N LYS Z 110 25.71 48.24 14.59
CA LYS Z 110 25.21 49.36 15.39
C LYS Z 110 24.98 48.85 16.81
N GLY Z 111 26.08 48.76 17.56
CA GLY Z 111 26.02 48.27 18.94
C GLY Z 111 25.35 49.24 19.90
N ILE Z 112 24.09 48.98 20.23
CA ILE Z 112 23.34 49.81 21.16
C ILE Z 112 23.55 49.30 22.57
N ASN Z 113 23.61 50.22 23.53
CA ASN Z 113 23.82 49.85 24.92
C ASN Z 113 22.59 49.16 25.51
N ILE Z 114 22.83 48.10 26.27
CA ILE Z 114 21.72 47.37 26.88
C ILE Z 114 21.02 48.25 27.92
N GLU Z 115 21.77 49.12 28.60
CA GLU Z 115 21.21 50.01 29.59
C GLU Z 115 20.52 49.25 30.73
N ILE AA 3 54.65 -14.20 -3.36
CA ILE AA 3 55.24 -13.24 -4.28
C ILE AA 3 54.28 -12.06 -4.43
N GLN AA 4 54.81 -10.98 -5.00
CA GLN AA 4 54.03 -9.76 -5.20
C GLN AA 4 54.50 -9.07 -6.46
N ILE AA 5 53.55 -8.77 -7.35
CA ILE AA 5 53.81 -8.09 -8.60
C ILE AA 5 53.30 -6.67 -8.50
N SER AA 6 54.03 -5.73 -9.09
CA SER AA 6 53.62 -4.33 -9.06
C SER AA 6 54.29 -3.60 -10.22
N GLY AA 7 53.57 -2.62 -10.77
CA GLY AA 7 54.06 -1.82 -11.88
C GLY AA 7 52.96 -1.01 -12.53
N LYS AA 8 52.91 -1.05 -13.86
CA LYS AA 8 51.89 -0.30 -14.60
C LYS AA 8 51.91 -0.75 -16.04
N GLY AA 9 50.74 -0.85 -16.63
CA GLY AA 9 50.62 -1.27 -18.01
C GLY AA 9 50.31 -2.75 -18.15
N PHE AA 10 50.52 -3.24 -19.37
CA PHE AA 10 50.28 -4.62 -19.72
C PHE AA 10 51.63 -5.29 -19.97
N MET AA 11 51.94 -6.29 -19.16
CA MET AA 11 53.23 -6.97 -19.28
C MET AA 11 53.17 -8.33 -18.61
N PRO AA 12 52.63 -9.34 -19.27
CA PRO AA 12 52.58 -10.68 -18.68
C PRO AA 12 53.97 -11.19 -18.36
N ILE AA 13 54.10 -11.85 -17.21
CA ILE AA 13 55.35 -12.40 -16.73
C ILE AA 13 55.15 -13.82 -16.25
N SER AA 14 56.18 -14.64 -16.41
CA SER AA 14 56.17 -16.04 -16.01
C SER AA 14 57.38 -16.30 -15.14
N ILE AA 15 57.15 -16.92 -13.98
CA ILE AA 15 58.21 -17.23 -13.03
C ILE AA 15 58.47 -18.71 -13.11
N ILE AA 16 59.67 -19.07 -13.56
CA ILE AA 16 60.09 -20.46 -13.70
C ILE AA 16 61.13 -20.73 -12.63
N GLU AA 17 60.72 -21.33 -11.52
CA GLU AA 17 61.66 -21.63 -10.45
C GLU AA 17 62.52 -22.83 -10.84
N GLY AA 18 63.73 -22.88 -10.27
CA GLY AA 18 64.64 -23.97 -10.50
C GLY AA 18 65.39 -24.29 -9.23
N ASP AA 19 66.30 -25.25 -9.32
CA ASP AA 19 67.11 -25.64 -8.17
C ASP AA 19 68.37 -24.81 -8.02
N GLN AA 20 68.82 -24.16 -9.10
CA GLN AA 20 70.02 -23.35 -9.08
C GLN AA 20 69.82 -21.97 -9.67
N HIS AA 21 68.62 -21.65 -10.14
CA HIS AA 21 68.36 -20.35 -10.74
C HIS AA 21 66.86 -20.15 -10.81
N ILE AA 22 66.49 -18.94 -11.20
CA ILE AA 22 65.09 -18.53 -11.32
C ILE AA 22 64.91 -17.98 -12.73
N LYS AA 23 64.51 -18.84 -13.65
CA LYS AA 23 64.28 -18.41 -15.02
C LYS AA 23 63.01 -17.59 -15.08
N VAL AA 24 63.07 -16.41 -15.71
CA VAL AA 24 61.94 -15.51 -15.79
C VAL AA 24 61.71 -15.15 -17.25
N ILE AA 25 60.44 -15.15 -17.66
CA ILE AA 25 60.03 -14.82 -19.02
C ILE AA 25 59.09 -13.61 -18.97
N ALA AA 26 59.20 -12.74 -19.97
CA ALA AA 26 58.35 -11.56 -20.04
C ALA AA 26 58.22 -11.09 -21.48
N TRP AA 27 56.99 -10.76 -21.88
CA TRP AA 27 56.72 -10.26 -23.21
C TRP AA 27 56.83 -8.75 -23.23
N LEU AA 28 57.73 -8.24 -24.07
CA LEU AA 28 57.98 -6.80 -24.21
C LEU AA 28 57.96 -6.45 -25.69
N PRO AA 29 56.81 -6.56 -26.34
CA PRO AA 29 56.75 -6.27 -27.78
C PRO AA 29 56.95 -4.80 -28.09
N GLY AA 30 57.44 -4.54 -29.30
CA GLY AA 30 57.66 -3.18 -29.74
C GLY AA 30 58.75 -2.45 -28.98
N VAL AA 31 59.56 -3.15 -28.21
CA VAL AA 31 60.61 -2.53 -27.41
C VAL AA 31 61.96 -2.82 -28.02
N ASN AA 32 62.84 -1.81 -27.99
CA ASN AA 32 64.19 -1.90 -28.49
C ASN AA 32 65.10 -2.48 -27.41
N LYS AA 33 66.30 -2.87 -27.83
CA LYS AA 33 67.26 -3.44 -26.90
C LYS AA 33 67.76 -2.41 -25.89
N GLU AA 34 67.83 -1.14 -26.29
CA GLU AA 34 68.32 -0.07 -25.42
C GLU AA 34 67.25 0.58 -24.55
N ASP AA 35 65.97 0.38 -24.86
CA ASP AA 35 64.89 0.99 -24.10
C ASP AA 35 64.40 0.09 -22.99
N ILE AA 36 65.33 -0.65 -22.38
CA ILE AA 36 65.04 -1.59 -21.32
C ILE AA 36 66.09 -1.39 -20.23
N ILE AA 37 65.66 -1.14 -19.01
CA ILE AA 37 66.56 -0.93 -17.89
C ILE AA 37 66.29 -2.05 -16.90
N LEU AA 38 67.19 -3.03 -16.85
CA LEU AA 38 67.07 -4.19 -15.98
C LEU AA 38 67.95 -4.00 -14.75
N ASN AA 39 67.32 -3.98 -13.58
CA ASN AA 39 68.03 -3.84 -12.31
C ASN AA 39 67.45 -4.81 -11.30
N ALA AA 40 68.29 -5.29 -10.41
CA ALA AA 40 67.85 -6.24 -9.40
C ALA AA 40 68.96 -6.43 -8.38
N VAL AA 41 68.57 -6.78 -7.16
CA VAL AA 41 69.53 -7.05 -6.09
C VAL AA 41 68.81 -7.77 -4.96
N GLY AA 42 69.43 -8.82 -4.44
CA GLY AA 42 68.84 -9.58 -3.36
C GLY AA 42 67.75 -10.51 -3.83
N ASP AA 43 66.51 -10.21 -3.43
CA ASP AA 43 65.33 -11.01 -3.76
C ASP AA 43 64.23 -10.11 -4.31
N THR AA 44 64.58 -9.31 -5.32
CA THR AA 44 63.62 -8.42 -5.94
C THR AA 44 64.07 -8.10 -7.35
N LEU AA 45 63.11 -7.97 -8.26
CA LEU AA 45 63.37 -7.71 -9.67
C LEU AA 45 62.68 -6.45 -10.13
N GLU AA 46 63.37 -5.68 -10.98
CA GLU AA 46 62.87 -4.44 -11.54
C GLU AA 46 63.05 -4.47 -13.04
N ILE AA 47 62.00 -4.15 -13.78
CA ILE AA 47 62.01 -4.13 -15.24
C ILE AA 47 61.40 -2.81 -15.68
N ARG AA 48 62.23 -1.90 -16.18
CA ARG AA 48 61.78 -0.61 -16.67
C ARG AA 48 61.99 -0.53 -18.18
N ALA AA 49 60.90 -0.43 -18.92
CA ALA AA 49 60.93 -0.37 -20.37
C ALA AA 49 59.92 0.67 -20.88
N LYS AA 50 59.97 0.91 -22.17
CA LYS AA 50 59.06 1.85 -22.81
C LYS AA 50 59.14 1.70 -24.33
N ARG AA 51 57.98 1.66 -24.98
CA ARG AA 51 57.91 1.57 -26.46
C ARG AA 51 57.29 2.88 -26.96
N SER AA 52 57.87 3.47 -28.01
CA SER AA 52 57.32 4.72 -28.59
C SER AA 52 55.89 4.46 -29.07
N PRO AA 53 54.94 5.39 -28.89
CA PRO AA 53 53.59 5.19 -29.40
C PRO AA 53 53.74 5.01 -30.89
N LEU AA 54 52.98 4.10 -31.50
CA LEU AA 54 53.15 3.82 -32.95
C LEU AA 54 53.10 5.15 -33.71
N MET AA 55 54.07 5.40 -34.60
CA MET AA 55 54.13 6.67 -35.35
C MET AA 55 53.33 6.52 -36.65
N ILE AA 56 52.41 7.46 -36.91
CA ILE AA 56 51.53 7.38 -38.11
C ILE AA 56 51.85 8.56 -39.04
N THR AA 57 52.15 8.29 -40.31
CA THR AA 57 52.45 9.35 -41.31
C THR AA 57 51.15 10.05 -41.62
N GLU AA 58 51.20 11.25 -42.18
CA GLU AA 58 49.97 12.05 -42.44
C GLU AA 58 49.00 11.19 -43.25
N SER AA 59 47.73 11.13 -42.83
CA SER AA 59 46.68 10.34 -43.53
C SER AA 59 46.66 8.90 -43.00
N GLU AA 60 47.59 8.56 -42.09
CA GLU AA 60 47.66 7.19 -41.54
C GLU AA 60 46.73 7.12 -40.32
N ARG AA 61 45.45 7.47 -40.50
CA ARG AA 61 44.45 7.36 -39.41
C ARG AA 61 44.39 5.88 -39.04
N ILE AA 62 44.18 5.56 -37.77
CA ILE AA 62 44.11 4.14 -37.31
C ILE AA 62 42.62 3.80 -37.16
N ILE AA 63 42.12 2.82 -37.91
CA ILE AA 63 40.67 2.46 -37.91
C ILE AA 63 40.43 1.42 -36.80
N TYR AA 64 41.42 0.57 -36.51
CA TYR AA 64 41.29 -0.37 -35.36
C TYR AA 64 42.45 -0.29 -34.37
N SER AA 65 42.14 -0.25 -33.08
CA SER AA 65 43.14 -0.28 -31.98
C SER AA 65 42.84 -1.40 -30.99
N GLU AA 66 43.79 -2.32 -30.74
CA GLU AA 66 43.62 -3.39 -29.74
C GLU AA 66 44.76 -3.29 -28.71
N ILE AA 67 45.63 -2.28 -28.85
CA ILE AA 67 46.83 -2.14 -27.95
C ILE AA 67 46.75 -0.80 -27.21
N PRO AA 68 47.13 -0.73 -25.91
CA PRO AA 68 47.15 0.54 -25.19
C PRO AA 68 48.22 1.45 -25.76
N GLU AA 69 48.03 2.77 -25.65
CA GLU AA 69 49.00 3.76 -26.22
C GLU AA 69 49.98 4.21 -25.13
N GLU AA 70 49.92 3.60 -23.94
CA GLU AA 70 50.82 3.98 -22.82
C GLU AA 70 52.27 3.75 -23.27
N GLU AA 71 53.19 4.64 -22.87
CA GLU AA 71 54.61 4.53 -23.29
C GLU AA 71 55.45 3.97 -22.13
N GLU AA 72 55.66 4.75 -21.06
CA GLU AA 72 56.50 4.32 -19.95
C GLU AA 72 55.78 3.21 -19.21
N ILE AA 73 56.45 2.08 -19.04
CA ILE AA 73 55.88 0.93 -18.34
C ILE AA 73 56.99 0.20 -17.63
N TYR AA 74 56.63 -0.48 -16.55
CA TYR AA 74 57.63 -1.22 -15.78
C TYR AA 74 56.90 -2.14 -14.83
N ARG AA 75 57.68 -2.96 -14.12
CA ARG AA 75 57.16 -3.88 -13.13
C ARG AA 75 58.14 -3.93 -11.98
N THR AA 76 57.70 -4.56 -10.89
CA THR AA 76 58.53 -4.69 -9.69
C THR AA 76 58.12 -5.99 -9.00
N ILE AA 77 58.86 -7.04 -9.30
CA ILE AA 77 58.59 -8.37 -8.76
C ILE AA 77 59.47 -8.59 -7.55
N LYS AA 78 58.89 -9.22 -6.53
CA LYS AA 78 59.58 -9.53 -5.28
C LYS AA 78 59.85 -11.03 -5.30
N LEU AA 79 61.11 -11.38 -5.59
CA LEU AA 79 61.48 -12.77 -5.68
C LEU AA 79 61.32 -13.44 -4.31
N PRO AA 80 61.08 -14.75 -4.29
CA PRO AA 80 60.94 -15.41 -2.99
C PRO AA 80 62.26 -15.58 -2.27
N ALA AA 81 63.32 -15.94 -2.99
CA ALA AA 81 64.65 -16.13 -2.42
C ALA AA 81 65.63 -15.14 -3.03
N THR AA 82 66.87 -15.22 -2.57
CA THR AA 82 67.94 -14.36 -3.05
C THR AA 82 68.65 -15.01 -4.22
N VAL AA 83 69.11 -14.17 -5.15
CA VAL AA 83 69.82 -14.63 -6.34
C VAL AA 83 71.08 -13.79 -6.51
N LYS AA 84 72.04 -14.38 -7.22
CA LYS AA 84 73.32 -13.72 -7.50
C LYS AA 84 73.16 -12.97 -8.82
N GLU AA 85 72.72 -11.71 -8.71
CA GLU AA 85 72.51 -10.90 -9.90
C GLU AA 85 73.80 -10.67 -10.66
N GLU AA 86 74.92 -10.58 -9.95
CA GLU AA 86 76.20 -10.36 -10.62
C GLU AA 86 76.52 -11.48 -11.59
N ASN AA 87 76.03 -12.69 -11.31
CA ASN AA 87 76.24 -13.84 -12.18
C ASN AA 87 74.96 -14.21 -12.92
N ALA AA 88 74.10 -13.23 -13.16
CA ALA AA 88 72.82 -13.45 -13.82
C ALA AA 88 72.98 -13.15 -15.32
N SER AA 89 71.91 -13.40 -16.07
CA SER AA 89 71.92 -13.13 -17.50
C SER AA 89 70.49 -12.88 -17.95
N ALA AA 90 70.38 -12.28 -19.14
CA ALA AA 90 69.09 -11.95 -19.71
C ALA AA 90 69.21 -11.94 -21.22
N LYS AA 91 68.10 -12.29 -21.88
CA LYS AA 91 68.04 -12.31 -23.34
C LYS AA 91 66.75 -11.66 -23.80
N PHE AA 92 66.85 -10.82 -24.81
CA PHE AA 92 65.71 -10.08 -25.36
C PHE AA 92 65.63 -10.34 -26.86
N GLU AA 93 64.80 -11.30 -27.25
CA GLU AA 93 64.60 -11.66 -28.65
C GLU AA 93 63.11 -11.74 -28.93
N ASN AA 94 62.69 -11.13 -30.03
CA ASN AA 94 61.28 -11.14 -30.42
C ASN AA 94 60.43 -10.51 -29.32
N GLY AA 95 60.97 -9.49 -28.69
CA GLY AA 95 60.24 -8.81 -27.62
C GLY AA 95 59.94 -9.72 -26.45
N VAL AA 96 60.82 -10.67 -26.19
CA VAL AA 96 60.65 -11.63 -25.10
C VAL AA 96 61.90 -11.58 -24.25
N LEU AA 97 61.77 -11.07 -23.03
CA LEU AA 97 62.89 -10.97 -22.11
C LEU AA 97 62.99 -12.24 -21.28
N SER AA 98 64.06 -13.00 -21.49
CA SER AA 98 64.32 -14.25 -20.78
C SER AA 98 65.46 -14.03 -19.80
N VAL AA 99 65.12 -13.80 -18.53
CA VAL AA 99 66.10 -13.54 -17.48
C VAL AA 99 66.43 -14.81 -16.71
N ILE AA 100 67.71 -14.96 -16.39
CA ILE AA 100 68.23 -16.08 -15.61
C ILE AA 100 68.85 -15.51 -14.35
N LEU AA 101 68.33 -15.90 -13.19
CA LEU AA 101 68.79 -15.40 -11.90
C LEU AA 101 69.30 -16.56 -11.05
N PRO AA 102 70.58 -16.89 -11.14
CA PRO AA 102 71.12 -17.97 -10.30
C PRO AA 102 70.89 -17.67 -8.82
N LYS AA 103 70.41 -18.68 -8.10
CA LYS AA 103 70.12 -18.54 -6.69
C LYS AA 103 71.40 -18.38 -5.89
N ALA AA 104 71.25 -17.83 -4.69
CA ALA AA 104 72.40 -17.63 -3.81
C ALA AA 104 72.72 -18.95 -3.11
N GLU AA 105 73.81 -18.96 -2.35
CA GLU AA 105 74.19 -20.18 -1.63
C GLU AA 105 73.17 -20.52 -0.55
N SER AA 106 72.70 -19.51 0.18
CA SER AA 106 71.74 -19.74 1.25
C SER AA 106 70.33 -19.97 0.72
N SER AA 107 70.09 -19.63 -0.54
CA SER AA 107 68.76 -19.81 -1.10
C SER AA 107 68.53 -21.26 -1.52
N ILE AA 108 69.60 -21.97 -1.87
CA ILE AA 108 69.47 -23.36 -2.28
C ILE AA 108 68.97 -24.19 -1.10
N LYS AA 109 67.96 -25.02 -1.35
CA LYS AA 109 67.39 -25.88 -0.33
C LYS AA 109 68.17 -27.18 -0.25
N LYS AA 110 68.64 -27.51 0.95
CA LYS AA 110 69.42 -28.73 1.11
C LYS AA 110 68.50 -29.94 1.17
N GLY AA 111 69.09 -31.10 0.87
CA GLY AA 111 68.34 -32.34 0.88
C GLY AA 111 68.23 -32.93 2.28
N ILE AA 112 67.19 -33.74 2.47
CA ILE AA 112 66.93 -34.38 3.76
C ILE AA 112 66.62 -35.84 3.52
N ASN AA 113 67.15 -36.70 4.40
CA ASN AA 113 66.92 -38.13 4.29
C ASN AA 113 65.49 -38.47 4.72
N ILE AA 114 65.03 -39.64 4.31
CA ILE AA 114 63.69 -40.13 4.61
C ILE AA 114 63.82 -41.55 5.10
N GLU AA 115 63.48 -41.77 6.37
CA GLU AA 115 63.56 -43.10 6.96
C GLU AA 115 62.30 -43.89 6.63
N ILE BA 3 33.70 -4.26 -40.10
CA ILE BA 3 34.78 -5.22 -40.08
C ILE BA 3 34.45 -6.31 -39.06
N GLN BA 4 35.15 -7.43 -39.17
CA GLN BA 4 34.92 -8.55 -38.27
C GLN BA 4 36.24 -9.24 -37.99
N ILE BA 5 36.43 -9.64 -36.73
CA ILE BA 5 37.63 -10.35 -36.29
C ILE BA 5 37.21 -11.71 -35.78
N SER BA 6 37.98 -12.73 -36.12
CA SER BA 6 37.69 -14.09 -35.68
C SER BA 6 38.99 -14.86 -35.59
N GLY BA 7 39.12 -15.69 -34.56
CA GLY BA 7 40.31 -16.48 -34.37
C GLY BA 7 40.34 -17.20 -33.03
N LYS BA 8 41.52 -17.27 -32.43
CA LYS BA 8 41.68 -17.94 -31.14
C LYS BA 8 43.04 -17.57 -30.55
N GLY BA 9 43.05 -17.23 -29.27
CA GLY BA 9 44.28 -16.85 -28.60
C GLY BA 9 44.39 -15.36 -28.43
N PHE BA 10 45.49 -14.95 -27.81
CA PHE BA 10 45.77 -13.55 -27.55
C PHE BA 10 46.60 -13.01 -28.71
N MET BA 11 46.06 -12.03 -29.41
CA MET BA 11 46.75 -11.48 -30.57
C MET BA 11 46.22 -10.08 -30.88
N PRO BA 12 46.69 -9.06 -30.16
CA PRO BA 12 46.26 -7.69 -30.45
C PRO BA 12 46.67 -7.29 -31.86
N ILE BA 13 45.78 -6.57 -32.53
CA ILE BA 13 46.02 -6.10 -33.89
C ILE BA 13 45.60 -4.64 -34.01
N SER BA 14 46.34 -3.88 -34.81
CA SER BA 14 46.06 -2.48 -35.06
C SER BA 14 46.05 -2.26 -36.56
N ILE BA 15 45.00 -1.60 -37.05
CA ILE BA 15 44.84 -1.31 -38.47
C ILE BA 15 45.03 0.17 -38.70
N ILE BA 16 46.08 0.53 -39.42
CA ILE BA 16 46.42 1.91 -39.71
C ILE BA 16 46.05 2.18 -41.16
N GLU BA 17 44.86 2.72 -41.39
CA GLU BA 17 44.44 3.02 -42.75
C GLU BA 17 45.24 4.20 -43.29
N GLY BA 18 45.43 4.21 -44.61
CA GLY BA 18 46.14 5.28 -45.29
C GLY BA 18 45.39 5.68 -46.54
N ASP BA 19 46.00 6.59 -47.29
CA ASP BA 19 45.41 7.06 -48.53
C ASP BA 19 45.78 6.20 -49.73
N GLN BA 20 46.87 5.43 -49.64
CA GLN BA 20 47.30 4.56 -50.71
C GLN BA 20 47.56 3.14 -50.25
N HIS BA 21 47.44 2.86 -48.96
CA HIS BA 21 47.69 1.53 -48.44
C HIS BA 21 47.04 1.45 -47.07
N ILE BA 22 47.05 0.24 -46.52
CA ILE BA 22 46.45 -0.05 -45.22
C ILE BA 22 47.53 -0.72 -44.38
N LYS BA 23 48.23 0.06 -43.58
CA LYS BA 23 49.29 -0.47 -42.73
C LYS BA 23 48.65 -1.12 -41.51
N VAL BA 24 48.97 -2.40 -41.29
CA VAL BA 24 48.43 -3.16 -40.18
C VAL BA 24 49.56 -3.55 -39.25
N ILE BA 25 49.28 -3.53 -37.95
CA ILE BA 25 50.25 -3.89 -36.93
C ILE BA 25 49.64 -4.97 -36.04
N ALA BA 26 50.48 -5.91 -35.60
CA ALA BA 26 50.02 -7.01 -34.77
C ALA BA 26 51.17 -7.54 -33.93
N TRP BA 27 50.90 -7.77 -32.64
CA TRP BA 27 51.90 -8.30 -31.71
C TRP BA 27 51.84 -9.82 -31.73
N LEU BA 28 52.97 -10.44 -32.02
CA LEU BA 28 53.12 -11.90 -32.07
C LEU BA 28 54.34 -12.29 -31.26
N PRO BA 29 54.31 -12.07 -29.95
CA PRO BA 29 55.47 -12.40 -29.12
C PRO BA 29 55.67 -13.90 -29.00
N GLY BA 30 56.94 -14.29 -28.90
CA GLY BA 30 57.27 -15.70 -28.75
C GLY BA 30 57.14 -16.51 -30.01
N VAL BA 31 56.68 -15.93 -31.11
CA VAL BA 31 56.49 -16.64 -32.36
C VAL BA 31 57.71 -16.45 -33.24
N ASN BA 32 58.26 -17.56 -33.74
CA ASN BA 32 59.43 -17.48 -34.59
C ASN BA 32 59.05 -16.83 -35.92
N LYS BA 33 60.07 -16.34 -36.63
CA LYS BA 33 59.84 -15.69 -37.91
C LYS BA 33 59.31 -16.69 -38.93
N GLU BA 34 59.68 -17.96 -38.80
CA GLU BA 34 59.26 -18.98 -39.73
C GLU BA 34 57.89 -19.54 -39.41
N ASP BA 35 57.42 -19.37 -38.17
CA ASP BA 35 56.12 -19.86 -37.75
C ASP BA 35 55.03 -18.83 -38.03
N ILE BA 36 55.05 -18.27 -39.24
CA ILE BA 36 54.10 -17.24 -39.64
C ILE BA 36 53.59 -17.57 -41.03
N ILE BA 37 52.26 -17.56 -41.18
CA ILE BA 37 51.61 -17.83 -42.46
C ILE BA 37 50.82 -16.58 -42.81
N LEU BA 38 51.33 -15.80 -43.74
CA LEU BA 38 50.69 -14.56 -44.18
C LEU BA 38 50.03 -14.79 -45.53
N ASN BA 39 48.71 -14.80 -45.56
CA ASN BA 39 47.96 -14.97 -46.79
C ASN BA 39 46.80 -13.99 -46.82
N ALA BA 40 46.49 -13.49 -48.00
CA ALA BA 40 45.41 -12.53 -48.16
C ALA BA 40 45.13 -12.38 -49.65
N VAL BA 41 43.91 -11.92 -49.95
CA VAL BA 41 43.50 -11.69 -51.33
C VAL BA 41 42.22 -10.87 -51.32
N GLY BA 42 42.15 -9.87 -52.20
CA GLY BA 42 40.97 -9.03 -52.26
C GLY BA 42 40.90 -8.07 -51.11
N ASP BA 43 39.93 -8.26 -50.23
CA ASP BA 43 39.70 -7.42 -49.07
C ASP BA 43 39.50 -8.26 -47.82
N THR BA 44 40.43 -9.19 -47.57
CA THR BA 44 40.35 -10.02 -46.38
C THR BA 44 41.73 -10.51 -46.01
N LEU BA 45 41.95 -10.69 -44.70
CA LEU BA 45 43.24 -11.12 -44.19
C LEU BA 45 43.09 -12.28 -43.22
N GLU BA 46 44.01 -13.24 -43.33
CA GLU BA 46 44.06 -14.39 -42.44
C GLU BA 46 45.52 -14.70 -42.17
N ILE BA 47 45.88 -14.79 -40.89
CA ILE BA 47 47.24 -15.08 -40.48
C ILE BA 47 47.22 -16.19 -39.43
N ARG BA 48 48.13 -17.14 -39.57
CA ARG BA 48 48.25 -18.26 -38.64
C ARG BA 48 49.65 -18.23 -38.03
N ALA BA 49 49.69 -18.21 -36.70
CA ALA BA 49 50.92 -18.15 -35.95
C ALA BA 49 50.94 -19.25 -34.89
N LYS BA 50 52.16 -19.64 -34.51
CA LYS BA 50 52.33 -20.69 -33.51
C LYS BA 50 53.70 -20.54 -32.87
N ARG BA 51 53.75 -20.62 -31.53
CA ARG BA 51 54.98 -20.51 -30.77
C ARG BA 51 55.21 -21.80 -30.00
N SER BA 52 56.46 -22.23 -29.94
CA SER BA 52 56.77 -23.47 -29.24
C SER BA 52 56.43 -23.35 -27.76
N PRO BA 53 56.11 -24.48 -27.10
CA PRO BA 53 55.78 -24.44 -25.68
C PRO BA 53 57.01 -24.11 -24.85
N LEU BA 54 56.79 -23.40 -23.75
CA LEU BA 54 57.90 -23.04 -22.88
C LEU BA 54 58.51 -24.28 -22.25
N MET BA 55 59.51 -24.84 -22.92
CA MET BA 55 60.18 -26.04 -22.43
C MET BA 55 60.86 -25.75 -21.10
N ILE BA 56 60.83 -26.74 -20.21
CA ILE BA 56 61.42 -26.61 -18.89
C ILE BA 56 62.13 -27.90 -18.52
N THR BA 57 63.28 -27.76 -17.86
CA THR BA 57 64.05 -28.91 -17.42
C THR BA 57 63.34 -29.58 -16.25
N GLU BA 58 63.65 -30.86 -16.06
CA GLU BA 58 63.01 -31.61 -14.97
C GLU BA 58 63.27 -30.96 -13.62
N SER BA 59 64.42 -30.31 -13.47
CA SER BA 59 64.71 -29.64 -12.21
C SER BA 59 63.97 -28.32 -12.08
N GLU BA 60 63.65 -27.69 -13.21
CA GLU BA 60 62.94 -26.43 -13.17
C GLU BA 60 61.47 -26.66 -12.85
N ARG BA 61 60.74 -25.56 -12.68
CA ARG BA 61 59.33 -25.64 -12.35
C ARG BA 61 58.67 -24.28 -12.55
N ILE BA 62 57.43 -24.31 -13.05
CA ILE BA 62 56.65 -23.11 -13.31
C ILE BA 62 55.76 -22.89 -12.10
N ILE BA 63 56.08 -21.88 -11.30
CA ILE BA 63 55.31 -21.59 -10.11
C ILE BA 63 54.27 -20.51 -10.36
N TYR BA 64 54.51 -19.64 -11.34
CA TYR BA 64 53.54 -18.58 -11.63
C TYR BA 64 53.77 -18.04 -13.03
N SER BA 65 52.73 -18.12 -13.85
CA SER BA 65 52.81 -17.63 -15.23
C SER BA 65 51.40 -17.36 -15.74
N GLU BA 66 51.10 -16.10 -16.01
CA GLU BA 66 49.79 -15.76 -16.56
C GLU BA 66 49.78 -15.83 -18.07
N ILE BA 67 50.91 -16.17 -18.68
CA ILE BA 67 50.94 -16.24 -20.14
C ILE BA 67 50.19 -17.49 -20.59
N PRO BA 68 49.35 -17.42 -21.63
CA PRO BA 68 48.68 -18.63 -22.08
C PRO BA 68 49.68 -19.65 -22.57
N GLU BA 69 49.20 -20.86 -22.80
CA GLU BA 69 50.05 -21.98 -23.23
C GLU BA 69 49.70 -22.50 -24.61
N GLU BA 70 48.44 -22.38 -25.04
CA GLU BA 70 48.06 -22.90 -26.34
C GLU BA 70 48.91 -22.26 -27.42
N GLU BA 71 49.28 -23.07 -28.41
CA GLU BA 71 50.14 -22.65 -29.50
C GLU BA 71 49.38 -22.23 -30.75
N GLU BA 72 48.48 -23.08 -31.23
CA GLU BA 72 47.75 -22.76 -32.45
C GLU BA 72 46.90 -21.52 -32.22
N ILE BA 73 47.26 -20.42 -32.89
CA ILE BA 73 46.54 -19.16 -32.79
C ILE BA 73 46.55 -18.48 -34.14
N TYR BA 74 45.46 -17.81 -34.47
CA TYR BA 74 45.32 -17.14 -35.75
C TYR BA 74 44.17 -16.15 -35.66
N ARG BA 75 44.00 -15.39 -36.74
CA ARG BA 75 42.95 -14.41 -36.84
C ARG BA 75 42.44 -14.37 -38.28
N THR BA 76 41.32 -13.67 -38.47
CA THR BA 76 40.72 -13.54 -39.79
C THR BA 76 39.99 -12.20 -39.84
N ILE BA 77 40.67 -11.19 -40.38
CA ILE BA 77 40.13 -9.85 -40.48
C ILE BA 77 39.55 -9.65 -41.87
N LYS BA 78 38.39 -9.00 -41.91
CA LYS BA 78 37.69 -8.69 -43.16
C LYS BA 78 37.88 -7.20 -43.43
N LEU BA 79 38.84 -6.88 -44.30
CA LEU BA 79 39.13 -5.50 -44.60
C LEU BA 79 37.93 -4.83 -45.26
N PRO BA 80 37.78 -3.51 -45.12
CA PRO BA 80 36.64 -2.84 -45.73
C PRO BA 80 36.79 -2.71 -47.24
N ALA BA 81 37.96 -2.28 -47.70
CA ALA BA 81 38.24 -2.08 -49.11
C ALA BA 81 39.20 -3.14 -49.64
N THR BA 82 39.42 -3.10 -50.95
CA THR BA 82 40.30 -4.04 -51.63
C THR BA 82 41.73 -3.50 -51.64
N VAL BA 83 42.69 -4.41 -51.53
CA VAL BA 83 44.11 -4.08 -51.54
C VAL BA 83 44.79 -4.89 -52.62
N LYS BA 84 46.00 -4.46 -52.98
CA LYS BA 84 46.80 -5.14 -54.00
C LYS BA 84 47.73 -6.10 -53.27
N GLU BA 85 47.19 -7.29 -52.99
CA GLU BA 85 47.97 -8.31 -52.29
C GLU BA 85 49.20 -8.71 -53.09
N GLU BA 86 49.09 -8.74 -54.41
CA GLU BA 86 50.24 -9.10 -55.22
C GLU BA 86 51.39 -8.12 -55.04
N ASN BA 87 51.06 -6.86 -54.75
CA ASN BA 87 52.04 -5.81 -54.53
C ASN BA 87 52.13 -5.42 -53.06
N ALA BA 88 51.81 -6.35 -52.17
CA ALA BA 88 51.84 -6.08 -50.74
C ALA BA 88 53.18 -6.51 -50.15
N SER BA 89 53.39 -6.16 -48.89
CA SER BA 89 54.62 -6.51 -48.19
C SER BA 89 54.30 -6.70 -46.72
N ALA BA 90 55.34 -7.02 -45.94
CA ALA BA 90 55.18 -7.24 -44.51
C ALA BA 90 56.54 -7.18 -43.84
N LYS BA 91 56.53 -6.89 -42.55
CA LYS BA 91 57.74 -6.82 -41.75
C LYS BA 91 57.46 -7.37 -40.37
N PHE BA 92 58.30 -8.31 -39.93
CA PHE BA 92 58.16 -8.98 -38.65
C PHE BA 92 59.45 -8.79 -37.87
N GLU BA 93 59.45 -7.78 -37.00
CA GLU BA 93 60.60 -7.44 -36.18
C GLU BA 93 60.14 -7.28 -34.74
N ASN BA 94 60.89 -7.85 -33.81
CA ASN BA 94 60.58 -7.78 -32.39
C ASN BA 94 59.20 -8.35 -32.12
N GLY BA 95 58.88 -9.44 -32.81
CA GLY BA 95 57.59 -10.09 -32.66
C GLY BA 95 56.40 -9.25 -33.08
N VAL BA 96 56.62 -8.24 -33.91
CA VAL BA 96 55.58 -7.35 -34.39
C VAL BA 96 55.52 -7.45 -35.90
N LEU BA 97 54.40 -7.94 -36.42
CA LEU BA 97 54.20 -8.10 -37.86
C LEU BA 97 53.57 -6.84 -38.43
N SER BA 98 54.36 -6.07 -39.17
CA SER BA 98 53.91 -4.83 -39.82
C SER BA 98 53.63 -5.12 -41.28
N VAL BA 99 52.36 -5.21 -41.64
CA VAL BA 99 51.93 -5.52 -43.00
C VAL BA 99 51.51 -4.25 -43.73
N ILE BA 100 51.87 -4.20 -45.02
CA ILE BA 100 51.55 -3.08 -45.91
C ILE BA 100 50.66 -3.63 -47.01
N LEU BA 101 49.47 -3.02 -47.16
CA LEU BA 101 48.48 -3.46 -48.13
C LEU BA 101 48.11 -2.30 -49.06
N PRO BA 102 48.84 -2.09 -50.15
CA PRO BA 102 48.48 -1.01 -51.08
C PRO BA 102 47.05 -1.18 -51.57
N LYS BA 103 46.30 -0.09 -51.55
CA LYS BA 103 44.91 -0.12 -51.97
C LYS BA 103 44.79 -0.34 -53.47
N ALA BA 104 43.67 -0.95 -53.87
CA ALA BA 104 43.43 -1.23 -55.28
C ALA BA 104 43.00 0.06 -55.99
N GLU BA 105 42.86 -0.05 -57.31
CA GLU BA 105 42.45 1.11 -58.10
C GLU BA 105 41.06 1.57 -57.72
N SER BA 106 40.14 0.62 -57.51
CA SER BA 106 38.77 0.95 -57.14
C SER BA 106 38.64 1.40 -55.70
N SER BA 107 39.68 1.22 -54.89
CA SER BA 107 39.65 1.60 -53.49
C SER BA 107 40.14 3.02 -53.25
N ILE BA 108 40.96 3.57 -54.15
CA ILE BA 108 41.46 4.92 -53.97
C ILE BA 108 40.31 5.91 -54.03
N LYS BA 109 40.28 6.83 -53.07
CA LYS BA 109 39.24 7.84 -52.98
C LYS BA 109 39.71 9.11 -53.68
N LYS BA 110 38.90 9.63 -54.59
CA LYS BA 110 39.28 10.83 -55.31
C LYS BA 110 38.93 12.08 -54.49
N GLY BA 111 39.64 13.17 -54.79
CA GLY BA 111 39.42 14.42 -54.10
C GLY BA 111 38.40 15.27 -54.82
N ILE BA 112 37.35 15.67 -54.13
CA ILE BA 112 36.29 16.49 -54.69
C ILE BA 112 36.52 17.93 -54.26
N ASN BA 113 36.25 18.86 -55.17
CA ASN BA 113 36.41 20.27 -54.87
C ASN BA 113 35.33 20.73 -53.90
N ILE BA 114 35.64 21.76 -53.13
CA ILE BA 114 34.72 22.30 -52.13
C ILE BA 114 34.58 23.78 -52.43
N GLU BA 115 33.47 24.15 -53.07
CA GLU BA 115 33.20 25.52 -53.43
C GLU BA 115 32.53 26.25 -52.27
N ILE CA 3 -46.92 27.35 15.14
CA ILE CA 3 -48.11 26.75 14.55
C ILE CA 3 -47.78 25.30 14.21
N GLN CA 4 -48.83 24.50 14.02
CA GLN CA 4 -48.64 23.09 13.73
C GLN CA 4 -49.72 22.61 12.77
N ILE CA 5 -49.30 21.81 11.80
CA ILE CA 5 -50.20 21.24 10.80
C ILE CA 5 -50.18 19.72 10.98
N SER CA 6 -51.32 19.09 10.72
CA SER CA 6 -51.41 17.64 10.84
C SER CA 6 -52.56 17.15 9.97
N GLY CA 7 -52.35 15.98 9.37
CA GLY CA 7 -53.38 15.40 8.52
C GLY CA 7 -52.86 14.20 7.76
N LYS CA 8 -53.36 14.03 6.55
CA LYS CA 8 -52.95 12.91 5.70
C LYS CA 8 -53.39 13.19 4.28
N GLY CA 9 -52.50 12.92 3.34
CA GLY CA 9 -52.76 13.14 1.94
C GLY CA 9 -51.98 14.32 1.40
N PHE CA 10 -52.51 14.89 0.32
CA PHE CA 10 -51.89 16.04 -0.34
C PHE CA 10 -52.85 17.21 -0.28
N MET CA 11 -52.43 18.29 0.36
CA MET CA 11 -53.29 19.45 0.52
C MET CA 11 -52.46 20.67 0.89
N PRO CA 12 -51.81 21.31 -0.07
CA PRO CA 12 -51.03 22.51 0.25
C PRO CA 12 -51.91 23.60 0.82
N ILE CA 13 -51.38 24.31 1.82
CA ILE CA 13 -52.11 25.38 2.50
C ILE CA 13 -51.20 26.57 2.69
N SER CA 14 -51.79 27.77 2.59
CA SER CA 14 -51.06 29.02 2.77
C SER CA 14 -51.79 29.86 3.80
N ILE CA 15 -51.08 30.27 4.84
CA ILE CA 15 -51.63 31.09 5.91
C ILE CA 15 -51.14 32.52 5.75
N ILE CA 16 -52.08 33.44 5.55
CA ILE CA 16 -51.78 34.85 5.38
C ILE CA 16 -52.23 35.59 6.63
N GLU CA 17 -51.28 36.14 7.36
CA GLU CA 17 -51.60 36.87 8.58
C GLU CA 17 -51.96 38.31 8.24
N GLY CA 18 -52.85 38.88 9.05
CA GLY CA 18 -53.30 40.24 8.88
C GLY CA 18 -53.43 40.92 10.22
N ASP CA 19 -53.93 42.16 10.20
CA ASP CA 19 -54.08 42.93 11.43
C ASP CA 19 -55.43 42.72 12.10
N GLN CA 20 -56.41 42.17 11.39
CA GLN CA 20 -57.73 41.95 11.96
C GLN CA 20 -58.32 40.60 11.60
N HIS CA 21 -57.63 39.79 10.81
CA HIS CA 21 -58.14 38.49 10.41
C HIS CA 21 -56.97 37.67 9.91
N ILE CA 22 -57.26 36.41 9.60
CA ILE CA 22 -56.27 35.46 9.12
C ILE CA 22 -56.84 34.78 7.89
N LYS CA 23 -56.45 35.25 6.72
CA LYS CA 23 -56.92 34.67 5.48
C LYS CA 23 -56.04 33.47 5.13
N VAL CA 24 -56.67 32.34 4.85
CA VAL CA 24 -55.97 31.10 4.56
C VAL CA 24 -56.38 30.60 3.18
N ILE CA 25 -55.43 30.02 2.46
CA ILE CA 25 -55.66 29.48 1.14
C ILE CA 25 -55.25 28.02 1.11
N ALA CA 26 -56.01 27.20 0.37
CA ALA CA 26 -55.75 25.77 0.26
C ALA CA 26 -56.32 25.25 -1.05
N TRP CA 27 -55.55 24.41 -1.74
CA TRP CA 27 -55.96 23.81 -3.00
C TRP CA 27 -56.63 22.46 -2.79
N LEU CA 28 -57.86 22.33 -3.29
CA LEU CA 28 -58.65 21.11 -3.19
C LEU CA 28 -59.17 20.74 -4.59
N PRO CA 29 -58.28 20.36 -5.49
CA PRO CA 29 -58.71 20.04 -6.85
C PRO CA 29 -59.54 18.76 -6.89
N GLY CA 30 -60.47 18.73 -7.84
CA GLY CA 30 -61.31 17.57 -8.00
C GLY CA 30 -62.39 17.39 -6.95
N VAL CA 31 -62.51 18.32 -6.01
CA VAL CA 31 -63.48 18.22 -4.94
C VAL CA 31 -64.68 19.12 -5.21
N ASN CA 32 -65.88 18.58 -5.01
CA ASN CA 32 -67.10 19.34 -5.19
C ASN CA 32 -67.31 20.27 -4.01
N LYS CA 33 -68.38 21.06 -4.07
CA LYS CA 33 -68.68 22.02 -3.01
C LYS CA 33 -69.23 21.35 -1.76
N GLU CA 34 -70.02 20.30 -1.92
CA GLU CA 34 -70.63 19.61 -0.78
C GLU CA 34 -69.70 18.62 -0.08
N ASP CA 35 -68.58 18.26 -0.68
CA ASP CA 35 -67.67 17.30 -0.08
C ASP CA 35 -66.60 17.98 0.77
N ILE CA 36 -66.98 19.05 1.45
CA ILE CA 36 -66.07 19.82 2.29
C ILE CA 36 -66.77 20.09 3.61
N ILE CA 37 -66.12 19.72 4.71
CA ILE CA 37 -66.68 19.91 6.04
C ILE CA 37 -65.72 20.84 6.77
N LEU CA 38 -66.09 22.12 6.84
CA LEU CA 38 -65.28 23.12 7.50
C LEU CA 38 -65.74 23.30 8.94
N ASN CA 39 -64.82 23.08 9.88
CA ASN CA 39 -65.10 23.23 11.30
C ASN CA 39 -63.93 23.95 11.95
N ALA CA 40 -64.25 24.76 12.95
CA ALA CA 40 -63.23 25.53 13.63
C ALA CA 40 -63.81 26.07 14.93
N VAL CA 41 -62.92 26.34 15.87
CA VAL CA 41 -63.31 26.88 17.16
C VAL CA 41 -62.06 27.33 17.90
N GLY CA 42 -62.17 28.40 18.69
CA GLY CA 42 -61.05 28.90 19.44
C GLY CA 42 -59.91 29.31 18.53
N ASP CA 43 -58.83 28.53 18.54
CA ASP CA 43 -57.65 28.81 17.74
C ASP CA 43 -57.17 27.54 17.06
N THR CA 44 -58.10 26.85 16.40
CA THR CA 44 -57.75 25.63 15.69
C THR CA 44 -58.72 25.45 14.52
N LEU CA 45 -58.19 24.96 13.41
CA LEU CA 45 -58.94 24.74 12.19
C LEU CA 45 -58.82 23.31 11.73
N GLU CA 46 -59.95 22.75 11.25
CA GLU CA 46 -60.00 21.39 10.76
C GLU CA 46 -60.77 21.36 9.45
N ILE CA 47 -60.18 20.76 8.42
CA ILE CA 47 -60.77 20.65 7.10
C ILE CA 47 -60.72 19.20 6.65
N ARG CA 48 -61.87 18.65 6.29
CA ARG CA 48 -61.99 17.26 5.83
C ARG CA 48 -62.64 17.25 4.45
N ALA CA 49 -61.90 16.78 3.46
CA ALA CA 49 -62.37 16.73 2.08
C ALA CA 49 -62.14 15.35 1.49
N LYS CA 50 -62.64 15.17 0.26
CA LYS CA 50 -62.53 13.91 -0.46
C LYS CA 50 -62.92 14.14 -1.91
N ARG CA 51 -62.20 13.49 -2.82
CA ARG CA 51 -62.47 13.58 -4.25
C ARG CA 51 -62.83 12.21 -4.81
N SER CA 52 -63.83 12.17 -5.67
CA SER CA 52 -64.25 10.91 -6.24
C SER CA 52 -63.11 10.31 -7.07
N PRO CA 53 -63.06 8.99 -7.20
CA PRO CA 53 -62.00 8.38 -7.99
C PRO CA 53 -62.23 8.63 -9.47
N LEU CA 54 -61.13 8.71 -10.21
CA LEU CA 54 -61.21 8.94 -11.65
C LEU CA 54 -61.82 7.73 -12.35
N MET CA 55 -63.14 7.76 -12.53
CA MET CA 55 -63.83 6.65 -13.19
C MET CA 55 -63.38 6.51 -14.63
N ILE CA 56 -63.29 5.26 -15.08
CA ILE CA 56 -62.87 4.95 -16.44
C ILE CA 56 -63.72 3.80 -16.97
N THR CA 57 -64.06 3.85 -18.25
CA THR CA 57 -64.84 2.80 -18.86
C THR CA 57 -63.99 1.54 -19.02
N GLU CA 58 -64.66 0.39 -19.11
CA GLU CA 58 -63.94 -0.87 -19.24
C GLU CA 58 -63.06 -0.87 -20.48
N SER CA 59 -63.47 -0.17 -21.53
CA SER CA 59 -62.67 -0.08 -22.73
C SER CA 59 -61.47 0.84 -22.56
N GLU CA 60 -61.53 1.74 -21.57
CA GLU CA 60 -60.45 2.67 -21.33
C GLU CA 60 -59.34 2.00 -20.54
N ARG CA 61 -58.27 2.77 -20.29
CA ARG CA 61 -57.12 2.26 -19.55
C ARG CA 61 -56.21 3.41 -19.18
N ILE CA 62 -55.69 3.37 -17.96
CA ILE CA 62 -54.81 4.41 -17.44
C ILE CA 62 -53.37 3.98 -17.68
N ILE CA 63 -52.67 4.69 -18.56
CA ILE CA 63 -51.28 4.38 -18.84
C ILE CA 63 -50.31 5.18 -17.99
N TYR CA 64 -50.71 6.35 -17.51
CA TYR CA 64 -49.82 7.18 -16.70
C TYR CA 64 -50.64 8.21 -15.94
N SER CA 65 -50.44 8.26 -14.63
CA SER CA 65 -51.16 9.21 -13.79
C SER CA 65 -50.35 9.49 -12.53
N GLU CA 66 -50.13 10.77 -12.27
CA GLU CA 66 -49.39 11.22 -11.10
C GLU CA 66 -50.29 11.57 -9.94
N ILE CA 67 -51.60 11.50 -10.11
CA ILE CA 67 -52.52 11.84 -9.03
C ILE CA 67 -52.46 10.76 -7.97
N PRO CA 68 -52.43 11.11 -6.68
CA PRO CA 68 -52.42 10.06 -5.65
C PRO CA 68 -53.72 9.28 -5.70
N GLU CA 69 -53.84 8.24 -4.88
CA GLU CA 69 -55.02 7.38 -4.90
C GLU CA 69 -55.94 7.58 -3.71
N GLU CA 70 -55.38 7.79 -2.53
CA GLU CA 70 -56.21 7.95 -1.35
C GLU CA 70 -57.17 9.11 -1.54
N GLU CA 71 -58.40 8.92 -1.07
CA GLU CA 71 -59.45 9.93 -1.17
C GLU CA 71 -59.65 10.68 0.14
N GLU CA 72 -59.83 9.95 1.23
CA GLU CA 72 -60.06 10.57 2.52
C GLU CA 72 -58.84 11.39 2.88
N ILE CA 73 -58.99 12.72 2.92
CA ILE CA 73 -57.89 13.62 3.23
C ILE CA 73 -58.40 14.77 4.08
N TYR CA 74 -57.55 15.24 4.97
CA TYR CA 74 -57.92 16.34 5.85
C TYR CA 74 -56.66 16.95 6.44
N ARG CA 75 -56.84 18.09 7.11
CA ARG CA 75 -55.76 18.79 7.77
C ARG CA 75 -56.28 19.43 9.04
N THR CA 76 -55.39 19.60 10.00
CA THR CA 76 -55.70 20.20 11.30
C THR CA 76 -54.62 21.24 11.57
N ILE CA 77 -54.96 22.51 11.36
CA ILE CA 77 -54.05 23.63 11.52
C ILE CA 77 -54.30 24.27 12.88
N LYS CA 78 -53.21 24.70 13.53
CA LYS CA 78 -53.28 25.36 14.82
C LYS CA 78 -52.89 26.82 14.64
N LEU CA 79 -53.91 27.67 14.55
CA LEU CA 79 -53.69 29.09 14.33
C LEU CA 79 -52.95 29.71 15.52
N PRO CA 80 -52.22 30.81 15.29
CA PRO CA 80 -51.48 31.42 16.41
C PRO CA 80 -52.36 32.19 17.38
N ALA CA 81 -53.57 32.58 17.00
CA ALA CA 81 -54.45 33.32 17.89
C ALA CA 81 -55.87 32.77 17.81
N THR CA 82 -56.75 33.30 18.65
CA THR CA 82 -58.15 32.90 18.69
C THR CA 82 -58.95 33.72 17.70
N VAL CA 83 -59.95 33.09 17.09
CA VAL CA 83 -60.82 33.73 16.12
C VAL CA 83 -62.28 33.51 16.49
N LYS CA 84 -63.14 34.31 15.88
CA LYS CA 84 -64.58 34.24 16.08
C LYS CA 84 -65.14 33.51 14.86
N GLU CA 85 -65.17 32.17 14.95
CA GLU CA 85 -65.65 31.35 13.85
C GLU CA 85 -67.09 31.67 13.49
N GLU CA 86 -67.90 32.03 14.47
CA GLU CA 86 -69.30 32.35 14.20
C GLU CA 86 -69.43 33.51 13.23
N ASN CA 87 -68.44 34.40 13.20
CA ASN CA 87 -68.43 35.55 12.31
C ASN CA 87 -67.43 35.36 11.19
N ALA CA 88 -67.28 34.12 10.73
CA ALA CA 88 -66.34 33.77 9.67
C ALA CA 88 -67.08 33.54 8.36
N SER CA 89 -66.30 33.33 7.30
CA SER CA 89 -66.87 33.06 5.99
C SER CA 89 -65.88 32.19 5.22
N ALA CA 90 -66.31 31.76 4.04
CA ALA CA 90 -65.47 30.90 3.21
C ALA CA 90 -65.98 30.96 1.78
N LYS CA 91 -65.06 30.75 0.83
CA LYS CA 91 -65.39 30.76 -0.58
C LYS CA 91 -64.58 29.69 -1.30
N PHE CA 92 -65.25 28.91 -2.14
CA PHE CA 92 -64.63 27.81 -2.90
C PHE CA 92 -64.93 28.03 -4.37
N GLU CA 93 -63.99 28.67 -5.05
CA GLU CA 93 -64.08 28.97 -6.48
C GLU CA 93 -62.82 28.52 -7.18
N ASN CA 94 -62.99 27.91 -8.35
CA ASN CA 94 -61.87 27.44 -9.15
C ASN CA 94 -61.04 26.44 -8.36
N GLY CA 95 -61.72 25.63 -7.57
CA GLY CA 95 -61.03 24.63 -6.77
C GLY CA 95 -60.11 25.25 -5.75
N VAL CA 96 -60.38 26.48 -5.33
CA VAL CA 96 -59.57 27.19 -4.37
C VAL CA 96 -60.45 27.62 -3.20
N LEU CA 97 -60.19 27.08 -2.03
CA LEU CA 97 -60.95 27.39 -0.83
C LEU CA 97 -60.32 28.58 -0.12
N SER CA 98 -61.09 29.66 0.00
CA SER CA 98 -60.65 30.90 0.64
C SER CA 98 -61.47 31.14 1.91
N VAL CA 99 -60.86 30.88 3.06
CA VAL CA 99 -61.50 31.03 4.36
C VAL CA 99 -61.08 32.35 5.01
N ILE CA 100 -62.03 33.02 5.63
CA ILE CA 100 -61.82 34.28 6.34
C ILE CA 100 -62.07 34.03 7.81
N LEU CA 101 -61.06 34.29 8.64
CA LEU CA 101 -61.14 34.06 10.08
C LEU CA 101 -60.84 35.33 10.86
N PRO CA 102 -61.86 36.16 11.11
CA PRO CA 102 -61.63 37.38 11.89
C PRO CA 102 -61.06 37.05 13.26
N LYS CA 103 -60.02 37.79 13.64
CA LYS CA 103 -59.37 37.57 14.91
C LYS CA 103 -60.31 37.88 16.07
N ALA CA 104 -60.00 37.32 17.23
CA ALA CA 104 -60.81 37.56 18.41
C ALA CA 104 -60.48 38.94 18.99
N GLU CA 105 -61.14 39.29 20.09
CA GLU CA 105 -60.90 40.59 20.71
C GLU CA 105 -59.53 40.65 21.36
N SER CA 106 -59.21 39.65 22.20
CA SER CA 106 -57.93 39.63 22.88
C SER CA 106 -56.77 39.39 21.93
N SER CA 107 -57.05 38.91 20.72
CA SER CA 107 -55.99 38.64 19.75
C SER CA 107 -55.48 39.90 19.07
N ILE CA 108 -56.20 41.01 19.19
CA ILE CA 108 -55.78 42.23 18.53
C ILE CA 108 -54.48 42.72 19.17
N LYS CA 109 -53.47 42.94 18.34
CA LYS CA 109 -52.17 43.42 18.80
C LYS CA 109 -52.17 44.94 18.85
N LYS CA 110 -51.86 45.49 20.02
CA LYS CA 110 -51.81 46.93 20.17
C LYS CA 110 -50.48 47.47 19.68
N GLY CA 111 -50.50 48.72 19.21
CA GLY CA 111 -49.30 49.36 18.73
C GLY CA 111 -48.58 50.10 19.84
N ILE CA 112 -47.35 49.73 20.10
CA ILE CA 112 -46.56 50.36 21.15
C ILE CA 112 -45.90 51.60 20.58
N ASN CA 113 -45.87 52.65 21.40
CA ASN CA 113 -45.26 53.90 20.98
C ASN CA 113 -43.75 53.79 21.08
N ILE CA 114 -43.06 54.35 20.08
CA ILE CA 114 -41.61 54.31 20.03
C ILE CA 114 -41.11 55.72 20.29
N GLU CA 115 -40.18 55.83 21.23
CA GLU CA 115 -39.60 57.10 21.60
C GLU CA 115 -38.09 56.93 21.81
N ILE DA 3 -43.05 8.13 -24.63
CA ILE DA 3 -43.62 9.47 -24.59
C ILE DA 3 -42.76 10.32 -23.69
N GLN DA 4 -42.91 11.64 -23.81
CA GLN DA 4 -42.15 12.58 -23.01
C GLN DA 4 -43.01 13.78 -22.67
N ILE DA 5 -42.84 14.28 -21.45
CA ILE DA 5 -43.56 15.44 -20.96
C ILE DA 5 -42.53 16.50 -20.58
N SER DA 6 -42.58 17.63 -21.26
CA SER DA 6 -41.65 18.73 -21.01
C SER DA 6 -42.42 20.02 -20.76
N GLY DA 7 -41.84 20.86 -19.92
CA GLY DA 7 -42.46 22.14 -19.58
C GLY DA 7 -41.77 22.82 -18.42
N LYS DA 8 -42.54 23.47 -17.57
CA LYS DA 8 -41.98 24.17 -16.42
C LYS DA 8 -43.09 24.48 -15.44
N GLY DA 9 -42.75 24.47 -14.17
CA GLY DA 9 -43.72 24.74 -13.12
C GLY DA 9 -44.28 23.45 -12.57
N PHE DA 10 -45.33 23.60 -11.78
CA PHE DA 10 -46.01 22.47 -11.14
C PHE DA 10 -47.32 22.21 -11.85
N MET DA 11 -47.47 21.02 -12.42
CA MET DA 11 -48.68 20.67 -13.15
C MET DA 11 -48.80 19.17 -13.33
N PRO DA 12 -49.24 18.44 -12.31
CA PRO DA 12 -49.42 16.99 -12.47
C PRO DA 12 -50.43 16.69 -13.57
N ILE DA 13 -50.14 15.65 -14.35
CA ILE DA 13 -50.98 15.26 -15.47
C ILE DA 13 -51.17 13.76 -15.46
N SER DA 14 -52.35 13.32 -15.90
CA SER DA 14 -52.70 11.91 -15.98
C SER DA 14 -53.19 11.61 -17.39
N ILE DA 15 -52.61 10.59 -18.00
CA ILE DA 15 -52.95 10.17 -19.36
C ILE DA 15 -53.77 8.89 -19.27
N ILE DA 16 -55.01 8.95 -19.74
CA ILE DA 16 -55.92 7.82 -19.74
C ILE DA 16 -56.11 7.40 -21.19
N GLU DA 17 -55.47 6.31 -21.58
CA GLU DA 17 -55.59 5.82 -22.94
C GLU DA 17 -56.87 5.01 -23.09
N GLY DA 18 -57.42 5.04 -24.30
CA GLY DA 18 -58.63 4.30 -24.60
C GLY DA 18 -58.54 3.65 -25.97
N ASP DA 19 -59.62 3.05 -26.43
CA ASP DA 19 -59.62 2.38 -27.72
C ASP DA 19 -59.99 3.30 -28.87
N GLN DA 20 -60.58 4.47 -28.58
CA GLN DA 20 -60.98 5.40 -29.62
C GLN DA 20 -60.61 6.85 -29.30
N HIS DA 21 -59.95 7.09 -28.17
CA HIS DA 21 -59.55 8.43 -27.78
C HIS DA 21 -58.56 8.29 -26.64
N ILE DA 22 -57.96 9.42 -26.26
CA ILE DA 22 -56.96 9.46 -25.19
C ILE DA 22 -57.41 10.56 -24.23
N LYS DA 23 -58.19 10.19 -23.23
CA LYS DA 23 -58.64 11.17 -22.26
C LYS DA 23 -57.49 11.51 -21.32
N VAL DA 24 -57.23 12.81 -21.16
CA VAL DA 24 -56.14 13.30 -20.34
C VAL DA 24 -56.69 14.19 -19.25
N ILE DA 25 -56.07 14.11 -18.07
CA ILE DA 25 -56.46 14.90 -16.90
C ILE DA 25 -55.26 15.69 -16.43
N ALA DA 26 -55.49 16.93 -16.02
CA ALA DA 26 -54.44 17.82 -15.56
C ALA DA 26 -55.01 18.82 -14.56
N TRP DA 27 -54.27 19.05 -13.48
CA TRP DA 27 -54.68 19.98 -12.44
C TRP DA 27 -54.12 21.38 -12.72
N LEU DA 28 -55.02 22.36 -12.80
CA LEU DA 28 -54.67 23.75 -13.04
C LEU DA 28 -55.35 24.59 -11.97
N PRO DA 29 -54.95 24.42 -10.72
CA PRO DA 29 -55.60 25.17 -9.65
C PRO DA 29 -55.30 26.65 -9.72
N GLY DA 30 -56.26 27.46 -9.28
CA GLY DA 30 -56.06 28.89 -9.30
C GLY DA 30 -56.03 29.49 -10.67
N VAL DA 31 -56.38 28.72 -11.70
CA VAL DA 31 -56.33 29.20 -13.07
C VAL DA 31 -57.74 29.51 -13.55
N ASN DA 32 -57.89 30.66 -14.20
CA ASN DA 32 -59.16 31.08 -14.75
C ASN DA 32 -59.44 30.32 -16.04
N LYS DA 33 -60.66 30.49 -16.55
CA LYS DA 33 -61.03 29.79 -17.77
C LYS DA 33 -60.34 30.38 -18.99
N GLU DA 34 -60.08 31.69 -18.98
CA GLU DA 34 -59.47 32.37 -20.11
C GLU DA 34 -57.95 32.32 -20.11
N ASP DA 35 -57.32 31.99 -18.99
CA ASP DA 35 -55.86 31.96 -18.92
C ASP DA 35 -55.29 30.59 -19.27
N ILE DA 36 -55.90 29.92 -20.23
CA ILE DA 36 -55.47 28.59 -20.66
C ILE DA 36 -55.46 28.58 -22.17
N ILE DA 37 -54.29 28.29 -22.75
CA ILE DA 37 -54.13 28.23 -24.21
C ILE DA 37 -53.92 26.77 -24.55
N LEU DA 38 -54.93 26.16 -25.15
CA LEU DA 38 -54.90 24.76 -25.55
C LEU DA 38 -54.62 24.64 -27.04
N ASN DA 39 -53.46 24.09 -27.39
CA ASN DA 39 -53.07 23.89 -28.77
C ASN DA 39 -52.50 22.49 -28.92
N ALA DA 40 -52.76 21.90 -30.08
CA ALA DA 40 -52.28 20.56 -30.35
C ALA DA 40 -52.52 20.24 -31.82
N VAL DA 41 -51.70 19.35 -32.36
CA VAL DA 41 -51.83 18.94 -33.75
C VAL DA 41 -51.03 17.67 -33.96
N GLY DA 42 -51.64 16.66 -34.55
CA GLY DA 42 -50.96 15.40 -34.80
C GLY DA 42 -50.98 14.50 -33.58
N ASP DA 43 -49.82 14.30 -32.98
CA ASP DA 43 -49.64 13.45 -31.81
C ASP DA 43 -48.83 14.18 -30.74
N THR DA 44 -49.23 15.41 -30.43
CA THR DA 44 -48.54 16.20 -29.43
C THR DA 44 -49.51 17.20 -28.83
N LEU DA 45 -49.32 17.51 -27.55
CA LEU DA 45 -50.18 18.41 -26.82
C LEU DA 45 -49.37 19.48 -26.11
N GLU DA 46 -49.88 20.71 -26.16
CA GLU DA 46 -49.26 21.86 -25.53
C GLU DA 46 -50.32 22.66 -24.80
N ILE DA 47 -50.07 22.96 -23.53
CA ILE DA 47 -51.02 23.68 -22.68
C ILE DA 47 -50.27 24.77 -21.93
N ARG DA 48 -50.65 26.02 -22.18
CA ARG DA 48 -50.06 27.17 -21.49
C ARG DA 48 -51.09 27.70 -20.50
N ALA DA 49 -50.66 27.88 -19.26
CA ALA DA 49 -51.53 28.34 -18.20
C ALA DA 49 -50.80 29.33 -17.31
N LYS DA 50 -51.57 30.22 -16.68
CA LYS DA 50 -51.04 31.23 -15.80
C LYS DA 50 -52.11 31.63 -14.79
N ARG DA 51 -51.71 31.70 -13.51
CA ARG DA 51 -52.61 32.07 -12.43
C ARG DA 51 -52.18 33.41 -11.86
N SER DA 52 -53.14 34.26 -11.53
CA SER DA 52 -52.79 35.56 -10.99
C SER DA 52 -52.04 35.35 -9.67
N PRO DA 53 -51.16 36.29 -9.30
CA PRO DA 53 -50.36 36.09 -8.10
C PRO DA 53 -51.23 36.07 -6.85
N LEU DA 54 -50.67 35.56 -5.77
CA LEU DA 54 -51.35 35.53 -4.48
C LEU DA 54 -51.17 36.87 -3.77
N MET DA 55 -51.54 37.96 -4.45
CA MET DA 55 -51.37 39.29 -3.88
C MET DA 55 -52.20 39.46 -2.63
N ILE DA 56 -51.67 40.25 -1.69
CA ILE DA 56 -52.33 40.50 -0.41
C ILE DA 56 -52.32 42.00 -0.14
N THR DA 57 -53.24 42.41 0.73
CA THR DA 57 -53.28 43.80 1.16
C THR DA 57 -52.01 44.15 1.94
N GLU DA 58 -51.71 45.46 1.98
CA GLU DA 58 -50.52 45.93 2.68
C GLU DA 58 -50.53 45.51 4.14
N SER DA 59 -51.71 45.42 4.75
CA SER DA 59 -51.83 45.00 6.14
C SER DA 59 -51.64 43.51 6.30
N GLU DA 60 -51.83 42.74 5.23
CA GLU DA 60 -51.69 41.30 5.27
C GLU DA 60 -50.25 40.89 5.03
N ARG DA 61 -49.87 39.75 5.60
CA ARG DA 61 -48.53 39.22 5.46
C ARG DA 61 -48.57 37.70 5.40
N ILE DA 62 -47.69 37.14 4.57
CA ILE DA 62 -47.60 35.70 4.40
C ILE DA 62 -46.62 35.17 5.45
N ILE DA 63 -47.10 34.26 6.29
CA ILE DA 63 -46.26 33.68 7.32
C ILE DA 63 -45.88 32.26 6.96
N TYR DA 64 -46.70 31.60 6.14
CA TYR DA 64 -46.38 30.23 5.75
C TYR DA 64 -47.23 29.85 4.55
N SER DA 65 -46.58 29.54 3.43
CA SER DA 65 -47.28 29.17 2.22
C SER DA 65 -46.41 28.26 1.38
N GLU DA 66 -46.88 27.05 1.14
CA GLU DA 66 -46.15 26.08 0.33
C GLU DA 66 -46.47 26.19 -1.15
N ILE DA 67 -47.33 27.12 -1.54
CA ILE DA 67 -47.69 27.29 -2.94
C ILE DA 67 -46.55 27.98 -3.69
N PRO DA 68 -46.17 27.53 -4.88
CA PRO DA 68 -45.10 28.23 -5.60
C PRO DA 68 -45.54 29.64 -5.98
N GLU DA 69 -44.64 30.42 -6.58
CA GLU DA 69 -44.94 31.81 -6.93
C GLU DA 69 -44.94 32.07 -8.42
N GLU DA 70 -44.11 31.39 -9.19
CA GLU DA 70 -44.05 31.62 -10.63
C GLU DA 70 -45.42 31.40 -11.25
N GLU DA 71 -45.77 32.27 -12.19
CA GLU DA 71 -47.05 32.23 -12.88
C GLU DA 71 -46.98 31.55 -14.24
N GLU DA 72 -46.05 31.95 -15.08
CA GLU DA 72 -45.94 31.36 -16.40
C GLU DA 72 -45.61 29.89 -16.25
N ILE DA 73 -46.55 29.03 -16.65
CA ILE DA 73 -46.36 27.58 -16.55
C ILE DA 73 -47.05 26.92 -17.74
N TYR DA 74 -46.48 25.81 -18.18
CA TYR DA 74 -47.03 25.07 -19.31
C TYR DA 74 -46.34 23.71 -19.37
N ARG DA 75 -46.81 22.89 -20.30
CA ARG DA 75 -46.28 21.56 -20.53
C ARG DA 75 -46.28 21.28 -22.02
N THR DA 76 -45.65 20.16 -22.38
CA THR DA 76 -45.57 19.74 -23.78
C THR DA 76 -45.52 18.21 -23.78
N ILE DA 77 -46.68 17.62 -23.94
CA ILE DA 77 -46.82 16.17 -23.93
C ILE DA 77 -46.73 15.66 -25.36
N LYS DA 78 -46.04 14.53 -25.53
CA LYS DA 78 -45.89 13.88 -26.83
C LYS DA 78 -46.75 12.64 -26.80
N LEU DA 79 -47.90 12.72 -27.47
CA LEU DA 79 -48.83 11.61 -27.49
C LEU DA 79 -48.21 10.41 -28.20
N PRO DA 80 -48.63 9.19 -27.85
CA PRO DA 80 -48.06 8.03 -28.53
C PRO DA 80 -48.60 7.84 -29.94
N ALA DA 81 -49.82 8.30 -30.22
CA ALA DA 81 -50.42 8.15 -31.54
C ALA DA 81 -51.03 9.48 -31.97
N THR DA 82 -51.58 9.49 -33.18
CA THR DA 82 -52.21 10.68 -33.74
C THR DA 82 -53.67 10.74 -33.33
N VAL DA 83 -54.15 11.96 -33.16
CA VAL DA 83 -55.54 12.21 -32.77
C VAL DA 83 -56.12 13.27 -33.69
N LYS DA 84 -57.44 13.20 -33.86
CA LYS DA 84 -58.15 14.16 -34.71
C LYS DA 84 -58.46 15.37 -33.82
N GLU DA 85 -57.50 16.29 -33.77
CA GLU DA 85 -57.64 17.48 -32.94
C GLU DA 85 -58.82 18.33 -33.37
N GLU DA 86 -59.12 18.37 -34.67
CA GLU DA 86 -60.23 19.18 -35.14
C GLU DA 86 -61.55 18.70 -34.55
N ASN DA 87 -61.65 17.41 -34.24
CA ASN DA 87 -62.84 16.83 -33.65
C ASN DA 87 -62.64 16.49 -32.18
N ALA DA 88 -61.79 17.24 -31.50
CA ALA DA 88 -61.50 17.02 -30.09
C ALA DA 88 -62.30 17.98 -29.23
N SER DA 89 -62.19 17.80 -27.92
CA SER DA 89 -62.88 18.67 -26.98
C SER DA 89 -62.13 18.69 -25.67
N ALA DA 90 -62.58 19.57 -24.77
CA ALA DA 90 -61.95 19.72 -23.47
C ALA DA 90 -62.94 20.35 -22.51
N LYS DA 91 -62.74 20.10 -21.22
CA LYS DA 91 -63.60 20.63 -20.18
C LYS DA 91 -62.75 21.03 -18.96
N PHE DA 92 -63.10 22.16 -18.37
CA PHE DA 92 -62.39 22.74 -17.23
C PHE DA 92 -63.41 23.17 -16.17
N GLU DA 93 -63.64 22.30 -15.20
CA GLU DA 93 -64.57 22.54 -14.12
C GLU DA 93 -63.91 22.24 -12.78
N ASN DA 94 -64.09 23.14 -11.82
CA ASN DA 94 -63.52 22.98 -10.49
C ASN DA 94 -62.01 22.86 -10.57
N GLY DA 95 -61.41 23.63 -11.47
CA GLY DA 95 -59.97 23.60 -11.62
C GLY DA 95 -59.46 22.24 -12.04
N VAL DA 96 -60.22 21.53 -12.86
CA VAL DA 96 -59.85 20.21 -13.34
C VAL DA 96 -60.04 20.20 -14.84
N LEU DA 97 -58.94 20.12 -15.58
CA LEU DA 97 -58.98 20.12 -17.04
C LEU DA 97 -59.18 18.71 -17.55
N SER DA 98 -60.22 18.50 -18.35
CA SER DA 98 -60.56 17.21 -18.94
C SER DA 98 -60.58 17.35 -20.46
N VAL DA 99 -59.52 16.87 -21.10
CA VAL DA 99 -59.37 16.95 -22.56
C VAL DA 99 -59.75 15.62 -23.20
N ILE DA 100 -60.54 15.70 -24.27
CA ILE DA 100 -60.97 14.53 -25.04
C ILE DA 100 -60.29 14.60 -26.40
N LEU DA 101 -59.48 13.60 -26.72
CA LEU DA 101 -58.72 13.54 -27.96
C LEU DA 101 -59.06 12.28 -28.77
N PRO DA 102 -60.07 12.33 -29.62
CA PRO DA 102 -60.39 11.16 -30.45
C PRO DA 102 -59.20 10.76 -31.31
N LYS DA 103 -58.91 9.47 -31.32
CA LYS DA 103 -57.79 8.95 -32.08
C LYS DA 103 -58.02 9.11 -33.58
N ALA DA 104 -56.93 9.02 -34.33
CA ALA DA 104 -57.00 9.11 -35.78
C ALA DA 104 -57.41 7.76 -36.36
N GLU DA 105 -57.45 7.67 -37.68
CA GLU DA 105 -57.83 6.41 -38.32
C GLU DA 105 -56.67 5.42 -38.32
N SER DA 106 -55.46 5.91 -38.50
CA SER DA 106 -54.28 5.06 -38.54
C SER DA 106 -53.81 4.65 -37.15
N SER DA 107 -54.25 5.35 -36.11
CA SER DA 107 -53.83 5.04 -34.76
C SER DA 107 -54.52 3.80 -34.19
N ILE DA 108 -55.72 3.46 -34.70
CA ILE DA 108 -56.44 2.30 -34.20
C ILE DA 108 -55.73 1.02 -34.61
N LYS DA 109 -55.51 0.14 -33.64
CA LYS DA 109 -54.87 -1.15 -33.89
C LYS DA 109 -55.95 -2.18 -34.19
N LYS DA 110 -55.61 -3.13 -35.05
CA LYS DA 110 -56.56 -4.18 -35.40
C LYS DA 110 -56.41 -5.36 -34.45
N GLY DA 111 -57.52 -6.07 -34.25
CA GLY DA 111 -57.53 -7.20 -33.37
C GLY DA 111 -57.13 -8.47 -34.08
N ILE DA 112 -55.98 -9.01 -33.70
CA ILE DA 112 -55.47 -10.23 -34.31
C ILE DA 112 -56.12 -11.43 -33.65
N ASN DA 113 -56.49 -12.42 -34.44
CA ASN DA 113 -57.12 -13.60 -33.91
C ASN DA 113 -56.08 -14.45 -33.18
N ILE DA 114 -56.57 -15.31 -32.29
CA ILE DA 114 -55.73 -16.20 -31.50
C ILE DA 114 -56.37 -17.58 -31.54
N GLU DA 115 -55.62 -18.56 -32.03
CA GLU DA 115 -56.10 -19.93 -32.12
C GLU DA 115 -55.01 -20.90 -31.71
N ILE EA 3 15.90 -53.27 1.63
CA ILE EA 3 14.75 -53.73 0.85
C ILE EA 3 14.18 -52.54 0.10
N GLN EA 4 13.38 -52.84 -0.92
CA GLN EA 4 12.76 -51.79 -1.73
C GLN EA 4 11.39 -52.26 -2.18
N ILE EA 5 10.40 -51.39 -2.03
CA ILE EA 5 9.02 -51.67 -2.43
C ILE EA 5 8.69 -50.77 -3.60
N SER EA 6 8.06 -51.35 -4.63
CA SER EA 6 7.67 -50.61 -5.82
C SER EA 6 6.41 -51.24 -6.38
N GLY EA 7 5.50 -50.40 -6.86
CA GLY EA 7 4.26 -50.87 -7.41
C GLY EA 7 3.30 -49.75 -7.72
N LYS EA 8 2.05 -49.90 -7.31
CA LYS EA 8 1.03 -48.88 -7.56
C LYS EA 8 -0.19 -49.18 -6.71
N GLY EA 9 -0.81 -48.13 -6.18
CA GLY EA 9 -2.00 -48.28 -5.38
C GLY EA 9 -1.72 -48.24 -3.90
N PHE EA 10 -2.57 -48.91 -3.13
CA PHE EA 10 -2.47 -48.99 -1.67
C PHE EA 10 -2.46 -50.45 -1.30
N MET EA 11 -1.35 -50.93 -0.75
CA MET EA 11 -1.22 -52.33 -0.40
C MET EA 11 -0.19 -52.52 0.71
N PRO EA 12 -0.55 -52.27 1.97
CA PRO EA 12 0.41 -52.48 3.06
C PRO EA 12 0.89 -53.92 3.12
N ILE EA 13 2.18 -54.09 3.40
CA ILE EA 13 2.81 -55.39 3.49
C ILE EA 13 3.67 -55.43 4.74
N SER EA 14 3.71 -56.60 5.38
CA SER EA 14 4.48 -56.83 6.58
C SER EA 14 5.40 -58.03 6.33
N ILE EA 15 6.70 -57.79 6.38
CA ILE EA 15 7.71 -58.82 6.14
C ILE EA 15 8.19 -59.32 7.49
N ILE EA 16 7.87 -60.57 7.80
CA ILE EA 16 8.28 -61.19 9.07
C ILE EA 16 9.44 -62.12 8.75
N GLU EA 17 10.65 -61.68 9.06
CA GLU EA 17 11.84 -62.47 8.82
C GLU EA 17 12.01 -63.52 9.90
N GLY EA 18 12.62 -64.65 9.53
CA GLY EA 18 12.86 -65.73 10.46
C GLY EA 18 14.25 -66.31 10.23
N ASP EA 19 14.54 -67.35 11.02
CA ASP EA 19 15.83 -68.01 10.92
C ASP EA 19 15.87 -69.05 9.80
N GLN EA 20 14.71 -69.54 9.38
CA GLN EA 20 14.63 -70.54 8.32
C GLN EA 20 13.67 -70.13 7.21
N HIS EA 21 12.87 -69.08 7.40
CA HIS EA 21 11.93 -68.63 6.40
C HIS EA 21 11.68 -67.15 6.62
N ILE EA 22 10.99 -66.54 5.66
CA ILE EA 22 10.65 -65.12 5.69
C ILE EA 22 9.16 -65.03 5.41
N LYS EA 23 8.35 -65.10 6.47
CA LYS EA 23 6.90 -65.01 6.32
C LYS EA 23 6.49 -63.57 6.06
N VAL EA 24 5.65 -63.38 5.05
CA VAL EA 24 5.19 -62.06 4.65
C VAL EA 24 3.66 -62.06 4.69
N ILE EA 25 3.10 -60.92 5.09
CA ILE EA 25 1.65 -60.73 5.17
C ILE EA 25 1.25 -59.54 4.31
N ALA EA 26 0.11 -59.67 3.64
CA ALA EA 26 -0.39 -58.59 2.77
C ALA EA 26 -1.89 -58.73 2.63
N TRP EA 27 -2.62 -57.68 3.00
CA TRP EA 27 -4.08 -57.68 2.89
C TRP EA 27 -4.49 -57.40 1.45
N LEU EA 28 -5.25 -58.32 0.86
CA LEU EA 28 -5.74 -58.21 -0.51
C LEU EA 28 -7.25 -58.42 -0.53
N PRO EA 29 -8.00 -57.52 0.11
CA PRO EA 29 -9.46 -57.68 0.12
C PRO EA 29 -10.05 -57.42 -1.25
N GLY EA 30 -11.11 -58.17 -1.57
CA GLY EA 30 -11.80 -58.04 -2.84
C GLY EA 30 -11.17 -58.79 -3.98
N VAL EA 31 -9.91 -59.16 -3.87
CA VAL EA 31 -9.21 -59.89 -4.92
C VAL EA 31 -9.51 -61.36 -4.75
N ASN EA 32 -9.69 -62.06 -5.87
CA ASN EA 32 -9.96 -63.49 -5.78
C ASN EA 32 -8.67 -64.26 -5.53
N LYS EA 33 -8.82 -65.49 -5.07
CA LYS EA 33 -7.64 -66.31 -4.79
C LYS EA 33 -6.89 -66.63 -6.07
N GLU EA 34 -7.61 -66.66 -7.20
CA GLU EA 34 -7.02 -66.97 -8.49
C GLU EA 34 -6.51 -65.73 -9.21
N ASP EA 35 -6.94 -64.54 -8.82
CA ASP EA 35 -6.52 -63.29 -9.44
C ASP EA 35 -5.30 -62.71 -8.77
N ILE EA 36 -4.37 -63.58 -8.36
CA ILE EA 36 -3.14 -63.20 -7.69
C ILE EA 36 -2.01 -64.00 -8.30
N ILE EA 37 -1.22 -63.37 -9.15
CA ILE EA 37 -0.11 -64.03 -9.83
C ILE EA 37 1.13 -63.82 -8.98
N LEU EA 38 1.51 -64.85 -8.22
CA LEU EA 38 2.66 -64.80 -7.33
C LEU EA 38 3.87 -65.39 -8.04
N ASN EA 39 4.95 -64.62 -8.11
CA ASN EA 39 6.19 -65.06 -8.73
C ASN EA 39 7.35 -64.64 -7.84
N ALA EA 40 8.40 -65.45 -7.85
CA ALA EA 40 9.57 -65.16 -7.04
C ALA EA 40 10.73 -66.03 -7.51
N VAL EA 41 11.95 -65.54 -7.28
CA VAL EA 41 13.16 -66.26 -7.66
C VAL EA 41 14.34 -65.59 -6.98
N GLY EA 42 15.30 -66.37 -6.52
CA GLY EA 42 16.49 -65.82 -5.88
C GLY EA 42 16.15 -65.02 -4.64
N ASP EA 43 16.33 -63.71 -4.72
CA ASP EA 43 16.08 -62.79 -3.60
C ASP EA 43 15.24 -61.61 -4.07
N THR EA 44 14.14 -61.90 -4.76
CA THR EA 44 13.24 -60.88 -5.25
C THR EA 44 11.83 -61.46 -5.34
N LEU EA 45 10.85 -60.61 -5.05
CA LEU EA 45 9.45 -61.00 -5.05
C LEU EA 45 8.63 -60.11 -5.95
N GLU EA 46 7.59 -60.69 -6.56
CA GLU EA 46 6.69 -59.96 -7.44
C GLU EA 46 5.28 -60.47 -7.23
N ILE EA 47 4.40 -59.57 -6.79
CA ILE EA 47 3.01 -59.89 -6.51
C ILE EA 47 2.15 -59.07 -7.46
N ARG EA 48 1.46 -59.73 -8.37
CA ARG EA 48 0.58 -59.07 -9.33
C ARG EA 48 -0.85 -59.49 -9.03
N ALA EA 49 -1.71 -58.51 -8.73
CA ALA EA 49 -3.10 -58.75 -8.39
C ALA EA 49 -3.97 -57.71 -9.06
N LYS EA 50 -5.29 -57.83 -8.82
CA LYS EA 50 -6.27 -56.91 -9.38
C LYS EA 50 -7.63 -57.15 -8.73
N ARG EA 51 -8.28 -56.08 -8.28
CA ARG EA 51 -9.60 -56.20 -7.65
C ARG EA 51 -10.66 -55.84 -8.67
N SER EA 52 -11.73 -56.61 -8.70
CA SER EA 52 -12.79 -56.35 -9.65
C SER EA 52 -13.42 -54.98 -9.38
N PRO EA 53 -13.92 -54.31 -10.40
CA PRO EA 53 -14.47 -52.96 -10.20
C PRO EA 53 -15.73 -53.01 -9.34
N LEU EA 54 -16.02 -51.89 -8.69
CA LEU EA 54 -17.23 -51.78 -7.88
C LEU EA 54 -18.44 -51.51 -8.77
N MET EA 55 -18.69 -52.46 -9.67
CA MET EA 55 -19.78 -52.32 -10.62
C MET EA 55 -21.10 -52.29 -9.88
N ILE EA 56 -22.05 -51.50 -10.40
CA ILE EA 56 -23.36 -51.37 -9.79
C ILE EA 56 -24.39 -51.61 -10.89
N THR EA 57 -25.57 -52.10 -10.49
CA THR EA 57 -26.65 -52.26 -11.45
C THR EA 57 -27.10 -50.89 -11.94
N GLU EA 58 -27.75 -50.88 -13.11
CA GLU EA 58 -28.23 -49.62 -13.67
C GLU EA 58 -29.16 -48.90 -12.73
N SER EA 59 -29.87 -49.64 -11.88
CA SER EA 59 -30.76 -49.03 -10.90
C SER EA 59 -30.00 -48.56 -9.66
N GLU EA 60 -28.84 -49.13 -9.38
CA GLU EA 60 -28.05 -48.75 -8.23
C GLU EA 60 -27.37 -47.40 -8.48
N ARG EA 61 -26.65 -46.94 -7.47
CA ARG EA 61 -25.96 -45.67 -7.54
C ARG EA 61 -24.99 -45.58 -6.37
N ILE EA 62 -23.86 -44.93 -6.61
CA ILE EA 62 -22.82 -44.74 -5.61
C ILE EA 62 -22.99 -43.35 -5.03
N ILE EA 63 -23.12 -43.28 -3.71
CA ILE EA 63 -23.29 -42.01 -3.01
C ILE EA 63 -22.10 -41.67 -2.13
N TYR EA 64 -21.33 -42.65 -1.68
CA TYR EA 64 -20.18 -42.36 -0.84
C TYR EA 64 -19.28 -43.58 -0.81
N SER EA 65 -18.04 -43.43 -1.24
CA SER EA 65 -17.11 -44.56 -1.27
C SER EA 65 -15.69 -44.02 -1.27
N GLU EA 66 -14.97 -44.21 -0.17
CA GLU EA 66 -13.58 -43.81 -0.07
C GLU EA 66 -12.63 -44.90 -0.56
N ILE EA 67 -13.15 -46.04 -0.96
CA ILE EA 67 -12.30 -47.14 -1.45
C ILE EA 67 -11.71 -46.75 -2.79
N PRO EA 68 -10.44 -47.05 -3.08
CA PRO EA 68 -9.90 -46.71 -4.39
C PRO EA 68 -10.64 -47.41 -5.51
N GLU EA 69 -10.31 -47.02 -6.74
CA GLU EA 69 -10.99 -47.53 -7.92
C GLU EA 69 -10.09 -48.28 -8.90
N GLU EA 70 -8.78 -48.04 -8.87
CA GLU EA 70 -7.88 -48.72 -9.79
C GLU EA 70 -8.00 -50.23 -9.64
N GLU EA 71 -7.92 -50.93 -10.77
CA GLU EA 71 -8.07 -52.39 -10.78
C GLU EA 71 -6.73 -53.07 -10.65
N GLU EA 72 -5.87 -52.93 -11.66
CA GLU EA 72 -4.57 -53.58 -11.63
C GLU EA 72 -3.71 -52.99 -10.53
N ILE EA 73 -3.18 -53.85 -9.68
CA ILE EA 73 -2.30 -53.45 -8.60
C ILE EA 73 -1.26 -54.53 -8.42
N TYR EA 74 -0.06 -54.14 -8.01
CA TYR EA 74 1.02 -55.10 -7.84
C TYR EA 74 2.10 -54.46 -6.99
N ARG EA 75 3.08 -55.28 -6.63
CA ARG EA 75 4.22 -54.82 -5.85
C ARG EA 75 5.45 -55.59 -6.33
N THR EA 76 6.62 -55.14 -5.88
CA THR EA 76 7.89 -55.77 -6.25
C THR EA 76 8.84 -55.56 -5.09
N ILE EA 77 8.91 -56.55 -4.21
CA ILE EA 77 9.76 -56.48 -3.03
C ILE EA 77 11.07 -57.18 -3.34
N LYS EA 78 12.17 -56.46 -3.11
CA LYS EA 78 13.51 -56.99 -3.33
C LYS EA 78 13.99 -57.57 -2.01
N LEU EA 79 13.89 -58.88 -1.87
CA LEU EA 79 14.28 -59.52 -0.64
C LEU EA 79 15.77 -59.33 -0.38
N PRO EA 80 16.20 -59.32 0.88
CA PRO EA 80 17.63 -59.14 1.17
C PRO EA 80 18.45 -60.37 0.81
N ALA EA 81 18.05 -61.53 1.32
CA ALA EA 81 18.75 -62.78 1.08
C ALA EA 81 18.00 -63.62 0.07
N THR EA 82 18.58 -64.76 -0.29
CA THR EA 82 17.99 -65.68 -1.24
C THR EA 82 17.02 -66.63 -0.56
N VAL EA 83 15.96 -66.97 -1.29
CA VAL EA 83 14.91 -67.86 -0.81
C VAL EA 83 14.71 -68.96 -1.84
N LYS EA 84 14.14 -70.08 -1.37
CA LYS EA 84 13.87 -71.23 -2.22
C LYS EA 84 12.50 -71.05 -2.85
N GLU EA 85 12.47 -70.39 -4.01
CA GLU EA 85 11.19 -70.16 -4.70
C GLU EA 85 10.54 -71.49 -5.07
N GLU EA 86 11.36 -72.48 -5.44
CA GLU EA 86 10.82 -73.77 -5.82
C GLU EA 86 10.09 -74.43 -4.64
N ASN EA 87 10.54 -74.13 -3.41
CA ASN EA 87 9.93 -74.67 -2.21
C ASN EA 87 9.17 -73.59 -1.47
N ALA EA 88 8.34 -72.84 -2.18
CA ALA EA 88 7.57 -71.74 -1.61
C ALA EA 88 6.09 -72.08 -1.65
N SER EA 89 5.32 -71.34 -0.86
CA SER EA 89 3.88 -71.53 -0.77
C SER EA 89 3.24 -70.24 -0.29
N ALA EA 90 1.91 -70.23 -0.27
CA ALA EA 90 1.19 -69.05 0.16
C ALA EA 90 -0.22 -69.47 0.59
N LYS EA 91 -0.89 -68.56 1.29
CA LYS EA 91 -2.24 -68.79 1.78
C LYS EA 91 -3.03 -67.50 1.67
N PHE EA 92 -4.24 -67.60 1.11
CA PHE EA 92 -5.11 -66.46 0.88
C PHE EA 92 -6.44 -66.72 1.60
N GLU EA 93 -6.56 -66.18 2.80
CA GLU EA 93 -7.77 -66.32 3.61
C GLU EA 93 -8.20 -64.96 4.11
N ASN EA 94 -9.50 -64.64 3.94
CA ASN EA 94 -10.05 -63.37 4.39
C ASN EA 94 -9.31 -62.22 3.74
N GLY EA 95 -8.97 -62.38 2.46
CA GLY EA 95 -8.24 -61.34 1.77
C GLY EA 95 -6.87 -61.09 2.34
N VAL EA 96 -6.29 -62.08 3.02
CA VAL EA 96 -4.98 -61.97 3.64
C VAL EA 96 -4.07 -63.00 2.97
N LEU EA 97 -3.16 -62.53 2.13
CA LEU EA 97 -2.23 -63.41 1.42
C LEU EA 97 -1.02 -63.67 2.32
N SER EA 98 -1.05 -64.79 3.02
CA SER EA 98 0.04 -65.18 3.92
C SER EA 98 1.01 -66.05 3.13
N VAL EA 99 2.16 -65.48 2.76
CA VAL EA 99 3.19 -66.16 1.98
C VAL EA 99 4.37 -66.47 2.88
N ILE EA 100 4.94 -67.66 2.70
CA ILE EA 100 6.12 -68.11 3.44
C ILE EA 100 7.19 -68.49 2.43
N LEU EA 101 8.43 -68.10 2.72
CA LEU EA 101 9.57 -68.36 1.83
C LEU EA 101 10.71 -68.96 2.64
N PRO EA 102 10.83 -70.28 2.68
CA PRO EA 102 11.95 -70.90 3.42
C PRO EA 102 13.29 -70.37 2.91
N LYS EA 103 14.12 -69.92 3.84
CA LYS EA 103 15.42 -69.38 3.50
C LYS EA 103 16.28 -70.45 2.83
N ALA EA 104 17.16 -70.01 1.94
CA ALA EA 104 18.03 -70.94 1.24
C ALA EA 104 19.06 -71.51 2.20
N ILE FA 3 -24.95 -37.23 6.12
CA ILE FA 3 -24.65 -38.39 6.95
C ILE FA 3 -23.36 -38.11 7.72
N GLN FA 4 -23.14 -38.91 8.77
CA GLN FA 4 -21.97 -38.75 9.60
C GLN FA 4 -21.49 -40.13 10.04
N ILE FA 5 -20.15 -40.33 10.00
CA ILE FA 5 -19.54 -41.66 10.33
C ILE FA 5 -18.24 -41.46 11.11
N SER FA 6 -18.14 -41.99 12.34
CA SER FA 6 -16.83 -41.98 13.04
C SER FA 6 -16.41 -43.43 13.30
N GLY FA 7 -15.24 -43.86 12.80
CA GLY FA 7 -14.74 -45.23 12.98
C GLY FA 7 -13.25 -45.23 13.22
N LYS FA 8 -12.80 -45.73 14.38
CA LYS FA 8 -11.36 -45.73 14.74
C LYS FA 8 -10.59 -46.64 13.78
N GLY FA 9 -11.11 -47.83 13.49
CA GLY FA 9 -10.46 -48.77 12.55
C GLY FA 9 -10.34 -48.15 11.17
N PHE FA 10 -9.42 -48.62 10.34
CA PHE FA 10 -9.26 -48.13 8.95
C PHE FA 10 -10.60 -48.35 8.25
N MET FA 11 -11.08 -47.41 7.44
CA MET FA 11 -12.42 -47.50 6.83
C MET FA 11 -12.37 -47.40 5.29
N PRO FA 12 -11.92 -48.43 4.56
CA PRO FA 12 -12.00 -48.42 3.11
C PRO FA 12 -13.42 -48.89 2.94
N ILE FA 13 -14.40 -47.98 2.90
CA ILE FA 13 -15.83 -48.37 2.88
C ILE FA 13 -16.59 -47.72 1.73
N SER FA 14 -17.76 -48.27 1.37
CA SER FA 14 -18.60 -47.72 0.28
C SER FA 14 -20.06 -47.72 0.75
N ILE FA 15 -20.93 -47.00 0.05
CA ILE FA 15 -22.40 -46.96 0.35
C ILE FA 15 -23.08 -47.00 -1.01
N ILE FA 16 -23.52 -48.17 -1.48
CA ILE FA 16 -24.08 -48.28 -2.82
C ILE FA 16 -25.60 -48.22 -2.69
N GLU FA 17 -26.18 -47.04 -2.93
CA GLU FA 17 -27.64 -46.86 -2.78
C GLU FA 17 -28.38 -47.53 -3.95
N GLY FA 18 -29.28 -48.47 -3.68
CA GLY FA 18 -30.09 -49.12 -4.73
C GLY FA 18 -31.54 -48.79 -4.49
N ASP FA 19 -32.27 -48.34 -5.51
CA ASP FA 19 -33.67 -47.88 -5.28
C ASP FA 19 -34.52 -49.06 -4.80
N GLN FA 20 -34.38 -50.25 -5.39
CA GLN FA 20 -35.10 -51.44 -4.86
C GLN FA 20 -34.61 -51.78 -3.45
N HIS FA 21 -33.30 -51.77 -3.22
CA HIS FA 21 -32.70 -52.12 -1.89
C HIS FA 21 -31.29 -51.52 -1.78
N ILE FA 22 -31.00 -50.83 -0.67
CA ILE FA 22 -29.66 -50.18 -0.47
C ILE FA 22 -28.60 -51.27 -0.26
N LYS FA 23 -27.37 -51.03 -0.70
CA LYS FA 23 -26.24 -51.98 -0.50
C LYS FA 23 -25.07 -51.22 0.13
N VAL FA 24 -24.15 -51.91 0.80
CA VAL FA 24 -22.97 -51.26 1.46
C VAL FA 24 -21.76 -52.20 1.39
N ILE FA 25 -20.59 -51.72 0.95
CA ILE FA 25 -19.39 -52.61 0.74
C ILE FA 25 -18.19 -52.00 1.48
N ALA FA 26 -17.55 -52.76 2.37
CA ALA FA 26 -16.35 -52.31 3.12
C ALA FA 26 -15.37 -53.47 3.25
N TRP FA 27 -14.07 -53.18 3.43
CA TRP FA 27 -13.03 -54.24 3.49
C TRP FA 27 -12.57 -54.47 4.93
N LEU FA 28 -12.67 -55.71 5.42
CA LEU FA 28 -12.14 -56.08 6.76
C LEU FA 28 -11.27 -57.33 6.58
N PRO FA 29 -10.14 -57.24 5.85
CA PRO FA 29 -9.29 -58.39 5.65
C PRO FA 29 -8.68 -58.87 6.96
N GLY FA 30 -8.62 -60.18 7.19
CA GLY FA 30 -8.04 -60.77 8.37
C GLY FA 30 -8.99 -60.98 9.53
N VAL FA 31 -10.19 -60.41 9.47
CA VAL FA 31 -11.17 -60.55 10.54
C VAL FA 31 -11.98 -61.81 10.27
N ASN FA 32 -12.31 -62.54 11.33
CA ASN FA 32 -13.10 -63.75 11.18
C ASN FA 32 -14.58 -63.42 11.10
N LYS FA 33 -15.35 -64.37 10.55
CA LYS FA 33 -16.78 -64.19 10.42
C LYS FA 33 -17.46 -64.09 11.77
N GLU FA 34 -16.87 -64.70 12.79
CA GLU FA 34 -17.42 -64.69 14.13
C GLU FA 34 -17.02 -63.45 14.91
N ASP FA 35 -15.98 -62.74 14.46
CA ASP FA 35 -15.50 -61.53 15.12
C ASP FA 35 -16.17 -60.28 14.56
N ILE FA 36 -17.41 -60.40 14.10
CA ILE FA 36 -18.16 -59.30 13.53
C ILE FA 36 -19.55 -59.31 14.12
N ILE FA 37 -20.01 -58.16 14.62
CA ILE FA 37 -21.32 -58.02 15.21
C ILE FA 37 -22.08 -56.98 14.39
N LEU FA 38 -23.08 -57.43 13.65
CA LEU FA 38 -23.89 -56.57 12.79
C LEU FA 38 -25.18 -56.20 13.48
N ASN FA 39 -25.44 -54.90 13.60
CA ASN FA 39 -26.67 -54.42 14.22
C ASN FA 39 -27.20 -53.27 13.37
N ALA FA 40 -28.50 -53.28 13.10
CA ALA FA 40 -29.11 -52.23 12.29
C ALA FA 40 -30.58 -52.14 12.61
N VAL FA 41 -31.11 -50.92 12.54
CA VAL FA 41 -32.52 -50.67 12.79
C VAL FA 41 -32.87 -49.27 12.33
N GLY FA 42 -34.03 -49.11 11.70
CA GLY FA 42 -34.44 -47.79 11.23
C GLY FA 42 -33.55 -47.28 10.12
N ASP FA 43 -32.77 -46.25 10.44
CA ASP FA 43 -31.85 -45.62 9.49
C ASP FA 43 -30.49 -45.41 10.13
N THR FA 44 -30.02 -46.41 10.86
CA THR FA 44 -28.71 -46.33 11.51
C THR FA 44 -28.08 -47.71 11.52
N LEU FA 45 -26.77 -47.73 11.31
CA LEU FA 45 -25.98 -48.97 11.26
C LEU FA 45 -24.89 -48.94 12.30
N GLU FA 46 -24.71 -50.07 12.98
CA GLU FA 46 -23.68 -50.23 14.01
C GLU FA 46 -22.83 -51.44 13.65
N ILE FA 47 -21.53 -51.23 13.53
CA ILE FA 47 -20.59 -52.27 13.16
C ILE FA 47 -19.51 -52.36 14.24
N ARG FA 48 -19.19 -53.59 14.66
CA ARG FA 48 -18.17 -53.83 15.66
C ARG FA 48 -17.37 -55.05 15.24
N ALA FA 49 -16.07 -54.88 14.98
CA ALA FA 49 -15.17 -55.99 14.57
C ALA FA 49 -13.87 -55.91 15.36
N LYS FA 50 -12.85 -56.68 14.98
CA LYS FA 50 -11.56 -56.70 15.69
C LYS FA 50 -10.44 -56.69 14.65
N ARG FA 51 -9.18 -56.95 15.03
CA ARG FA 51 -8.07 -57.09 14.04
C ARG FA 51 -6.99 -58.02 14.60
N SER FA 52 -6.75 -58.04 15.92
CA SER FA 52 -5.65 -58.87 16.51
C SER FA 52 -4.29 -58.37 16.00
N PRO FA 53 -3.73 -57.27 16.55
CA PRO FA 53 -2.49 -56.69 16.05
C PRO FA 53 -1.33 -57.67 15.94
N LEU FA 54 -0.51 -57.55 14.89
CA LEU FA 54 0.63 -58.46 14.62
C LEU FA 54 1.68 -58.36 15.75
N MET FA 55 2.32 -59.48 16.09
CA MET FA 55 3.39 -59.53 17.12
C MET FA 55 4.70 -59.99 16.44
N ILE FA 56 5.85 -59.82 17.11
CA ILE FA 56 7.17 -60.15 16.50
C ILE FA 56 7.82 -61.19 17.43
N THR FA 57 8.20 -62.35 16.89
CA THR FA 57 8.88 -63.40 17.68
C THR FA 57 10.28 -62.94 17.95
N GLU FA 58 10.85 -63.33 19.09
CA GLU FA 58 12.27 -63.03 19.37
C GLU FA 58 13.17 -63.72 18.34
N SER FA 59 12.87 -64.98 18.00
CA SER FA 59 13.65 -65.75 16.99
C SER FA 59 13.51 -65.03 15.65
N GLU FA 60 12.30 -64.54 15.35
CA GLU FA 60 12.02 -63.81 14.08
C GLU FA 60 12.72 -62.44 14.13
N ARG FA 61 12.99 -61.84 12.97
CA ARG FA 61 13.60 -60.49 12.88
C ARG FA 61 12.69 -59.67 11.96
N ILE FA 62 11.46 -59.40 12.38
CA ILE FA 62 10.47 -58.74 11.49
C ILE FA 62 11.15 -57.54 10.84
N ILE FA 63 11.20 -57.50 9.50
CA ILE FA 63 11.86 -56.39 8.75
C ILE FA 63 11.07 -55.12 9.06
N TYR FA 64 9.74 -55.19 8.98
CA TYR FA 64 8.86 -54.02 9.29
C TYR FA 64 7.42 -54.52 9.27
N SER FA 65 6.47 -53.66 9.63
CA SER FA 65 5.03 -54.00 9.58
C SER FA 65 4.24 -52.80 9.04
N GLU FA 66 4.08 -52.71 7.71
CA GLU FA 66 3.36 -51.57 7.09
C GLU FA 66 1.84 -51.71 7.30
N ILE FA 67 1.35 -52.94 7.45
CA ILE FA 67 -0.12 -53.20 7.58
C ILE FA 67 -0.63 -52.59 8.90
N PRO FA 68 -1.64 -51.68 8.88
CA PRO FA 68 -2.22 -51.12 10.08
C PRO FA 68 -3.51 -51.81 10.51
N GLU FA 69 -3.70 -52.05 11.82
CA GLU FA 69 -4.91 -52.71 12.34
C GLU FA 69 -5.13 -52.37 13.82
N GLU FA 70 -6.38 -52.35 14.28
CA GLU FA 70 -6.71 -52.09 15.72
C GLU FA 70 -7.35 -53.35 16.31
N GLU FA 71 -6.78 -53.88 17.40
CA GLU FA 71 -7.34 -55.08 18.08
C GLU FA 71 -8.88 -54.96 18.10
N GLU FA 72 -9.43 -53.76 18.26
CA GLU FA 72 -10.90 -53.53 18.25
C GLU FA 72 -11.21 -52.36 17.30
N ILE FA 73 -11.87 -52.63 16.17
CA ILE FA 73 -12.27 -51.57 15.19
C ILE FA 73 -13.80 -51.37 15.34
N TYR FA 74 -14.36 -50.26 14.85
CA TYR FA 74 -15.82 -50.03 14.95
C TYR FA 74 -16.26 -48.93 14.00
N ARG FA 75 -17.55 -48.90 13.66
CA ARG FA 75 -18.12 -47.85 12.78
C ARG FA 75 -19.49 -47.46 13.33
N THR FA 76 -20.01 -46.27 13.03
CA THR FA 76 -21.35 -45.81 13.47
C THR FA 76 -21.91 -44.94 12.36
N ILE FA 77 -22.67 -45.52 11.43
CA ILE FA 77 -23.16 -44.79 10.27
C ILE FA 77 -24.62 -44.43 10.49
N LYS FA 78 -24.97 -43.21 10.11
CA LYS FA 78 -26.34 -42.70 10.22
C LYS FA 78 -26.91 -42.69 8.80
N LEU FA 79 -27.72 -43.70 8.49
CA LEU FA 79 -28.28 -43.81 7.16
C LEU FA 79 -29.21 -42.63 6.88
N PRO FA 80 -29.37 -42.25 5.61
CA PRO FA 80 -30.26 -41.11 5.30
C PRO FA 80 -31.73 -41.48 5.42
N ALA FA 81 -32.12 -42.69 4.98
CA ALA FA 81 -33.53 -43.16 5.00
C ALA FA 81 -33.70 -44.51 5.73
N THR FA 82 -34.93 -44.93 6.01
CA THR FA 82 -35.16 -46.16 6.79
C THR FA 82 -34.72 -47.35 5.96
N VAL FA 83 -34.53 -48.52 6.57
CA VAL FA 83 -34.12 -49.77 5.86
C VAL FA 83 -34.63 -50.95 6.73
N LYS FA 84 -34.91 -52.12 6.13
CA LYS FA 84 -35.49 -53.23 6.92
C LYS FA 84 -34.36 -54.01 7.60
N GLU FA 85 -34.22 -53.86 8.92
CA GLU FA 85 -33.23 -54.67 9.68
C GLU FA 85 -33.46 -56.17 9.44
N GLU FA 86 -34.73 -56.59 9.40
CA GLU FA 86 -35.08 -58.03 9.27
C GLU FA 86 -34.76 -58.52 7.85
N ASN FA 87 -34.86 -57.66 6.85
CA ASN FA 87 -34.67 -58.10 5.43
C ASN FA 87 -33.20 -57.91 5.02
N ALA FA 88 -32.35 -57.36 5.89
CA ALA FA 88 -30.91 -57.18 5.61
C ALA FA 88 -30.24 -58.53 5.34
N SER FA 89 -29.19 -58.55 4.49
CA SER FA 89 -28.45 -59.81 4.17
C SER FA 89 -26.93 -59.53 4.20
N ALA FA 90 -26.21 -60.11 5.15
CA ALA FA 90 -24.77 -59.89 5.29
C ALA FA 90 -24.00 -60.98 4.57
N LYS FA 91 -22.95 -60.57 3.85
CA LYS FA 91 -22.09 -61.49 3.13
C LYS FA 91 -20.64 -61.07 3.36
N PHE FA 92 -19.85 -61.99 3.90
CA PHE FA 92 -18.44 -61.75 4.24
C PHE FA 92 -17.59 -62.72 3.44
N GLU FA 93 -17.08 -62.27 2.30
CA GLU FA 93 -16.25 -63.08 1.42
C GLU FA 93 -14.98 -62.32 1.08
N ASN FA 94 -13.84 -63.03 1.11
CA ASN FA 94 -12.55 -62.43 0.80
C ASN FA 94 -12.26 -61.25 1.71
N GLY FA 95 -12.66 -61.40 2.98
CA GLY FA 95 -12.44 -60.33 3.93
C GLY FA 95 -13.21 -59.07 3.60
N VAL FA 96 -14.28 -59.19 2.82
CA VAL FA 96 -15.11 -58.05 2.42
C VAL FA 96 -16.55 -58.34 2.85
N LEU FA 97 -17.11 -57.44 3.64
CA LEU FA 97 -18.47 -57.56 4.14
C LEU FA 97 -19.39 -56.76 3.23
N SER FA 98 -20.09 -57.44 2.33
CA SER FA 98 -21.02 -56.81 1.39
C SER FA 98 -22.44 -57.03 1.90
N VAL FA 99 -22.98 -56.01 2.57
CA VAL FA 99 -24.32 -56.06 3.14
C VAL FA 99 -25.30 -55.33 2.22
N ILE FA 100 -26.53 -55.86 2.13
CA ILE FA 100 -27.61 -55.23 1.32
C ILE FA 100 -28.77 -54.92 2.28
N LEU FA 101 -28.96 -53.66 2.65
CA LEU FA 101 -30.06 -53.24 3.56
C LEU FA 101 -31.23 -52.75 2.69
N PRO FA 102 -32.28 -53.55 2.42
CA PRO FA 102 -33.33 -53.09 1.53
C PRO FA 102 -33.86 -51.77 2.06
N LYS FA 103 -34.29 -50.89 1.18
CA LYS FA 103 -34.86 -49.59 1.61
C LYS FA 103 -36.14 -49.93 2.37
N ALA FA 104 -36.55 -49.10 3.34
CA ALA FA 104 -37.84 -49.31 4.04
C ALA FA 104 -38.96 -49.32 3.00
N GLU FA 105 -39.72 -50.43 2.90
CA GLU FA 105 -40.80 -50.57 1.90
C GLU FA 105 -40.15 -50.51 0.50
N SER FA 106 -38.91 -50.95 0.35
CA SER FA 106 -38.19 -51.00 -0.96
C SER FA 106 -38.15 -49.61 -1.60
N SER FA 107 -38.27 -48.54 -0.80
CA SER FA 107 -38.32 -47.16 -1.34
C SER FA 107 -39.08 -47.18 -2.66
N ILE FA 108 -40.23 -47.84 -2.69
CA ILE FA 108 -41.05 -47.97 -3.93
C ILE FA 108 -41.49 -46.56 -4.37
N LYS FA 109 -41.79 -45.68 -3.42
CA LYS FA 109 -42.25 -44.30 -3.72
C LYS FA 109 -43.60 -44.35 -4.44
N LYS FA 110 -44.12 -43.20 -4.89
CA LYS FA 110 -45.43 -43.13 -5.58
C LYS FA 110 -45.64 -41.69 -6.06
N GLY FA 111 -45.70 -41.49 -7.37
CA GLY FA 111 -45.91 -40.14 -7.95
C GLY FA 111 -46.93 -40.16 -9.06
N ILE FA 112 -47.58 -39.04 -9.31
CA ILE FA 112 -48.66 -38.95 -10.35
C ILE FA 112 -47.99 -39.02 -11.73
N ASN FA 113 -48.75 -39.36 -12.77
CA ASN FA 113 -48.20 -39.39 -14.15
C ASN FA 113 -48.61 -38.10 -14.88
N ILE FA 114 -49.87 -37.68 -14.75
CA ILE FA 114 -50.38 -36.49 -15.50
C ILE FA 114 -50.00 -36.72 -16.97
N GLU FA 115 -50.17 -37.95 -17.47
CA GLU FA 115 -49.79 -38.30 -18.86
C GLU FA 115 -48.35 -37.81 -19.11
#